data_2H3Q
#
_entry.id   2H3Q
#
_cell.length_a   1.000
_cell.length_b   1.000
_cell.length_c   1.000
_cell.angle_alpha   90.00
_cell.angle_beta   90.00
_cell.angle_gamma   90.00
#
_symmetry.space_group_name_H-M   'P 1'
#
loop_
_entity.id
_entity.type
_entity.pdbx_description
1 polymer 'Gag polyprotein'
2 non-polymer 'MYRISTIC ACID'
3 non-polymer '(2R)-3-{[(R)-HYDROXY{[(1R,2R,3S,4R,5R,6S)-2,3,6-TRIHYDROXY-4,5-BIS(PHOSPHONOOXY)CYCLOHEXYL]OXY}PHOSPHORYL]OXY}PROPANE-1 ,2-DIYL DIBUTANOATE'
#
_entity_poly.entity_id   1
_entity_poly.type   'polypeptide(L)'
_entity_poly.pdbx_seq_one_letter_code
;GARASVLSGGELDKWEKIRLRPGGKKQYKLKHIVWASRELERFAVNPGLLETSEGCRQILGQLQPSLQTGSEELRSLYNT
IAVLYCVHQRIDVKDTKEALDKIEEEQNKSKKKAQQAAADTGNNSQVSQNY
;
_entity_poly.pdbx_strand_id   A
#
loop_
_chem_comp.id
_chem_comp.type
_chem_comp.name
_chem_comp.formula
MYR non-polymer 'MYRISTIC ACID' 'C14 H28 O2'
PBU non-polymer '(2R)-3-{[(R)-HYDROXY{[(1R,2R,3S,4R,5R,6S)-2,3,6-TRIHYDROXY-4,5-BIS(PHOSPHONOOXY)CYCLOHEXYL]OXY}PHOSPHORYL]OXY}PROPANE-1 ,2-DIYL DIBUTANOATE' 'C17 H33 O19 P3'
#
# COMPACT_ATOMS: atom_id res chain seq x y z
N GLY A 1 -21.99 5.49 4.69
CA GLY A 1 -22.98 5.20 3.67
C GLY A 1 -22.78 3.85 3.03
N ALA A 2 -22.77 3.82 1.70
CA ALA A 2 -22.57 2.56 0.97
C ALA A 2 -21.13 2.42 0.50
N ARG A 3 -20.88 1.39 -0.30
CA ARG A 3 -19.55 1.15 -0.82
C ARG A 3 -19.51 1.27 -2.34
N ALA A 4 -18.75 2.23 -2.84
CA ALA A 4 -18.64 2.46 -4.28
C ALA A 4 -17.33 3.17 -4.63
N SER A 5 -16.86 2.95 -5.85
CA SER A 5 -15.62 3.56 -6.30
C SER A 5 -14.46 3.18 -5.39
N VAL A 6 -13.30 3.80 -5.62
CA VAL A 6 -12.12 3.52 -4.82
C VAL A 6 -12.08 4.39 -3.57
N LEU A 7 -11.93 5.69 -3.77
CA LEU A 7 -11.87 6.64 -2.67
C LEU A 7 -13.07 7.59 -2.69
N SER A 8 -13.86 7.57 -1.63
CA SER A 8 -15.04 8.42 -1.53
C SER A 8 -14.64 9.88 -1.36
N GLY A 9 -15.64 10.74 -1.15
CA GLY A 9 -15.37 12.15 -0.97
C GLY A 9 -14.36 12.42 0.13
N GLY A 10 -14.59 11.83 1.29
CA GLY A 10 -13.69 12.02 2.41
C GLY A 10 -12.29 11.50 2.13
N GLU A 11 -12.21 10.26 1.65
CA GLU A 11 -10.93 9.64 1.33
C GLU A 11 -10.18 10.45 0.28
N LEU A 12 -10.91 10.94 -0.71
CA LEU A 12 -10.31 11.73 -1.78
C LEU A 12 -9.60 12.96 -1.22
N ASP A 13 -10.19 13.54 -0.17
CA ASP A 13 -9.62 14.73 0.45
C ASP A 13 -8.22 14.43 1.00
N LYS A 14 -8.14 13.48 1.93
CA LYS A 14 -6.87 13.11 2.54
C LYS A 14 -5.92 12.55 1.48
N TRP A 15 -6.47 11.82 0.52
CA TRP A 15 -5.67 11.23 -0.55
C TRP A 15 -4.86 12.31 -1.28
N GLU A 16 -5.54 13.37 -1.70
CA GLU A 16 -4.88 14.47 -2.41
C GLU A 16 -3.80 15.11 -1.54
N LYS A 17 -3.97 14.99 -0.23
CA LYS A 17 -3.01 15.57 0.71
C LYS A 17 -1.74 14.73 0.77
N ILE A 18 -1.90 13.41 0.94
CA ILE A 18 -0.77 12.50 1.00
C ILE A 18 0.17 12.70 -0.18
N ARG A 19 1.48 12.63 0.08
CA ARG A 19 2.47 12.79 -0.97
C ARG A 19 3.13 11.46 -1.33
N LEU A 20 3.52 11.32 -2.59
CA LEU A 20 4.15 10.10 -3.05
C LEU A 20 5.40 9.78 -2.23
N ARG A 21 6.07 10.83 -1.75
CA ARG A 21 7.27 10.66 -0.95
C ARG A 21 7.33 11.70 0.17
N PRO A 22 8.13 11.40 1.21
CA PRO A 22 8.29 12.30 2.35
C PRO A 22 9.05 13.57 1.99
N GLY A 23 10.00 13.45 1.08
CA GLY A 23 10.79 14.60 0.66
C GLY A 23 10.50 15.01 -0.78
N GLY A 24 9.25 14.83 -1.21
CA GLY A 24 8.88 15.19 -2.56
C GLY A 24 7.92 16.36 -2.62
N LYS A 25 7.61 16.81 -3.82
CA LYS A 25 6.70 17.94 -4.00
C LYS A 25 5.57 17.57 -4.96
N LYS A 26 5.26 16.28 -5.04
CA LYS A 26 4.20 15.81 -5.92
C LYS A 26 3.14 15.04 -5.13
N GLN A 27 2.12 15.77 -4.67
CA GLN A 27 1.05 15.15 -3.90
C GLN A 27 0.38 14.03 -4.69
N TYR A 28 -0.55 13.33 -4.04
CA TYR A 28 -1.26 12.23 -4.68
C TYR A 28 -2.46 12.73 -5.48
N LYS A 29 -2.80 12.02 -6.54
CA LYS A 29 -3.93 12.39 -7.38
C LYS A 29 -4.60 11.16 -7.97
N LEU A 30 -5.80 11.34 -8.50
CA LEU A 30 -6.55 10.24 -9.10
C LEU A 30 -5.71 9.50 -10.13
N LYS A 31 -4.79 10.23 -10.76
CA LYS A 31 -3.92 9.64 -11.78
C LYS A 31 -3.22 8.40 -11.23
N HIS A 32 -2.86 8.43 -9.95
CA HIS A 32 -2.19 7.31 -9.31
C HIS A 32 -3.19 6.20 -8.97
N ILE A 33 -4.43 6.53 -8.60
CA ILE A 33 -5.42 5.51 -8.27
C ILE A 33 -5.80 4.70 -9.51
N VAL A 34 -5.88 5.37 -10.65
CA VAL A 34 -6.24 4.71 -11.90
C VAL A 34 -5.04 4.00 -12.51
N TRP A 35 -3.87 4.62 -12.38
CA TRP A 35 -2.64 4.04 -12.92
C TRP A 35 -2.39 2.65 -12.34
N ALA A 36 -2.78 2.46 -11.08
CA ALA A 36 -2.60 1.19 -10.40
C ALA A 36 -3.72 0.22 -10.74
N SER A 37 -4.92 0.76 -10.97
CA SER A 37 -6.07 -0.05 -11.30
C SER A 37 -5.87 -0.77 -12.63
N ARG A 38 -5.21 -0.10 -13.57
CA ARG A 38 -4.95 -0.67 -14.88
C ARG A 38 -3.76 -1.62 -14.83
N GLU A 39 -2.86 -1.40 -13.88
CA GLU A 39 -1.68 -2.23 -13.73
C GLU A 39 -2.00 -3.49 -12.92
N LEU A 40 -3.01 -3.38 -12.07
CA LEU A 40 -3.42 -4.51 -11.23
C LEU A 40 -4.06 -5.61 -12.08
N GLU A 41 -5.01 -5.22 -12.92
CA GLU A 41 -5.69 -6.18 -13.78
C GLU A 41 -4.69 -6.97 -14.63
N ARG A 42 -3.53 -6.37 -14.87
CA ARG A 42 -2.49 -7.01 -15.67
C ARG A 42 -1.83 -8.14 -14.88
N PHE A 43 -1.85 -8.04 -13.56
CA PHE A 43 -1.26 -9.05 -12.69
C PHE A 43 -2.31 -10.04 -12.22
N ALA A 44 -3.35 -10.22 -13.02
CA ALA A 44 -4.42 -11.15 -12.68
C ALA A 44 -5.16 -10.70 -11.43
N VAL A 45 -5.05 -9.41 -11.11
CA VAL A 45 -5.70 -8.85 -9.94
C VAL A 45 -6.70 -7.77 -10.34
N ASN A 46 -7.98 -8.03 -10.10
CA ASN A 46 -9.03 -7.07 -10.43
C ASN A 46 -8.87 -5.78 -9.63
N PRO A 47 -9.21 -4.65 -10.26
CA PRO A 47 -9.10 -3.33 -9.63
C PRO A 47 -10.14 -3.13 -8.53
N GLY A 48 -11.07 -4.07 -8.43
CA GLY A 48 -12.10 -3.98 -7.42
C GLY A 48 -11.56 -4.15 -6.02
N LEU A 49 -10.35 -4.69 -5.92
CA LEU A 49 -9.71 -4.91 -4.62
C LEU A 49 -9.17 -3.61 -4.04
N LEU A 50 -8.89 -2.64 -4.93
CA LEU A 50 -8.38 -1.35 -4.51
C LEU A 50 -9.40 -0.61 -3.65
N GLU A 51 -10.67 -0.93 -3.84
CA GLU A 51 -11.75 -0.31 -3.08
C GLU A 51 -12.17 -1.17 -1.91
N THR A 52 -11.25 -2.03 -1.45
CA THR A 52 -11.53 -2.92 -0.33
C THR A 52 -10.36 -2.94 0.65
N SER A 53 -10.65 -2.62 1.91
CA SER A 53 -9.62 -2.60 2.95
C SER A 53 -8.93 -3.95 3.05
N GLU A 54 -9.63 -5.00 2.62
CA GLU A 54 -9.08 -6.36 2.67
C GLU A 54 -8.21 -6.63 1.45
N GLY A 55 -8.73 -6.34 0.26
CA GLY A 55 -7.98 -6.56 -0.95
C GLY A 55 -6.63 -5.85 -0.94
N CYS A 56 -6.63 -4.57 -0.60
CA CYS A 56 -5.41 -3.79 -0.55
C CYS A 56 -4.35 -4.49 0.29
N ARG A 57 -4.80 -5.15 1.36
CA ARG A 57 -3.89 -5.85 2.25
C ARG A 57 -3.30 -7.09 1.57
N GLN A 58 -4.14 -7.78 0.81
CA GLN A 58 -3.70 -8.99 0.10
C GLN A 58 -2.73 -8.63 -1.03
N ILE A 59 -3.07 -7.60 -1.79
CA ILE A 59 -2.23 -7.16 -2.90
C ILE A 59 -0.81 -6.87 -2.42
N LEU A 60 -0.70 -6.30 -1.23
CA LEU A 60 0.61 -5.96 -0.67
C LEU A 60 1.37 -7.23 -0.27
N GLY A 61 0.62 -8.29 0.02
CA GLY A 61 1.25 -9.54 0.41
C GLY A 61 2.02 -10.18 -0.73
N GLN A 62 1.58 -9.94 -1.95
CA GLN A 62 2.24 -10.50 -3.13
C GLN A 62 3.38 -9.60 -3.59
N LEU A 63 3.28 -8.32 -3.27
CA LEU A 63 4.31 -7.35 -3.64
C LEU A 63 5.41 -7.29 -2.60
N GLN A 64 5.07 -7.64 -1.36
CA GLN A 64 6.03 -7.63 -0.27
C GLN A 64 7.28 -8.41 -0.64
N PRO A 65 7.12 -9.72 -0.90
CA PRO A 65 8.23 -10.60 -1.27
C PRO A 65 8.77 -10.30 -2.67
N SER A 66 8.00 -9.55 -3.44
CA SER A 66 8.40 -9.18 -4.80
C SER A 66 9.31 -7.96 -4.78
N LEU A 67 9.16 -7.12 -3.76
CA LEU A 67 9.96 -5.92 -3.62
C LEU A 67 11.45 -6.24 -3.72
N GLN A 68 11.82 -7.42 -3.24
CA GLN A 68 13.22 -7.84 -3.28
C GLN A 68 13.78 -7.74 -4.69
N THR A 69 13.08 -8.35 -5.65
CA THR A 69 13.51 -8.32 -7.05
C THR A 69 12.46 -7.66 -7.93
N GLY A 70 11.90 -6.56 -7.47
CA GLY A 70 10.89 -5.85 -8.23
C GLY A 70 11.42 -4.57 -8.85
N SER A 71 10.91 -4.23 -10.03
CA SER A 71 11.34 -3.03 -10.72
C SER A 71 10.46 -1.84 -10.35
N GLU A 72 10.66 -0.72 -11.04
CA GLU A 72 9.88 0.49 -10.79
C GLU A 72 8.39 0.19 -10.83
N GLU A 73 8.01 -0.80 -11.65
CA GLU A 73 6.61 -1.18 -11.80
C GLU A 73 6.06 -1.71 -10.48
N LEU A 74 6.86 -2.53 -9.79
CA LEU A 74 6.44 -3.11 -8.52
C LEU A 74 6.43 -2.05 -7.42
N ARG A 75 7.54 -1.33 -7.29
CA ARG A 75 7.64 -0.29 -6.27
C ARG A 75 6.47 0.67 -6.36
N SER A 76 6.17 1.14 -7.56
CA SER A 76 5.06 2.08 -7.77
C SER A 76 3.78 1.54 -7.15
N LEU A 77 3.45 0.28 -7.45
CA LEU A 77 2.26 -0.35 -6.92
C LEU A 77 2.25 -0.32 -5.40
N TYR A 78 3.29 -0.89 -4.79
CA TYR A 78 3.40 -0.92 -3.34
C TYR A 78 3.22 0.46 -2.74
N ASN A 79 3.62 1.49 -3.50
CA ASN A 79 3.50 2.86 -3.05
C ASN A 79 2.04 3.29 -2.97
N THR A 80 1.34 3.18 -4.11
CA THR A 80 -0.07 3.56 -4.18
C THR A 80 -0.92 2.68 -3.27
N ILE A 81 -0.80 1.36 -3.45
CA ILE A 81 -1.55 0.41 -2.65
C ILE A 81 -1.38 0.68 -1.17
N ALA A 82 -0.23 1.22 -0.80
CA ALA A 82 0.07 1.53 0.60
C ALA A 82 -0.80 2.69 1.09
N VAL A 83 -0.60 3.87 0.48
CA VAL A 83 -1.36 5.06 0.86
C VAL A 83 -2.86 4.78 0.81
N LEU A 84 -3.29 4.01 -0.17
CA LEU A 84 -4.69 3.67 -0.33
C LEU A 84 -5.17 2.77 0.79
N TYR A 85 -4.40 1.71 1.06
CA TYR A 85 -4.75 0.76 2.10
C TYR A 85 -4.99 1.48 3.43
N CYS A 86 -4.02 2.30 3.83
CA CYS A 86 -4.12 3.05 5.09
C CYS A 86 -5.43 3.81 5.15
N VAL A 87 -5.80 4.44 4.05
CA VAL A 87 -7.04 5.22 3.98
C VAL A 87 -8.25 4.35 4.32
N HIS A 88 -8.27 3.13 3.77
CA HIS A 88 -9.37 2.21 4.02
C HIS A 88 -9.29 1.64 5.44
N GLN A 89 -8.13 1.67 6.09
CA GLN A 89 -8.01 1.13 7.44
C GLN A 89 -8.17 2.24 8.48
N ARG A 90 -8.89 3.30 8.11
CA ARG A 90 -9.12 4.42 9.02
C ARG A 90 -7.78 5.03 9.46
N ILE A 91 -6.82 5.04 8.56
CA ILE A 91 -5.50 5.60 8.86
C ILE A 91 -5.25 6.88 8.07
N ASP A 92 -4.66 7.87 8.73
CA ASP A 92 -4.36 9.15 8.10
C ASP A 92 -2.86 9.40 8.07
N VAL A 93 -2.25 9.21 6.89
CA VAL A 93 -0.82 9.42 6.73
C VAL A 93 -0.53 10.73 6.02
N LYS A 94 0.75 11.08 5.91
CA LYS A 94 1.16 12.31 5.25
C LYS A 94 1.89 12.00 3.93
N ASP A 95 2.54 10.85 3.88
CA ASP A 95 3.28 10.44 2.69
C ASP A 95 3.17 8.93 2.47
N THR A 96 3.84 8.43 1.44
CA THR A 96 3.82 7.01 1.13
C THR A 96 4.67 6.23 2.12
N LYS A 97 5.69 6.87 2.66
CA LYS A 97 6.57 6.22 3.63
C LYS A 97 5.83 5.93 4.93
N GLU A 98 5.19 6.95 5.49
CA GLU A 98 4.44 6.79 6.73
C GLU A 98 3.43 5.66 6.62
N ALA A 99 2.77 5.59 5.46
CA ALA A 99 1.77 4.55 5.23
C ALA A 99 2.41 3.18 5.08
N LEU A 100 3.66 3.18 4.61
CA LEU A 100 4.40 1.93 4.42
C LEU A 100 4.85 1.35 5.77
N ASP A 101 5.44 2.19 6.60
CA ASP A 101 5.92 1.78 7.91
C ASP A 101 4.78 1.17 8.73
N LYS A 102 3.61 1.82 8.68
CA LYS A 102 2.45 1.34 9.41
C LYS A 102 2.14 -0.11 9.08
N ILE A 103 2.36 -0.49 7.83
CA ILE A 103 2.10 -1.85 7.38
C ILE A 103 3.23 -2.79 7.83
N GLU A 104 4.46 -2.35 7.64
CA GLU A 104 5.63 -3.15 8.02
C GLU A 104 5.61 -3.46 9.51
N GLU A 105 4.97 -2.58 10.28
CA GLU A 105 4.89 -2.76 11.73
C GLU A 105 3.84 -3.83 12.08
N GLU A 106 2.79 -3.89 11.28
CA GLU A 106 1.71 -4.86 11.51
C GLU A 106 2.16 -6.26 11.06
N GLN A 107 3.02 -6.31 10.06
CA GLN A 107 3.51 -7.58 9.54
C GLN A 107 5.00 -7.74 9.82
N ASN A 108 5.47 -7.08 10.86
CA ASN A 108 6.88 -7.16 11.24
C ASN A 108 7.28 -8.59 11.58
N LYS A 109 6.32 -9.37 12.06
CA LYS A 109 6.57 -10.76 12.42
C LYS A 109 6.72 -11.63 11.17
N SER A 110 6.06 -11.22 10.09
CA SER A 110 6.13 -11.96 8.84
C SER A 110 7.39 -11.58 8.05
N LYS A 111 7.70 -10.29 8.03
CA LYS A 111 8.87 -9.80 7.32
C LYS A 111 10.14 -10.52 7.79
N LYS A 112 10.29 -10.65 9.10
CA LYS A 112 11.45 -11.32 9.68
C LYS A 112 11.57 -12.74 9.14
N LYS A 113 10.44 -13.34 8.81
CA LYS A 113 10.44 -14.70 8.27
C LYS A 113 10.23 -14.70 6.76
N ALA A 114 10.79 -13.69 6.10
CA ALA A 114 10.67 -13.57 4.65
C ALA A 114 11.89 -12.89 4.06
N GLN A 115 13.02 -13.01 4.74
CA GLN A 115 14.27 -12.40 4.28
C GLN A 115 15.48 -13.03 4.97
N GLN A 116 15.50 -14.36 5.02
CA GLN A 116 16.60 -15.08 5.65
C GLN A 116 17.94 -14.69 5.04
N ALA A 117 17.97 -14.57 3.71
CA ALA A 117 19.18 -14.20 3.00
C ALA A 117 19.54 -12.75 3.26
N ALA A 118 18.52 -11.93 3.49
CA ALA A 118 18.74 -10.50 3.75
C ALA A 118 18.72 -10.21 5.25
N ALA A 119 19.26 -11.14 6.03
CA ALA A 119 19.31 -10.97 7.48
C ALA A 119 20.74 -11.09 8.00
N ASP A 120 21.66 -10.43 7.31
CA ASP A 120 23.07 -10.47 7.70
C ASP A 120 23.71 -9.09 7.57
N THR A 121 22.89 -8.05 7.75
CA THR A 121 23.37 -6.68 7.65
C THR A 121 22.75 -5.80 8.73
N GLY A 122 23.37 -4.65 8.99
CA GLY A 122 22.87 -3.75 10.00
C GLY A 122 21.61 -3.02 9.57
N ASN A 123 20.83 -2.56 10.53
CA ASN A 123 19.58 -1.85 10.24
C ASN A 123 19.45 -0.62 11.13
N ASN A 124 20.00 0.50 10.67
CA ASN A 124 19.93 1.76 11.41
C ASN A 124 18.50 2.27 11.49
N SER A 125 18.17 2.93 12.59
CA SER A 125 16.83 3.47 12.78
C SER A 125 16.79 4.96 12.48
N GLN A 126 15.70 5.41 11.87
CA GLN A 126 15.54 6.82 11.52
C GLN A 126 14.72 7.55 12.57
N VAL A 127 15.23 8.68 13.03
CA VAL A 127 14.54 9.49 14.03
C VAL A 127 13.84 10.69 13.40
N SER A 128 12.88 11.25 14.13
CA SER A 128 12.13 12.40 13.63
C SER A 128 12.55 13.68 14.36
N GLN A 129 13.02 14.66 13.60
CA GLN A 129 13.46 15.92 14.17
C GLN A 129 12.37 17.00 14.02
N ASN A 130 12.00 17.27 12.78
CA ASN A 130 10.97 18.28 12.51
C ASN A 130 9.58 17.63 12.47
N TYR A 131 8.57 18.44 12.15
CA TYR A 131 7.20 17.95 12.08
C TYR A 131 6.52 18.40 10.79
C1 MYR B . -20.72 5.70 4.37
O1 MYR B . -20.31 5.67 3.21
C2 MYR B . -19.71 6.00 5.49
C3 MYR B . -19.91 7.36 6.19
C4 MYR B . -18.58 8.11 6.37
C5 MYR B . -18.65 9.17 7.50
C6 MYR B . -18.88 10.58 6.95
C7 MYR B . -17.77 11.56 7.38
C8 MYR B . -17.21 12.36 6.18
C9 MYR B . -17.99 13.66 5.94
C10 MYR B . -19.07 13.51 4.85
C11 MYR B . -19.42 14.81 4.10
C12 MYR B . -18.69 14.98 2.75
C13 MYR B . -19.20 16.21 1.96
C14 MYR B . -18.35 16.47 0.71
H21 MYR B . -18.71 5.95 5.03
H22 MYR B . -19.73 5.18 6.23
H31 MYR B . -20.40 7.22 7.17
H32 MYR B . -20.61 7.98 5.59
H41 MYR B . -18.30 8.61 5.41
H42 MYR B . -17.76 7.39 6.59
H51 MYR B . -17.73 9.14 8.09
H52 MYR B . -19.46 8.90 8.20
H61 MYR B . -19.87 10.97 7.29
H62 MYR B . -18.95 10.55 5.84
H71 MYR B . -16.96 11.00 7.86
H72 MYR B . -18.16 12.26 8.14
H81 MYR B . -17.22 11.74 5.27
H82 MYR B . -16.14 12.60 6.36
H91 MYR B . -17.28 14.47 5.65
H92 MYR B . -18.47 14.00 6.88
H101 MYR B . -20.00 13.12 5.32
H102 MYR B . -18.77 12.73 4.12
H111 MYR B . -19.22 15.68 4.76
H112 MYR B . -20.51 14.83 3.92
H121 MYR B . -18.81 14.07 2.14
H122 MYR B . -17.60 15.08 2.91
H131 MYR B . -19.20 17.10 2.61
H132 MYR B . -20.25 16.05 1.67
H141 MYR B . -17.62 17.28 0.88
H142 MYR B . -17.78 15.57 0.41
H143 MYR B . -18.97 16.76 -0.15
P1 PBU C . 4.61 9.53 -13.40
P4 PBU C . 10.69 9.36 -7.06
P5 PBU C . 9.94 6.15 -9.86
C3' PBU C . 3.75 7.18 -13.62
C2' PBU C . 2.53 7.21 -12.67
O2' PBU C . 2.30 5.90 -12.19
C1' PBU C . 1.25 7.72 -13.39
O1' PBU C . 1.31 7.35 -14.75
C1 PBU C . 6.43 9.10 -11.13
O1 PBU C . 5.86 8.84 -12.53
C2 PBU C . 7.21 10.45 -10.97
O2 PBU C . 8.29 10.58 -11.91
C3 PBU C . 7.77 10.58 -9.53
O3 PBU C . 8.48 11.83 -9.45
C4 PBU C . 8.69 9.36 -9.15
O4 PBU C . 9.17 9.51 -7.72
C5 PBU C . 7.85 8.02 -9.33
O5 PBU C . 8.72 6.88 -9.04
C6 PBU C . 7.27 7.86 -10.75
O6 PBU C . 6.41 6.72 -10.88
C7 PBU C . 3.02 5.48 -11.05
O7 PBU C . 3.89 4.63 -11.14
C8 PBU C . 2.74 6.13 -9.68
C9 PBU C . 2.77 5.07 -8.57
C10 PBU C . 2.60 5.74 -7.21
C11 PBU C . 0.89 8.22 -15.77
O11 PBU C . 0.44 9.34 -15.59
C12 PBU C . 0.97 7.65 -17.21
C13 PBU C . 2.37 7.80 -17.85
C14 PBU C . 2.25 8.23 -19.32
O41 PBU C . 10.68 10.61 -6.19
O42 PBU C . 10.67 8.07 -6.29
O43 PBU C . 11.73 9.33 -8.17
O51 PBU C . 10.96 5.99 -8.75
O52 PBU C . 9.30 4.89 -10.41
O53 PBU C . 10.33 7.18 -10.90
OP1 PBU C . 3.98 8.44 -14.21
OP2 PBU C . 3.70 10.08 -12.29
OP3 PBU C . 5.30 10.53 -14.29
H3'1 PBU C . 3.58 6.48 -14.38
H3'2 PBU C . 4.59 6.90 -13.05
H2' PBU C . 2.72 7.89 -11.88
H1'1 PBU C . 0.40 7.26 -12.97
H1'2 PBU C . 1.14 8.76 -13.25
H1 PBU C . 5.60 9.23 -10.43
H2 PBU C . 6.50 11.25 -11.15
H02 PBU C . 8.89 9.88 -11.93
H3 PBU C . 6.95 10.59 -8.82
H03 PBU C . 9.26 11.81 -10.02
H4 PBU C . 9.57 9.27 -9.78
H5 PBU C . 7.04 8.10 -8.61
H6 PBU C . 8.10 7.74 -11.44
H06 PBU C . 6.91 5.92 -10.97
H81 PBU C . 1.78 6.57 -9.70
H82 PBU C . 3.47 6.86 -9.49
H91 PBU C . 3.69 4.55 -8.60
H92 PBU C . 1.99 4.38 -8.71
H11 PBU C . 1.69 6.26 -7.18
H12 PBU C . 3.39 6.42 -7.04
H13 PBU C . 2.61 5.02 -6.45
H121 PBU C . 0.73 6.62 -17.17
H122 PBU C . 0.27 8.16 -17.80
H131 PBU C . 2.90 8.54 -17.32
H132 PBU C . 2.87 6.88 -17.79
H141 PBU C . 1.71 9.13 -19.38
H142 PBU C . 1.78 7.50 -19.90
H143 PBU C . 3.22 8.40 -19.71
N GLY A 1 -21.07 14.97 -0.38
CA GLY A 1 -21.62 13.68 0.00
C GLY A 1 -22.01 12.85 -1.21
N ALA A 2 -21.04 12.13 -1.78
CA ALA A 2 -21.30 11.30 -2.95
C ALA A 2 -20.16 10.30 -3.17
N ARG A 3 -20.36 9.08 -2.68
CA ARG A 3 -19.34 8.04 -2.82
C ARG A 3 -19.07 7.73 -4.29
N ALA A 4 -17.80 7.59 -4.64
CA ALA A 4 -17.41 7.30 -6.01
C ALA A 4 -17.18 5.80 -6.21
N SER A 5 -16.11 5.28 -5.64
CA SER A 5 -15.78 3.88 -5.75
C SER A 5 -14.51 3.54 -4.96
N VAL A 6 -13.39 4.07 -5.42
CA VAL A 6 -12.11 3.83 -4.77
C VAL A 6 -12.01 4.60 -3.46
N LEU A 7 -12.17 5.92 -3.54
CA LEU A 7 -12.10 6.78 -2.37
C LEU A 7 -13.34 7.65 -2.25
N SER A 8 -13.97 7.65 -1.09
CA SER A 8 -15.17 8.44 -0.85
C SER A 8 -14.81 9.91 -0.66
N GLY A 9 -15.81 10.72 -0.30
CA GLY A 9 -15.59 12.13 -0.10
C GLY A 9 -14.48 12.41 0.89
N GLY A 10 -14.55 11.76 2.05
CA GLY A 10 -13.54 11.96 3.07
C GLY A 10 -12.18 11.42 2.66
N GLU A 11 -12.17 10.20 2.11
CA GLU A 11 -10.94 9.58 1.67
C GLU A 11 -10.28 10.39 0.56
N LEU A 12 -11.10 11.08 -0.22
CA LEU A 12 -10.60 11.90 -1.33
C LEU A 12 -9.77 13.07 -0.81
N ASP A 13 -10.35 13.81 0.13
CA ASP A 13 -9.66 14.96 0.72
C ASP A 13 -8.27 14.57 1.22
N LYS A 14 -8.22 13.51 2.02
CA LYS A 14 -6.96 13.04 2.57
C LYS A 14 -6.03 12.56 1.46
N TRP A 15 -6.59 11.84 0.50
CA TRP A 15 -5.81 11.32 -0.63
C TRP A 15 -5.09 12.44 -1.35
N GLU A 16 -5.85 13.43 -1.81
CA GLU A 16 -5.27 14.57 -2.52
C GLU A 16 -4.22 15.27 -1.67
N LYS A 17 -4.33 15.11 -0.35
CA LYS A 17 -3.39 15.73 0.58
C LYS A 17 -2.09 14.92 0.65
N ILE A 18 -2.22 13.62 0.84
CA ILE A 18 -1.05 12.75 0.92
C ILE A 18 -0.13 12.95 -0.26
N ARG A 19 1.18 12.96 0.00
CA ARG A 19 2.18 13.15 -1.04
C ARG A 19 2.68 11.81 -1.56
N LEU A 20 3.26 11.82 -2.76
CA LEU A 20 3.79 10.61 -3.36
C LEU A 20 5.07 10.17 -2.67
N ARG A 21 5.76 11.11 -2.04
CA ARG A 21 7.00 10.82 -1.33
C ARG A 21 7.20 11.77 -0.15
N PRO A 22 8.05 11.36 0.80
CA PRO A 22 8.33 12.15 1.99
C PRO A 22 9.14 13.41 1.67
N GLY A 23 10.00 13.31 0.67
CA GLY A 23 10.82 14.45 0.28
C GLY A 23 10.36 15.08 -1.02
N GLY A 24 9.12 14.78 -1.41
CA GLY A 24 8.58 15.33 -2.64
C GLY A 24 7.68 16.53 -2.39
N LYS A 25 7.26 17.18 -3.47
CA LYS A 25 6.38 18.34 -3.37
C LYS A 25 5.03 18.06 -4.02
N LYS A 26 5.00 17.08 -4.92
CA LYS A 26 3.77 16.72 -5.61
C LYS A 26 2.85 15.92 -4.70
N GLN A 27 1.55 16.15 -4.84
CA GLN A 27 0.55 15.45 -4.03
C GLN A 27 -0.06 14.29 -4.79
N TYR A 28 -0.88 13.51 -4.11
CA TYR A 28 -1.54 12.36 -4.73
C TYR A 28 -2.75 12.80 -5.55
N LYS A 29 -3.02 12.09 -6.63
CA LYS A 29 -4.15 12.39 -7.49
C LYS A 29 -4.76 11.12 -8.09
N LEU A 30 -5.96 11.25 -8.64
CA LEU A 30 -6.65 10.11 -9.24
C LEU A 30 -5.75 9.40 -10.23
N LYS A 31 -4.87 10.16 -10.88
CA LYS A 31 -3.94 9.60 -11.86
C LYS A 31 -3.20 8.40 -11.29
N HIS A 32 -2.86 8.47 -10.00
CA HIS A 32 -2.16 7.39 -9.33
C HIS A 32 -3.09 6.24 -9.00
N ILE A 33 -4.35 6.50 -8.65
CA ILE A 33 -5.29 5.43 -8.32
C ILE A 33 -5.60 4.59 -9.55
N VAL A 34 -5.69 5.25 -10.71
CA VAL A 34 -5.99 4.56 -11.96
C VAL A 34 -4.73 3.91 -12.54
N TRP A 35 -3.61 4.61 -12.40
CA TRP A 35 -2.33 4.10 -12.92
C TRP A 35 -2.02 2.72 -12.34
N ALA A 36 -2.44 2.50 -11.10
CA ALA A 36 -2.21 1.21 -10.44
C ALA A 36 -3.22 0.17 -10.88
N SER A 37 -4.47 0.60 -11.03
CA SER A 37 -5.54 -0.29 -11.44
C SER A 37 -5.21 -0.95 -12.79
N ARG A 38 -4.61 -0.17 -13.68
CA ARG A 38 -4.26 -0.66 -15.00
C ARG A 38 -3.11 -1.67 -14.91
N GLU A 39 -2.29 -1.53 -13.88
CA GLU A 39 -1.16 -2.43 -13.68
C GLU A 39 -1.58 -3.68 -12.91
N LEU A 40 -2.63 -3.54 -12.11
CA LEU A 40 -3.14 -4.65 -11.31
C LEU A 40 -3.78 -5.70 -12.20
N GLU A 41 -4.65 -5.27 -13.11
CA GLU A 41 -5.32 -6.18 -14.03
C GLU A 41 -4.32 -7.02 -14.80
N ARG A 42 -3.11 -6.48 -14.97
CA ARG A 42 -2.05 -7.17 -15.70
C ARG A 42 -1.50 -8.34 -14.88
N PHE A 43 -1.60 -8.22 -13.57
CA PHE A 43 -1.11 -9.27 -12.66
C PHE A 43 -2.25 -10.20 -12.25
N ALA A 44 -3.25 -10.32 -13.11
CA ALA A 44 -4.39 -11.18 -12.84
C ALA A 44 -5.16 -10.71 -11.62
N VAL A 45 -4.98 -9.44 -11.27
CA VAL A 45 -5.67 -8.86 -10.12
C VAL A 45 -6.58 -7.71 -10.54
N ASN A 46 -7.89 -7.91 -10.35
CA ASN A 46 -8.87 -6.89 -10.71
C ASN A 46 -8.66 -5.62 -9.91
N PRO A 47 -8.90 -4.46 -10.54
CA PRO A 47 -8.75 -3.15 -9.90
C PRO A 47 -9.81 -2.90 -8.82
N GLY A 48 -10.81 -3.76 -8.79
CA GLY A 48 -11.88 -3.62 -7.82
C GLY A 48 -11.40 -3.86 -6.40
N LEU A 49 -10.23 -4.47 -6.26
CA LEU A 49 -9.67 -4.76 -4.95
C LEU A 49 -9.08 -3.50 -4.32
N LEU A 50 -8.72 -2.54 -5.16
CA LEU A 50 -8.16 -1.28 -4.67
C LEU A 50 -9.18 -0.50 -3.84
N GLU A 51 -10.45 -0.77 -4.09
CA GLU A 51 -11.53 -0.10 -3.36
C GLU A 51 -12.05 -0.98 -2.23
N THR A 52 -11.20 -1.89 -1.76
CA THR A 52 -11.57 -2.79 -0.67
C THR A 52 -10.46 -2.89 0.37
N SER A 53 -10.81 -2.61 1.62
CA SER A 53 -9.85 -2.67 2.71
C SER A 53 -9.20 -4.05 2.80
N GLU A 54 -9.90 -5.05 2.29
CA GLU A 54 -9.40 -6.42 2.31
C GLU A 54 -8.45 -6.66 1.13
N GLY A 55 -8.91 -6.32 -0.06
CA GLY A 55 -8.09 -6.51 -1.25
C GLY A 55 -6.72 -5.90 -1.11
N CYS A 56 -6.67 -4.63 -0.68
CA CYS A 56 -5.41 -3.93 -0.51
C CYS A 56 -4.44 -4.74 0.34
N ARG A 57 -4.94 -5.29 1.45
CA ARG A 57 -4.11 -6.09 2.34
C ARG A 57 -3.60 -7.33 1.64
N GLN A 58 -4.42 -7.90 0.75
CA GLN A 58 -4.04 -9.10 0.01
C GLN A 58 -2.99 -8.77 -1.05
N ILE A 59 -3.23 -7.70 -1.80
CA ILE A 59 -2.30 -7.29 -2.85
C ILE A 59 -0.92 -7.02 -2.28
N LEU A 60 -0.87 -6.30 -1.16
CA LEU A 60 0.40 -5.98 -0.52
C LEU A 60 1.11 -7.25 -0.05
N GLY A 61 0.33 -8.29 0.20
CA GLY A 61 0.91 -9.55 0.67
C GLY A 61 1.76 -10.21 -0.40
N GLN A 62 1.46 -9.93 -1.66
CA GLN A 62 2.21 -10.51 -2.77
C GLN A 62 3.37 -9.61 -3.17
N LEU A 63 3.12 -8.30 -3.17
CA LEU A 63 4.14 -7.33 -3.54
C LEU A 63 5.18 -7.18 -2.43
N GLN A 64 4.76 -7.47 -1.20
CA GLN A 64 5.66 -7.38 -0.04
C GLN A 64 6.94 -8.15 -0.30
N PRO A 65 6.82 -9.46 -0.48
CA PRO A 65 7.97 -10.35 -0.73
C PRO A 65 8.60 -10.10 -2.11
N SER A 66 7.85 -9.43 -2.98
CA SER A 66 8.34 -9.14 -4.33
C SER A 66 8.78 -7.69 -4.43
N LEU A 67 9.19 -7.11 -3.30
CA LEU A 67 9.64 -5.72 -3.27
C LEU A 67 11.10 -5.61 -3.74
N GLN A 68 11.86 -6.67 -3.52
CA GLN A 68 13.26 -6.69 -3.92
C GLN A 68 13.42 -7.21 -5.34
N THR A 69 12.79 -8.34 -5.64
CA THR A 69 12.85 -8.93 -6.97
C THR A 69 11.99 -8.15 -7.96
N GLY A 70 10.93 -7.52 -7.46
CA GLY A 70 10.05 -6.75 -8.31
C GLY A 70 10.77 -5.64 -9.04
N SER A 71 10.15 -5.11 -10.09
CA SER A 71 10.74 -4.03 -10.87
C SER A 71 10.18 -2.68 -10.46
N GLU A 72 10.56 -1.63 -11.18
CA GLU A 72 10.10 -0.29 -10.89
C GLU A 72 8.57 -0.24 -10.83
N GLU A 73 7.93 -1.12 -11.58
CA GLU A 73 6.47 -1.19 -11.62
C GLU A 73 5.91 -1.63 -10.27
N LEU A 74 6.38 -2.77 -9.78
CA LEU A 74 5.93 -3.31 -8.51
C LEU A 74 6.16 -2.30 -7.38
N ARG A 75 7.32 -1.64 -7.41
CA ARG A 75 7.65 -0.65 -6.40
C ARG A 75 6.58 0.43 -6.31
N SER A 76 6.25 1.03 -7.46
CA SER A 76 5.24 2.08 -7.51
C SER A 76 3.91 1.57 -6.97
N LEU A 77 3.56 0.35 -7.31
CA LEU A 77 2.31 -0.26 -6.86
C LEU A 77 2.22 -0.26 -5.34
N TYR A 78 3.21 -0.87 -4.70
CA TYR A 78 3.25 -0.94 -3.24
C TYR A 78 3.08 0.44 -2.62
N ASN A 79 3.55 1.47 -3.34
CA ASN A 79 3.45 2.84 -2.86
C ASN A 79 2.00 3.30 -2.83
N THR A 80 1.32 3.19 -3.97
CA THR A 80 -0.07 3.60 -4.07
C THR A 80 -0.97 2.73 -3.21
N ILE A 81 -0.83 1.41 -3.36
CA ILE A 81 -1.62 0.46 -2.59
C ILE A 81 -1.47 0.70 -1.10
N ALA A 82 -0.33 1.29 -0.71
CA ALA A 82 -0.07 1.58 0.69
C ALA A 82 -0.88 2.77 1.18
N VAL A 83 -0.62 3.94 0.59
CA VAL A 83 -1.33 5.16 0.96
C VAL A 83 -2.83 4.95 0.92
N LEU A 84 -3.29 4.17 -0.06
CA LEU A 84 -4.72 3.89 -0.20
C LEU A 84 -5.21 2.98 0.92
N TYR A 85 -4.51 1.88 1.12
CA TYR A 85 -4.88 0.92 2.16
C TYR A 85 -5.05 1.62 3.50
N CYS A 86 -4.06 2.41 3.89
CA CYS A 86 -4.10 3.13 5.15
C CYS A 86 -5.40 3.92 5.28
N VAL A 87 -5.95 4.35 4.15
CA VAL A 87 -7.20 5.11 4.14
C VAL A 87 -8.39 4.22 4.40
N HIS A 88 -8.37 3.03 3.81
CA HIS A 88 -9.46 2.07 3.99
C HIS A 88 -9.42 1.44 5.38
N GLN A 89 -8.32 1.56 6.12
CA GLN A 89 -8.23 0.98 7.45
C GLN A 89 -8.51 2.03 8.53
N ARG A 90 -7.55 2.94 8.72
CA ARG A 90 -7.69 4.00 9.70
C ARG A 90 -6.47 4.91 9.71
N ILE A 91 -5.31 4.32 9.46
CA ILE A 91 -4.05 5.07 9.44
C ILE A 91 -4.16 6.28 8.50
N ASP A 92 -3.81 7.44 9.02
CA ASP A 92 -3.86 8.67 8.24
C ASP A 92 -2.48 9.31 8.13
N VAL A 93 -1.63 8.73 7.29
CA VAL A 93 -0.28 9.24 7.10
C VAL A 93 -0.28 10.49 6.22
N LYS A 94 0.89 11.09 6.06
CA LYS A 94 1.02 12.29 5.23
C LYS A 94 1.70 11.96 3.90
N ASP A 95 2.51 10.90 3.91
CA ASP A 95 3.22 10.49 2.70
C ASP A 95 3.20 8.97 2.56
N THR A 96 3.76 8.47 1.47
CA THR A 96 3.81 7.04 1.21
C THR A 96 4.90 6.37 2.04
N LYS A 97 5.93 7.14 2.38
CA LYS A 97 7.03 6.62 3.18
C LYS A 97 6.56 6.19 4.56
N GLU A 98 5.74 7.04 5.19
CA GLU A 98 5.21 6.73 6.52
C GLU A 98 4.29 5.52 6.48
N ALA A 99 3.39 5.52 5.51
CA ALA A 99 2.45 4.41 5.36
C ALA A 99 3.18 3.08 5.21
N LEU A 100 4.41 3.14 4.72
CA LEU A 100 5.22 1.94 4.52
C LEU A 100 5.72 1.40 5.85
N ASP A 101 6.27 2.29 6.68
CA ASP A 101 6.80 1.90 7.99
C ASP A 101 5.67 1.41 8.89
N LYS A 102 4.48 1.96 8.69
CA LYS A 102 3.32 1.57 9.50
C LYS A 102 2.91 0.13 9.21
N ILE A 103 2.91 -0.24 7.93
CA ILE A 103 2.55 -1.59 7.53
C ILE A 103 3.66 -2.57 7.84
N GLU A 104 4.89 -2.10 7.81
CA GLU A 104 6.05 -2.94 8.10
C GLU A 104 6.20 -3.16 9.60
N GLU A 105 5.79 -2.17 10.38
CA GLU A 105 5.88 -2.26 11.84
C GLU A 105 4.82 -3.22 12.39
N GLU A 106 3.56 -2.96 12.06
CA GLU A 106 2.47 -3.80 12.52
C GLU A 106 2.68 -5.25 12.12
N GLN A 107 3.43 -5.46 11.04
CA GLN A 107 3.71 -6.80 10.55
C GLN A 107 5.20 -7.12 10.66
N ASN A 108 5.87 -6.48 11.61
CA ASN A 108 7.29 -6.69 11.82
C ASN A 108 7.55 -8.00 12.55
N LYS A 109 6.70 -8.29 13.53
CA LYS A 109 6.82 -9.52 14.32
C LYS A 109 6.78 -10.75 13.42
N SER A 110 6.12 -10.61 12.26
CA SER A 110 6.00 -11.72 11.32
C SER A 110 7.38 -12.14 10.81
N LYS A 111 8.26 -11.17 10.63
CA LYS A 111 9.61 -11.44 10.15
C LYS A 111 10.48 -12.03 11.26
N LYS A 112 10.49 -11.37 12.41
CA LYS A 112 11.27 -11.84 13.55
C LYS A 112 10.93 -13.29 13.89
N LYS A 113 9.69 -13.68 13.60
CA LYS A 113 9.25 -15.04 13.88
C LYS A 113 9.62 -15.97 12.73
N ALA A 114 9.64 -15.44 11.52
CA ALA A 114 9.99 -16.23 10.34
C ALA A 114 11.49 -16.47 10.27
N GLN A 115 12.24 -15.41 9.97
CA GLN A 115 13.69 -15.51 9.86
C GLN A 115 14.31 -14.15 9.57
N GLN A 116 14.19 -13.23 10.53
CA GLN A 116 14.73 -11.89 10.38
C GLN A 116 16.24 -11.89 10.62
N ALA A 117 16.70 -12.81 11.46
CA ALA A 117 18.12 -12.91 11.78
C ALA A 117 18.87 -13.66 10.69
N ALA A 118 18.16 -14.55 9.99
CA ALA A 118 18.77 -15.34 8.92
C ALA A 118 19.35 -14.43 7.84
N ALA A 119 18.71 -13.29 7.62
CA ALA A 119 19.17 -12.34 6.61
C ALA A 119 19.89 -11.17 7.26
N ASP A 120 20.50 -10.31 6.42
CA ASP A 120 21.21 -9.15 6.92
C ASP A 120 22.24 -9.55 7.98
N THR A 121 22.76 -10.77 7.86
CA THR A 121 23.74 -11.27 8.81
C THR A 121 25.10 -11.45 8.15
N GLY A 122 26.15 -10.93 8.79
CA GLY A 122 27.48 -11.04 8.25
C GLY A 122 28.32 -9.81 8.51
N ASN A 123 29.32 -9.59 7.67
CA ASN A 123 30.21 -8.42 7.81
C ASN A 123 29.72 -7.26 6.97
N ASN A 124 30.18 -6.06 7.32
CA ASN A 124 29.79 -4.85 6.59
C ASN A 124 30.97 -4.27 5.82
N SER A 125 30.78 -4.06 4.52
CA SER A 125 31.84 -3.51 3.67
C SER A 125 31.29 -3.19 2.28
N GLN A 126 32.05 -2.39 1.53
CA GLN A 126 31.64 -2.01 0.18
C GLN A 126 30.31 -1.26 0.21
N VAL A 127 29.86 -0.84 -0.97
CA VAL A 127 28.61 -0.11 -1.09
C VAL A 127 28.64 1.19 -0.26
N SER A 128 29.24 2.22 -0.82
CA SER A 128 29.34 3.50 -0.15
C SER A 128 27.96 4.08 0.13
N GLN A 129 27.77 4.62 1.34
CA GLN A 129 26.50 5.20 1.73
C GLN A 129 26.70 6.33 2.74
N ASN A 130 26.33 7.54 2.35
CA ASN A 130 26.47 8.70 3.23
C ASN A 130 27.95 8.93 3.59
N TYR A 131 28.75 9.27 2.60
CA TYR A 131 30.17 9.53 2.81
C TYR A 131 30.59 10.84 2.18
C1 MYR B . -21.82 15.87 -1.02
O1 MYR B . -22.99 15.66 -1.32
C2 MYR B . -21.18 17.21 -1.40
C3 MYR B . -20.41 17.19 -2.73
C4 MYR B . -18.89 17.38 -2.53
C5 MYR B . -18.19 17.87 -3.80
C6 MYR B . -16.86 18.61 -3.50
C7 MYR B . -15.81 18.38 -4.60
C8 MYR B . -15.34 19.70 -5.23
C9 MYR B . -16.24 20.14 -6.41
C10 MYR B . -16.39 21.67 -6.49
C11 MYR B . -17.59 22.14 -7.34
C12 MYR B . -18.58 23.05 -6.60
C13 MYR B . -20.04 22.73 -6.93
C14 MYR B . -20.56 23.59 -8.10
H21 MYR B . -20.50 17.48 -0.58
H22 MYR B . -21.96 17.99 -1.40
H31 MYR B . -20.79 17.99 -3.40
H32 MYR B . -20.59 16.23 -3.27
H41 MYR B . -18.44 16.43 -2.20
H42 MYR B . -18.71 18.10 -1.71
H51 MYR B . -18.87 18.55 -4.37
H52 MYR B . -17.99 17.02 -4.47
H61 MYR B . -16.48 18.26 -2.52
H62 MYR B . -17.06 19.70 -3.38
H71 MYR B . -16.22 17.71 -5.38
H72 MYR B . -14.94 17.84 -4.17
H81 MYR B . -14.29 19.60 -5.58
H82 MYR B . -15.32 20.50 -4.46
H91 MYR B . -17.23 19.66 -6.31
H92 MYR B . -15.82 19.76 -7.36
H101 MYR B . -15.47 22.11 -6.91
H102 MYR B . -16.46 22.11 -5.47
H111 MYR B . -18.11 21.27 -7.76
H112 MYR B . -17.19 22.69 -8.22
H121 MYR B . -18.36 24.11 -6.84
H122 MYR B . -18.42 22.97 -5.50
H131 MYR B . -20.68 22.89 -6.05
H132 MYR B . -20.15 21.66 -7.20
H141 MYR B . -20.93 22.97 -8.94
H142 MYR B . -21.40 24.24 -7.78
H143 MYR B . -19.78 24.26 -8.50
P1 PBU C . 4.89 10.01 -12.54
P4 PBU C . 11.02 10.74 -6.63
P5 PBU C . 8.90 5.61 -7.98
C3' PBU C . 4.13 7.73 -13.30
C2' PBU C . 2.83 7.56 -12.48
O2' PBU C . 2.72 6.21 -12.09
C1' PBU C . 1.58 7.95 -13.31
O1' PBU C . 1.77 7.55 -14.65
C1 PBU C . 6.76 9.43 -10.37
O1 PBU C . 6.08 9.18 -11.71
C2 PBU C . 7.59 10.76 -10.27
O2 PBU C . 8.58 10.87 -11.29
C3 PBU C . 8.27 10.88 -8.89
O3 PBU C . 9.01 12.10 -8.87
C4 PBU C . 9.19 9.62 -8.58
O4 PBU C . 9.79 9.76 -7.20
C5 PBU C . 8.31 8.32 -8.69
O5 PBU C . 9.17 7.16 -8.47
C6 PBU C . 7.61 8.18 -10.07
O6 PBU C . 6.73 7.04 -10.12
C7 PBU C . 3.36 5.83 -10.87
O7 PBU C . 4.32 5.10 -10.88
C8 PBU C . 2.82 6.38 -9.53
C9 PBU C . 2.86 5.26 -8.46
C10 PBU C . 2.63 5.89 -7.07
C11 PBU C . 1.04 8.14 -15.71
O11 PBU C . -0.01 7.70 -16.14
C12 PBU C . 1.70 9.37 -16.38
C13 PBU C . 1.77 9.28 -17.91
C14 PBU C . 2.45 10.51 -18.52
O41 PBU C . 11.81 9.69 -5.86
O42 PBU C . 11.71 11.26 -7.86
O43 PBU C . 10.44 11.87 -5.80
O51 PBU C . 10.30 5.19 -7.60
O52 PBU C . 7.87 5.77 -6.87
O53 PBU C . 8.37 4.94 -9.23
OP1 PBU C . 4.37 9.10 -13.61
OP2 PBU C . 3.86 10.33 -11.46
OP3 PBU C . 5.63 11.17 -13.16
H3'1 PBU C . 4.05 7.19 -14.19
H3'2 PBU C . 4.93 7.36 -12.72
H2' PBU C . 2.85 8.21 -11.66
H1'1 PBU C . 0.73 7.42 -12.95
H1'2 PBU C . 1.37 8.97 -13.23
H1 PBU C . 5.99 9.57 -9.60
H2 PBU C . 6.88 11.57 -10.40
H02 PBU C . 9.18 10.16 -11.38
H3 PBU C . 7.50 10.90 -8.10
H03 PBU C . 9.74 12.06 -9.49
H4 PBU C . 10.01 9.53 -9.28
H5 PBU C . 7.56 8.41 -7.90
H6 PBU C . 8.37 8.03 -10.82
H06 PBU C . 7.19 6.24 -10.24
H81 PBU C . 1.83 6.70 -9.66
H82 PBU C . 3.42 7.18 -9.22
H91 PBU C . 3.79 4.78 -8.49
H92 PBU C . 2.11 4.56 -8.65
H11 PBU C . 1.70 6.37 -7.05
H12 PBU C . 3.39 6.58 -6.86
H13 PBU C . 2.63 5.13 -6.34
H121 PBU C . 1.14 10.22 -16.12
H122 PBU C . 2.68 9.45 -16.00
H131 PBU C . 2.31 8.41 -18.18
H132 PBU C . 0.79 9.20 -18.30
H141 PBU C . 3.41 10.61 -18.10
H142 PBU C . 1.90 11.38 -18.33
H143 PBU C . 2.53 10.39 -19.57
N GLY A 1 -13.45 6.22 -16.98
CA GLY A 1 -13.10 7.55 -17.44
C GLY A 1 -12.22 8.29 -16.44
N ALA A 2 -12.86 8.91 -15.46
CA ALA A 2 -12.14 9.66 -14.43
C ALA A 2 -13.08 10.10 -13.31
N ARG A 3 -13.75 9.14 -12.69
CA ARG A 3 -14.68 9.43 -11.61
C ARG A 3 -14.22 8.77 -10.31
N ALA A 4 -15.02 8.91 -9.26
CA ALA A 4 -14.71 8.33 -7.96
C ALA A 4 -15.23 6.90 -7.87
N SER A 5 -14.58 6.09 -7.03
CA SER A 5 -14.97 4.70 -6.85
C SER A 5 -14.16 4.05 -5.74
N VAL A 6 -12.85 4.01 -5.91
CA VAL A 6 -11.95 3.42 -4.93
C VAL A 6 -11.97 4.22 -3.62
N LEU A 7 -11.93 5.54 -3.75
CA LEU A 7 -11.93 6.40 -2.57
C LEU A 7 -13.21 7.26 -2.53
N SER A 8 -13.86 7.28 -1.37
CA SER A 8 -15.10 8.04 -1.21
C SER A 8 -14.79 9.53 -1.07
N GLY A 9 -15.82 10.32 -0.77
CA GLY A 9 -15.64 11.74 -0.61
C GLY A 9 -14.62 12.09 0.46
N GLY A 10 -14.80 11.52 1.64
CA GLY A 10 -13.89 11.79 2.74
C GLY A 10 -12.48 11.30 2.44
N GLU A 11 -12.37 10.11 1.88
CA GLU A 11 -11.07 9.54 1.55
C GLU A 11 -10.38 10.35 0.47
N LEU A 12 -11.16 10.87 -0.47
CA LEU A 12 -10.62 11.66 -1.57
C LEU A 12 -9.90 12.90 -1.03
N ASP A 13 -10.52 13.57 -0.07
CA ASP A 13 -9.94 14.77 0.53
C ASP A 13 -8.55 14.48 1.08
N LYS A 14 -8.45 13.45 1.91
CA LYS A 14 -7.17 13.07 2.51
C LYS A 14 -6.20 12.58 1.44
N TRP A 15 -6.70 11.80 0.49
CA TRP A 15 -5.88 11.27 -0.59
C TRP A 15 -5.14 12.40 -1.30
N GLU A 16 -5.87 13.40 -1.76
CA GLU A 16 -5.28 14.54 -2.45
C GLU A 16 -4.24 15.23 -1.58
N LYS A 17 -4.40 15.11 -0.27
CA LYS A 17 -3.48 15.72 0.68
C LYS A 17 -2.18 14.93 0.77
N ILE A 18 -2.30 13.62 0.95
CA ILE A 18 -1.14 12.75 1.04
C ILE A 18 -0.19 12.96 -0.13
N ARG A 19 1.11 12.96 0.15
CA ARG A 19 2.12 13.16 -0.88
C ARG A 19 2.81 11.84 -1.23
N LEU A 20 3.25 11.72 -2.48
CA LEU A 20 3.93 10.51 -2.93
C LEU A 20 5.22 10.28 -2.15
N ARG A 21 5.82 11.37 -1.66
CA ARG A 21 7.06 11.29 -0.90
C ARG A 21 7.07 12.31 0.23
N PRO A 22 7.91 12.07 1.24
CA PRO A 22 8.04 12.96 2.40
C PRO A 22 8.69 14.29 2.04
N GLY A 23 9.70 14.25 1.18
CA GLY A 23 10.38 15.45 0.77
C GLY A 23 10.15 15.79 -0.69
N GLY A 24 8.88 15.95 -1.07
CA GLY A 24 8.55 16.27 -2.44
C GLY A 24 7.55 17.41 -2.55
N LYS A 25 7.07 17.66 -3.76
CA LYS A 25 6.11 18.74 -3.99
C LYS A 25 5.00 18.27 -4.94
N LYS A 26 4.75 16.97 -4.95
CA LYS A 26 3.72 16.40 -5.81
C LYS A 26 2.75 15.55 -5.01
N GLN A 27 1.62 16.15 -4.61
CA GLN A 27 0.61 15.45 -3.83
C GLN A 27 0.02 14.30 -4.63
N TYR A 28 -0.86 13.54 -3.98
CA TYR A 28 -1.50 12.39 -4.64
C TYR A 28 -2.71 12.84 -5.45
N LYS A 29 -2.98 12.12 -6.53
CA LYS A 29 -4.10 12.44 -7.40
C LYS A 29 -4.72 11.17 -7.99
N LEU A 30 -5.91 11.30 -8.54
CA LEU A 30 -6.61 10.16 -9.14
C LEU A 30 -5.71 9.45 -10.14
N LYS A 31 -4.81 10.19 -10.77
CA LYS A 31 -3.89 9.63 -11.75
C LYS A 31 -3.17 8.42 -11.18
N HIS A 32 -2.81 8.49 -9.90
CA HIS A 32 -2.12 7.41 -9.23
C HIS A 32 -3.08 6.27 -8.89
N ILE A 33 -4.33 6.54 -8.54
CA ILE A 33 -5.28 5.49 -8.22
C ILE A 33 -5.62 4.66 -9.44
N VAL A 34 -5.70 5.31 -10.59
CA VAL A 34 -6.01 4.62 -11.84
C VAL A 34 -4.78 3.95 -12.43
N TRP A 35 -3.64 4.61 -12.30
CA TRP A 35 -2.38 4.08 -12.81
C TRP A 35 -2.11 2.69 -12.24
N ALA A 36 -2.49 2.49 -10.98
CA ALA A 36 -2.28 1.21 -10.32
C ALA A 36 -3.32 0.19 -10.77
N SER A 37 -4.58 0.61 -10.85
CA SER A 37 -5.66 -0.27 -11.27
C SER A 37 -5.35 -0.92 -12.61
N ARG A 38 -4.73 -0.16 -13.50
CA ARG A 38 -4.37 -0.66 -14.82
C ARG A 38 -3.30 -1.74 -14.72
N GLU A 39 -2.27 -1.48 -13.92
CA GLU A 39 -1.19 -2.44 -13.74
C GLU A 39 -1.67 -3.68 -12.98
N LEU A 40 -2.70 -3.50 -12.18
CA LEU A 40 -3.26 -4.60 -11.40
C LEU A 40 -3.92 -5.64 -12.31
N GLU A 41 -4.87 -5.19 -13.11
CA GLU A 41 -5.58 -6.08 -14.03
C GLU A 41 -4.59 -6.83 -14.92
N ARG A 42 -3.43 -6.23 -15.16
CA ARG A 42 -2.41 -6.83 -15.99
C ARG A 42 -1.85 -8.10 -15.33
N PHE A 43 -1.83 -8.10 -14.00
CA PHE A 43 -1.33 -9.24 -13.24
C PHE A 43 -2.46 -10.16 -12.82
N ALA A 44 -3.54 -10.16 -13.60
CA ALA A 44 -4.70 -11.00 -13.31
C ALA A 44 -5.35 -10.59 -12.00
N VAL A 45 -5.14 -9.34 -11.60
CA VAL A 45 -5.71 -8.83 -10.36
C VAL A 45 -6.66 -7.67 -10.63
N ASN A 46 -7.94 -7.87 -10.34
CA ASN A 46 -8.95 -6.85 -10.56
C ASN A 46 -8.64 -5.59 -9.74
N PRO A 47 -8.93 -4.42 -10.32
CA PRO A 47 -8.69 -3.13 -9.67
C PRO A 47 -9.63 -2.89 -8.49
N GLY A 48 -10.71 -3.67 -8.44
CA GLY A 48 -11.67 -3.52 -7.36
C GLY A 48 -11.07 -3.84 -6.00
N LEU A 49 -10.04 -4.68 -5.99
CA LEU A 49 -9.38 -5.06 -4.75
C LEU A 49 -8.87 -3.83 -4.00
N LEU A 50 -8.61 -2.76 -4.74
CA LEU A 50 -8.13 -1.51 -4.14
C LEU A 50 -9.28 -0.75 -3.48
N GLU A 51 -10.49 -0.96 -3.98
CA GLU A 51 -11.66 -0.29 -3.45
C GLU A 51 -12.11 -0.92 -2.13
N THR A 52 -11.46 -2.03 -1.77
CA THR A 52 -11.78 -2.74 -0.54
C THR A 52 -10.53 -2.93 0.32
N SER A 53 -10.65 -2.56 1.60
CA SER A 53 -9.53 -2.70 2.53
C SER A 53 -9.01 -4.13 2.56
N GLU A 54 -9.88 -5.07 2.25
CA GLU A 54 -9.52 -6.48 2.24
C GLU A 54 -8.71 -6.82 0.99
N GLY A 55 -9.17 -6.31 -0.16
CA GLY A 55 -8.47 -6.58 -1.41
C GLY A 55 -7.05 -6.05 -1.42
N CYS A 56 -6.86 -4.87 -0.85
CA CYS A 56 -5.54 -4.24 -0.79
C CYS A 56 -4.56 -5.13 -0.03
N ARG A 57 -4.97 -5.60 1.15
CA ARG A 57 -4.12 -6.46 1.97
C ARG A 57 -3.61 -7.64 1.16
N GLN A 58 -4.48 -8.22 0.34
CA GLN A 58 -4.12 -9.37 -0.49
C GLN A 58 -3.05 -8.99 -1.50
N ILE A 59 -3.11 -7.75 -1.99
CA ILE A 59 -2.15 -7.26 -2.97
C ILE A 59 -0.80 -7.00 -2.32
N LEU A 60 -0.79 -6.24 -1.22
CA LEU A 60 0.44 -5.92 -0.52
C LEU A 60 1.14 -7.19 -0.06
N GLY A 61 0.37 -8.26 0.13
CA GLY A 61 0.95 -9.53 0.57
C GLY A 61 1.82 -10.15 -0.51
N GLN A 62 1.41 -10.03 -1.76
CA GLN A 62 2.17 -10.59 -2.87
C GLN A 62 3.34 -9.69 -3.26
N LEU A 63 3.13 -8.38 -3.15
CA LEU A 63 4.17 -7.41 -3.48
C LEU A 63 5.20 -7.31 -2.36
N GLN A 64 4.77 -7.62 -1.14
CA GLN A 64 5.66 -7.57 0.02
C GLN A 64 6.94 -8.36 -0.25
N PRO A 65 6.80 -9.67 -0.47
CA PRO A 65 7.93 -10.55 -0.74
C PRO A 65 8.57 -10.28 -2.09
N SER A 66 7.83 -9.62 -2.97
CA SER A 66 8.32 -9.31 -4.32
C SER A 66 8.84 -7.89 -4.38
N LEU A 67 9.29 -7.37 -3.23
CA LEU A 67 9.80 -6.01 -3.15
C LEU A 67 11.25 -5.96 -3.65
N GLN A 68 11.99 -7.04 -3.43
CA GLN A 68 13.38 -7.12 -3.87
C GLN A 68 13.49 -7.80 -5.22
N THR A 69 12.73 -8.87 -5.41
CA THR A 69 12.74 -9.62 -6.66
C THR A 69 11.93 -8.91 -7.73
N GLY A 70 10.95 -8.12 -7.30
CA GLY A 70 10.11 -7.40 -8.24
C GLY A 70 10.85 -6.27 -8.92
N SER A 71 10.24 -5.70 -9.96
CA SER A 71 10.84 -4.61 -10.71
C SER A 71 10.27 -3.27 -10.29
N GLU A 72 10.64 -2.22 -11.00
CA GLU A 72 10.15 -0.87 -10.71
C GLU A 72 8.63 -0.81 -10.78
N GLU A 73 8.06 -1.54 -11.74
CA GLU A 73 6.62 -1.57 -11.91
C GLU A 73 5.92 -2.01 -10.62
N LEU A 74 6.58 -2.87 -9.86
CA LEU A 74 6.03 -3.37 -8.60
C LEU A 74 6.22 -2.34 -7.48
N ARG A 75 7.37 -1.67 -7.51
CA ARG A 75 7.68 -0.66 -6.50
C ARG A 75 6.59 0.41 -6.43
N SER A 76 6.32 1.04 -7.57
CA SER A 76 5.30 2.07 -7.65
C SER A 76 3.98 1.59 -7.06
N LEU A 77 3.62 0.34 -7.37
CA LEU A 77 2.38 -0.25 -6.87
C LEU A 77 2.33 -0.22 -5.35
N TYR A 78 3.34 -0.81 -4.72
CA TYR A 78 3.40 -0.85 -3.26
C TYR A 78 3.26 0.55 -2.68
N ASN A 79 3.71 1.55 -3.43
CA ASN A 79 3.62 2.94 -2.98
C ASN A 79 2.16 3.41 -2.92
N THR A 80 1.46 3.23 -4.03
CA THR A 80 0.05 3.64 -4.10
C THR A 80 -0.82 2.77 -3.22
N ILE A 81 -0.70 1.46 -3.39
CA ILE A 81 -1.48 0.50 -2.60
C ILE A 81 -1.32 0.77 -1.10
N ALA A 82 -0.17 1.31 -0.73
CA ALA A 82 0.11 1.62 0.67
C ALA A 82 -0.74 2.80 1.15
N VAL A 83 -0.50 3.97 0.56
CA VAL A 83 -1.23 5.18 0.93
C VAL A 83 -2.74 4.93 0.88
N LEU A 84 -3.18 4.16 -0.11
CA LEU A 84 -4.60 3.85 -0.26
C LEU A 84 -5.09 2.96 0.87
N TYR A 85 -4.40 1.84 1.09
CA TYR A 85 -4.77 0.91 2.14
C TYR A 85 -4.91 1.62 3.48
N CYS A 86 -3.91 2.43 3.81
CA CYS A 86 -3.92 3.18 5.07
C CYS A 86 -5.21 3.97 5.22
N VAL A 87 -5.74 4.45 4.10
CA VAL A 87 -6.98 5.22 4.11
C VAL A 87 -8.17 4.35 4.48
N HIS A 88 -8.25 3.17 3.86
CA HIS A 88 -9.34 2.24 4.13
C HIS A 88 -9.27 1.71 5.55
N GLN A 89 -8.08 1.51 6.12
CA GLN A 89 -7.96 1.00 7.48
C GLN A 89 -8.26 2.10 8.50
N ARG A 90 -7.32 3.03 8.64
CA ARG A 90 -7.49 4.14 9.59
C ARG A 90 -6.28 5.07 9.54
N ILE A 91 -5.10 4.49 9.32
CA ILE A 91 -3.87 5.27 9.25
C ILE A 91 -4.01 6.43 8.27
N ASP A 92 -3.73 7.64 8.74
CA ASP A 92 -3.81 8.83 7.90
C ASP A 92 -2.44 9.47 7.71
N VAL A 93 -1.51 8.71 7.14
CA VAL A 93 -0.16 9.20 6.91
C VAL A 93 -0.17 10.44 6.02
N LYS A 94 0.91 11.21 6.08
CA LYS A 94 1.03 12.43 5.29
C LYS A 94 1.72 12.14 3.96
N ASP A 95 2.59 11.14 3.95
CA ASP A 95 3.31 10.77 2.74
C ASP A 95 3.25 9.25 2.52
N THR A 96 3.92 8.78 1.47
CA THR A 96 3.95 7.37 1.16
C THR A 96 4.94 6.63 2.04
N LYS A 97 5.95 7.33 2.52
CA LYS A 97 6.96 6.75 3.39
C LYS A 97 6.36 6.33 4.72
N GLU A 98 5.68 7.26 5.39
CA GLU A 98 5.05 6.99 6.67
C GLU A 98 4.15 5.76 6.59
N ALA A 99 3.49 5.60 5.44
CA ALA A 99 2.59 4.47 5.22
C ALA A 99 3.36 3.15 5.25
N LEU A 100 4.59 3.18 4.74
CA LEU A 100 5.44 1.99 4.70
C LEU A 100 5.87 1.58 6.11
N ASP A 101 6.17 2.56 6.94
CA ASP A 101 6.59 2.30 8.31
C ASP A 101 5.44 1.72 9.13
N LYS A 102 4.27 2.34 9.01
CA LYS A 102 3.09 1.89 9.75
C LYS A 102 2.77 0.43 9.43
N ILE A 103 2.69 0.12 8.14
CA ILE A 103 2.40 -1.24 7.71
C ILE A 103 3.53 -2.20 8.06
N GLU A 104 4.75 -1.65 8.15
CA GLU A 104 5.92 -2.44 8.49
C GLU A 104 5.89 -2.86 9.96
N GLU A 105 5.49 -1.93 10.82
CA GLU A 105 5.43 -2.20 12.26
C GLU A 105 4.27 -3.14 12.58
N GLU A 106 3.14 -2.90 11.95
CA GLU A 106 1.95 -3.74 12.17
C GLU A 106 2.27 -5.20 11.92
N GLN A 107 3.16 -5.46 10.97
CA GLN A 107 3.55 -6.82 10.63
C GLN A 107 4.51 -7.38 11.67
N ASN A 108 5.27 -6.51 12.32
CA ASN A 108 6.22 -6.92 13.34
C ASN A 108 5.50 -7.40 14.60
N LYS A 109 4.32 -6.87 14.84
CA LYS A 109 3.53 -7.24 16.00
C LYS A 109 3.01 -8.67 15.87
N SER A 110 2.61 -9.04 14.66
CA SER A 110 2.09 -10.38 14.39
C SER A 110 3.20 -11.42 14.50
N LYS A 111 4.43 -11.00 14.23
CA LYS A 111 5.58 -11.89 14.29
C LYS A 111 5.70 -12.51 15.68
N LYS A 112 5.38 -11.74 16.71
CA LYS A 112 5.45 -12.21 18.09
C LYS A 112 4.33 -13.22 18.37
N LYS A 113 3.22 -13.07 17.67
CA LYS A 113 2.08 -13.96 17.84
C LYS A 113 1.87 -14.83 16.60
N ALA A 114 2.96 -15.16 15.93
CA ALA A 114 2.92 -16.00 14.74
C ALA A 114 4.31 -16.39 14.28
N GLN A 115 5.16 -16.78 15.22
CA GLN A 115 6.53 -17.18 14.91
C GLN A 115 6.64 -18.69 14.81
N GLN A 116 5.55 -19.35 14.45
CA GLN A 116 5.53 -20.80 14.33
C GLN A 116 6.18 -21.24 13.03
N ALA A 117 6.16 -20.36 12.03
CA ALA A 117 6.75 -20.67 10.73
C ALA A 117 8.20 -20.18 10.67
N ALA A 118 8.47 -19.06 11.32
CA ALA A 118 9.81 -18.48 11.33
C ALA A 118 10.82 -19.46 11.92
N ALA A 119 10.33 -20.36 12.78
CA ALA A 119 11.19 -21.35 13.41
C ALA A 119 11.14 -22.68 12.66
N ASP A 120 10.87 -22.61 11.37
CA ASP A 120 10.80 -23.80 10.53
C ASP A 120 11.10 -23.46 9.07
N THR A 121 11.88 -22.42 8.85
CA THR A 121 12.24 -21.99 7.52
C THR A 121 13.50 -22.68 7.03
N GLY A 122 13.38 -23.46 5.96
CA GLY A 122 14.53 -24.17 5.42
C GLY A 122 15.03 -23.56 4.12
N ASN A 123 16.10 -22.78 4.21
CA ASN A 123 16.67 -22.12 3.04
C ASN A 123 18.18 -21.98 3.18
N ASN A 124 18.83 -21.49 2.13
CA ASN A 124 20.28 -21.30 2.13
C ASN A 124 20.63 -19.83 1.97
N SER A 125 21.60 -19.36 2.76
CA SER A 125 22.03 -17.98 2.69
C SER A 125 22.80 -17.71 1.41
N GLN A 126 22.42 -16.65 0.70
CA GLN A 126 23.07 -16.28 -0.54
C GLN A 126 22.76 -14.84 -0.92
N VAL A 127 23.41 -13.90 -0.23
CA VAL A 127 23.21 -12.47 -0.49
C VAL A 127 24.53 -11.78 -0.81
N SER A 128 24.44 -10.63 -1.48
CA SER A 128 25.61 -9.88 -1.86
C SER A 128 25.27 -8.40 -2.11
N GLN A 129 26.29 -7.56 -2.19
CA GLN A 129 26.09 -6.15 -2.43
C GLN A 129 26.78 -5.70 -3.71
N ASN A 130 26.56 -4.44 -4.10
CA ASN A 130 27.16 -3.90 -5.31
C ASN A 130 26.95 -2.39 -5.38
N TYR A 131 27.83 -1.71 -6.13
CA TYR A 131 27.74 -0.27 -6.28
C TYR A 131 26.60 0.11 -7.24
C1 MYR B . -14.64 5.71 -17.23
O1 MYR B . -15.53 6.31 -17.84
C2 MYR B . -14.96 4.30 -16.72
C3 MYR B . -15.73 3.40 -17.72
C4 MYR B . -14.85 2.25 -18.25
C5 MYR B . -15.00 2.06 -19.77
C6 MYR B . -16.32 1.36 -20.16
C7 MYR B . -16.49 1.24 -21.68
C8 MYR B . -17.98 1.19 -22.08
C9 MYR B . -18.67 -0.11 -21.61
C10 MYR B . -19.42 -0.83 -22.75
C11 MYR B . -18.53 -1.22 -23.94
C12 MYR B . -18.46 -2.74 -24.21
C13 MYR B . -18.67 -3.07 -25.70
C14 MYR B . -19.67 -4.23 -25.90
H21 MYR B . -15.57 4.41 -15.80
H22 MYR B . -14.03 3.81 -16.38
H31 MYR B . -16.08 4.02 -18.57
H32 MYR B . -16.63 3.00 -17.25
H41 MYR B . -15.12 1.31 -17.73
H42 MYR B . -13.79 2.45 -18.00
H51 MYR B . -14.14 1.48 -20.16
H52 MYR B . -14.94 3.05 -20.28
H61 MYR B . -17.17 1.92 -19.71
H62 MYR B . -16.35 0.36 -19.69
H71 MYR B . -15.97 0.33 -22.04
H72 MYR B . -16.00 2.09 -22.18
H81 MYR B . -18.07 1.27 -23.18
H82 MYR B . -18.51 2.06 -21.67
H91 MYR B . -19.37 0.14 -20.78
H92 MYR B . -17.92 -0.79 -21.16
H101 MYR B . -20.23 -0.17 -23.11
H102 MYR B . -19.94 -1.72 -22.35
H111 MYR B . -17.51 -0.81 -23.80
H112 MYR B . -18.92 -0.71 -24.85
H121 MYR B . -19.23 -3.25 -23.60
H122 MYR B . -17.49 -3.14 -23.89
H131 MYR B . -17.71 -3.32 -26.18
H132 MYR B . -19.05 -2.17 -26.25
H141 MYR B . -19.16 -5.16 -26.20
H142 MYR B . -20.21 -4.44 -24.96
H143 MYR B . -20.42 -3.99 -26.67
P1 PBU C . 4.57 9.98 -13.15
P4 PBU C . 10.01 11.95 -6.85
P5 PBU C . 9.07 6.98 -7.35
C3' PBU C . 3.96 7.55 -13.36
C2' PBU C . 2.70 7.47 -12.47
O2' PBU C . 2.53 6.13 -12.04
C1' PBU C . 1.42 7.92 -13.23
O1' PBU C . 1.54 7.55 -14.58
C1 PBU C . 6.37 9.82 -10.82
O1 PBU C . 5.84 9.42 -12.21
C2 PBU C . 7.00 11.26 -10.75
O2 PBU C . 8.05 11.46 -11.69
C3 PBU C . 7.53 11.53 -9.32
O3 PBU C . 8.09 12.86 -9.32
C4 PBU C . 8.59 10.45 -8.88
O4 PBU C . 9.04 10.74 -7.47
C5 PBU C . 7.91 9.02 -8.98
O5 PBU C . 8.90 8.01 -8.62
C6 PBU C . 7.35 8.72 -10.39
O6 PBU C . 6.64 7.48 -10.44
C7 PBU C . 3.23 5.72 -10.88
O7 PBU C . 4.14 4.93 -10.96
C8 PBU C . 2.84 6.31 -9.51
C9 PBU C . 2.90 5.21 -8.43
C10 PBU C . 2.76 5.86 -7.04
C11 PBU C . 1.66 8.51 -15.62
O11 PBU C . 1.19 9.63 -15.57
C12 PBU C . 2.40 8.03 -16.89
C13 PBU C . 1.56 7.11 -17.78
C14 PBU C . 0.94 7.89 -18.95
O41 PBU C . 11.10 11.08 -6.22
O42 PBU C . 10.45 12.75 -8.04
O43 PBU C . 9.21 12.81 -5.88
O51 PBU C . 10.51 6.54 -7.54
O52 PBU C . 8.75 7.85 -6.14
O53 PBU C . 8.05 5.90 -7.64
OP1 PBU C . 4.09 8.82 -13.97
OP2 PBU C . 3.57 10.45 -12.10
OP3 PBU C . 5.20 11.03 -14.02
H3'1 PBU C . 3.88 6.82 -14.11
H3'2 PBU C . 4.81 7.36 -12.75
H2' PBU C . 2.81 8.14 -11.65
H1'1 PBU C . 0.58 7.43 -12.84
H1'2 PBU C . 1.26 8.96 -13.11
H1 PBU C . 5.54 9.90 -10.14
H2 PBU C . 6.20 11.96 -10.98
H02 PBU C . 8.74 10.84 -11.68
H3 PBU C . 6.71 11.50 -8.60
H03 PBU C . 8.88 12.90 -9.88
H4 PBU C . 9.47 10.43 -9.51
H5 PBU C . 7.09 9.04 -8.26
H6 PBU C . 8.19 8.66 -11.07
H06 PBU C . 7.22 6.74 -10.48
H81 PBU C . 1.86 6.69 -9.56
H82 PBU C . 3.51 7.08 -9.26
H91 PBU C . 3.82 4.71 -8.50
H92 PBU C . 2.11 4.54 -8.57
H11 PBU C . 1.85 6.38 -6.98
H12 PBU C . 3.56 6.53 -6.89
H13 PBU C . 2.79 5.11 -6.30
H121 PBU C . 2.68 8.88 -17.45
H122 PBU C . 3.25 7.50 -16.58
H131 PBU C . 2.17 6.35 -18.17
H132 PBU C . 0.78 6.69 -17.21
H141 PBU C . 1.69 8.35 -19.51
H142 PBU C . 0.26 8.62 -18.61
H143 PBU C . 0.41 7.22 -19.57
N GLY A 1 -19.69 7.73 1.80
CA GLY A 1 -20.23 6.95 0.70
C GLY A 1 -19.46 7.17 -0.60
N ALA A 2 -19.24 6.10 -1.34
CA ALA A 2 -18.51 6.18 -2.60
C ALA A 2 -19.43 5.89 -3.78
N ARG A 3 -19.09 6.46 -4.94
CA ARG A 3 -19.90 6.28 -6.14
C ARG A 3 -19.04 5.72 -7.28
N ALA A 4 -18.91 4.39 -7.31
CA ALA A 4 -18.12 3.73 -8.35
C ALA A 4 -16.69 4.21 -8.34
N SER A 5 -16.18 4.53 -7.15
CA SER A 5 -14.81 5.02 -7.00
C SER A 5 -14.09 4.27 -5.89
N VAL A 6 -12.76 4.18 -6.01
CA VAL A 6 -11.95 3.49 -5.01
C VAL A 6 -11.97 4.25 -3.68
N LEU A 7 -11.92 5.57 -3.76
CA LEU A 7 -11.93 6.41 -2.56
C LEU A 7 -13.20 7.23 -2.48
N SER A 8 -13.78 7.32 -1.28
CA SER A 8 -15.00 8.08 -1.07
C SER A 8 -14.70 9.57 -0.95
N GLY A 9 -15.72 10.35 -0.58
CA GLY A 9 -15.55 11.77 -0.43
C GLY A 9 -14.54 12.13 0.64
N GLY A 10 -14.72 11.58 1.83
CA GLY A 10 -13.81 11.85 2.93
C GLY A 10 -12.41 11.36 2.65
N GLU A 11 -12.31 10.22 1.95
CA GLU A 11 -11.02 9.63 1.63
C GLU A 11 -10.32 10.43 0.53
N LEU A 12 -11.10 10.93 -0.42
CA LEU A 12 -10.57 11.71 -1.52
C LEU A 12 -9.80 12.93 -1.02
N ASP A 13 -10.41 13.66 -0.09
CA ASP A 13 -9.79 14.84 0.48
C ASP A 13 -8.40 14.52 1.04
N LYS A 14 -8.33 13.50 1.88
CA LYS A 14 -7.08 13.08 2.48
C LYS A 14 -6.10 12.58 1.41
N TRP A 15 -6.62 11.81 0.46
CA TRP A 15 -5.80 11.27 -0.62
C TRP A 15 -5.04 12.39 -1.33
N GLU A 16 -5.78 13.39 -1.79
CA GLU A 16 -5.18 14.52 -2.50
C GLU A 16 -4.14 15.21 -1.62
N LYS A 17 -4.29 15.08 -0.32
CA LYS A 17 -3.35 15.69 0.63
C LYS A 17 -2.06 14.89 0.72
N ILE A 18 -2.20 13.59 0.90
CA ILE A 18 -1.04 12.71 1.00
C ILE A 18 -0.09 12.91 -0.18
N ARG A 19 1.20 12.91 0.11
CA ARG A 19 2.22 13.09 -0.93
C ARG A 19 2.92 11.77 -1.25
N LEU A 20 3.34 11.62 -2.50
CA LEU A 20 4.01 10.41 -2.95
C LEU A 20 5.29 10.18 -2.14
N ARG A 21 5.99 11.27 -1.84
CA ARG A 21 7.22 11.18 -1.07
C ARG A 21 7.22 12.17 0.10
N PRO A 22 8.07 11.91 1.10
CA PRO A 22 8.17 12.77 2.29
C PRO A 22 8.80 14.12 1.98
N GLY A 23 9.80 14.12 1.11
CA GLY A 23 10.47 15.35 0.73
C GLY A 23 10.23 15.73 -0.71
N GLY A 24 9.00 15.55 -1.17
CA GLY A 24 8.65 15.88 -2.54
C GLY A 24 7.71 17.07 -2.64
N LYS A 25 7.25 17.35 -3.85
CA LYS A 25 6.32 18.46 -4.08
C LYS A 25 5.20 18.06 -5.02
N LYS A 26 4.90 16.76 -5.06
CA LYS A 26 3.84 16.24 -5.91
C LYS A 26 2.84 15.41 -5.11
N GLN A 27 1.77 16.05 -4.67
CA GLN A 27 0.74 15.37 -3.89
C GLN A 27 0.13 14.22 -4.68
N TYR A 28 -0.76 13.47 -4.03
CA TYR A 28 -1.41 12.35 -4.67
C TYR A 28 -2.62 12.80 -5.50
N LYS A 29 -2.90 12.07 -6.57
CA LYS A 29 -4.02 12.40 -7.43
C LYS A 29 -4.64 11.14 -8.02
N LEU A 30 -5.84 11.27 -8.58
CA LEU A 30 -6.54 10.14 -9.18
C LEU A 30 -5.65 9.41 -10.18
N LYS A 31 -4.75 10.16 -10.81
CA LYS A 31 -3.83 9.60 -11.79
C LYS A 31 -3.11 8.37 -11.22
N HIS A 32 -2.77 8.44 -9.93
CA HIS A 32 -2.08 7.36 -9.26
C HIS A 32 -3.05 6.22 -8.93
N ILE A 33 -4.30 6.51 -8.59
CA ILE A 33 -5.26 5.47 -8.26
C ILE A 33 -5.60 4.63 -9.48
N VAL A 34 -5.68 5.29 -10.64
CA VAL A 34 -5.99 4.61 -11.89
C VAL A 34 -4.76 3.92 -12.47
N TRP A 35 -3.61 4.57 -12.34
CA TRP A 35 -2.37 4.03 -12.85
C TRP A 35 -2.09 2.65 -12.27
N ALA A 36 -2.49 2.45 -11.01
CA ALA A 36 -2.29 1.17 -10.35
C ALA A 36 -3.36 0.16 -10.76
N SER A 37 -4.61 0.63 -10.81
CA SER A 37 -5.72 -0.24 -11.18
C SER A 37 -5.46 -0.93 -12.51
N ARG A 38 -4.84 -0.20 -13.43
CA ARG A 38 -4.52 -0.74 -14.75
C ARG A 38 -3.43 -1.80 -14.66
N GLU A 39 -2.41 -1.51 -13.86
CA GLU A 39 -1.29 -2.44 -13.68
C GLU A 39 -1.75 -3.68 -12.93
N LEU A 40 -2.77 -3.53 -12.11
CA LEU A 40 -3.30 -4.64 -11.32
C LEU A 40 -3.95 -5.69 -12.21
N GLU A 41 -4.92 -5.26 -13.02
CA GLU A 41 -5.62 -6.16 -13.93
C GLU A 41 -4.63 -6.91 -14.81
N ARG A 42 -3.48 -6.28 -15.06
CA ARG A 42 -2.45 -6.89 -15.90
C ARG A 42 -1.87 -8.13 -15.23
N PHE A 43 -1.84 -8.12 -13.90
CA PHE A 43 -1.31 -9.25 -13.15
C PHE A 43 -2.43 -10.19 -12.71
N ALA A 44 -3.50 -10.23 -13.49
CA ALA A 44 -4.64 -11.08 -13.19
C ALA A 44 -5.30 -10.68 -11.88
N VAL A 45 -5.12 -9.42 -11.50
CA VAL A 45 -5.70 -8.90 -10.27
C VAL A 45 -6.67 -7.76 -10.55
N ASN A 46 -7.94 -7.98 -10.26
CA ASN A 46 -8.97 -6.98 -10.48
C ASN A 46 -8.68 -5.71 -9.69
N PRO A 47 -8.99 -4.56 -10.28
CA PRO A 47 -8.78 -3.25 -9.65
C PRO A 47 -9.71 -3.01 -8.47
N GLY A 48 -10.78 -3.80 -8.40
CA GLY A 48 -11.74 -3.66 -7.32
C GLY A 48 -11.14 -3.95 -5.97
N LEU A 49 -10.09 -4.78 -5.94
CA LEU A 49 -9.42 -5.13 -4.70
C LEU A 49 -8.94 -3.88 -3.97
N LEU A 50 -8.70 -2.81 -4.72
CA LEU A 50 -8.22 -1.56 -4.15
C LEU A 50 -9.38 -0.79 -3.51
N GLU A 51 -10.59 -1.02 -4.02
CA GLU A 51 -11.77 -0.35 -3.49
C GLU A 51 -12.20 -0.96 -2.16
N THR A 52 -11.53 -2.04 -1.77
CA THR A 52 -11.85 -2.72 -0.51
C THR A 52 -10.59 -2.88 0.34
N SER A 53 -10.69 -2.47 1.60
CA SER A 53 -9.56 -2.57 2.53
C SER A 53 -9.04 -4.01 2.60
N GLU A 54 -9.92 -4.97 2.32
CA GLU A 54 -9.55 -6.37 2.35
C GLU A 54 -8.76 -6.75 1.10
N GLY A 55 -9.21 -6.26 -0.04
CA GLY A 55 -8.52 -6.56 -1.30
C GLY A 55 -7.10 -6.05 -1.32
N CYS A 56 -6.90 -4.84 -0.84
CA CYS A 56 -5.57 -4.23 -0.81
C CYS A 56 -4.58 -5.14 -0.08
N ARG A 57 -4.96 -5.60 1.10
CA ARG A 57 -4.10 -6.47 1.90
C ARG A 57 -3.65 -7.68 1.08
N GLN A 58 -4.59 -8.26 0.34
CA GLN A 58 -4.28 -9.42 -0.49
C GLN A 58 -3.25 -9.08 -1.56
N ILE A 59 -3.28 -7.83 -2.02
CA ILE A 59 -2.35 -7.38 -3.04
C ILE A 59 -0.96 -7.12 -2.46
N LEU A 60 -0.93 -6.40 -1.35
CA LEU A 60 0.34 -6.08 -0.68
C LEU A 60 1.03 -7.36 -0.21
N GLY A 61 0.24 -8.40 0.03
CA GLY A 61 0.81 -9.67 0.48
C GLY A 61 1.68 -10.31 -0.57
N GLN A 62 1.42 -10.00 -1.84
CA GLN A 62 2.19 -10.57 -2.94
C GLN A 62 3.38 -9.68 -3.28
N LEU A 63 3.18 -8.37 -3.25
CA LEU A 63 4.24 -7.42 -3.55
C LEU A 63 5.23 -7.32 -2.40
N GLN A 64 4.76 -7.63 -1.19
CA GLN A 64 5.61 -7.58 -0.01
C GLN A 64 6.88 -8.39 -0.22
N PRO A 65 6.73 -9.69 -0.44
CA PRO A 65 7.86 -10.60 -0.67
C PRO A 65 8.55 -10.35 -2.01
N SER A 66 7.85 -9.67 -2.91
CA SER A 66 8.39 -9.36 -4.23
C SER A 66 8.92 -7.93 -4.28
N LEU A 67 9.31 -7.41 -3.12
CA LEU A 67 9.83 -6.05 -3.04
C LEU A 67 11.30 -6.00 -3.44
N GLN A 68 12.02 -7.08 -3.19
CA GLN A 68 13.44 -7.17 -3.52
C GLN A 68 13.62 -7.49 -5.00
N THR A 69 12.81 -8.43 -5.51
CA THR A 69 12.89 -8.83 -6.90
C THR A 69 11.85 -8.10 -7.75
N GLY A 70 11.43 -6.92 -7.28
CA GLY A 70 10.45 -6.14 -8.00
C GLY A 70 11.05 -4.94 -8.70
N SER A 71 10.52 -4.62 -9.88
CA SER A 71 11.02 -3.49 -10.65
C SER A 71 10.24 -2.23 -10.32
N GLU A 72 10.50 -1.16 -11.08
CA GLU A 72 9.82 0.11 -10.87
C GLU A 72 8.31 -0.06 -10.91
N GLU A 73 7.86 -1.09 -11.63
CA GLU A 73 6.43 -1.36 -11.76
C GLU A 73 5.85 -1.84 -10.44
N LEU A 74 6.47 -2.86 -9.86
CA LEU A 74 6.01 -3.41 -8.60
C LEU A 74 6.19 -2.41 -7.46
N ARG A 75 7.34 -1.75 -7.43
CA ARG A 75 7.63 -0.75 -6.40
C ARG A 75 6.55 0.32 -6.37
N SER A 76 6.29 0.94 -7.52
CA SER A 76 5.28 1.99 -7.60
C SER A 76 3.95 1.51 -7.04
N LEU A 77 3.59 0.27 -7.34
CA LEU A 77 2.34 -0.31 -6.87
C LEU A 77 2.28 -0.29 -5.35
N TYR A 78 3.27 -0.91 -4.72
CA TYR A 78 3.32 -0.96 -3.25
C TYR A 78 3.19 0.44 -2.66
N ASN A 79 3.65 1.44 -3.39
CA ASN A 79 3.58 2.82 -2.94
C ASN A 79 2.14 3.31 -2.89
N THR A 80 1.43 3.17 -4.01
CA THR A 80 0.05 3.60 -4.10
C THR A 80 -0.85 2.74 -3.21
N ILE A 81 -0.77 1.43 -3.39
CA ILE A 81 -1.57 0.50 -2.59
C ILE A 81 -1.40 0.76 -1.10
N ALA A 82 -0.23 1.27 -0.73
CA ALA A 82 0.06 1.57 0.67
C ALA A 82 -0.75 2.76 1.16
N VAL A 83 -0.53 3.92 0.55
CA VAL A 83 -1.24 5.13 0.92
C VAL A 83 -2.74 4.92 0.88
N LEU A 84 -3.19 4.15 -0.10
CA LEU A 84 -4.62 3.87 -0.26
C LEU A 84 -5.12 2.98 0.87
N TYR A 85 -4.45 1.84 1.05
CA TYR A 85 -4.83 0.90 2.10
C TYR A 85 -4.94 1.60 3.45
N CYS A 86 -3.93 2.38 3.79
CA CYS A 86 -3.91 3.10 5.06
C CYS A 86 -5.19 3.91 5.24
N VAL A 87 -5.70 4.46 4.14
CA VAL A 87 -6.91 5.26 4.17
C VAL A 87 -8.13 4.40 4.52
N HIS A 88 -8.26 3.28 3.82
CA HIS A 88 -9.38 2.36 4.06
C HIS A 88 -9.35 1.84 5.50
N GLN A 89 -8.19 1.56 6.08
CA GLN A 89 -8.12 1.05 7.44
C GLN A 89 -8.41 2.16 8.45
N ARG A 90 -7.46 3.09 8.59
CA ARG A 90 -7.63 4.20 9.52
C ARG A 90 -6.40 5.13 9.46
N ILE A 91 -5.23 4.55 9.25
CA ILE A 91 -4.00 5.32 9.18
C ILE A 91 -4.12 6.46 8.19
N ASP A 92 -3.80 7.66 8.63
CA ASP A 92 -3.87 8.84 7.78
C ASP A 92 -2.50 9.50 7.63
N VAL A 93 -1.52 8.71 7.20
CA VAL A 93 -0.16 9.21 7.01
C VAL A 93 -0.15 10.47 6.14
N LYS A 94 0.99 11.13 6.10
CA LYS A 94 1.15 12.35 5.30
C LYS A 94 1.81 12.04 3.97
N ASP A 95 2.65 11.01 3.95
CA ASP A 95 3.35 10.61 2.73
C ASP A 95 3.28 9.10 2.54
N THR A 96 3.92 8.62 1.48
CA THR A 96 3.93 7.19 1.17
C THR A 96 4.91 6.45 2.07
N LYS A 97 5.97 7.14 2.49
CA LYS A 97 6.98 6.55 3.36
C LYS A 97 6.38 6.13 4.69
N GLU A 98 5.66 7.05 5.33
CA GLU A 98 5.03 6.78 6.62
C GLU A 98 4.16 5.53 6.55
N ALA A 99 3.36 5.44 5.49
CA ALA A 99 2.47 4.30 5.29
C ALA A 99 3.28 3.00 5.19
N LEU A 100 4.48 3.10 4.64
CA LEU A 100 5.34 1.94 4.48
C LEU A 100 5.85 1.44 5.83
N ASP A 101 6.46 2.35 6.59
CA ASP A 101 6.99 2.01 7.91
C ASP A 101 5.89 1.41 8.80
N LYS A 102 4.70 1.98 8.72
CA LYS A 102 3.58 1.51 9.51
C LYS A 102 3.26 0.06 9.20
N ILE A 103 3.11 -0.25 7.92
CA ILE A 103 2.80 -1.61 7.48
C ILE A 103 3.97 -2.54 7.76
N GLU A 104 5.17 -1.98 7.80
CA GLU A 104 6.37 -2.78 8.06
C GLU A 104 6.46 -3.17 9.53
N GLU A 105 6.33 -2.19 10.41
CA GLU A 105 6.40 -2.43 11.84
C GLU A 105 5.23 -3.31 12.30
N GLU A 106 4.12 -3.21 11.59
CA GLU A 106 2.94 -4.01 11.92
C GLU A 106 3.13 -5.47 11.52
N GLN A 107 3.96 -5.70 10.52
CA GLN A 107 4.23 -7.05 10.05
C GLN A 107 5.33 -7.71 10.89
N ASN A 108 6.18 -6.89 11.47
CA ASN A 108 7.28 -7.39 12.31
C ASN A 108 6.75 -8.30 13.42
N LYS A 109 5.54 -8.00 13.89
CA LYS A 109 4.92 -8.78 14.94
C LYS A 109 4.64 -10.20 14.47
N SER A 110 4.05 -10.33 13.29
CA SER A 110 3.73 -11.64 12.73
C SER A 110 5.00 -12.40 12.37
N LYS A 111 6.00 -11.67 11.87
CA LYS A 111 7.26 -12.27 11.48
C LYS A 111 7.95 -12.92 12.67
N LYS A 112 7.98 -12.21 13.79
CA LYS A 112 8.60 -12.72 15.01
C LYS A 112 7.99 -14.06 15.41
N LYS A 113 6.74 -14.28 15.03
CA LYS A 113 6.05 -15.52 15.34
C LYS A 113 5.89 -16.39 14.10
N ALA A 114 6.84 -16.26 13.17
CA ALA A 114 6.81 -17.03 11.94
C ALA A 114 8.18 -17.04 11.26
N GLN A 115 9.23 -16.93 12.07
CA GLN A 115 10.60 -16.93 11.55
C GLN A 115 11.56 -17.54 12.56
N GLN A 116 11.12 -18.61 13.23
CA GLN A 116 11.95 -19.29 14.22
C GLN A 116 12.52 -20.58 13.66
N ALA A 117 12.69 -20.63 12.34
CA ALA A 117 13.23 -21.81 11.68
C ALA A 117 14.02 -21.43 10.43
N ALA A 118 14.61 -20.24 10.45
CA ALA A 118 15.40 -19.76 9.32
C ALA A 118 16.28 -18.59 9.72
N ALA A 119 16.65 -18.55 10.99
CA ALA A 119 17.50 -17.48 11.51
C ALA A 119 18.84 -18.03 12.01
N ASP A 120 18.79 -19.23 12.60
CA ASP A 120 20.00 -19.86 13.11
C ASP A 120 20.96 -20.21 11.99
N THR A 121 20.41 -20.43 10.80
CA THR A 121 21.22 -20.78 9.63
C THR A 121 22.01 -19.56 9.14
N GLY A 122 21.43 -18.38 9.29
CA GLY A 122 22.09 -17.17 8.84
C GLY A 122 21.22 -15.94 9.02
N ASN A 123 21.86 -14.77 9.12
CA ASN A 123 21.14 -13.52 9.30
C ASN A 123 22.02 -12.33 8.94
N ASN A 124 21.42 -11.30 8.35
CA ASN A 124 22.15 -10.10 7.96
C ASN A 124 22.13 -9.07 9.08
N SER A 125 23.25 -8.36 9.24
CA SER A 125 23.38 -7.35 10.28
C SER A 125 23.29 -5.94 9.68
N GLN A 126 22.52 -5.08 10.32
CA GLN A 126 22.36 -3.71 9.86
C GLN A 126 21.74 -2.83 10.94
N VAL A 127 21.83 -1.52 10.76
CA VAL A 127 21.28 -0.58 11.72
C VAL A 127 20.21 0.29 11.08
N SER A 128 19.40 -0.32 10.21
CA SER A 128 18.32 0.40 9.53
C SER A 128 18.89 1.56 8.71
N GLN A 129 19.09 1.32 7.42
CA GLN A 129 19.63 2.35 6.53
C GLN A 129 18.59 2.73 5.46
N ASN A 130 17.39 3.05 5.91
CA ASN A 130 16.31 3.45 5.00
C ASN A 130 15.96 4.92 5.17
N TYR A 131 15.85 5.36 6.43
CA TYR A 131 15.51 6.75 6.72
C TYR A 131 16.66 7.68 6.32
C1 MYR B . -20.51 8.36 2.64
O1 MYR B . -21.74 8.30 2.54
C2 MYR B . -19.90 9.18 3.78
C3 MYR B . -20.85 9.42 4.98
C4 MYR B . -20.15 9.16 6.33
C5 MYR B . -21.15 8.81 7.44
C6 MYR B . -21.95 10.04 7.92
C7 MYR B . -22.05 10.10 9.46
C8 MYR B . -22.24 11.54 9.98
C9 MYR B . -20.94 12.14 10.52
C10 MYR B . -21.12 12.72 11.95
C11 MYR B . -21.40 11.67 13.03
C12 MYR B . -21.24 12.20 14.48
C13 MYR B . -22.57 12.73 15.06
C14 MYR B . -22.91 12.06 16.39
H21 MYR B . -19.61 10.16 3.34
H22 MYR B . -18.96 8.71 4.11
H31 MYR B . -21.74 8.77 4.89
H32 MYR B . -21.24 10.46 4.95
H41 MYR B . -19.58 10.06 6.62
H42 MYR B . -19.41 8.35 6.22
H51 MYR B . -20.62 8.35 8.30
H52 MYR B . -21.85 8.03 7.08
H61 MYR B . -22.97 10.03 7.49
H62 MYR B . -21.47 10.97 7.55
H71 MYR B . -21.14 9.66 9.92
H72 MYR B . -22.89 9.47 9.81
H81 MYR B . -23.03 11.54 10.77
H82 MYR B . -22.64 12.18 9.16
H91 MYR B . -20.57 12.92 9.84
H92 MYR B . -20.15 11.36 10.54
H101 MYR B . -21.96 13.44 11.93
H102 MYR B . -20.23 13.33 12.22
H111 MYR B . -20.76 10.78 12.88
H112 MYR B . -22.43 11.31 12.90
H121 MYR B . -20.47 13.00 14.50
H122 MYR B . -20.84 11.39 15.13
H131 MYR B . -23.38 12.56 14.34
H132 MYR B . -22.50 13.83 15.20
H141 MYR B . -22.60 10.99 16.42
H142 MYR B . -22.40 12.56 17.24
H143 MYR B . -24.00 12.09 16.61
P1 PBU C . 4.66 9.83 -13.19
P4 PBU C . 10.31 10.74 -6.59
P5 PBU C . 8.98 6.60 -7.29
C3' PBU C . 3.99 7.41 -13.39
C2' PBU C . 2.73 7.37 -12.49
O2' PBU C . 2.54 6.03 -12.05
C1' PBU C . 1.46 7.83 -13.25
O1' PBU C . 1.57 7.46 -14.61
C1 PBU C . 6.38 9.55 -10.84
O1 PBU C . 5.93 9.24 -12.27
C2 PBU C . 7.04 10.96 -10.63
O2 PBU C . 8.14 11.20 -11.51
C3 PBU C . 7.51 11.15 -9.18
O3 PBU C . 8.10 12.45 -9.06
C4 PBU C . 8.51 10.00 -8.74
O4 PBU C . 8.89 10.19 -7.29
C5 PBU C . 7.81 8.61 -8.96
O5 PBU C . 8.76 7.54 -8.62
C6 PBU C . 7.32 8.40 -10.41
O6 PBU C . 6.58 7.18 -10.58
C7 PBU C . 3.25 5.62 -10.89
O7 PBU C . 4.14 4.81 -10.97
C8 PBU C . 2.87 6.23 -9.53
C9 PBU C . 2.92 5.15 -8.43
C10 PBU C . 2.78 5.80 -7.05
C11 PBU C . 0.62 7.89 -15.57
O11 PBU C . -0.56 8.07 -15.35
C12 PBU C . 1.18 8.07 -17.02
C13 PBU C . 0.18 7.67 -18.11
C14 PBU C . 0.13 6.15 -18.29
O41 PBU C . 9.72 11.88 -5.76
O42 PBU C . 10.85 9.58 -5.80
O43 PBU C . 11.29 11.17 -7.68
O51 PBU C . 10.47 6.37 -7.36
O52 PBU C . 8.44 7.45 -6.16
O53 PBU C . 8.14 5.37 -7.60
OP1 PBU C . 4.14 8.68 -14.01
OP2 PBU C . 3.67 10.33 -12.14
OP3 PBU C . 5.30 10.86 -14.08
H3'1 PBU C . 3.90 6.68 -14.15
H3'2 PBU C . 4.83 7.20 -12.79
H2' PBU C . 2.86 8.03 -11.69
H1'1 PBU C . 0.61 7.34 -12.86
H1'2 PBU C . 1.31 8.86 -13.12
H1 PBU C . 5.52 9.60 -10.19
H2 PBU C . 6.27 11.70 -10.86
H02 PBU C . 8.82 10.56 -11.51
H3 PBU C . 6.65 11.08 -8.50
H03 PBU C . 8.91 12.49 -9.58
H4 PBU C . 9.42 10.00 -9.33
H5 PBU C . 6.95 8.60 -8.28
H6 PBU C . 8.19 8.35 -11.06
H06 PBU C . 7.14 6.43 -10.64
H81 PBU C . 1.91 6.63 -9.57
H82 PBU C . 3.56 6.98 -9.28
H91 PBU C . 3.84 4.63 -8.49
H92 PBU C . 2.13 4.47 -8.57
H11 PBU C . 1.87 6.32 -7.00
H12 PBU C . 3.57 6.46 -6.89
H13 PBU C . 2.79 5.06 -6.31
H121 PBU C . 1.45 9.08 -17.14
H122 PBU C . 2.04 7.46 -17.10
H131 PBU C . -0.77 8.01 -17.83
H132 PBU C . 0.47 8.13 -19.01
H141 PBU C . -0.11 5.69 -17.38
H142 PBU C . 1.05 5.78 -18.64
H143 PBU C . -0.61 5.91 -19.01
N GLY A 1 -22.43 6.93 5.88
CA GLY A 1 -21.77 8.07 5.27
C GLY A 1 -21.84 8.04 3.76
N ALA A 2 -20.89 8.72 3.10
CA ALA A 2 -20.85 8.77 1.65
C ALA A 2 -20.44 7.42 1.07
N ARG A 3 -20.49 7.31 -0.26
CA ARG A 3 -20.13 6.08 -0.94
C ARG A 3 -19.94 6.32 -2.43
N ALA A 4 -18.77 6.83 -2.80
CA ALA A 4 -18.47 7.10 -4.20
C ALA A 4 -18.06 5.83 -4.93
N SER A 5 -16.92 5.26 -4.54
CA SER A 5 -16.42 4.05 -5.17
C SER A 5 -15.12 3.59 -4.51
N VAL A 6 -14.04 4.30 -4.80
CA VAL A 6 -12.73 3.97 -4.23
C VAL A 6 -12.47 4.75 -2.96
N LEU A 7 -12.62 6.08 -3.05
CA LEU A 7 -12.40 6.95 -1.90
C LEU A 7 -13.62 7.82 -1.64
N SER A 8 -13.99 7.96 -0.37
CA SER A 8 -15.14 8.77 0.01
C SER A 8 -14.75 10.22 0.19
N GLY A 9 -15.67 11.03 0.70
CA GLY A 9 -15.40 12.44 0.90
C GLY A 9 -14.15 12.67 1.74
N GLY A 10 -14.06 12.00 2.88
CA GLY A 10 -12.91 12.15 3.75
C GLY A 10 -11.64 11.61 3.13
N GLU A 11 -11.71 10.39 2.59
CA GLU A 11 -10.56 9.76 1.97
C GLU A 11 -10.06 10.59 0.79
N LEU A 12 -10.97 11.29 0.12
CA LEU A 12 -10.61 12.12 -1.01
C LEU A 12 -9.66 13.23 -0.60
N ASP A 13 -10.03 13.95 0.45
CA ASP A 13 -9.20 15.04 0.96
C ASP A 13 -7.80 14.55 1.31
N LYS A 14 -7.73 13.56 2.18
CA LYS A 14 -6.45 12.99 2.60
C LYS A 14 -5.67 12.47 1.39
N TRP A 15 -6.39 11.87 0.45
CA TRP A 15 -5.75 11.33 -0.75
C TRP A 15 -5.02 12.43 -1.53
N GLU A 16 -5.71 13.53 -1.76
CA GLU A 16 -5.13 14.66 -2.49
C GLU A 16 -4.04 15.33 -1.67
N LYS A 17 -3.97 14.99 -0.39
CA LYS A 17 -2.98 15.57 0.51
C LYS A 17 -1.72 14.71 0.55
N ILE A 18 -1.90 13.40 0.64
CA ILE A 18 -0.78 12.47 0.68
C ILE A 18 0.19 12.72 -0.47
N ARG A 19 1.46 12.90 -0.15
CA ARG A 19 2.48 13.16 -1.15
C ARG A 19 3.21 11.87 -1.52
N LEU A 20 3.51 11.72 -2.81
CA LEU A 20 4.20 10.53 -3.29
C LEU A 20 5.52 10.33 -2.56
N ARG A 21 6.09 11.42 -2.06
CA ARG A 21 7.35 11.38 -1.33
C ARG A 21 7.24 12.08 0.02
N PRO A 22 8.15 11.75 0.94
CA PRO A 22 8.18 12.34 2.28
C PRO A 22 8.57 13.81 2.25
N GLY A 23 9.64 14.11 1.52
CA GLY A 23 10.11 15.49 1.43
C GLY A 23 9.74 16.14 0.11
N GLY A 24 8.73 15.59 -0.56
CA GLY A 24 8.31 16.14 -1.84
C GLY A 24 7.10 17.06 -1.69
N LYS A 25 6.61 17.55 -2.83
CA LYS A 25 5.46 18.45 -2.83
C LYS A 25 4.28 17.81 -3.57
N LYS A 26 4.60 16.91 -4.50
CA LYS A 26 3.57 16.23 -5.28
C LYS A 26 2.52 15.62 -4.37
N GLN A 27 1.34 15.35 -4.94
CA GLN A 27 0.25 14.76 -4.17
C GLN A 27 -0.35 13.57 -4.91
N TYR A 28 -1.29 12.88 -4.27
CA TYR A 28 -1.93 11.72 -4.86
C TYR A 28 -3.29 12.09 -5.45
N LYS A 29 -3.41 11.98 -6.77
CA LYS A 29 -4.66 12.31 -7.45
C LYS A 29 -5.30 11.05 -8.05
N LEU A 30 -6.35 11.24 -8.84
CA LEU A 30 -7.05 10.12 -9.46
C LEU A 30 -6.15 9.43 -10.48
N LYS A 31 -5.29 10.20 -11.13
CA LYS A 31 -4.38 9.66 -12.13
C LYS A 31 -3.60 8.47 -11.57
N HIS A 32 -3.21 8.57 -10.30
CA HIS A 32 -2.46 7.51 -9.64
C HIS A 32 -3.36 6.32 -9.34
N ILE A 33 -4.63 6.54 -8.96
CA ILE A 33 -5.52 5.43 -8.65
C ILE A 33 -5.78 4.56 -9.89
N VAL A 34 -5.88 5.21 -11.04
CA VAL A 34 -6.12 4.51 -12.29
C VAL A 34 -4.83 3.86 -12.82
N TRP A 35 -3.72 4.57 -12.65
CA TRP A 35 -2.43 4.07 -13.10
C TRP A 35 -2.13 2.71 -12.49
N ALA A 36 -2.52 2.53 -11.23
CA ALA A 36 -2.29 1.27 -10.53
C ALA A 36 -3.35 0.23 -10.89
N SER A 37 -4.55 0.71 -11.23
CA SER A 37 -5.64 -0.18 -11.59
C SER A 37 -5.33 -0.93 -12.89
N ARG A 38 -4.74 -0.22 -13.85
CA ARG A 38 -4.39 -0.82 -15.13
C ARG A 38 -3.27 -1.84 -14.96
N GLU A 39 -2.37 -1.58 -14.02
CA GLU A 39 -1.25 -2.47 -13.76
C GLU A 39 -1.70 -3.68 -12.93
N LEU A 40 -2.75 -3.49 -12.15
CA LEU A 40 -3.27 -4.56 -11.31
C LEU A 40 -3.88 -5.67 -12.15
N GLU A 41 -4.78 -5.29 -13.07
CA GLU A 41 -5.42 -6.27 -13.94
C GLU A 41 -4.39 -7.09 -14.70
N ARG A 42 -3.21 -6.52 -14.90
CA ARG A 42 -2.14 -7.19 -15.62
C ARG A 42 -1.57 -8.34 -14.78
N PHE A 43 -1.65 -8.20 -13.46
CA PHE A 43 -1.15 -9.22 -12.55
C PHE A 43 -2.27 -10.17 -12.12
N ALA A 44 -3.29 -10.30 -12.96
CA ALA A 44 -4.42 -11.18 -12.66
C ALA A 44 -5.19 -10.68 -11.45
N VAL A 45 -5.04 -9.39 -11.14
CA VAL A 45 -5.71 -8.79 -10.00
C VAL A 45 -6.65 -7.68 -10.45
N ASN A 46 -7.95 -7.89 -10.24
CA ASN A 46 -8.96 -6.91 -10.62
C ASN A 46 -8.76 -5.59 -9.86
N PRO A 47 -9.02 -4.47 -10.53
CA PRO A 47 -8.89 -3.14 -9.93
C PRO A 47 -9.94 -2.87 -8.85
N GLY A 48 -10.95 -3.73 -8.80
CA GLY A 48 -12.00 -3.57 -7.82
C GLY A 48 -11.51 -3.77 -6.39
N LEU A 49 -10.33 -4.36 -6.27
CA LEU A 49 -9.75 -4.62 -4.95
C LEU A 49 -9.20 -3.33 -4.34
N LEU A 50 -8.86 -2.37 -5.20
CA LEU A 50 -8.33 -1.09 -4.75
C LEU A 50 -9.35 -0.35 -3.89
N GLU A 51 -10.62 -0.65 -4.10
CA GLU A 51 -11.70 -0.02 -3.33
C GLU A 51 -12.17 -0.93 -2.20
N THR A 52 -11.29 -1.82 -1.75
CA THR A 52 -11.62 -2.74 -0.68
C THR A 52 -10.50 -2.81 0.35
N SER A 53 -10.82 -2.52 1.60
CA SER A 53 -9.84 -2.56 2.68
C SER A 53 -9.19 -3.94 2.78
N GLU A 54 -9.90 -4.95 2.29
CA GLU A 54 -9.39 -6.32 2.33
C GLU A 54 -8.48 -6.59 1.13
N GLY A 55 -8.92 -6.19 -0.05
CA GLY A 55 -8.13 -6.40 -1.25
C GLY A 55 -6.81 -5.67 -1.21
N CYS A 56 -6.85 -4.39 -0.86
CA CYS A 56 -5.64 -3.57 -0.79
C CYS A 56 -4.58 -4.25 0.07
N ARG A 57 -5.02 -4.95 1.11
CA ARG A 57 -4.11 -5.64 2.01
C ARG A 57 -3.45 -6.83 1.31
N GLN A 58 -4.26 -7.62 0.61
CA GLN A 58 -3.75 -8.79 -0.11
C GLN A 58 -2.75 -8.37 -1.18
N ILE A 59 -3.11 -7.36 -1.97
CA ILE A 59 -2.24 -6.87 -3.03
C ILE A 59 -0.87 -6.51 -2.50
N LEU A 60 -0.84 -5.94 -1.29
CA LEU A 60 0.42 -5.55 -0.66
C LEU A 60 1.15 -6.77 -0.10
N GLY A 61 0.39 -7.80 0.22
CA GLY A 61 0.98 -9.02 0.77
C GLY A 61 1.81 -9.77 -0.25
N GLN A 62 1.41 -9.67 -1.52
CA GLN A 62 2.12 -10.34 -2.60
C GLN A 62 3.33 -9.53 -3.05
N LEU A 63 3.20 -8.21 -3.02
CA LEU A 63 4.28 -7.32 -3.42
C LEU A 63 5.29 -7.15 -2.29
N GLN A 64 4.83 -7.32 -1.06
CA GLN A 64 5.70 -7.20 0.11
C GLN A 64 6.96 -8.05 -0.05
N PRO A 65 6.76 -9.37 -0.16
CA PRO A 65 7.87 -10.32 -0.31
C PRO A 65 8.53 -10.21 -1.67
N SER A 66 7.86 -9.57 -2.61
CA SER A 66 8.38 -9.40 -3.96
C SER A 66 8.90 -7.97 -4.17
N LEU A 67 9.30 -7.33 -3.08
CA LEU A 67 9.81 -5.97 -3.14
C LEU A 67 11.26 -5.94 -3.59
N GLN A 68 12.03 -6.94 -3.14
CA GLN A 68 13.44 -7.03 -3.50
C GLN A 68 13.60 -7.64 -4.89
N THR A 69 12.77 -8.62 -5.19
CA THR A 69 12.83 -9.30 -6.50
C THR A 69 11.73 -8.78 -7.43
N GLY A 70 11.39 -7.50 -7.28
CA GLY A 70 10.37 -6.91 -8.12
C GLY A 70 10.92 -5.89 -9.09
N SER A 71 10.08 -5.42 -10.00
CA SER A 71 10.50 -4.43 -10.99
C SER A 71 10.07 -3.03 -10.58
N GLU A 72 10.46 -2.05 -11.37
CA GLU A 72 10.12 -0.65 -11.09
C GLU A 72 8.61 -0.49 -10.95
N GLU A 73 7.86 -1.17 -11.81
CA GLU A 73 6.40 -1.09 -11.78
C GLU A 73 5.86 -1.70 -10.49
N LEU A 74 6.54 -2.71 -9.98
CA LEU A 74 6.12 -3.38 -8.76
C LEU A 74 6.27 -2.46 -7.56
N ARG A 75 7.41 -1.78 -7.46
CA ARG A 75 7.67 -0.86 -6.37
C ARG A 75 6.62 0.24 -6.32
N SER A 76 6.41 0.90 -7.45
CA SER A 76 5.43 1.98 -7.54
C SER A 76 4.08 1.53 -7.02
N LEU A 77 3.67 0.33 -7.41
CA LEU A 77 2.39 -0.22 -6.98
C LEU A 77 2.30 -0.30 -5.47
N TYR A 78 3.26 -1.00 -4.86
CA TYR A 78 3.30 -1.14 -3.41
C TYR A 78 3.25 0.21 -2.72
N ASN A 79 3.76 1.23 -3.41
CA ASN A 79 3.78 2.59 -2.87
C ASN A 79 2.38 3.18 -2.83
N THR A 80 1.73 3.24 -3.99
CA THR A 80 0.38 3.77 -4.10
C THR A 80 -0.61 2.95 -3.28
N ILE A 81 -0.61 1.64 -3.52
CA ILE A 81 -1.50 0.73 -2.80
C ILE A 81 -1.33 0.87 -1.29
N ALA A 82 -0.15 1.31 -0.87
CA ALA A 82 0.15 1.49 0.55
C ALA A 82 -0.57 2.72 1.10
N VAL A 83 -0.80 3.70 0.24
CA VAL A 83 -1.47 4.94 0.65
C VAL A 83 -2.99 4.76 0.64
N LEU A 84 -3.49 4.01 -0.32
CA LEU A 84 -4.92 3.77 -0.44
C LEU A 84 -5.39 2.78 0.63
N TYR A 85 -4.51 1.85 1.00
CA TYR A 85 -4.84 0.86 2.02
C TYR A 85 -4.99 1.51 3.39
N CYS A 86 -3.98 2.25 3.80
CA CYS A 86 -4.00 2.92 5.10
C CYS A 86 -5.26 3.75 5.25
N VAL A 87 -5.79 4.25 4.14
CA VAL A 87 -7.00 5.06 4.16
C VAL A 87 -8.23 4.19 4.41
N HIS A 88 -8.24 3.00 3.84
CA HIS A 88 -9.36 2.07 4.01
C HIS A 88 -9.31 1.41 5.39
N GLN A 89 -8.19 1.42 6.09
CA GLN A 89 -8.10 0.81 7.41
C GLN A 89 -8.34 1.84 8.51
N ARG A 90 -7.37 2.74 8.69
CA ARG A 90 -7.47 3.77 9.71
C ARG A 90 -6.23 4.67 9.69
N ILE A 91 -5.07 4.08 9.40
CA ILE A 91 -3.83 4.83 9.35
C ILE A 91 -3.96 6.05 8.44
N ASP A 92 -3.65 7.22 8.99
CA ASP A 92 -3.73 8.46 8.22
C ASP A 92 -2.34 9.06 8.03
N VAL A 93 -1.50 8.37 7.25
CA VAL A 93 -0.15 8.83 6.98
C VAL A 93 -0.17 10.14 6.21
N LYS A 94 1.02 10.73 6.02
CA LYS A 94 1.14 11.99 5.30
C LYS A 94 1.80 11.77 3.94
N ASP A 95 2.59 10.71 3.83
CA ASP A 95 3.27 10.38 2.58
C ASP A 95 3.41 8.88 2.42
N THR A 96 3.84 8.46 1.23
CA THR A 96 4.03 7.04 0.94
C THR A 96 5.10 6.43 1.83
N LYS A 97 6.05 7.26 2.25
CA LYS A 97 7.14 6.79 3.11
C LYS A 97 6.61 6.36 4.47
N GLU A 98 5.63 7.09 4.99
CA GLU A 98 5.04 6.79 6.28
C GLU A 98 4.17 5.54 6.20
N ALA A 99 3.31 5.48 5.18
CA ALA A 99 2.43 4.34 4.99
C ALA A 99 3.22 3.05 4.87
N LEU A 100 4.47 3.16 4.43
CA LEU A 100 5.33 2.00 4.27
C LEU A 100 5.83 1.50 5.63
N ASP A 101 6.41 2.40 6.41
CA ASP A 101 6.93 2.06 7.73
C ASP A 101 5.81 1.53 8.63
N LYS A 102 4.63 2.11 8.49
CA LYS A 102 3.47 1.70 9.28
C LYS A 102 3.13 0.23 9.03
N ILE A 103 3.04 -0.13 7.76
CA ILE A 103 2.71 -1.50 7.37
C ILE A 103 3.86 -2.44 7.71
N GLU A 104 5.08 -2.00 7.45
CA GLU A 104 6.25 -2.82 7.72
C GLU A 104 6.40 -3.09 9.22
N GLU A 105 6.14 -2.07 10.02
CA GLU A 105 6.24 -2.19 11.47
C GLU A 105 5.19 -3.16 12.00
N GLU A 106 4.03 -3.18 11.36
CA GLU A 106 2.94 -4.05 11.77
C GLU A 106 3.33 -5.51 11.59
N GLN A 107 4.09 -5.80 10.53
CA GLN A 107 4.52 -7.16 10.25
C GLN A 107 5.82 -7.48 10.99
N ASN A 108 6.62 -6.45 11.23
CA ASN A 108 7.90 -6.63 11.92
C ASN A 108 7.68 -7.21 13.32
N LYS A 109 6.62 -6.76 13.98
CA LYS A 109 6.30 -7.23 15.32
C LYS A 109 5.90 -8.71 15.29
N SER A 110 5.12 -9.08 14.28
CA SER A 110 4.66 -10.46 14.14
C SER A 110 5.82 -11.39 13.79
N LYS A 111 6.71 -10.91 12.93
CA LYS A 111 7.87 -11.69 12.52
C LYS A 111 8.84 -11.90 13.69
N LYS A 112 8.98 -10.87 14.52
CA LYS A 112 9.87 -10.95 15.68
C LYS A 112 9.41 -12.04 16.64
N LYS A 113 8.11 -12.31 16.65
CA LYS A 113 7.55 -13.34 17.53
C LYS A 113 7.32 -14.63 16.76
N ALA A 114 8.15 -14.88 15.75
CA ALA A 114 8.04 -16.08 14.94
C ALA A 114 9.24 -17.01 15.16
N GLN A 115 10.38 -16.42 15.51
CA GLN A 115 11.59 -17.20 15.74
C GLN A 115 11.67 -17.65 17.20
N GLN A 116 11.90 -16.70 18.11
CA GLN A 116 12.01 -17.02 19.53
C GLN A 116 13.07 -18.09 19.78
N ALA A 117 14.10 -18.09 18.94
CA ALA A 117 15.18 -19.06 19.08
C ALA A 117 16.34 -18.71 18.15
N ALA A 118 16.02 -18.34 16.91
CA ALA A 118 17.03 -17.98 15.93
C ALA A 118 17.48 -16.54 16.11
N ALA A 119 16.57 -15.69 16.56
CA ALA A 119 16.88 -14.28 16.77
C ALA A 119 18.12 -14.12 17.66
N ASP A 120 18.27 -15.02 18.63
CA ASP A 120 19.41 -14.98 19.54
C ASP A 120 20.72 -15.07 18.78
N THR A 121 20.80 -16.03 17.86
CA THR A 121 22.00 -16.22 17.05
C THR A 121 21.88 -15.53 15.70
N GLY A 122 22.66 -14.47 15.52
CA GLY A 122 22.63 -13.72 14.27
C GLY A 122 23.70 -12.65 14.20
N ASN A 123 24.09 -12.29 12.99
CA ASN A 123 25.11 -11.26 12.79
C ASN A 123 24.48 -9.94 12.38
N ASN A 124 23.74 -9.34 13.30
CA ASN A 124 23.07 -8.06 13.02
C ASN A 124 24.09 -6.94 12.91
N SER A 125 23.62 -5.75 12.55
CA SER A 125 24.49 -4.59 12.39
C SER A 125 24.15 -3.51 13.42
N GLN A 126 22.85 -3.26 13.58
CA GLN A 126 22.39 -2.25 14.53
C GLN A 126 22.99 -0.89 14.20
N VAL A 127 22.58 -0.31 13.09
CA VAL A 127 23.07 1.00 12.66
C VAL A 127 22.10 2.11 13.05
N SER A 128 22.48 3.35 12.75
CA SER A 128 21.65 4.50 13.08
C SER A 128 21.43 5.38 11.85
N GLN A 129 21.46 4.75 10.68
CA GLN A 129 21.26 5.48 9.42
C GLN A 129 20.87 4.52 8.29
N ASN A 130 19.83 4.88 7.56
CA ASN A 130 19.36 4.06 6.46
C ASN A 130 19.30 4.87 5.16
N TYR A 131 20.45 5.36 4.72
CA TYR A 131 20.52 6.15 3.50
C TYR A 131 19.57 7.34 3.55
C1 MYR B . -23.55 7.10 6.58
O1 MYR B . -24.07 8.19 6.76
C2 MYR B . -24.21 5.87 7.21
C3 MYR B . -25.16 6.18 8.39
C4 MYR B . -26.64 6.08 7.99
C5 MYR B . -27.13 4.62 7.99
C6 MYR B . -28.36 4.43 7.06
C7 MYR B . -29.69 4.65 7.80
C8 MYR B . -30.31 6.03 7.48
C9 MYR B . -30.69 6.16 6.00
C10 MYR B . -29.78 7.16 5.25
C11 MYR B . -29.87 7.06 3.71
C12 MYR B . -28.93 6.02 3.08
C13 MYR B . -27.81 6.66 2.24
C14 MYR B . -26.50 6.78 3.02
H21 MYR B . -23.39 5.21 7.56
H22 MYR B . -24.74 5.29 6.44
H31 MYR B . -24.95 7.20 8.79
H32 MYR B . -24.95 5.49 9.23
H41 MYR B . -26.78 6.52 6.98
H42 MYR B . -27.25 6.70 8.67
H51 MYR B . -27.41 4.32 9.02
H52 MYR B . -26.32 3.94 7.68
H61 MYR B . -28.33 3.40 6.63
H62 MYR B . -28.28 5.11 6.20
H71 MYR B . -29.54 4.56 8.89
H72 MYR B . -30.41 3.85 7.52
H81 MYR B . -29.59 6.83 7.75
H82 MYR B . -31.19 6.19 8.11
H91 MYR B . -31.75 6.48 5.92
H92 MYR B . -30.64 5.17 5.50
H101 MYR B . -28.73 6.97 5.55
H102 MYR B . -29.99 8.20 5.57
H111 MYR B . -29.69 8.06 3.25
H112 MYR B . -30.91 6.82 3.44
H121 MYR B . -29.52 5.32 2.44
H122 MYR B . -28.48 5.39 3.88
H131 MYR B . -28.13 7.67 1.90
H132 MYR B . -27.64 6.08 1.32
H141 MYR B . -25.84 5.90 2.86
H142 MYR B . -25.94 7.68 2.73
H143 MYR B . -26.67 6.85 4.12
P1 PBU C . 4.26 10.24 -13.23
P4 PBU C . 8.53 10.26 -6.46
P5 PBU C . 9.30 6.26 -9.19
C3' PBU C . 3.65 7.84 -13.68
C2' PBU C . 2.51 7.62 -12.66
O2' PBU C . 2.52 6.27 -12.26
C1' PBU C . 1.12 7.97 -13.26
O1' PBU C . 1.13 7.69 -14.64
C1 PBU C . 6.29 9.79 -11.17
O1 PBU C . 5.64 9.60 -12.54
C2 PBU C . 6.81 11.24 -10.86
O2 PBU C . 7.73 11.73 -11.84
C3 PBU C . 7.48 11.30 -9.47
O3 PBU C . 7.92 12.64 -9.26
C4 PBU C . 8.65 10.25 -9.36
O4 PBU C . 9.25 10.31 -7.96
C5 PBU C . 8.08 8.82 -9.66
O5 PBU C . 9.19 7.86 -9.61
C6 PBU C . 7.40 8.73 -11.05
O6 PBU C . 6.78 7.46 -11.27
C7 PBU C . 3.37 5.90 -11.19
O7 PBU C . 4.34 5.21 -11.40
C8 PBU C . 3.08 6.42 -9.77
C9 PBU C . 3.35 5.30 -8.74
C10 PBU C . 3.24 5.88 -7.32
C11 PBU C . 0.79 8.66 -15.60
O11 PBU C . 0.44 9.80 -15.34
C12 PBU C . 0.81 8.17 -17.08
C13 PBU C . 2.16 7.57 -17.51
C14 PBU C . 2.27 7.50 -19.04
O41 PBU C . 9.31 9.09 -5.86
O42 PBU C . 8.82 11.60 -5.82
O43 PBU C . 7.03 10.04 -6.61
O51 PBU C . 10.76 6.20 -8.77
O52 PBU C . 8.25 6.13 -8.10
O53 PBU C . 8.99 5.54 -10.47
OP1 PBU C . 3.70 9.19 -14.13
OP2 PBU C . 3.39 10.56 -12.02
OP3 PBU C . 4.77 11.41 -14.04
H3'1 PBU C . 3.49 7.21 -14.51
H3'2 PBU C . 4.56 7.60 -13.21
H2' PBU C . 2.65 8.27 -11.84
H1'1 PBU C . 0.38 7.36 -12.82
H1'2 PBU C . 0.86 8.96 -13.06
H1 PBU C . 5.53 9.65 -10.39
H2 PBU C . 5.93 11.88 -10.87
H02 PBU C . 8.45 11.18 -12.03
H3 PBU C . 6.75 11.04 -8.69
H03 PBU C . 8.63 12.86 -9.87
H4 PBU C . 9.46 10.45 -10.05
H5 PBU C . 7.35 8.62 -8.87
H6 PBU C . 8.16 8.88 -11.81
H06 PBU C . 7.41 6.79 -11.52
H81 PBU C . 2.07 6.71 -9.71
H82 PBU C . 3.70 7.23 -9.57
H91 PBU C . 4.32 4.92 -8.89
H92 PBU C . 2.65 4.53 -8.85
H11 PBU C . 2.28 6.28 -7.18
H12 PBU C . 3.96 6.64 -7.20
H13 PBU C . 3.42 5.12 -6.62
H121 PBU C . 0.06 7.44 -17.20
H122 PBU C . 0.61 9.00 -17.69
H131 PBU C . 2.92 8.18 -17.13
H132 PBU C . 2.24 6.59 -17.11
H141 PBU C . 2.15 8.46 -19.45
H142 PBU C . 1.55 6.84 -19.44
H143 PBU C . 3.23 7.14 -19.29
N GLY A 1 -21.47 2.79 0.36
CA GLY A 1 -21.92 3.54 -0.79
C GLY A 1 -22.43 2.65 -1.91
N ALA A 2 -21.75 1.54 -2.13
CA ALA A 2 -22.14 0.59 -3.17
C ALA A 2 -22.15 1.27 -4.54
N ARG A 3 -21.07 1.96 -4.86
CA ARG A 3 -20.94 2.65 -6.14
C ARG A 3 -19.62 2.30 -6.83
N ALA A 4 -19.60 2.43 -8.15
CA ALA A 4 -18.40 2.13 -8.92
C ALA A 4 -17.31 3.17 -8.67
N SER A 5 -16.50 2.94 -7.65
CA SER A 5 -15.42 3.84 -7.30
C SER A 5 -14.47 3.21 -6.29
N VAL A 6 -13.48 3.98 -5.85
CA VAL A 6 -12.50 3.50 -4.88
C VAL A 6 -12.61 4.27 -3.57
N LEU A 7 -12.25 5.54 -3.61
CA LEU A 7 -12.30 6.38 -2.41
C LEU A 7 -13.58 7.20 -2.38
N SER A 8 -14.14 7.37 -1.19
CA SER A 8 -15.37 8.13 -1.02
C SER A 8 -15.08 9.63 -0.95
N GLY A 9 -16.12 10.41 -0.65
CA GLY A 9 -15.95 11.85 -0.55
C GLY A 9 -14.93 12.25 0.48
N GLY A 10 -15.06 11.71 1.69
CA GLY A 10 -14.14 12.04 2.76
C GLY A 10 -12.75 11.51 2.50
N GLU A 11 -12.67 10.30 1.92
CA GLU A 11 -11.39 9.69 1.62
C GLU A 11 -10.68 10.42 0.48
N LEU A 12 -11.47 10.97 -0.44
CA LEU A 12 -10.92 11.70 -1.58
C LEU A 12 -10.13 12.91 -1.12
N ASP A 13 -10.76 13.76 -0.31
CA ASP A 13 -10.11 14.95 0.20
C ASP A 13 -8.78 14.61 0.86
N LYS A 14 -8.80 13.63 1.76
CA LYS A 14 -7.60 13.21 2.46
C LYS A 14 -6.58 12.61 1.49
N TRP A 15 -7.06 11.86 0.52
CA TRP A 15 -6.20 11.24 -0.48
C TRP A 15 -5.34 12.29 -1.17
N GLU A 16 -5.93 13.45 -1.45
CA GLU A 16 -5.22 14.53 -2.12
C GLU A 16 -4.22 15.18 -1.17
N LYS A 17 -4.39 14.93 0.13
CA LYS A 17 -3.49 15.50 1.13
C LYS A 17 -2.40 14.50 1.51
N ILE A 18 -1.98 13.71 0.54
CA ILE A 18 -0.93 12.71 0.76
C ILE A 18 0.22 12.91 -0.21
N ARG A 19 1.42 13.05 0.33
CA ARG A 19 2.62 13.23 -0.48
C ARG A 19 3.10 11.91 -1.07
N LEU A 20 3.51 11.93 -2.33
CA LEU A 20 3.99 10.73 -3.00
C LEU A 20 5.28 10.23 -2.37
N ARG A 21 6.03 11.15 -1.76
CA ARG A 21 7.29 10.79 -1.11
C ARG A 21 7.53 11.67 0.11
N PRO A 22 8.41 11.20 1.01
CA PRO A 22 8.75 11.92 2.24
C PRO A 22 9.57 13.18 1.96
N GLY A 23 10.42 13.11 0.95
CA GLY A 23 11.25 14.24 0.59
C GLY A 23 10.88 14.83 -0.76
N GLY A 24 9.59 15.06 -0.98
CA GLY A 24 9.14 15.62 -2.24
C GLY A 24 8.05 16.66 -2.05
N LYS A 25 7.44 17.07 -3.15
CA LYS A 25 6.37 18.06 -3.11
C LYS A 25 5.29 17.75 -4.13
N LYS A 26 4.84 16.49 -4.14
CA LYS A 26 3.80 16.06 -5.08
C LYS A 26 2.74 15.24 -4.35
N GLN A 27 1.54 15.81 -4.24
CA GLN A 27 0.44 15.13 -3.57
C GLN A 27 -0.13 14.01 -4.44
N TYR A 28 -1.09 13.27 -3.91
CA TYR A 28 -1.70 12.17 -4.64
C TYR A 28 -2.95 12.64 -5.39
N LYS A 29 -3.23 12.01 -6.52
CA LYS A 29 -4.39 12.36 -7.32
C LYS A 29 -5.08 11.10 -7.86
N LEU A 30 -6.30 11.26 -8.34
CA LEU A 30 -7.06 10.14 -8.88
C LEU A 30 -6.26 9.39 -9.92
N LYS A 31 -5.41 10.11 -10.64
CA LYS A 31 -4.57 9.51 -11.67
C LYS A 31 -3.81 8.30 -11.11
N HIS A 32 -3.34 8.42 -9.88
CA HIS A 32 -2.60 7.34 -9.24
C HIS A 32 -3.54 6.21 -8.81
N ILE A 33 -4.75 6.51 -8.33
CA ILE A 33 -5.68 5.48 -7.91
C ILE A 33 -6.09 4.60 -9.09
N VAL A 34 -6.24 5.22 -10.25
CA VAL A 34 -6.63 4.48 -11.46
C VAL A 34 -5.42 3.83 -12.11
N TRP A 35 -4.29 4.52 -12.07
CA TRP A 35 -3.05 4.00 -12.67
C TRP A 35 -2.71 2.63 -12.08
N ALA A 36 -3.03 2.44 -10.81
CA ALA A 36 -2.75 1.18 -10.13
C ALA A 36 -3.76 0.11 -10.52
N SER A 37 -4.97 0.55 -10.86
CA SER A 37 -6.04 -0.38 -11.25
C SER A 37 -5.74 -0.99 -12.61
N ARG A 38 -5.35 -0.15 -13.57
CA ARG A 38 -5.04 -0.61 -14.92
C ARG A 38 -3.77 -1.46 -14.92
N GLU A 39 -2.87 -1.18 -13.99
CA GLU A 39 -1.62 -1.92 -13.90
C GLU A 39 -1.80 -3.20 -13.08
N LEU A 40 -2.79 -3.18 -12.20
CA LEU A 40 -3.07 -4.34 -11.35
C LEU A 40 -3.68 -5.48 -12.17
N GLU A 41 -4.68 -5.15 -12.98
CA GLU A 41 -5.34 -6.15 -13.82
C GLU A 41 -4.33 -6.86 -14.71
N ARG A 42 -3.22 -6.19 -15.00
CA ARG A 42 -2.18 -6.76 -15.84
C ARG A 42 -1.42 -7.85 -15.09
N PHE A 43 -1.38 -7.74 -13.77
CA PHE A 43 -0.69 -8.71 -12.93
C PHE A 43 -1.66 -9.78 -12.42
N ALA A 44 -2.72 -10.02 -13.18
CA ALA A 44 -3.71 -11.01 -12.78
C ALA A 44 -4.42 -10.61 -11.50
N VAL A 45 -4.38 -9.32 -11.19
CA VAL A 45 -5.02 -8.80 -9.99
C VAL A 45 -6.10 -7.79 -10.34
N ASN A 46 -7.35 -8.14 -10.03
CA ASN A 46 -8.48 -7.26 -10.31
C ASN A 46 -8.36 -5.94 -9.55
N PRO A 47 -8.79 -4.84 -10.19
CA PRO A 47 -8.74 -3.51 -9.59
C PRO A 47 -9.72 -3.35 -8.44
N GLY A 48 -10.61 -4.32 -8.29
CA GLY A 48 -11.59 -4.26 -7.21
C GLY A 48 -10.96 -4.41 -5.85
N LEU A 49 -9.69 -4.82 -5.82
CA LEU A 49 -8.98 -5.00 -4.56
C LEU A 49 -8.54 -3.66 -3.98
N LEU A 50 -8.42 -2.66 -4.85
CA LEU A 50 -8.01 -1.32 -4.42
C LEU A 50 -9.18 -0.58 -3.79
N GLU A 51 -10.39 -1.02 -4.09
CA GLU A 51 -11.59 -0.39 -3.55
C GLU A 51 -12.07 -1.13 -2.30
N THR A 52 -11.16 -1.84 -1.65
CA THR A 52 -11.48 -2.59 -0.45
C THR A 52 -10.30 -2.65 0.51
N SER A 53 -10.48 -2.10 1.70
CA SER A 53 -9.43 -2.08 2.70
C SER A 53 -8.99 -3.50 3.06
N GLU A 54 -9.86 -4.46 2.79
CA GLU A 54 -9.56 -5.86 3.09
C GLU A 54 -8.89 -6.54 1.90
N GLY A 55 -9.52 -6.44 0.73
CA GLY A 55 -8.96 -7.05 -0.47
C GLY A 55 -7.59 -6.51 -0.81
N CYS A 56 -7.27 -5.33 -0.26
CA CYS A 56 -5.98 -4.70 -0.52
C CYS A 56 -4.86 -5.45 0.20
N ARG A 57 -5.12 -5.87 1.43
CA ARG A 57 -4.13 -6.59 2.22
C ARG A 57 -3.60 -7.78 1.44
N GLN A 58 -4.43 -8.35 0.58
CA GLN A 58 -4.03 -9.50 -0.23
C GLN A 58 -3.00 -9.10 -1.27
N ILE A 59 -3.15 -7.90 -1.82
CA ILE A 59 -2.22 -7.40 -2.83
C ILE A 59 -0.81 -7.24 -2.27
N LEU A 60 -0.69 -6.42 -1.23
CA LEU A 60 0.59 -6.17 -0.59
C LEU A 60 1.25 -7.48 -0.17
N GLY A 61 0.42 -8.49 0.11
CA GLY A 61 0.94 -9.78 0.52
C GLY A 61 1.75 -10.45 -0.58
N GLN A 62 1.55 -10.01 -1.81
CA GLN A 62 2.27 -10.58 -2.95
C GLN A 62 3.42 -9.67 -3.37
N LEU A 63 3.19 -8.36 -3.30
CA LEU A 63 4.21 -7.39 -3.68
C LEU A 63 5.29 -7.29 -2.60
N GLN A 64 4.91 -7.60 -1.37
CA GLN A 64 5.85 -7.55 -0.25
C GLN A 64 7.11 -8.35 -0.55
N PRO A 65 6.94 -9.67 -0.76
CA PRO A 65 8.05 -10.57 -1.07
C PRO A 65 8.63 -10.33 -2.45
N SER A 66 7.89 -9.62 -3.29
CA SER A 66 8.33 -9.32 -4.65
C SER A 66 8.90 -7.92 -4.73
N LEU A 67 9.47 -7.44 -3.62
CA LEU A 67 10.06 -6.12 -3.57
C LEU A 67 11.50 -6.14 -4.06
N GLN A 68 12.23 -7.20 -3.70
CA GLN A 68 13.62 -7.35 -4.09
C GLN A 68 13.73 -7.71 -5.57
N THR A 69 13.04 -8.78 -5.96
CA THR A 69 13.07 -9.23 -7.35
C THR A 69 12.24 -8.32 -8.24
N GLY A 70 11.26 -7.64 -7.65
CA GLY A 70 10.41 -6.73 -8.41
C GLY A 70 11.18 -5.55 -8.96
N SER A 71 10.68 -4.99 -10.07
CA SER A 71 11.33 -3.86 -10.70
C SER A 71 10.63 -2.56 -10.33
N GLU A 72 11.02 -1.47 -11.00
CA GLU A 72 10.43 -0.17 -10.73
C GLU A 72 8.91 -0.22 -10.88
N GLU A 73 8.43 -1.14 -11.70
CA GLU A 73 7.00 -1.29 -11.94
C GLU A 73 6.30 -1.77 -10.66
N LEU A 74 7.03 -2.46 -9.82
CA LEU A 74 6.48 -2.98 -8.57
C LEU A 74 6.52 -1.93 -7.48
N ARG A 75 7.62 -1.17 -7.43
CA ARG A 75 7.79 -0.12 -6.42
C ARG A 75 6.59 0.83 -6.44
N SER A 76 6.15 1.21 -7.64
CA SER A 76 5.02 2.11 -7.79
C SER A 76 3.77 1.53 -7.14
N LEU A 77 3.47 0.28 -7.47
CA LEU A 77 2.30 -0.40 -6.93
C LEU A 77 2.35 -0.44 -5.40
N TYR A 78 3.40 -1.03 -4.87
CA TYR A 78 3.56 -1.13 -3.42
C TYR A 78 3.41 0.24 -2.76
N ASN A 79 3.78 1.29 -3.49
CA ASN A 79 3.69 2.65 -2.97
C ASN A 79 2.24 3.13 -2.98
N THR A 80 1.59 3.02 -4.13
CA THR A 80 0.20 3.45 -4.26
C THR A 80 -0.71 2.63 -3.37
N ILE A 81 -0.71 1.32 -3.57
CA ILE A 81 -1.54 0.42 -2.78
C ILE A 81 -1.35 0.66 -1.28
N ALA A 82 -0.15 1.10 -0.91
CA ALA A 82 0.18 1.37 0.48
C ALA A 82 -0.61 2.58 0.99
N VAL A 83 -0.53 3.68 0.26
CA VAL A 83 -1.23 4.90 0.64
C VAL A 83 -2.74 4.71 0.60
N LEU A 84 -3.21 3.94 -0.37
CA LEU A 84 -4.65 3.66 -0.51
C LEU A 84 -5.16 2.88 0.69
N TYR A 85 -4.54 1.74 0.96
CA TYR A 85 -4.93 0.90 2.08
C TYR A 85 -5.02 1.70 3.37
N CYS A 86 -4.06 2.60 3.56
CA CYS A 86 -4.02 3.43 4.77
C CYS A 86 -5.26 4.32 4.84
N VAL A 87 -5.58 5.00 3.74
CA VAL A 87 -6.74 5.87 3.69
C VAL A 87 -8.03 5.09 3.93
N HIS A 88 -8.11 3.90 3.36
CA HIS A 88 -9.29 3.06 3.51
C HIS A 88 -9.46 2.62 4.96
N GLN A 89 -8.39 2.51 5.74
CA GLN A 89 -8.50 2.10 7.14
C GLN A 89 -8.55 3.31 8.06
N ARG A 90 -9.02 4.43 7.53
CA ARG A 90 -9.11 5.66 8.31
C ARG A 90 -7.76 6.04 8.90
N ILE A 91 -6.70 5.60 8.25
CA ILE A 91 -5.34 5.90 8.71
C ILE A 91 -4.76 7.11 7.98
N ASP A 92 -4.38 8.12 8.75
CA ASP A 92 -3.82 9.33 8.18
C ASP A 92 -2.30 9.22 8.08
N VAL A 93 -1.77 9.55 6.89
CA VAL A 93 -0.33 9.48 6.66
C VAL A 93 0.19 10.80 6.10
N LYS A 94 1.50 10.97 6.13
CA LYS A 94 2.14 12.18 5.62
C LYS A 94 2.68 11.96 4.20
N ASP A 95 3.18 10.75 3.95
CA ASP A 95 3.73 10.42 2.65
C ASP A 95 3.54 8.93 2.34
N THR A 96 4.08 8.49 1.22
CA THR A 96 3.96 7.10 0.81
C THR A 96 4.80 6.19 1.70
N LYS A 97 5.87 6.76 2.26
CA LYS A 97 6.76 6.00 3.14
C LYS A 97 6.12 5.79 4.51
N GLU A 98 5.57 6.85 5.07
CA GLU A 98 4.93 6.78 6.39
C GLU A 98 3.89 5.66 6.42
N ALA A 99 3.13 5.54 5.33
CA ALA A 99 2.10 4.51 5.24
C ALA A 99 2.71 3.12 5.37
N LEU A 100 3.93 2.97 4.89
CA LEU A 100 4.62 1.68 4.94
C LEU A 100 5.01 1.34 6.39
N ASP A 101 5.36 2.37 7.16
CA ASP A 101 5.75 2.18 8.55
C ASP A 101 4.56 1.73 9.39
N LYS A 102 3.35 2.11 8.96
CA LYS A 102 2.14 1.74 9.67
C LYS A 102 1.73 0.31 9.36
N ILE A 103 2.14 -0.18 8.19
CA ILE A 103 1.82 -1.55 7.78
C ILE A 103 2.90 -2.52 8.23
N GLU A 104 4.15 -2.12 8.05
CA GLU A 104 5.28 -2.97 8.45
C GLU A 104 5.14 -3.43 9.90
N GLU A 105 4.53 -2.58 10.72
CA GLU A 105 4.34 -2.89 12.13
C GLU A 105 3.25 -3.94 12.32
N GLU A 106 2.08 -3.67 11.76
CA GLU A 106 0.95 -4.59 11.85
C GLU A 106 1.35 -5.99 11.39
N GLN A 107 2.30 -6.05 10.46
CA GLN A 107 2.77 -7.32 9.93
C GLN A 107 3.92 -7.87 10.77
N ASN A 108 4.70 -6.97 11.36
CA ASN A 108 5.83 -7.35 12.19
C ASN A 108 5.37 -8.16 13.39
N LYS A 109 4.23 -7.78 13.96
CA LYS A 109 3.67 -8.47 15.12
C LYS A 109 3.52 -9.95 14.84
N SER A 110 3.29 -10.31 13.59
CA SER A 110 3.12 -11.70 13.20
C SER A 110 4.47 -12.33 12.85
N LYS A 111 5.40 -11.50 12.39
CA LYS A 111 6.73 -11.98 12.03
C LYS A 111 7.47 -12.50 13.26
N LYS A 112 7.22 -11.86 14.40
CA LYS A 112 7.87 -12.27 15.65
C LYS A 112 7.52 -13.71 16.00
N LYS A 113 6.32 -14.13 15.63
CA LYS A 113 5.86 -15.49 15.91
C LYS A 113 6.22 -16.43 14.76
N ALA A 114 6.15 -15.90 13.54
CA ALA A 114 6.47 -16.69 12.35
C ALA A 114 7.94 -17.09 12.33
N GLN A 115 8.78 -16.26 12.95
CA GLN A 115 10.21 -16.52 13.00
C GLN A 115 10.68 -16.71 14.44
N GLN A 116 9.78 -17.20 15.29
CA GLN A 116 10.11 -17.43 16.69
C GLN A 116 11.33 -18.32 16.83
N ALA A 117 11.43 -19.32 15.95
CA ALA A 117 12.55 -20.24 15.97
C ALA A 117 13.88 -19.52 15.76
N ALA A 118 13.86 -18.51 14.89
CA ALA A 118 15.06 -17.73 14.61
C ALA A 118 15.10 -16.45 15.44
N ALA A 119 14.50 -16.51 16.63
CA ALA A 119 14.46 -15.35 17.51
C ALA A 119 14.90 -15.73 18.93
N ASP A 120 15.90 -16.60 19.02
CA ASP A 120 16.41 -17.04 20.31
C ASP A 120 17.87 -16.64 20.49
N THR A 121 18.28 -15.57 19.81
CA THR A 121 19.64 -15.08 19.89
C THR A 121 19.80 -13.74 19.20
N GLY A 122 20.71 -12.91 19.70
CA GLY A 122 20.93 -11.60 19.12
C GLY A 122 19.81 -10.63 19.44
N ASN A 123 20.03 -9.78 20.44
CA ASN A 123 19.03 -8.80 20.84
C ASN A 123 18.76 -7.81 19.72
N ASN A 124 17.96 -6.79 20.01
CA ASN A 124 17.63 -5.76 19.03
C ASN A 124 18.46 -4.50 19.26
N SER A 125 18.94 -3.91 18.17
CA SER A 125 19.75 -2.70 18.24
C SER A 125 19.35 -1.70 17.16
N GLN A 126 18.07 -1.72 16.80
CA GLN A 126 17.56 -0.82 15.78
C GLN A 126 18.31 -1.01 14.46
N VAL A 127 17.82 -1.94 13.64
CA VAL A 127 18.44 -2.22 12.36
C VAL A 127 18.17 -1.11 11.35
N SER A 128 19.02 -1.00 10.34
CA SER A 128 18.87 0.03 9.31
C SER A 128 18.95 1.42 9.92
N GLN A 129 18.64 2.44 9.13
CA GLN A 129 18.68 3.81 9.59
C GLN A 129 18.08 4.76 8.54
N ASN A 130 16.91 4.40 8.03
CA ASN A 130 16.24 5.22 7.02
C ASN A 130 14.86 5.65 7.50
N TYR A 131 14.50 6.89 7.21
CA TYR A 131 13.20 7.43 7.61
C TYR A 131 12.42 7.94 6.40
C1 MYR B . -22.33 2.20 1.17
O1 MYR B . -23.55 2.26 1.00
C2 MYR B . -21.80 1.42 2.38
C3 MYR B . -20.61 0.49 2.07
C4 MYR B . -20.41 -0.58 3.15
C5 MYR B . -19.04 -0.48 3.83
C6 MYR B . -19.14 -0.62 5.37
C7 MYR B . -17.80 -0.32 6.06
C8 MYR B . -17.49 -1.32 7.19
C9 MYR B . -16.53 -2.44 6.74
C10 MYR B . -16.88 -3.81 7.36
C11 MYR B . -15.71 -4.51 8.07
C12 MYR B . -14.97 -5.54 7.19
C13 MYR B . -14.67 -6.84 7.96
C14 MYR B . -14.90 -8.09 7.09
H21 MYR B . -22.64 0.83 2.77
H22 MYR B . -21.54 2.13 3.19
H31 MYR B . -19.68 1.08 1.96
H32 MYR B . -20.76 0.01 1.08
H41 MYR B . -20.53 -1.59 2.71
H42 MYR B . -21.23 -0.50 3.91
H51 MYR B . -18.57 0.49 3.58
H52 MYR B . -18.36 -1.26 3.43
H61 MYR B . -19.48 -1.64 5.63
H62 MYR B . -19.92 0.06 5.75
H71 MYR B . -17.81 0.71 6.47
H72 MYR B . -16.98 -0.34 5.32
H81 MYR B . -18.44 -1.77 7.56
H82 MYR B . -17.06 -0.78 8.06
H91 MYR B . -15.49 -2.16 7.01
H92 MYR B . -16.54 -2.51 5.64
H101 MYR B . -17.26 -4.47 6.56
H102 MYR B . -17.74 -3.70 8.06
H111 MYR B . -16.07 -4.99 9.01
H112 MYR B . -14.99 -3.74 8.39
H121 MYR B . -14.03 -5.10 6.81
H122 MYR B . -15.58 -5.78 6.29
H131 MYR B . -15.30 -6.90 8.87
H132 MYR B . -13.61 -6.83 8.32
H141 MYR B . -15.72 -8.71 7.48
H142 MYR B . -15.17 -7.81 6.06
H143 MYR B . -14.00 -8.73 7.04
P1 PBU C . 3.68 10.29 -13.18
P4 PBU C . 7.80 10.50 -6.30
P5 PBU C . 7.99 6.41 -8.36
C3' PBU C . 3.25 7.88 -13.76
C2' PBU C . 2.04 7.56 -12.84
O2' PBU C . 2.12 6.19 -12.48
C1' PBU C . 0.69 7.82 -13.53
O1' PBU C . 0.76 7.40 -14.88
C1 PBU C . 5.67 10.00 -11.05
O1 PBU C . 5.05 9.70 -12.42
C2 PBU C . 6.40 11.37 -10.94
O2 PBU C . 7.42 11.55 -11.91
C3 PBU C . 7.03 11.55 -9.53
O3 PBU C . 7.69 12.82 -9.49
C4 PBU C . 8.00 10.36 -9.19
O4 PBU C . 8.55 10.54 -7.78
C5 PBU C . 7.22 9.00 -9.32
O5 PBU C . 8.15 7.90 -9.06
C6 PBU C . 6.58 8.81 -10.71
O6 PBU C . 5.77 7.62 -10.78
C7 PBU C . 2.93 5.85 -11.35
O7 PBU C . 3.96 5.23 -11.51
C8 PBU C . 2.52 6.31 -9.95
C9 PBU C . 2.80 5.19 -8.92
C10 PBU C . 2.71 5.77 -7.50
C11 PBU C . -0.18 7.82 -15.84
O11 PBU C . -1.38 7.77 -15.69
C12 PBU C . 0.43 8.28 -17.20
C13 PBU C . 1.37 7.26 -17.84
C14 PBU C . 0.60 6.22 -18.66
O41 PBU C . 8.28 9.14 -5.83
O42 PBU C . 8.35 11.67 -5.53
O43 PBU C . 6.30 10.64 -6.48
O51 PBU C . 9.39 6.19 -7.84
O52 PBU C . 6.88 6.62 -7.34
O53 PBU C . 7.61 5.52 -9.53
OP1 PBU C . 3.24 9.23 -14.16
OP2 PBU C . 2.70 10.51 -12.03
OP3 PBU C . 4.17 11.51 -13.91
H3'1 PBU C . 3.18 7.27 -14.62
H3'2 PBU C . 4.13 7.67 -13.23
H2' PBU C . 2.07 8.19 -11.99
H1'1 PBU C . -0.07 7.25 -13.07
H1'2 PBU C . 0.41 8.83 -13.45
H1 PBU C . 4.87 10.10 -10.31
H2 PBU C . 5.65 12.15 -11.08
H02 PBU C . 8.06 10.87 -11.98
H3 PBU C . 6.24 11.53 -8.77
H03 PBU C . 8.44 12.82 -10.09
H4 PBU C . 8.86 10.31 -9.86
H5 PBU C . 6.44 9.03 -8.55
H6 PBU C . 7.37 8.71 -11.43
H06 PBU C . 6.28 6.84 -10.88
H81 PBU C . 1.49 6.53 -9.94
H82 PBU C . 3.06 7.17 -9.69
H91 PBU C . 3.77 4.81 -9.09
H92 PBU C . 2.10 4.43 -9.02
H11 PBU C . 1.75 6.17 -7.34
H12 PBU C . 3.43 6.53 -7.38
H13 PBU C . 2.89 5.01 -6.80
H121 PBU C . -0.37 8.47 -17.86
H122 PBU C . 0.97 9.17 -17.02
H131 PBU C . 2.05 7.76 -18.48
H132 PBU C . 1.92 6.77 -17.08
H141 PBU C . 0.01 6.71 -19.38
H142 PBU C . -0.03 5.65 -18.04
H143 PBU C . 1.28 5.56 -19.13
N GLY A 1 -17.92 4.07 0.70
CA GLY A 1 -18.15 3.97 -0.73
C GLY A 1 -19.49 3.33 -1.06
N ALA A 2 -19.51 2.49 -2.09
CA ALA A 2 -20.73 1.82 -2.51
C ALA A 2 -20.44 0.74 -3.55
N ARG A 3 -19.34 0.03 -3.37
CA ARG A 3 -18.95 -1.02 -4.31
C ARG A 3 -18.88 -0.48 -5.73
N ALA A 4 -18.03 0.52 -5.93
CA ALA A 4 -17.86 1.12 -7.24
C ALA A 4 -16.81 2.22 -7.21
N SER A 5 -16.74 2.95 -6.10
CA SER A 5 -15.78 4.03 -5.94
C SER A 5 -14.59 3.58 -5.09
N VAL A 6 -13.42 4.16 -5.37
CA VAL A 6 -12.21 3.82 -4.63
C VAL A 6 -12.12 4.62 -3.33
N LEU A 7 -12.10 5.94 -3.47
CA LEU A 7 -12.01 6.82 -2.30
C LEU A 7 -13.24 7.72 -2.22
N SER A 8 -13.93 7.66 -1.08
CA SER A 8 -15.12 8.47 -0.87
C SER A 8 -14.77 9.94 -0.70
N GLY A 9 -15.75 10.75 -0.34
CA GLY A 9 -15.52 12.17 -0.16
C GLY A 9 -14.40 12.45 0.83
N GLY A 10 -14.48 11.82 2.00
CA GLY A 10 -13.46 12.01 3.02
C GLY A 10 -12.12 11.45 2.61
N GLU A 11 -12.13 10.24 2.07
CA GLU A 11 -10.89 9.59 1.63
C GLU A 11 -10.22 10.39 0.51
N LEU A 12 -11.03 11.09 -0.26
CA LEU A 12 -10.53 11.89 -1.38
C LEU A 12 -9.70 13.06 -0.87
N ASP A 13 -10.27 13.82 0.06
CA ASP A 13 -9.57 14.97 0.64
C ASP A 13 -8.19 14.58 1.15
N LYS A 14 -8.14 13.53 1.96
CA LYS A 14 -6.88 13.04 2.51
C LYS A 14 -5.95 12.56 1.41
N TRP A 15 -6.51 11.85 0.44
CA TRP A 15 -5.74 11.32 -0.67
C TRP A 15 -5.00 12.44 -1.40
N GLU A 16 -5.76 13.44 -1.86
CA GLU A 16 -5.18 14.57 -2.57
C GLU A 16 -4.11 15.27 -1.72
N LYS A 17 -4.24 15.12 -0.41
CA LYS A 17 -3.29 15.73 0.52
C LYS A 17 -2.00 14.92 0.61
N ILE A 18 -2.15 13.61 0.78
CA ILE A 18 -1.00 12.72 0.87
C ILE A 18 -0.05 12.93 -0.30
N ARG A 19 1.25 12.95 -0.01
CA ARG A 19 2.26 13.14 -1.04
C ARG A 19 2.83 11.80 -1.49
N LEU A 20 3.35 11.77 -2.72
CA LEU A 20 3.93 10.54 -3.27
C LEU A 20 5.18 10.15 -2.51
N ARG A 21 5.85 11.13 -1.90
CA ARG A 21 7.06 10.88 -1.14
C ARG A 21 7.14 11.80 0.08
N PRO A 22 7.96 11.41 1.07
CA PRO A 22 8.14 12.18 2.29
C PRO A 22 8.90 13.48 2.05
N GLY A 23 9.83 13.45 1.10
CA GLY A 23 10.61 14.64 0.78
C GLY A 23 10.22 15.25 -0.55
N GLY A 24 9.02 14.93 -1.02
CA GLY A 24 8.54 15.46 -2.28
C GLY A 24 7.38 16.42 -2.11
N LYS A 25 6.97 17.04 -3.20
CA LYS A 25 5.86 17.99 -3.16
C LYS A 25 4.69 17.49 -4.00
N LYS A 26 4.99 16.66 -5.00
CA LYS A 26 3.96 16.12 -5.87
C LYS A 26 2.91 15.35 -5.07
N GLN A 27 1.77 16.01 -4.82
CA GLN A 27 0.69 15.39 -4.07
C GLN A 27 0.07 14.24 -4.84
N TYR A 28 -0.80 13.48 -4.18
CA TYR A 28 -1.47 12.34 -4.81
C TYR A 28 -2.68 12.81 -5.61
N LYS A 29 -2.97 12.09 -6.69
CA LYS A 29 -4.10 12.41 -7.54
C LYS A 29 -4.74 11.15 -8.12
N LEU A 30 -5.94 11.29 -8.66
CA LEU A 30 -6.66 10.16 -9.25
C LEU A 30 -5.77 9.42 -10.26
N LYS A 31 -4.88 10.16 -10.90
CA LYS A 31 -3.97 9.58 -11.89
C LYS A 31 -3.24 8.37 -11.31
N HIS A 32 -2.88 8.46 -10.04
CA HIS A 32 -2.18 7.36 -9.37
C HIS A 32 -3.15 6.24 -9.01
N ILE A 33 -4.40 6.53 -8.67
CA ILE A 33 -5.36 5.48 -8.33
C ILE A 33 -5.71 4.63 -9.56
N VAL A 34 -5.79 5.28 -10.72
CA VAL A 34 -6.11 4.59 -11.95
C VAL A 34 -4.89 3.89 -12.53
N TRP A 35 -3.74 4.54 -12.41
CA TRP A 35 -2.49 3.99 -12.92
C TRP A 35 -2.22 2.62 -12.31
N ALA A 36 -2.60 2.44 -11.06
CA ALA A 36 -2.40 1.17 -10.37
C ALA A 36 -3.50 0.17 -10.74
N SER A 37 -4.70 0.67 -11.01
CA SER A 37 -5.82 -0.17 -11.36
C SER A 37 -5.57 -0.90 -12.68
N ARG A 38 -4.96 -0.19 -13.62
CA ARG A 38 -4.65 -0.77 -14.93
C ARG A 38 -3.51 -1.77 -14.83
N GLU A 39 -2.62 -1.54 -13.86
CA GLU A 39 -1.48 -2.42 -13.66
C GLU A 39 -1.87 -3.66 -12.86
N LEU A 40 -2.92 -3.53 -12.05
CA LEU A 40 -3.40 -4.63 -11.23
C LEU A 40 -4.05 -5.71 -12.09
N GLU A 41 -4.94 -5.30 -12.97
CA GLU A 41 -5.63 -6.23 -13.85
C GLU A 41 -4.63 -7.05 -14.67
N ARG A 42 -3.44 -6.49 -14.87
CA ARG A 42 -2.40 -7.16 -15.64
C ARG A 42 -1.81 -8.31 -14.84
N PHE A 43 -1.87 -8.21 -13.51
CA PHE A 43 -1.34 -9.25 -12.63
C PHE A 43 -2.45 -10.20 -12.20
N ALA A 44 -3.47 -10.34 -13.03
CA ALA A 44 -4.59 -11.23 -12.74
C ALA A 44 -5.36 -10.75 -11.50
N VAL A 45 -5.19 -9.47 -11.19
CA VAL A 45 -5.88 -8.88 -10.03
C VAL A 45 -6.83 -7.76 -10.46
N ASN A 46 -8.11 -7.98 -10.24
CA ASN A 46 -9.12 -6.99 -10.61
C ASN A 46 -8.90 -5.69 -9.84
N PRO A 47 -9.18 -4.56 -10.51
CA PRO A 47 -9.03 -3.23 -9.92
C PRO A 47 -10.06 -2.95 -8.83
N GLY A 48 -11.08 -3.81 -8.74
CA GLY A 48 -12.11 -3.65 -7.74
C GLY A 48 -11.59 -3.86 -6.33
N LEU A 49 -10.42 -4.48 -6.23
CA LEU A 49 -9.82 -4.74 -4.92
C LEU A 49 -9.24 -3.46 -4.32
N LEU A 50 -8.91 -2.51 -5.17
CA LEU A 50 -8.35 -1.24 -4.72
C LEU A 50 -9.34 -0.48 -3.84
N GLU A 51 -10.63 -0.77 -4.04
CA GLU A 51 -11.67 -0.13 -3.25
C GLU A 51 -12.15 -1.02 -2.12
N THR A 52 -11.29 -1.93 -1.70
CA THR A 52 -11.61 -2.86 -0.61
C THR A 52 -10.49 -2.93 0.40
N SER A 53 -10.82 -2.65 1.66
CA SER A 53 -9.83 -2.69 2.74
C SER A 53 -9.16 -4.06 2.83
N GLU A 54 -9.86 -5.08 2.32
CA GLU A 54 -9.33 -6.44 2.35
C GLU A 54 -8.42 -6.69 1.15
N GLY A 55 -8.88 -6.28 -0.03
CA GLY A 55 -8.09 -6.48 -1.24
C GLY A 55 -6.78 -5.72 -1.20
N CYS A 56 -6.84 -4.44 -0.87
CA CYS A 56 -5.65 -3.60 -0.80
C CYS A 56 -4.59 -4.24 0.08
N ARG A 57 -5.04 -4.99 1.10
CA ARG A 57 -4.12 -5.66 2.01
C ARG A 57 -3.50 -6.89 1.37
N GLN A 58 -4.33 -7.66 0.67
CA GLN A 58 -3.87 -8.88 0.00
C GLN A 58 -2.85 -8.53 -1.09
N ILE A 59 -3.18 -7.53 -1.90
CA ILE A 59 -2.28 -7.11 -2.97
C ILE A 59 -0.88 -6.81 -2.46
N LEU A 60 -0.81 -6.23 -1.26
CA LEU A 60 0.47 -5.90 -0.65
C LEU A 60 1.20 -7.17 -0.20
N GLY A 61 0.44 -8.22 0.09
CA GLY A 61 1.03 -9.47 0.53
C GLY A 61 1.84 -10.14 -0.55
N GLN A 62 1.56 -9.78 -1.81
CA GLN A 62 2.28 -10.35 -2.94
C GLN A 62 3.48 -9.50 -3.31
N LEU A 63 3.31 -8.19 -3.25
CA LEU A 63 4.39 -7.26 -3.58
C LEU A 63 5.39 -7.15 -2.43
N GLN A 64 4.93 -7.42 -1.22
CA GLN A 64 5.78 -7.35 -0.05
C GLN A 64 7.06 -8.18 -0.25
N PRO A 65 6.87 -9.49 -0.45
CA PRO A 65 8.00 -10.42 -0.67
C PRO A 65 8.67 -10.20 -2.01
N SER A 66 8.00 -9.51 -2.91
CA SER A 66 8.53 -9.24 -4.23
C SER A 66 9.03 -7.80 -4.34
N LEU A 67 9.42 -7.23 -3.20
CA LEU A 67 9.92 -5.87 -3.16
C LEU A 67 11.37 -5.81 -3.60
N GLN A 68 12.13 -6.84 -3.27
CA GLN A 68 13.54 -6.90 -3.62
C GLN A 68 13.71 -7.32 -5.08
N THR A 69 13.04 -8.39 -5.47
CA THR A 69 13.11 -8.89 -6.84
C THR A 69 12.27 -8.04 -7.78
N GLY A 70 11.21 -7.45 -7.25
CA GLY A 70 10.34 -6.62 -8.07
C GLY A 70 11.10 -5.52 -8.79
N SER A 71 10.43 -4.88 -9.75
CA SER A 71 11.06 -3.81 -10.52
C SER A 71 10.43 -2.46 -10.19
N GLU A 72 10.85 -1.44 -10.92
CA GLU A 72 10.34 -0.09 -10.69
C GLU A 72 8.81 -0.08 -10.75
N GLU A 73 8.24 -0.99 -11.52
CA GLU A 73 6.80 -1.09 -11.67
C GLU A 73 6.16 -1.59 -10.37
N LEU A 74 6.75 -2.63 -9.79
CA LEU A 74 6.24 -3.20 -8.55
C LEU A 74 6.30 -2.19 -7.41
N ARG A 75 7.44 -1.52 -7.30
CA ARG A 75 7.61 -0.52 -6.24
C ARG A 75 6.49 0.52 -6.27
N SER A 76 6.23 1.06 -7.45
CA SER A 76 5.18 2.06 -7.62
C SER A 76 3.86 1.57 -7.04
N LEU A 77 3.54 0.30 -7.32
CA LEU A 77 2.30 -0.30 -6.84
C LEU A 77 2.26 -0.29 -5.31
N TYR A 78 3.26 -0.90 -4.69
CA TYR A 78 3.34 -0.97 -3.24
C TYR A 78 3.19 0.42 -2.63
N ASN A 79 3.63 1.43 -3.35
CA ASN A 79 3.55 2.81 -2.88
C ASN A 79 2.10 3.28 -2.84
N THR A 80 1.43 3.22 -3.99
CA THR A 80 0.04 3.64 -4.10
C THR A 80 -0.86 2.79 -3.22
N ILE A 81 -0.75 1.47 -3.37
CA ILE A 81 -1.57 0.54 -2.59
C ILE A 81 -1.38 0.77 -1.10
N ALA A 82 -0.22 1.33 -0.73
CA ALA A 82 0.09 1.60 0.67
C ALA A 82 -0.72 2.80 1.18
N VAL A 83 -0.58 3.93 0.51
CA VAL A 83 -1.30 5.14 0.90
C VAL A 83 -2.81 4.92 0.85
N LEU A 84 -3.26 4.18 -0.15
CA LEU A 84 -4.69 3.90 -0.31
C LEU A 84 -5.18 2.99 0.80
N TYR A 85 -4.49 1.87 0.99
CA TYR A 85 -4.86 0.90 2.02
C TYR A 85 -5.02 1.58 3.38
N CYS A 86 -4.02 2.38 3.75
CA CYS A 86 -4.04 3.08 5.02
C CYS A 86 -5.34 3.88 5.19
N VAL A 87 -5.90 4.32 4.06
CA VAL A 87 -7.14 5.08 4.08
C VAL A 87 -8.34 4.18 4.35
N HIS A 88 -8.34 3.00 3.72
CA HIS A 88 -9.43 2.04 3.89
C HIS A 88 -9.36 1.39 5.27
N GLN A 89 -8.26 1.50 6.00
CA GLN A 89 -8.14 0.89 7.31
C GLN A 89 -8.40 1.91 8.42
N ARG A 90 -7.45 2.83 8.60
CA ARG A 90 -7.57 3.86 9.62
C ARG A 90 -6.37 4.79 9.60
N ILE A 91 -5.20 4.22 9.32
CA ILE A 91 -3.96 4.99 9.27
C ILE A 91 -4.12 6.22 8.37
N ASP A 92 -3.84 7.39 8.94
CA ASP A 92 -3.94 8.64 8.19
C ASP A 92 -2.56 9.23 7.92
N VAL A 93 -1.70 8.43 7.29
CA VAL A 93 -0.34 8.87 6.98
C VAL A 93 -0.37 10.18 6.19
N LYS A 94 0.81 10.76 5.99
CA LYS A 94 0.93 12.01 5.25
C LYS A 94 1.69 11.80 3.94
N ASP A 95 2.56 10.80 3.92
CA ASP A 95 3.33 10.49 2.72
C ASP A 95 3.37 8.98 2.47
N THR A 96 3.85 8.60 1.29
CA THR A 96 3.93 7.18 0.93
C THR A 96 4.90 6.44 1.84
N LYS A 97 6.02 7.08 2.15
CA LYS A 97 7.04 6.48 3.01
C LYS A 97 6.46 6.15 4.39
N GLU A 98 5.73 7.10 4.96
CA GLU A 98 5.12 6.91 6.27
C GLU A 98 4.25 5.66 6.28
N ALA A 99 3.42 5.52 5.24
CA ALA A 99 2.52 4.37 5.13
C ALA A 99 3.31 3.07 5.05
N LEU A 100 4.55 3.15 4.57
CA LEU A 100 5.40 1.98 4.44
C LEU A 100 5.89 1.50 5.81
N ASP A 101 6.28 2.46 6.65
CA ASP A 101 6.76 2.12 7.99
C ASP A 101 5.63 1.60 8.86
N LYS A 102 4.46 2.23 8.77
CA LYS A 102 3.30 1.83 9.55
C LYS A 102 2.94 0.37 9.26
N ILE A 103 2.88 0.02 7.98
CA ILE A 103 2.55 -1.34 7.57
C ILE A 103 3.69 -2.31 7.89
N GLU A 104 4.91 -1.77 7.94
CA GLU A 104 6.09 -2.58 8.23
C GLU A 104 6.14 -2.94 9.72
N GLU A 105 5.78 -1.99 10.56
CA GLU A 105 5.80 -2.19 12.01
C GLU A 105 4.62 -3.06 12.45
N GLU A 106 3.44 -2.75 11.90
CA GLU A 106 2.22 -3.50 12.24
C GLU A 106 2.44 -5.00 12.05
N GLN A 107 3.09 -5.36 10.94
CA GLN A 107 3.37 -6.77 10.65
C GLN A 107 4.36 -7.34 11.65
N ASN A 108 5.24 -6.50 12.17
CA ASN A 108 6.25 -6.94 13.13
C ASN A 108 5.59 -7.41 14.42
N LYS A 109 4.46 -6.82 14.76
CA LYS A 109 3.73 -7.17 15.97
C LYS A 109 3.32 -8.65 15.94
N SER A 110 2.76 -9.08 14.82
CA SER A 110 2.34 -10.47 14.66
C SER A 110 3.54 -11.39 14.52
N LYS A 111 4.63 -10.86 14.00
CA LYS A 111 5.85 -11.63 13.81
C LYS A 111 6.33 -12.22 15.13
N LYS A 112 6.20 -11.45 16.21
CA LYS A 112 6.62 -11.90 17.53
C LYS A 112 5.77 -13.08 17.99
N LYS A 113 4.54 -13.14 17.51
CA LYS A 113 3.62 -14.21 17.88
C LYS A 113 3.92 -15.47 17.07
N ALA A 114 4.33 -15.28 15.82
CA ALA A 114 4.65 -16.41 14.94
C ALA A 114 6.15 -16.70 14.94
N GLN A 115 6.81 -16.36 16.04
CA GLN A 115 8.25 -16.59 16.16
C GLN A 115 8.60 -18.06 15.93
N GLN A 116 7.64 -18.93 16.23
CA GLN A 116 7.84 -20.36 16.05
C GLN A 116 8.29 -20.68 14.64
N ALA A 117 7.61 -20.08 13.65
CA ALA A 117 7.95 -20.30 12.25
C ALA A 117 8.80 -19.16 11.71
N ALA A 118 9.57 -18.54 12.59
CA ALA A 118 10.44 -17.44 12.20
C ALA A 118 11.77 -17.49 12.94
N ALA A 119 12.18 -18.69 13.34
CA ALA A 119 13.43 -18.87 14.05
C ALA A 119 14.41 -19.68 13.23
N ASP A 120 13.98 -20.85 12.77
CA ASP A 120 14.83 -21.72 11.96
C ASP A 120 15.19 -21.06 10.63
N THR A 121 14.16 -20.67 9.88
CA THR A 121 14.36 -20.03 8.59
C THR A 121 15.30 -20.85 7.71
N GLY A 122 15.71 -20.26 6.59
CA GLY A 122 16.60 -20.94 5.67
C GLY A 122 17.75 -20.07 5.22
N ASN A 123 17.44 -18.82 4.89
CA ASN A 123 18.46 -17.87 4.43
C ASN A 123 17.99 -16.43 4.64
N ASN A 124 18.83 -15.62 5.27
CA ASN A 124 18.50 -14.23 5.53
C ASN A 124 19.11 -13.33 4.46
N SER A 125 18.30 -12.42 3.93
CA SER A 125 18.77 -11.49 2.90
C SER A 125 18.93 -10.08 3.46
N GLN A 126 19.82 -9.31 2.85
CA GLN A 126 20.07 -7.94 3.30
C GLN A 126 20.79 -7.14 2.21
N VAL A 127 20.41 -5.87 2.07
CA VAL A 127 21.01 -5.00 1.07
C VAL A 127 21.68 -3.80 1.73
N SER A 128 22.76 -3.33 1.11
CA SER A 128 23.50 -2.19 1.63
C SER A 128 23.27 -0.95 0.77
N GLN A 129 23.86 0.17 1.17
CA GLN A 129 23.72 1.42 0.45
C GLN A 129 22.25 1.78 0.25
N ASN A 130 21.54 1.89 1.37
CA ASN A 130 20.12 2.23 1.33
C ASN A 130 19.90 3.62 0.73
N TYR A 131 18.80 3.79 0.01
CA TYR A 131 18.49 5.07 -0.63
C TYR A 131 19.63 5.53 -1.52
C1 MYR B . -16.71 3.87 1.21
O1 MYR B . -15.72 3.60 0.51
C2 MYR B . -16.52 3.98 2.72
C3 MYR B . -17.57 3.20 3.55
C4 MYR B . -16.91 2.41 4.70
C5 MYR B . -17.95 2.03 5.79
C6 MYR B . -19.05 1.10 5.24
C7 MYR B . -20.46 1.66 5.51
C8 MYR B . -20.88 1.50 6.98
C9 MYR B . -20.83 2.82 7.76
C10 MYR B . -20.06 2.68 9.09
C11 MYR B . -18.84 3.61 9.22
C12 MYR B . -18.95 4.68 10.32
C13 MYR B . -17.85 5.75 10.23
C14 MYR B . -18.01 6.62 8.97
H21 MYR B . -16.57 5.06 2.98
H22 MYR B . -15.49 3.67 2.99
H31 MYR B . -18.14 2.52 2.90
H32 MYR B . -18.31 3.91 3.95
H41 MYR B . -16.11 3.01 5.16
H42 MYR B . -16.44 1.51 4.31
H51 MYR B . -18.40 2.94 6.22
H52 MYR B . -17.42 1.53 6.63
H61 MYR B . -18.96 0.10 5.69
H62 MYR B . -18.91 0.96 4.15
H71 MYR B . -21.20 1.15 4.86
H72 MYR B . -20.50 2.73 5.23
H81 MYR B . -20.23 0.75 7.48
H82 MYR B . -21.91 1.08 7.03
H91 MYR B . -21.85 3.18 7.95
H92 MYR B . -20.35 3.60 7.13
H101 MYR B . -19.72 1.64 9.20
H102 MYR B . -20.75 2.86 9.95
H111 MYR B . -18.62 4.09 8.24
H112 MYR B . -17.95 2.98 9.42
H121 MYR B . -18.91 4.19 11.32
H122 MYR B . -19.94 5.17 10.28
H131 MYR B . -16.85 5.26 10.21
H132 MYR B . -17.85 6.39 11.13
H141 MYR B . -17.71 7.67 9.16
H142 MYR B . -17.39 6.25 8.14
H143 MYR B . -19.06 6.64 8.62
P1 PBU C . 4.64 9.71 -13.29
P4 PBU C . 8.57 10.17 -6.31
P5 PBU C . 9.55 6.35 -8.10
C3' PBU C . 3.86 7.34 -13.58
C2' PBU C . 2.62 7.31 -12.65
O2' PBU C . 2.44 5.99 -12.18
C1' PBU C . 1.34 7.75 -13.39
O1' PBU C . 1.42 7.36 -14.74
C1 PBU C . 6.49 9.37 -11.04
O1 PBU C . 5.89 9.03 -12.42
C2 PBU C . 7.03 10.83 -10.88
O2 PBU C . 7.99 11.20 -11.87
C3 PBU C . 7.63 11.03 -9.48
O3 PBU C . 8.10 12.38 -9.40
C4 PBU C . 8.80 9.99 -9.20
O4 PBU C . 9.33 10.20 -7.80
C5 PBU C . 8.21 8.53 -9.37
O5 PBU C . 9.30 7.58 -9.18
C6 PBU C . 7.58 8.31 -10.77
O6 PBU C . 6.95 7.02 -10.88
C7 PBU C . 3.17 5.61 -11.02
O7 PBU C . 4.06 4.79 -11.10
C8 PBU C . 2.83 6.24 -9.66
C9 PBU C . 2.90 5.18 -8.55
C10 PBU C . 2.73 5.87 -7.18
C11 PBU C . 0.47 7.77 -15.71
O11 PBU C . -0.55 7.17 -15.96
C12 PBU C . 0.84 9.06 -16.49
C13 PBU C . 0.44 9.00 -17.98
C14 PBU C . 1.53 9.62 -18.88
O41 PBU C . 9.25 8.93 -5.73
O42 PBU C . 8.94 11.46 -5.64
O43 PBU C . 7.06 10.06 -6.51
O51 PBU C . 10.62 6.98 -7.23
O52 PBU C . 8.18 6.13 -7.48
O53 PBU C . 10.05 5.22 -8.96
OP1 PBU C . 4.07 8.62 -14.14
OP2 PBU C . 3.69 10.21 -12.20
OP3 PBU C . 5.31 10.74 -14.15
H3'1 PBU C . 3.72 6.64 -14.35
H3'2 PBU C . 4.71 7.07 -13.00
H2' PBU C . 2.76 7.99 -11.86
H1'1 PBU C . 0.50 7.27 -12.98
H1'2 PBU C . 1.19 8.79 -13.29
H1 PBU C . 5.71 9.32 -10.29
H2 PBU C . 6.16 11.50 -10.99
H02 PBU C . 8.71 10.63 -11.96
H3 PBU C . 6.88 10.87 -8.72
H03 PBU C . 8.83 12.53 -10.00
H4 PBU C . 9.63 10.10 -9.88
H5 PBU C . 7.45 8.44 -8.60
H6 PBU C . 8.37 8.37 -11.51
H06 PBU C . 7.58 6.34 -11.02
H81 PBU C . 1.86 6.64 -9.70
H82 PBU C . 3.52 7.00 -9.45
H91 PBU C . 3.82 4.69 -8.58
H92 PBU C . 2.12 4.48 -8.67
H11 PBU C . 1.81 6.37 -7.14
H12 PBU C . 3.51 6.55 -7.03
H13 PBU C . 2.77 5.14 -6.42
H121 PBU C . 0.35 9.87 -16.04
H122 PBU C . 1.88 9.18 -16.43
H131 PBU C . 0.30 8.00 -18.25
H132 PBU C . -0.46 9.53 -18.11
H141 PBU C . 2.43 9.12 -18.71
H142 PBU C . 1.64 10.64 -18.67
H143 PBU C . 1.25 9.50 -19.88
N GLY A 1 -21.83 -6.65 -7.37
CA GLY A 1 -21.90 -6.43 -8.80
C GLY A 1 -20.92 -5.38 -9.28
N ALA A 2 -19.64 -5.60 -9.02
CA ALA A 2 -18.61 -4.66 -9.42
C ALA A 2 -18.82 -3.29 -8.79
N ARG A 3 -17.90 -2.37 -9.04
CA ARG A 3 -17.99 -1.03 -8.49
C ARG A 3 -17.09 -0.06 -9.26
N ALA A 4 -17.54 1.18 -9.38
CA ALA A 4 -16.78 2.21 -10.09
C ALA A 4 -16.33 3.31 -9.15
N SER A 5 -15.79 2.92 -7.99
CA SER A 5 -15.32 3.89 -7.00
C SER A 5 -14.30 3.24 -6.06
N VAL A 6 -13.37 4.06 -5.58
CA VAL A 6 -12.34 3.57 -4.66
C VAL A 6 -12.32 4.38 -3.37
N LEU A 7 -11.94 5.65 -3.47
CA LEU A 7 -11.87 6.53 -2.31
C LEU A 7 -13.13 7.39 -2.22
N SER A 8 -13.83 7.30 -1.09
CA SER A 8 -15.04 8.07 -0.87
C SER A 8 -14.72 9.56 -0.74
N GLY A 9 -15.73 10.34 -0.36
CA GLY A 9 -15.55 11.77 -0.20
C GLY A 9 -14.46 12.11 0.79
N GLY A 10 -14.56 11.53 1.99
CA GLY A 10 -13.58 11.79 3.02
C GLY A 10 -12.20 11.27 2.65
N GLU A 11 -12.16 10.09 2.07
CA GLU A 11 -10.89 9.48 1.66
C GLU A 11 -10.24 10.29 0.53
N LEU A 12 -11.07 10.87 -0.32
CA LEU A 12 -10.58 11.67 -1.44
C LEU A 12 -9.81 12.88 -0.96
N ASP A 13 -10.39 13.60 0.00
CA ASP A 13 -9.76 14.79 0.56
C ASP A 13 -8.36 14.46 1.08
N LYS A 14 -8.28 13.45 1.94
CA LYS A 14 -7.01 13.04 2.51
C LYS A 14 -6.06 12.53 1.43
N TRP A 15 -6.60 11.79 0.48
CA TRP A 15 -5.79 11.25 -0.62
C TRP A 15 -5.04 12.37 -1.33
N GLU A 16 -5.77 13.38 -1.78
CA GLU A 16 -5.17 14.50 -2.48
C GLU A 16 -4.11 15.19 -1.61
N LYS A 17 -4.26 15.06 -0.30
CA LYS A 17 -3.33 15.66 0.64
C LYS A 17 -2.03 14.85 0.71
N ILE A 18 -2.16 13.54 0.88
CA ILE A 18 -1.00 12.66 0.96
C ILE A 18 -0.06 12.88 -0.22
N ARG A 19 1.23 12.87 0.06
CA ARG A 19 2.23 13.07 -0.99
C ARG A 19 2.89 11.74 -1.37
N LEU A 20 3.31 11.63 -2.61
CA LEU A 20 3.96 10.42 -3.10
C LEU A 20 5.23 10.12 -2.31
N ARG A 21 5.88 11.16 -1.83
CA ARG A 21 7.11 11.01 -1.06
C ARG A 21 7.16 12.03 0.07
N PRO A 22 7.99 11.74 1.10
CA PRO A 22 8.15 12.62 2.26
C PRO A 22 8.87 13.92 1.91
N GLY A 23 9.85 13.82 1.02
CA GLY A 23 10.61 14.99 0.62
C GLY A 23 10.35 15.38 -0.82
N GLY A 24 9.09 15.60 -1.17
CA GLY A 24 8.74 15.97 -2.52
C GLY A 24 7.72 17.09 -2.58
N LYS A 25 7.24 17.39 -3.78
CA LYS A 25 6.26 18.45 -3.96
C LYS A 25 5.16 18.01 -4.91
N LYS A 26 4.93 16.71 -4.99
CA LYS A 26 3.91 16.15 -5.87
C LYS A 26 2.88 15.36 -5.07
N GLN A 27 1.78 16.03 -4.70
CA GLN A 27 0.72 15.39 -3.94
C GLN A 27 0.09 14.24 -4.73
N TYR A 28 -0.78 13.49 -4.06
CA TYR A 28 -1.44 12.35 -4.70
C TYR A 28 -2.65 12.83 -5.51
N LYS A 29 -2.95 12.10 -6.59
CA LYS A 29 -4.09 12.44 -7.44
C LYS A 29 -4.71 11.19 -8.04
N LEU A 30 -5.91 11.33 -8.59
CA LEU A 30 -6.61 10.21 -9.19
C LEU A 30 -5.73 9.49 -10.21
N LYS A 31 -4.81 10.23 -10.83
CA LYS A 31 -3.91 9.66 -11.81
C LYS A 31 -3.20 8.44 -11.25
N HIS A 32 -2.86 8.49 -9.96
CA HIS A 32 -2.17 7.38 -9.30
C HIS A 32 -3.15 6.26 -8.98
N ILE A 33 -4.41 6.55 -8.63
CA ILE A 33 -5.38 5.52 -8.31
C ILE A 33 -5.73 4.70 -9.55
N VAL A 34 -5.81 5.36 -10.70
CA VAL A 34 -6.14 4.69 -11.95
C VAL A 34 -4.91 3.99 -12.54
N TRP A 35 -3.76 4.63 -12.39
CA TRP A 35 -2.50 4.07 -12.91
C TRP A 35 -2.28 2.67 -12.34
N ALA A 36 -2.66 2.47 -11.09
CA ALA A 36 -2.48 1.18 -10.44
C ALA A 36 -3.57 0.19 -10.88
N SER A 37 -4.81 0.66 -10.92
CA SER A 37 -5.93 -0.18 -11.32
C SER A 37 -5.65 -0.84 -12.66
N ARG A 38 -5.11 -0.08 -13.60
CA ARG A 38 -4.80 -0.60 -14.93
C ARG A 38 -3.68 -1.63 -14.87
N GLU A 39 -2.83 -1.51 -13.84
CA GLU A 39 -1.72 -2.44 -13.66
C GLU A 39 -2.18 -3.71 -12.96
N LEU A 40 -3.14 -3.57 -12.06
CA LEU A 40 -3.67 -4.71 -11.32
C LEU A 40 -4.24 -5.75 -12.26
N GLU A 41 -5.06 -5.31 -13.20
CA GLU A 41 -5.69 -6.21 -14.17
C GLU A 41 -4.63 -7.02 -14.92
N ARG A 42 -3.42 -6.46 -15.00
CA ARG A 42 -2.32 -7.13 -15.69
C ARG A 42 -1.78 -8.28 -14.85
N PHE A 43 -1.92 -8.17 -13.54
CA PHE A 43 -1.44 -9.21 -12.63
C PHE A 43 -2.57 -10.16 -12.25
N ALA A 44 -3.56 -10.28 -13.14
CA ALA A 44 -4.69 -11.17 -12.90
C ALA A 44 -5.49 -10.71 -11.69
N VAL A 45 -5.37 -9.44 -11.33
CA VAL A 45 -6.08 -8.88 -10.19
C VAL A 45 -7.04 -7.77 -10.62
N ASN A 46 -8.28 -7.86 -10.18
CA ASN A 46 -9.29 -6.87 -10.51
C ASN A 46 -9.04 -5.56 -9.78
N PRO A 47 -9.29 -4.44 -10.46
CA PRO A 47 -9.10 -3.09 -9.89
C PRO A 47 -10.12 -2.78 -8.80
N GLY A 48 -11.11 -3.65 -8.65
CA GLY A 48 -12.14 -3.44 -7.65
C GLY A 48 -11.73 -3.97 -6.29
N LEU A 49 -10.46 -4.29 -6.14
CA LEU A 49 -9.94 -4.80 -4.87
C LEU A 49 -9.31 -3.68 -4.05
N LEU A 50 -8.85 -2.63 -4.72
CA LEU A 50 -8.23 -1.50 -4.05
C LEU A 50 -9.27 -0.71 -3.25
N GLU A 51 -10.53 -0.79 -3.68
CA GLU A 51 -11.62 -0.10 -3.00
C GLU A 51 -11.99 -0.80 -1.70
N THR A 52 -11.40 -1.96 -1.48
CA THR A 52 -11.67 -2.74 -0.28
C THR A 52 -10.40 -2.94 0.56
N SER A 53 -10.51 -2.66 1.85
CA SER A 53 -9.37 -2.81 2.75
C SER A 53 -8.80 -4.21 2.68
N GLU A 54 -9.64 -5.17 2.32
CA GLU A 54 -9.21 -6.57 2.21
C GLU A 54 -8.41 -6.79 0.93
N GLY A 55 -8.94 -6.30 -0.19
CA GLY A 55 -8.25 -6.46 -1.46
C GLY A 55 -6.85 -5.90 -1.43
N CYS A 56 -6.71 -4.66 -0.99
CA CYS A 56 -5.41 -4.01 -0.93
C CYS A 56 -4.41 -4.86 -0.15
N ARG A 57 -4.86 -5.44 0.96
CA ARG A 57 -4.02 -6.28 1.80
C ARG A 57 -3.53 -7.50 1.02
N GLN A 58 -4.44 -8.13 0.28
CA GLN A 58 -4.10 -9.31 -0.51
C GLN A 58 -3.06 -8.96 -1.57
N ILE A 59 -3.11 -7.73 -2.07
CA ILE A 59 -2.17 -7.30 -3.09
C ILE A 59 -0.79 -7.04 -2.50
N LEU A 60 -0.76 -6.35 -1.37
CA LEU A 60 0.50 -6.03 -0.70
C LEU A 60 1.20 -7.31 -0.25
N GLY A 61 0.42 -8.36 -0.02
CA GLY A 61 0.99 -9.62 0.41
C GLY A 61 1.86 -10.26 -0.65
N GLN A 62 1.46 -10.12 -1.91
CA GLN A 62 2.21 -10.70 -3.02
C GLN A 62 3.39 -9.81 -3.39
N LEU A 63 3.18 -8.50 -3.31
CA LEU A 63 4.24 -7.54 -3.63
C LEU A 63 5.28 -7.48 -2.52
N GLN A 64 4.86 -7.81 -1.30
CA GLN A 64 5.75 -7.79 -0.15
C GLN A 64 7.02 -8.59 -0.43
N PRO A 65 6.85 -9.89 -0.69
CA PRO A 65 7.97 -10.80 -0.97
C PRO A 65 8.60 -10.51 -2.34
N SER A 66 7.88 -9.78 -3.18
CA SER A 66 8.37 -9.45 -4.50
C SER A 66 9.32 -8.25 -4.46
N LEU A 67 9.13 -7.40 -3.46
CA LEU A 67 9.96 -6.22 -3.28
C LEU A 67 11.44 -6.58 -3.30
N GLN A 68 11.75 -7.79 -2.83
CA GLN A 68 13.12 -8.27 -2.80
C GLN A 68 13.76 -8.23 -4.18
N THR A 69 13.04 -8.75 -5.17
CA THR A 69 13.53 -8.78 -6.54
C THR A 69 12.53 -8.13 -7.49
N GLY A 70 11.97 -6.99 -7.08
CA GLY A 70 11.02 -6.28 -7.91
C GLY A 70 11.65 -5.15 -8.68
N SER A 71 10.90 -4.61 -9.66
CA SER A 71 11.40 -3.52 -10.48
C SER A 71 10.67 -2.22 -10.15
N GLU A 72 10.90 -1.20 -10.96
CA GLU A 72 10.27 0.10 -10.75
C GLU A 72 8.74 -0.02 -10.79
N GLU A 73 8.26 -1.04 -11.49
CA GLU A 73 6.83 -1.27 -11.61
C GLU A 73 6.25 -1.77 -10.29
N LEU A 74 7.03 -2.55 -9.56
CA LEU A 74 6.61 -3.09 -8.28
C LEU A 74 6.62 -2.02 -7.20
N ARG A 75 7.69 -1.23 -7.17
CA ARG A 75 7.82 -0.17 -6.19
C ARG A 75 6.65 0.81 -6.28
N SER A 76 6.29 1.19 -7.51
CA SER A 76 5.20 2.12 -7.73
C SER A 76 3.90 1.58 -7.14
N LEU A 77 3.59 0.32 -7.44
CA LEU A 77 2.38 -0.32 -6.94
C LEU A 77 2.34 -0.28 -5.41
N TYR A 78 3.37 -0.84 -4.79
CA TYR A 78 3.44 -0.88 -3.34
C TYR A 78 3.25 0.52 -2.75
N ASN A 79 3.65 1.53 -3.50
CA ASN A 79 3.52 2.91 -3.06
C ASN A 79 2.06 3.34 -3.01
N THR A 80 1.37 3.22 -4.14
CA THR A 80 -0.03 3.59 -4.23
C THR A 80 -0.89 2.71 -3.33
N ILE A 81 -0.77 1.39 -3.50
CA ILE A 81 -1.53 0.45 -2.70
C ILE A 81 -1.36 0.72 -1.22
N ALA A 82 -0.20 1.26 -0.84
CA ALA A 82 0.09 1.57 0.55
C ALA A 82 -0.75 2.75 1.03
N VAL A 83 -0.51 3.92 0.44
CA VAL A 83 -1.24 5.13 0.81
C VAL A 83 -2.75 4.89 0.77
N LEU A 84 -3.20 4.11 -0.22
CA LEU A 84 -4.61 3.80 -0.37
C LEU A 84 -5.09 2.87 0.74
N TYR A 85 -4.37 1.77 0.93
CA TYR A 85 -4.71 0.79 1.97
C TYR A 85 -4.85 1.46 3.33
N CYS A 86 -3.85 2.28 3.67
CA CYS A 86 -3.86 2.98 4.96
C CYS A 86 -5.17 3.74 5.15
N VAL A 87 -5.65 4.36 4.09
CA VAL A 87 -6.89 5.13 4.15
C VAL A 87 -8.05 4.24 4.60
N HIS A 88 -8.10 3.01 4.09
CA HIS A 88 -9.15 2.08 4.44
C HIS A 88 -8.93 1.51 5.84
N GLN A 89 -7.72 1.55 6.38
CA GLN A 89 -7.46 1.02 7.71
C GLN A 89 -7.50 2.13 8.76
N ARG A 90 -8.26 3.18 8.46
CA ARG A 90 -8.40 4.30 9.37
C ARG A 90 -7.03 4.89 9.71
N ILE A 91 -6.08 4.75 8.80
CA ILE A 91 -4.73 5.26 9.00
C ILE A 91 -4.55 6.61 8.32
N ASP A 92 -4.10 7.61 9.08
CA ASP A 92 -3.88 8.94 8.55
C ASP A 92 -2.38 9.24 8.42
N VAL A 93 -1.90 9.27 7.18
CA VAL A 93 -0.49 9.54 6.92
C VAL A 93 -0.31 10.85 6.16
N LYS A 94 0.93 11.22 5.89
CA LYS A 94 1.24 12.45 5.18
C LYS A 94 1.92 12.15 3.85
N ASP A 95 2.67 11.04 3.81
CA ASP A 95 3.36 10.64 2.59
C ASP A 95 3.27 9.13 2.39
N THR A 96 3.90 8.64 1.32
CA THR A 96 3.88 7.22 1.01
C THR A 96 4.81 6.44 1.94
N LYS A 97 5.84 7.12 2.45
CA LYS A 97 6.80 6.50 3.35
C LYS A 97 6.13 6.14 4.68
N GLU A 98 5.51 7.12 5.32
CA GLU A 98 4.83 6.90 6.59
C GLU A 98 3.78 5.81 6.47
N ALA A 99 3.07 5.80 5.34
CA ALA A 99 2.03 4.80 5.10
C ALA A 99 2.63 3.40 5.06
N LEU A 100 3.88 3.30 4.68
CA LEU A 100 4.57 2.02 4.60
C LEU A 100 5.11 1.59 5.96
N ASP A 101 5.50 2.56 6.77
CA ASP A 101 6.02 2.29 8.11
C ASP A 101 4.92 1.77 9.02
N LYS A 102 3.72 2.32 8.85
CA LYS A 102 2.58 1.92 9.68
C LYS A 102 2.20 0.47 9.40
N ILE A 103 2.35 0.04 8.15
CA ILE A 103 2.04 -1.33 7.76
C ILE A 103 3.13 -2.29 8.22
N GLU A 104 4.38 -1.91 8.01
CA GLU A 104 5.51 -2.74 8.40
C GLU A 104 5.54 -2.96 9.90
N GLU A 105 5.06 -1.96 10.65
CA GLU A 105 5.03 -2.04 12.10
C GLU A 105 4.02 -3.09 12.57
N GLU A 106 2.85 -3.10 11.94
CA GLU A 106 1.79 -4.04 12.28
C GLU A 106 2.21 -5.47 11.91
N GLN A 107 2.76 -5.63 10.72
CA GLN A 107 3.18 -6.94 10.25
C GLN A 107 4.31 -7.50 11.13
N ASN A 108 5.31 -6.67 11.37
CA ASN A 108 6.45 -7.09 12.19
C ASN A 108 5.98 -7.60 13.56
N LYS A 109 5.01 -6.90 14.13
CA LYS A 109 4.47 -7.29 15.44
C LYS A 109 3.90 -8.70 15.39
N SER A 110 3.47 -9.12 14.21
CA SER A 110 2.91 -10.46 14.03
C SER A 110 3.89 -11.37 13.30
N LYS A 111 5.18 -11.12 13.50
CA LYS A 111 6.23 -11.91 12.86
C LYS A 111 6.52 -13.17 13.69
N LYS A 112 6.43 -13.05 15.00
CA LYS A 112 6.70 -14.17 15.89
C LYS A 112 5.59 -15.21 15.79
N LYS A 113 4.34 -14.76 15.96
CA LYS A 113 3.19 -15.66 15.88
C LYS A 113 2.95 -16.10 14.45
N ALA A 114 2.74 -15.14 13.56
CA ALA A 114 2.50 -15.43 12.16
C ALA A 114 1.30 -16.36 11.99
N GLN A 115 0.30 -16.21 12.86
CA GLN A 115 -0.88 -17.05 12.81
C GLN A 115 -1.63 -16.87 11.48
N GLN A 116 -1.56 -15.66 10.94
CA GLN A 116 -2.22 -15.36 9.67
C GLN A 116 -1.23 -15.43 8.51
N ALA A 117 0.00 -15.01 8.75
CA ALA A 117 1.04 -15.03 7.73
C ALA A 117 1.36 -16.46 7.32
N ALA A 118 1.14 -17.40 8.23
CA ALA A 118 1.42 -18.81 7.96
C ALA A 118 0.73 -19.26 6.67
N ALA A 119 -0.44 -18.69 6.40
CA ALA A 119 -1.20 -19.04 5.21
C ALA A 119 -0.55 -18.45 3.96
N ASP A 120 0.08 -17.29 4.11
CA ASP A 120 0.73 -16.63 2.99
C ASP A 120 2.23 -16.97 2.95
N THR A 121 2.54 -18.26 2.99
CA THR A 121 3.92 -18.71 2.97
C THR A 121 4.67 -18.13 1.78
N GLY A 122 5.99 -18.20 1.82
CA GLY A 122 6.81 -17.68 0.73
C GLY A 122 8.29 -17.93 0.95
N ASN A 123 8.88 -17.19 1.87
CA ASN A 123 10.30 -17.32 2.17
C ASN A 123 10.69 -16.45 3.36
N ASN A 124 10.37 -16.93 4.56
CA ASN A 124 10.69 -16.19 5.78
C ASN A 124 12.20 -16.18 6.03
N SER A 125 12.77 -14.99 6.17
CA SER A 125 14.19 -14.84 6.41
C SER A 125 14.53 -13.42 6.86
N GLN A 126 15.27 -13.31 7.95
CA GLN A 126 15.65 -12.01 8.49
C GLN A 126 16.98 -11.55 7.89
N VAL A 127 17.06 -10.27 7.57
CA VAL A 127 18.27 -9.70 6.99
C VAL A 127 18.13 -8.19 6.82
N SER A 128 19.18 -7.46 7.18
CA SER A 128 19.18 -6.00 7.05
C SER A 128 19.23 -5.57 5.59
N GLN A 129 18.08 -5.19 5.05
CA GLN A 129 18.00 -4.75 3.66
C GLN A 129 18.69 -3.41 3.46
N ASN A 130 18.94 -3.06 2.21
CA ASN A 130 19.61 -1.80 1.89
C ASN A 130 18.63 -0.63 2.00
N TYR A 131 19.18 0.58 2.05
CA TYR A 131 18.36 1.78 2.16
C TYR A 131 17.57 2.03 0.88
C1 MYR B . -21.95 -7.88 -6.87
O1 MYR B . -22.13 -8.88 -7.56
C2 MYR B . -21.86 -8.06 -5.35
C3 MYR B . -20.62 -8.83 -4.86
C4 MYR B . -19.41 -7.90 -4.65
C5 MYR B . -19.08 -7.69 -3.17
C6 MYR B . -18.27 -8.86 -2.57
C7 MYR B . -17.13 -8.37 -1.65
C8 MYR B . -16.77 -9.41 -0.58
C9 MYR B . -15.54 -10.25 -0.97
C10 MYR B . -14.77 -10.77 0.25
C11 MYR B . -13.33 -11.24 -0.06
C12 MYR B . -13.20 -12.77 -0.23
C13 MYR B . -12.14 -13.14 -1.30
C14 MYR B . -10.78 -13.45 -0.67
H21 MYR B . -22.78 -8.60 -5.04
H22 MYR B . -21.94 -7.07 -4.85
H31 MYR B . -20.36 -9.64 -5.58
H32 MYR B . -20.86 -9.35 -3.90
H41 MYR B . -19.60 -6.93 -5.14
H42 MYR B . -18.52 -8.33 -5.18
H51 MYR B . -20.02 -7.55 -2.59
H52 MYR B . -18.52 -6.74 -3.04
H61 MYR B . -17.86 -9.47 -3.38
H62 MYR B . -18.95 -9.53 -2.00
H71 MYR B . -17.42 -7.42 -1.16
H72 MYR B . -16.25 -8.13 -2.26
H81 MYR B . -17.63 -10.07 -0.40
H82 MYR B . -16.57 -8.90 0.38
H91 MYR B . -14.86 -9.64 -1.61
H92 MYR B . -15.85 -11.11 -1.61
H101 MYR B . -15.33 -11.62 0.69
H102 MYR B . -14.75 -10.00 1.05
H111 MYR B . -12.64 -10.90 0.73
H112 MYR B . -12.99 -10.75 -0.97
H121 MYR B . -14.17 -13.21 -0.51
H122 MYR B . -12.92 -13.25 0.73
H131 MYR B . -12.03 -12.31 -2.03
H132 MYR B . -12.48 -14.01 -1.90
H141 MYR B . -10.78 -14.44 -0.15
H142 MYR B . -9.99 -13.50 -1.44
H143 MYR B . -10.48 -12.68 0.06
P1 PBU C . 4.68 9.70 -13.21
P4 PBU C . 10.29 10.25 -6.58
P5 PBU C . 8.77 5.93 -7.55
C3' PBU C . 3.89 7.32 -13.46
C2' PBU C . 2.65 7.32 -12.54
O2' PBU C . 2.43 5.99 -12.10
C1' PBU C . 1.38 7.80 -13.28
O1' PBU C . 1.46 7.44 -14.64
C1 PBU C . 6.40 9.26 -10.88
O1 PBU C . 5.92 9.03 -12.31
C2 PBU C . 7.11 10.62 -10.60
O2 PBU C . 8.22 10.87 -11.46
C3 PBU C . 7.57 10.72 -9.13
O3 PBU C . 8.22 11.99 -8.96
C4 PBU C . 8.53 9.52 -8.77
O4 PBU C . 8.93 9.62 -7.30
C5 PBU C . 7.77 8.16 -9.04
O5 PBU C . 8.69 7.05 -8.76
C6 PBU C . 7.28 8.05 -10.51
O6 PBU C . 6.50 6.86 -10.73
C7 PBU C . 3.15 5.56 -10.94
O7 PBU C . 4.01 4.73 -11.04
C8 PBU C . 2.82 6.18 -9.57
C9 PBU C . 2.86 5.10 -8.48
C10 PBU C . 2.69 5.76 -7.10
C11 PBU C . 0.75 8.13 -15.64
O11 PBU C . -0.43 8.41 -15.59
C12 PBU C . 1.57 8.49 -16.91
C13 PBU C . 1.25 9.88 -17.48
C14 PBU C . 2.31 10.32 -18.50
O41 PBU C . 10.65 9.06 -5.68
O42 PBU C . 11.27 10.50 -7.70
O43 PBU C . 9.94 11.54 -5.84
O51 PBU C . 9.70 6.64 -6.59
O52 PBU C . 7.32 5.76 -7.12
O53 PBU C . 9.37 4.73 -8.24
OP1 PBU C . 4.09 8.60 -14.04
OP2 PBU C . 3.73 10.22 -12.12
OP3 PBU C . 5.36 10.72 -14.08
H3'1 PBU C . 3.75 6.62 -14.22
H3'2 PBU C . 4.73 7.06 -12.87
H2' PBU C . 2.80 7.97 -11.74
H1'1 PBU C . 0.52 7.34 -12.88
H1'2 PBU C . 1.26 8.85 -13.16
H1 PBU C . 5.52 9.31 -10.22
H2 PBU C . 6.36 11.40 -10.79
H02 PBU C . 8.87 10.19 -11.49
H3 PBU C . 6.72 10.66 -8.46
H03 PBU C . 9.03 12.03 -9.47
H4 PBU C . 9.44 9.51 -9.34
H5 PBU C . 6.92 8.15 -8.37
H6 PBU C . 8.16 8.01 -11.16
H06 PBU C . 7.04 6.10 -10.83
H81 PBU C . 1.86 6.60 -9.60
H82 PBU C . 3.53 6.92 -9.35
H91 PBU C . 3.78 4.60 -8.51
H92 PBU C . 2.07 4.41 -8.62
H11 PBU C . 1.77 6.27 -7.06
H12 PBU C . 3.47 6.43 -6.93
H13 PBU C . 2.70 5.02 -6.35
H121 PBU C . 2.60 8.46 -16.66
H122 PBU C . 1.37 7.76 -17.64
H131 PBU C . 0.31 9.83 -17.97
H132 PBU C . 1.20 10.57 -16.70
H141 PBU C . 2.38 9.61 -19.27
H142 PBU C . 3.24 10.45 -18.04
H143 PBU C . 2.01 11.24 -18.92
N GLY A 1 -17.91 0.44 4.56
CA GLY A 1 -19.08 0.34 3.72
C GLY A 1 -18.75 0.29 2.24
N ALA A 2 -18.15 1.37 1.73
CA ALA A 2 -17.77 1.44 0.32
C ALA A 2 -18.94 1.10 -0.58
N ARG A 3 -19.77 2.10 -0.89
CA ARG A 3 -20.93 1.90 -1.74
C ARG A 3 -20.51 1.77 -3.20
N ALA A 4 -19.60 2.64 -3.63
CA ALA A 4 -19.11 2.62 -5.01
C ALA A 4 -17.74 3.27 -5.12
N SER A 5 -17.14 3.20 -6.30
CA SER A 5 -15.82 3.78 -6.53
C SER A 5 -14.82 3.26 -5.50
N VAL A 6 -13.63 3.86 -5.51
CA VAL A 6 -12.57 3.46 -4.58
C VAL A 6 -12.57 4.34 -3.34
N LEU A 7 -12.16 5.60 -3.51
CA LEU A 7 -12.11 6.55 -2.41
C LEU A 7 -13.33 7.47 -2.43
N SER A 8 -14.07 7.49 -1.34
CA SER A 8 -15.26 8.32 -1.22
C SER A 8 -14.88 9.79 -1.10
N GLY A 9 -15.88 10.64 -0.89
CA GLY A 9 -15.62 12.06 -0.77
C GLY A 9 -14.61 12.38 0.32
N GLY A 10 -14.82 11.82 1.51
CA GLY A 10 -13.91 12.05 2.61
C GLY A 10 -12.51 11.54 2.33
N GLU A 11 -12.42 10.31 1.86
CA GLU A 11 -11.12 9.71 1.55
C GLU A 11 -10.40 10.50 0.46
N LEU A 12 -11.15 10.92 -0.55
CA LEU A 12 -10.58 11.69 -1.65
C LEU A 12 -9.89 12.95 -1.14
N ASP A 13 -10.49 13.56 -0.11
CA ASP A 13 -9.93 14.77 0.48
C ASP A 13 -8.51 14.53 1.00
N LYS A 14 -8.39 13.60 1.94
CA LYS A 14 -7.09 13.27 2.52
C LYS A 14 -6.14 12.72 1.46
N TRP A 15 -6.68 11.89 0.57
CA TRP A 15 -5.88 11.30 -0.50
C TRP A 15 -5.11 12.36 -1.27
N GLU A 16 -5.81 13.43 -1.65
CA GLU A 16 -5.20 14.53 -2.39
C GLU A 16 -4.12 15.21 -1.56
N LYS A 17 -4.25 15.12 -0.23
CA LYS A 17 -3.28 15.72 0.67
C LYS A 17 -2.01 14.87 0.77
N ILE A 18 -2.19 13.56 0.88
CA ILE A 18 -1.07 12.64 0.97
C ILE A 18 -0.09 12.85 -0.18
N ARG A 19 1.20 12.86 0.13
CA ARG A 19 2.23 13.05 -0.87
C ARG A 19 2.84 11.71 -1.29
N LEU A 20 3.33 11.64 -2.52
CA LEU A 20 3.94 10.43 -3.04
C LEU A 20 5.16 10.03 -2.19
N ARG A 21 5.96 11.02 -1.83
CA ARG A 21 7.15 10.78 -1.03
C ARG A 21 7.28 11.82 0.09
N PRO A 22 8.07 11.48 1.12
CA PRO A 22 8.30 12.36 2.27
C PRO A 22 9.14 13.59 1.90
N GLY A 23 10.07 13.39 0.97
CA GLY A 23 10.93 14.48 0.55
C GLY A 23 10.67 14.90 -0.88
N GLY A 24 9.39 15.07 -1.24
CA GLY A 24 9.03 15.46 -2.58
C GLY A 24 8.02 16.59 -2.60
N LYS A 25 7.51 16.90 -3.78
CA LYS A 25 6.52 17.96 -3.93
C LYS A 25 5.44 17.56 -4.94
N LYS A 26 5.02 16.31 -4.87
CA LYS A 26 3.99 15.79 -5.76
C LYS A 26 2.89 15.09 -4.98
N GLN A 27 1.81 15.81 -4.69
CA GLN A 27 0.69 15.26 -3.95
C GLN A 27 0.04 14.12 -4.71
N TYR A 28 -0.83 13.38 -4.04
CA TYR A 28 -1.52 12.25 -4.67
C TYR A 28 -2.74 12.72 -5.45
N LYS A 29 -3.07 12.01 -6.52
CA LYS A 29 -4.21 12.35 -7.35
C LYS A 29 -4.85 11.10 -7.93
N LEU A 30 -6.06 11.24 -8.47
CA LEU A 30 -6.78 10.12 -9.06
C LEU A 30 -5.91 9.39 -10.08
N LYS A 31 -5.01 10.13 -10.71
CA LYS A 31 -4.12 9.55 -11.71
C LYS A 31 -3.40 8.32 -11.15
N HIS A 32 -3.04 8.38 -9.87
CA HIS A 32 -2.36 7.28 -9.22
C HIS A 32 -3.34 6.16 -8.86
N ILE A 33 -4.57 6.47 -8.51
CA ILE A 33 -5.55 5.43 -8.18
C ILE A 33 -5.92 4.60 -9.40
N VAL A 34 -6.00 5.25 -10.55
CA VAL A 34 -6.34 4.58 -11.79
C VAL A 34 -5.12 3.85 -12.38
N TRP A 35 -3.96 4.47 -12.25
CA TRP A 35 -2.72 3.89 -12.76
C TRP A 35 -2.49 2.50 -12.17
N ALA A 36 -2.84 2.34 -10.90
CA ALA A 36 -2.68 1.06 -10.21
C ALA A 36 -3.66 0.02 -10.74
N SER A 37 -4.92 0.44 -10.91
CA SER A 37 -5.96 -0.45 -11.40
C SER A 37 -5.56 -1.08 -12.73
N ARG A 38 -4.93 -0.27 -13.59
CA ARG A 38 -4.50 -0.74 -14.90
C ARG A 38 -3.37 -1.76 -14.76
N GLU A 39 -2.56 -1.61 -13.73
CA GLU A 39 -1.45 -2.52 -13.47
C GLU A 39 -1.92 -3.78 -12.76
N LEU A 40 -3.01 -3.66 -12.01
CA LEU A 40 -3.57 -4.79 -11.28
C LEU A 40 -4.13 -5.84 -12.24
N GLU A 41 -4.96 -5.39 -13.17
CA GLU A 41 -5.56 -6.29 -14.15
C GLU A 41 -4.49 -7.08 -14.90
N ARG A 42 -3.30 -6.51 -14.99
CA ARG A 42 -2.18 -7.16 -15.68
C ARG A 42 -1.67 -8.35 -14.87
N PHE A 43 -1.83 -8.27 -13.56
CA PHE A 43 -1.37 -9.35 -12.67
C PHE A 43 -2.52 -10.32 -12.36
N ALA A 44 -3.49 -10.40 -13.27
CA ALA A 44 -4.63 -11.28 -13.09
C ALA A 44 -5.46 -10.87 -11.88
N VAL A 45 -5.31 -9.61 -11.46
CA VAL A 45 -6.04 -9.09 -10.32
C VAL A 45 -6.97 -7.95 -10.73
N ASN A 46 -8.24 -8.06 -10.38
CA ASN A 46 -9.22 -7.04 -10.71
C ASN A 46 -8.93 -5.74 -9.96
N PRO A 47 -9.17 -4.60 -10.62
CA PRO A 47 -8.95 -3.28 -10.05
C PRO A 47 -9.93 -2.96 -8.92
N GLY A 48 -10.94 -3.82 -8.76
CA GLY A 48 -11.93 -3.61 -7.72
C GLY A 48 -11.48 -4.12 -6.37
N LEU A 49 -10.19 -4.45 -6.26
CA LEU A 49 -9.63 -4.96 -5.02
C LEU A 49 -8.87 -3.87 -4.28
N LEU A 50 -9.23 -2.61 -4.55
CA LEU A 50 -8.58 -1.48 -3.92
C LEU A 50 -9.56 -0.70 -3.05
N GLU A 51 -10.84 -0.79 -3.39
CA GLU A 51 -11.88 -0.09 -2.65
C GLU A 51 -12.17 -0.80 -1.33
N THR A 52 -11.55 -1.96 -1.14
CA THR A 52 -11.74 -2.73 0.08
C THR A 52 -10.42 -2.94 0.82
N SER A 53 -10.42 -2.66 2.11
CA SER A 53 -9.22 -2.79 2.94
C SER A 53 -8.66 -4.21 2.83
N GLU A 54 -9.53 -5.17 2.53
CA GLU A 54 -9.12 -6.56 2.39
C GLU A 54 -8.39 -6.79 1.08
N GLY A 55 -8.96 -6.29 -0.01
CA GLY A 55 -8.34 -6.45 -1.31
C GLY A 55 -6.92 -5.93 -1.35
N CYS A 56 -6.73 -4.70 -0.89
CA CYS A 56 -5.42 -4.07 -0.89
C CYS A 56 -4.40 -4.97 -0.18
N ARG A 57 -4.82 -5.55 0.94
CA ARG A 57 -3.95 -6.43 1.71
C ARG A 57 -3.49 -7.63 0.87
N GLN A 58 -4.40 -8.13 0.04
CA GLN A 58 -4.10 -9.28 -0.82
C GLN A 58 -3.09 -8.89 -1.89
N ILE A 59 -3.27 -7.71 -2.48
CA ILE A 59 -2.38 -7.22 -3.51
C ILE A 59 -0.97 -7.00 -2.98
N LEU A 60 -0.89 -6.50 -1.75
CA LEU A 60 0.39 -6.24 -1.11
C LEU A 60 1.11 -7.54 -0.76
N GLY A 61 0.34 -8.59 -0.57
CA GLY A 61 0.91 -9.89 -0.24
C GLY A 61 1.74 -10.46 -1.39
N GLN A 62 1.46 -10.01 -2.60
CA GLN A 62 2.17 -10.48 -3.77
C GLN A 62 3.38 -9.60 -4.08
N LEU A 63 3.31 -8.34 -3.66
CA LEU A 63 4.39 -7.40 -3.88
C LEU A 63 5.40 -7.44 -2.73
N GLN A 64 4.93 -7.85 -1.55
CA GLN A 64 5.78 -7.94 -0.38
C GLN A 64 7.04 -8.75 -0.69
N PRO A 65 6.85 -10.03 -1.03
CA PRO A 65 7.95 -10.94 -1.36
C PRO A 65 8.64 -10.58 -2.67
N SER A 66 7.96 -9.76 -3.48
CA SER A 66 8.50 -9.35 -4.77
C SER A 66 9.45 -8.17 -4.60
N LEU A 67 9.23 -7.39 -3.55
CA LEU A 67 10.07 -6.22 -3.27
C LEU A 67 11.55 -6.60 -3.26
N GLN A 68 11.83 -7.84 -2.86
CA GLN A 68 13.20 -8.32 -2.80
C GLN A 68 13.92 -8.09 -4.13
N THR A 69 13.26 -8.46 -5.23
CA THR A 69 13.83 -8.29 -6.55
C THR A 69 12.84 -7.62 -7.50
N GLY A 70 12.15 -6.60 -7.00
CA GLY A 70 11.18 -5.89 -7.82
C GLY A 70 11.78 -4.68 -8.51
N SER A 71 11.05 -4.14 -9.48
CA SER A 71 11.51 -2.98 -10.23
C SER A 71 10.64 -1.76 -9.95
N GLU A 72 10.86 -0.69 -10.71
CA GLU A 72 10.09 0.53 -10.55
C GLU A 72 8.59 0.24 -10.57
N GLU A 73 8.20 -0.74 -11.39
CA GLU A 73 6.80 -1.12 -11.50
C GLU A 73 6.27 -1.67 -10.18
N LEU A 74 7.12 -2.39 -9.46
CA LEU A 74 6.74 -2.97 -8.18
C LEU A 74 6.62 -1.90 -7.11
N ARG A 75 7.68 -1.11 -6.94
CA ARG A 75 7.68 -0.05 -5.95
C ARG A 75 6.46 0.85 -6.10
N SER A 76 6.16 1.23 -7.34
CA SER A 76 5.02 2.10 -7.62
C SER A 76 3.75 1.53 -7.01
N LEU A 77 3.47 0.26 -7.30
CA LEU A 77 2.28 -0.41 -6.78
C LEU A 77 2.26 -0.37 -5.26
N TYR A 78 3.31 -0.89 -4.64
CA TYR A 78 3.42 -0.92 -3.18
C TYR A 78 3.19 0.47 -2.60
N ASN A 79 3.55 1.50 -3.36
CA ASN A 79 3.38 2.88 -2.92
C ASN A 79 1.91 3.27 -2.92
N THR A 80 1.28 3.23 -4.09
CA THR A 80 -0.13 3.59 -4.21
C THR A 80 -0.99 2.72 -3.30
N ILE A 81 -0.87 1.40 -3.45
CA ILE A 81 -1.64 0.48 -2.64
C ILE A 81 -1.50 0.79 -1.15
N ALA A 82 -0.30 1.21 -0.75
CA ALA A 82 -0.03 1.55 0.65
C ALA A 82 -0.86 2.75 1.08
N VAL A 83 -0.63 3.90 0.46
CA VAL A 83 -1.34 5.12 0.79
C VAL A 83 -2.86 4.89 0.76
N LEU A 84 -3.30 4.08 -0.20
CA LEU A 84 -4.72 3.78 -0.35
C LEU A 84 -5.21 2.92 0.81
N TYR A 85 -4.55 1.79 1.02
CA TYR A 85 -4.92 0.87 2.10
C TYR A 85 -5.01 1.61 3.43
N CYS A 86 -4.02 2.44 3.71
CA CYS A 86 -3.98 3.20 4.95
C CYS A 86 -5.27 4.00 5.14
N VAL A 87 -5.79 4.54 4.04
CA VAL A 87 -7.02 5.32 4.09
C VAL A 87 -8.18 4.48 4.60
N HIS A 88 -8.29 3.25 4.10
CA HIS A 88 -9.36 2.35 4.51
C HIS A 88 -9.14 1.87 5.94
N GLN A 89 -7.96 2.05 6.52
CA GLN A 89 -7.71 1.61 7.88
C GLN A 89 -7.72 2.79 8.85
N ARG A 90 -8.44 3.83 8.50
CA ARG A 90 -8.53 5.02 9.34
C ARG A 90 -7.14 5.59 9.63
N ILE A 91 -6.19 5.32 8.74
CA ILE A 91 -4.83 5.80 8.92
C ILE A 91 -4.60 7.09 8.14
N ASP A 92 -4.16 8.13 8.85
CA ASP A 92 -3.90 9.41 8.22
C ASP A 92 -2.40 9.70 8.18
N VAL A 93 -1.81 9.54 7.00
CA VAL A 93 -0.38 9.79 6.82
C VAL A 93 -0.13 11.02 5.96
N LYS A 94 1.13 11.44 5.89
CA LYS A 94 1.50 12.61 5.10
C LYS A 94 2.17 12.20 3.79
N ASP A 95 2.86 11.07 3.82
CA ASP A 95 3.55 10.57 2.64
C ASP A 95 3.38 9.05 2.52
N THR A 96 3.99 8.48 1.49
CA THR A 96 3.90 7.04 1.26
C THR A 96 4.92 6.28 2.12
N LYS A 97 6.00 6.97 2.48
CA LYS A 97 7.06 6.38 3.29
C LYS A 97 6.53 6.06 4.70
N GLU A 98 5.80 7.01 5.27
CA GLU A 98 5.24 6.83 6.61
C GLU A 98 4.12 5.80 6.60
N ALA A 99 3.28 5.86 5.57
CA ALA A 99 2.16 4.93 5.45
C ALA A 99 2.65 3.49 5.31
N LEU A 100 3.78 3.33 4.64
CA LEU A 100 4.35 2.00 4.43
C LEU A 100 4.80 1.39 5.75
N ASP A 101 5.37 2.22 6.62
CA ASP A 101 5.84 1.78 7.93
C ASP A 101 4.67 1.35 8.81
N LYS A 102 3.55 2.05 8.69
CA LYS A 102 2.36 1.75 9.47
C LYS A 102 1.82 0.36 9.12
N ILE A 103 1.91 0.00 7.84
CA ILE A 103 1.43 -1.29 7.38
C ILE A 103 2.41 -2.41 7.76
N GLU A 104 3.68 -2.06 7.87
CA GLU A 104 4.71 -3.02 8.23
C GLU A 104 4.70 -3.28 9.73
N GLU A 105 4.37 -2.26 10.51
CA GLU A 105 4.34 -2.38 11.96
C GLU A 105 3.00 -2.95 12.42
N GLU A 106 1.94 -2.57 11.73
CA GLU A 106 0.60 -3.03 12.07
C GLU A 106 0.46 -4.53 11.80
N GLN A 107 0.90 -4.95 10.62
CA GLN A 107 0.83 -6.36 10.23
C GLN A 107 1.49 -7.25 11.28
N ASN A 108 2.52 -6.72 11.94
CA ASN A 108 3.24 -7.46 12.96
C ASN A 108 2.46 -7.47 14.27
N LYS A 109 1.81 -6.36 14.57
CA LYS A 109 1.03 -6.23 15.80
C LYS A 109 -0.17 -7.18 15.78
N SER A 110 -0.73 -7.39 14.59
CA SER A 110 -1.88 -8.27 14.43
C SER A 110 -1.55 -9.69 14.89
N LYS A 111 -0.28 -10.06 14.72
CA LYS A 111 0.17 -11.40 15.11
C LYS A 111 0.05 -11.59 16.62
N LYS A 112 0.23 -10.51 17.37
CA LYS A 112 0.14 -10.56 18.82
C LYS A 112 -1.29 -10.29 19.29
N LYS A 113 -2.03 -9.54 18.49
CA LYS A 113 -3.42 -9.20 18.81
C LYS A 113 -4.39 -10.03 17.96
N ALA A 114 -3.97 -11.23 17.58
CA ALA A 114 -4.80 -12.11 16.78
C ALA A 114 -5.96 -12.67 17.60
N GLN A 115 -5.73 -12.83 18.90
CA GLN A 115 -6.75 -13.37 19.80
C GLN A 115 -7.47 -12.24 20.52
N GLN A 116 -7.61 -11.09 19.86
CA GLN A 116 -8.28 -9.94 20.45
C GLN A 116 -9.05 -9.16 19.39
N ALA A 117 -8.37 -8.84 18.29
CA ALA A 117 -8.99 -8.09 17.20
C ALA A 117 -10.25 -8.77 16.71
N ALA A 118 -10.22 -10.10 16.66
CA ALA A 118 -11.37 -10.88 16.21
C ALA A 118 -12.60 -10.56 17.05
N ALA A 119 -12.38 -10.19 18.31
CA ALA A 119 -13.47 -9.87 19.22
C ALA A 119 -13.53 -8.37 19.49
N ASP A 120 -13.20 -7.58 18.48
CA ASP A 120 -13.22 -6.13 18.60
C ASP A 120 -13.62 -5.47 17.28
N THR A 121 -14.51 -6.12 16.55
CA THR A 121 -14.98 -5.61 15.27
C THR A 121 -16.00 -4.49 15.47
N GLY A 122 -15.66 -3.30 14.98
CA GLY A 122 -16.56 -2.17 15.11
C GLY A 122 -17.64 -2.16 14.06
N ASN A 123 -18.75 -1.47 14.35
CA ASN A 123 -19.87 -1.39 13.41
C ASN A 123 -19.99 0.01 12.83
N ASN A 124 -20.94 0.19 11.92
CA ASN A 124 -21.16 1.49 11.29
C ASN A 124 -21.45 2.57 12.34
N SER A 125 -20.98 3.78 12.08
CA SER A 125 -21.17 4.89 13.00
C SER A 125 -22.00 5.99 12.35
N GLN A 126 -22.45 6.95 13.16
CA GLN A 126 -23.25 8.05 12.66
C GLN A 126 -22.50 8.85 11.61
N VAL A 127 -23.21 9.73 10.91
CA VAL A 127 -22.60 10.55 9.87
C VAL A 127 -21.51 11.45 10.45
N SER A 128 -20.71 12.04 9.56
CA SER A 128 -19.63 12.92 9.98
C SER A 128 -19.04 13.67 8.79
N GLN A 129 -18.18 14.64 9.07
CA GLN A 129 -17.56 15.43 8.02
C GLN A 129 -18.60 16.23 7.25
N ASN A 130 -18.71 17.52 7.55
CA ASN A 130 -19.67 18.39 6.88
C ASN A 130 -19.22 18.70 5.45
N TYR A 131 -20.02 19.49 4.75
CA TYR A 131 -19.70 19.86 3.37
C TYR A 131 -18.44 20.72 3.32
C1 MYR B . -17.99 0.97 5.77
O1 MYR B . -19.03 1.41 6.25
C2 MYR B . -16.71 1.05 6.61
C3 MYR B . -16.76 0.25 7.94
C4 MYR B . -15.43 0.31 8.70
C5 MYR B . -15.38 1.47 9.71
C6 MYR B . -15.27 0.96 11.17
C7 MYR B . -14.41 1.91 12.03
C8 MYR B . -14.96 3.35 12.06
C9 MYR B . -14.78 4.01 13.44
C10 MYR B . -13.29 4.21 13.80
C11 MYR B . -12.87 3.56 15.13
C12 MYR B . -11.49 2.86 15.09
C13 MYR B . -10.82 2.82 16.47
C14 MYR B . -10.50 1.38 16.91
H21 MYR B . -16.54 2.12 6.84
H22 MYR B . -15.85 0.75 6.01
H31 MYR B . -17.04 -0.80 7.73
H32 MYR B . -17.58 0.64 8.58
H41 MYR B . -14.59 0.41 7.98
H42 MYR B . -15.25 -0.65 9.23
H51 MYR B . -16.29 2.10 9.61
H52 MYR B . -14.53 2.14 9.48
H61 MYR B . -14.84 -0.05 11.17
H62 MYR B . -16.28 0.87 11.61
H71 MYR B . -13.37 1.91 11.66
H72 MYR B . -14.36 1.50 13.07
H81 MYR B . -16.03 3.34 11.78
H82 MYR B . -14.45 3.95 11.28
H91 MYR B . -15.28 3.41 14.21
H92 MYR B . -15.29 4.99 13.45
H101 MYR B . -13.08 5.29 13.86
H102 MYR B . -12.64 3.85 12.98
H111 MYR B . -13.66 2.85 15.47
H112 MYR B . -12.85 4.35 15.91
H121 MYR B . -10.84 3.37 14.37
H122 MYR B . -11.62 1.83 14.70
H131 MYR B . -11.48 3.29 17.22
H132 MYR B . -9.89 3.42 16.47
H141 MYR B . -9.46 1.29 17.29
H142 MYR B . -11.17 1.04 17.71
H143 MYR B . -10.59 0.67 16.07
P1 PBU C . 4.58 9.36 -13.18
P4 PBU C . 10.08 10.32 -6.63
P5 PBU C . 9.73 6.19 -7.74
C3' PBU C . 3.67 7.04 -13.43
C2' PBU C . 2.43 7.09 -12.50
O2' PBU C . 2.18 5.79 -12.01
C1' PBU C . 1.17 7.60 -13.23
O1' PBU C . 1.24 7.22 -14.59
C1 PBU C . 6.30 8.84 -10.87
O1 PBU C . 5.80 8.64 -12.30
C2 PBU C . 6.75 10.29 -10.50
O2 PBU C . 7.76 10.80 -11.39
C3 PBU C . 7.27 10.36 -9.06
O3 PBU C . 7.68 11.71 -8.79
C4 PBU C . 8.46 9.33 -8.82
O4 PBU C . 8.90 9.40 -7.38
C5 PBU C . 7.94 7.88 -9.19
O5 PBU C . 9.06 6.95 -9.03
C6 PBU C . 7.41 7.79 -10.64
O6 PBU C . 6.84 6.50 -10.94
C7 PBU C . 2.89 5.37 -10.85
O7 PBU C . 3.74 4.51 -10.93
C8 PBU C . 2.61 6.04 -9.50
C9 PBU C . 2.63 4.98 -8.37
C10 PBU C . 2.63 5.69 -7.00
C11 PBU C . 1.37 8.15 -15.63
O11 PBU C . 1.10 9.34 -15.53
C12 PBU C . 1.85 7.58 -16.99
C13 PBU C . 1.87 8.62 -18.13
C14 PBU C . 2.26 7.96 -19.46
O41 PBU C . 11.07 9.21 -6.30
O42 PBU C . 10.55 11.29 -7.68
O43 PBU C . 9.48 11.04 -5.44
O51 PBU C . 11.20 6.53 -7.96
O52 PBU C . 9.04 6.85 -6.55
O53 PBU C . 9.38 4.73 -7.96
OP1 PBU C . 3.94 8.30 -14.01
OP2 PBU C . 3.67 9.94 -12.09
OP3 PBU C . 5.30 10.36 -14.06
H3'1 PBU C . 3.48 6.33 -14.19
H3'2 PBU C . 4.49 6.73 -12.85
H2' PBU C . 2.62 7.77 -11.71
H1'1 PBU C . 0.31 7.16 -12.82
H1'2 PBU C . 1.08 8.65 -13.13
H1 PBU C . 5.47 8.67 -10.18
H2 PBU C . 5.87 10.93 -10.59
H02 PBU C . 8.52 10.27 -11.50
H3 PBU C . 6.48 10.08 -8.36
H03 PBU C . 8.44 11.94 -9.34
H4 PBU C . 9.32 9.54 -9.44
H5 PBU C . 7.15 7.66 -8.49
H6 PBU C . 8.24 7.97 -11.32
H06 PBU C . 7.50 5.86 -11.11
H81 PBU C . 1.66 6.50 -9.53
H82 PBU C . 3.34 6.76 -9.31
H91 PBU C . 3.48 4.39 -8.47
H92 PBU C . 1.77 4.37 -8.44
H11 PBU C . 1.77 6.30 -6.92
H12 PBU C . 3.49 6.28 -6.92
H13 PBU C . 2.63 4.97 -6.24
H121 PBU C . 2.83 7.20 -16.86
H122 PBU C . 1.20 6.80 -17.26
H131 PBU C . 0.91 9.03 -18.22
H132 PBU C . 2.56 9.37 -17.89
H141 PBU C . 1.59 7.18 -19.67
H142 PBU C . 3.23 7.59 -19.44
H143 PBU C . 2.19 8.69 -20.23
N GLY A 1 -21.22 -1.23 5.42
CA GLY A 1 -20.11 -0.84 4.58
C GLY A 1 -20.42 -0.94 3.11
N ALA A 2 -20.49 0.20 2.44
CA ALA A 2 -20.80 0.24 1.01
C ALA A 2 -19.63 -0.30 0.19
N ARG A 3 -19.92 -0.79 -1.00
CA ARG A 3 -18.90 -1.33 -1.89
C ARG A 3 -18.98 -0.70 -3.28
N ALA A 4 -18.57 0.57 -3.36
CA ALA A 4 -18.61 1.29 -4.63
C ALA A 4 -17.40 2.23 -4.76
N SER A 5 -16.85 2.31 -5.96
CA SER A 5 -15.68 3.16 -6.21
C SER A 5 -14.52 2.78 -5.30
N VAL A 6 -13.42 3.53 -5.41
CA VAL A 6 -12.24 3.27 -4.60
C VAL A 6 -12.24 4.13 -3.34
N LEU A 7 -12.02 5.43 -3.52
CA LEU A 7 -11.99 6.36 -2.40
C LEU A 7 -13.20 7.28 -2.43
N SER A 8 -13.96 7.27 -1.34
CA SER A 8 -15.16 8.10 -1.24
C SER A 8 -14.79 9.58 -1.08
N GLY A 9 -15.79 10.42 -0.87
CA GLY A 9 -15.54 11.84 -0.71
C GLY A 9 -14.55 12.14 0.40
N GLY A 10 -14.78 11.56 1.57
CA GLY A 10 -13.89 11.78 2.69
C GLY A 10 -12.48 11.29 2.42
N GLU A 11 -12.37 10.06 1.93
CA GLU A 11 -11.06 9.48 1.63
C GLU A 11 -10.33 10.29 0.56
N LEU A 12 -11.07 10.71 -0.46
CA LEU A 12 -10.48 11.51 -1.54
C LEU A 12 -9.82 12.76 -0.99
N ASP A 13 -10.46 13.39 -0.02
CA ASP A 13 -9.93 14.61 0.58
C ASP A 13 -8.53 14.37 1.13
N LYS A 14 -8.39 13.37 1.99
CA LYS A 14 -7.09 13.03 2.58
C LYS A 14 -6.13 12.52 1.52
N TRP A 15 -6.64 11.72 0.59
CA TRP A 15 -5.83 11.17 -0.48
C TRP A 15 -5.08 12.27 -1.23
N GLU A 16 -5.83 13.29 -1.66
CA GLU A 16 -5.23 14.41 -2.39
C GLU A 16 -4.19 15.12 -1.53
N LYS A 17 -4.33 15.02 -0.21
CA LYS A 17 -3.40 15.65 0.71
C LYS A 17 -2.09 14.87 0.78
N ILE A 18 -2.19 13.56 0.97
CA ILE A 18 -1.01 12.70 1.05
C ILE A 18 -0.10 12.92 -0.15
N ARG A 19 1.22 12.91 0.10
CA ARG A 19 2.20 13.11 -0.96
C ARG A 19 2.92 11.80 -1.27
N LEU A 20 3.31 11.63 -2.53
CA LEU A 20 4.01 10.43 -2.96
C LEU A 20 5.30 10.24 -2.17
N ARG A 21 5.95 11.35 -1.82
CA ARG A 21 7.20 11.30 -1.06
C ARG A 21 7.16 12.29 0.09
N PRO A 22 8.02 12.07 1.10
CA PRO A 22 8.11 12.94 2.27
C PRO A 22 8.70 14.31 1.94
N GLY A 23 9.70 14.32 1.07
CA GLY A 23 10.34 15.57 0.68
C GLY A 23 10.06 15.94 -0.77
N GLY A 24 8.84 15.67 -1.23
CA GLY A 24 8.48 15.98 -2.60
C GLY A 24 7.45 17.08 -2.69
N LYS A 25 7.10 17.47 -3.91
CA LYS A 25 6.12 18.52 -4.13
C LYS A 25 5.03 18.06 -5.09
N LYS A 26 4.79 16.74 -5.12
CA LYS A 26 3.78 16.16 -5.99
C LYS A 26 2.77 15.36 -5.18
N GLN A 27 1.74 16.03 -4.67
CA GLN A 27 0.71 15.37 -3.88
C GLN A 27 0.08 14.22 -4.65
N TYR A 28 -0.80 13.48 -4.00
CA TYR A 28 -1.47 12.35 -4.61
C TYR A 28 -2.69 12.80 -5.41
N LYS A 29 -3.01 12.05 -6.47
CA LYS A 29 -4.14 12.37 -7.31
C LYS A 29 -4.75 11.10 -7.91
N LEU A 30 -5.96 11.23 -8.46
CA LEU A 30 -6.64 10.10 -9.07
C LEU A 30 -5.74 9.40 -10.08
N LYS A 31 -4.84 10.16 -10.70
CA LYS A 31 -3.92 9.63 -11.70
C LYS A 31 -3.19 8.40 -11.14
N HIS A 32 -2.87 8.44 -9.85
CA HIS A 32 -2.17 7.35 -9.20
C HIS A 32 -3.13 6.21 -8.89
N ILE A 33 -4.37 6.48 -8.52
CA ILE A 33 -5.33 5.42 -8.20
C ILE A 33 -5.68 4.61 -9.44
N VAL A 34 -5.76 5.28 -10.59
CA VAL A 34 -6.09 4.62 -11.84
C VAL A 34 -4.86 3.93 -12.44
N TRP A 35 -3.71 4.57 -12.29
CA TRP A 35 -2.46 4.03 -12.81
C TRP A 35 -2.21 2.62 -12.27
N ALA A 36 -2.61 2.40 -11.02
CA ALA A 36 -2.43 1.09 -10.40
C ALA A 36 -3.43 0.09 -10.93
N SER A 37 -4.70 0.48 -11.00
CA SER A 37 -5.76 -0.38 -11.49
C SER A 37 -5.40 -0.96 -12.85
N ARG A 38 -4.84 -0.12 -13.72
CA ARG A 38 -4.45 -0.54 -15.05
C ARG A 38 -3.33 -1.58 -14.99
N GLU A 39 -2.51 -1.51 -13.95
CA GLU A 39 -1.41 -2.44 -13.77
C GLU A 39 -1.89 -3.73 -13.11
N LEU A 40 -2.91 -3.60 -12.26
CA LEU A 40 -3.47 -4.75 -11.56
C LEU A 40 -4.06 -5.76 -12.54
N GLU A 41 -4.87 -5.27 -13.48
CA GLU A 41 -5.50 -6.12 -14.48
C GLU A 41 -4.44 -6.92 -15.24
N ARG A 42 -3.23 -6.39 -15.31
CA ARG A 42 -2.14 -7.04 -16.00
C ARG A 42 -1.63 -8.25 -15.22
N PHE A 43 -1.79 -8.19 -13.89
CA PHE A 43 -1.34 -9.26 -13.03
C PHE A 43 -2.49 -10.22 -12.71
N ALA A 44 -3.45 -10.29 -13.61
CA ALA A 44 -4.61 -11.16 -13.43
C ALA A 44 -5.43 -10.76 -12.21
N VAL A 45 -5.26 -9.50 -11.79
CA VAL A 45 -5.99 -8.99 -10.64
C VAL A 45 -6.90 -7.84 -11.04
N ASN A 46 -8.18 -7.93 -10.65
CA ASN A 46 -9.16 -6.90 -10.97
C ASN A 46 -8.84 -5.61 -10.22
N PRO A 47 -9.08 -4.47 -10.89
CA PRO A 47 -8.83 -3.15 -10.31
C PRO A 47 -9.81 -2.81 -9.19
N GLY A 48 -10.82 -3.66 -9.02
CA GLY A 48 -11.81 -3.43 -7.99
C GLY A 48 -11.37 -3.96 -6.64
N LEU A 49 -10.10 -4.31 -6.53
CA LEU A 49 -9.55 -4.84 -5.29
C LEU A 49 -8.79 -3.75 -4.53
N LEU A 50 -9.15 -2.51 -4.77
CA LEU A 50 -8.51 -1.37 -4.11
C LEU A 50 -9.53 -0.47 -3.44
N GLU A 51 -10.68 -1.05 -3.09
CA GLU A 51 -11.75 -0.30 -2.45
C GLU A 51 -12.09 -0.90 -1.09
N THR A 52 -11.49 -2.05 -0.78
CA THR A 52 -11.73 -2.74 0.48
C THR A 52 -10.42 -3.07 1.18
N SER A 53 -10.40 -2.90 2.51
CA SER A 53 -9.21 -3.19 3.29
C SER A 53 -8.71 -4.62 3.03
N GLU A 54 -9.65 -5.52 2.73
CA GLU A 54 -9.31 -6.91 2.47
C GLU A 54 -8.60 -7.05 1.13
N GLY A 55 -9.20 -6.46 0.09
CA GLY A 55 -8.61 -6.53 -1.24
C GLY A 55 -7.19 -6.01 -1.27
N CYS A 56 -6.99 -4.80 -0.76
CA CYS A 56 -5.66 -4.19 -0.73
C CYS A 56 -4.66 -5.10 -0.05
N ARG A 57 -4.99 -5.55 1.15
CA ARG A 57 -4.11 -6.43 1.91
C ARG A 57 -3.70 -7.64 1.08
N GLN A 58 -4.57 -8.04 0.16
CA GLN A 58 -4.29 -9.19 -0.70
C GLN A 58 -3.25 -8.83 -1.75
N ILE A 59 -3.29 -7.60 -2.23
CA ILE A 59 -2.35 -7.13 -3.24
C ILE A 59 -0.96 -6.93 -2.65
N LEU A 60 -0.91 -6.35 -1.45
CA LEU A 60 0.36 -6.10 -0.77
C LEU A 60 1.01 -7.41 -0.34
N GLY A 61 0.19 -8.44 -0.14
CA GLY A 61 0.71 -9.73 0.27
C GLY A 61 1.55 -10.39 -0.81
N GLN A 62 1.35 -9.96 -2.05
CA GLN A 62 2.10 -10.51 -3.18
C GLN A 62 3.32 -9.66 -3.49
N LEU A 63 3.16 -8.34 -3.38
CA LEU A 63 4.26 -7.42 -3.65
C LEU A 63 5.24 -7.39 -2.49
N GLN A 64 4.74 -7.69 -1.29
CA GLN A 64 5.58 -7.69 -0.09
C GLN A 64 6.84 -8.53 -0.30
N PRO A 65 6.64 -9.84 -0.56
CA PRO A 65 7.75 -10.77 -0.79
C PRO A 65 8.46 -10.51 -2.11
N SER A 66 7.80 -9.76 -2.99
CA SER A 66 8.38 -9.44 -4.31
C SER A 66 8.91 -8.02 -4.33
N LEU A 67 9.29 -7.51 -3.16
CA LEU A 67 9.82 -6.16 -3.04
C LEU A 67 11.29 -6.11 -3.46
N GLN A 68 12.02 -7.17 -3.14
CA GLN A 68 13.44 -7.25 -3.48
C GLN A 68 13.63 -7.82 -4.88
N THR A 69 12.80 -8.79 -5.25
CA THR A 69 12.87 -9.41 -6.57
C THR A 69 11.89 -8.78 -7.53
N GLY A 70 11.61 -7.49 -7.34
CA GLY A 70 10.69 -6.79 -8.20
C GLY A 70 11.27 -5.49 -8.74
N SER A 71 10.82 -5.09 -9.92
CA SER A 71 11.29 -3.86 -10.55
C SER A 71 10.47 -2.66 -10.11
N GLU A 72 10.72 -1.51 -10.73
CA GLU A 72 10.00 -0.29 -10.40
C GLU A 72 8.49 -0.51 -10.48
N GLU A 73 8.07 -1.30 -11.47
CA GLU A 73 6.66 -1.59 -11.66
C GLU A 73 6.03 -2.12 -10.38
N LEU A 74 6.83 -2.84 -9.59
CA LEU A 74 6.35 -3.40 -8.33
C LEU A 74 6.50 -2.40 -7.19
N ARG A 75 7.51 -1.55 -7.29
CA ARG A 75 7.76 -0.54 -6.27
C ARG A 75 6.65 0.50 -6.25
N SER A 76 6.35 1.06 -7.41
CA SER A 76 5.30 2.08 -7.52
C SER A 76 3.99 1.57 -6.94
N LEU A 77 3.66 0.33 -7.24
CA LEU A 77 2.42 -0.28 -6.74
C LEU A 77 2.37 -0.24 -5.21
N TYR A 78 3.39 -0.81 -4.58
CA TYR A 78 3.45 -0.84 -3.13
C TYR A 78 3.29 0.55 -2.54
N ASN A 79 3.71 1.56 -3.30
CA ASN A 79 3.62 2.95 -2.86
C ASN A 79 2.16 3.40 -2.83
N THR A 80 1.48 3.29 -3.97
CA THR A 80 0.09 3.69 -4.08
C THR A 80 -0.79 2.84 -3.19
N ILE A 81 -0.69 1.52 -3.34
CA ILE A 81 -1.49 0.60 -2.55
C ILE A 81 -1.34 0.88 -1.06
N ALA A 82 -0.15 1.32 -0.66
CA ALA A 82 0.13 1.64 0.74
C ALA A 82 -0.71 2.82 1.21
N VAL A 83 -0.47 3.98 0.61
CA VAL A 83 -1.20 5.20 0.96
C VAL A 83 -2.71 4.97 0.91
N LEU A 84 -3.14 4.18 -0.06
CA LEU A 84 -4.56 3.87 -0.22
C LEU A 84 -5.06 3.00 0.93
N TYR A 85 -4.38 1.88 1.14
CA TYR A 85 -4.76 0.95 2.20
C TYR A 85 -4.88 1.67 3.54
N CYS A 86 -3.88 2.48 3.87
CA CYS A 86 -3.88 3.23 5.12
C CYS A 86 -5.17 4.02 5.27
N VAL A 87 -5.69 4.54 4.16
CA VAL A 87 -6.92 5.31 4.18
C VAL A 87 -8.12 4.44 4.55
N HIS A 88 -8.21 3.28 3.90
CA HIS A 88 -9.31 2.36 4.15
C HIS A 88 -9.33 1.94 5.62
N GLN A 89 -8.19 1.66 6.24
CA GLN A 89 -8.17 1.26 7.64
C GLN A 89 -8.45 2.45 8.55
N ARG A 90 -7.49 3.36 8.65
CA ARG A 90 -7.64 4.54 9.51
C ARG A 90 -6.41 5.43 9.42
N ILE A 91 -5.25 4.81 9.28
CA ILE A 91 -3.99 5.54 9.18
C ILE A 91 -4.07 6.63 8.10
N ASP A 92 -3.79 7.87 8.50
CA ASP A 92 -3.82 8.98 7.56
C ASP A 92 -2.45 9.63 7.43
N VAL A 93 -1.46 8.83 7.04
CA VAL A 93 -0.10 9.32 6.88
C VAL A 93 -0.06 10.56 6.00
N LYS A 94 1.02 11.32 6.09
CA LYS A 94 1.18 12.53 5.30
C LYS A 94 1.84 12.23 3.96
N ASP A 95 2.64 11.16 3.93
CA ASP A 95 3.33 10.76 2.71
C ASP A 95 3.30 9.25 2.54
N THR A 96 3.92 8.76 1.47
CA THR A 96 3.97 7.34 1.20
C THR A 96 4.94 6.62 2.14
N LYS A 97 6.02 7.30 2.50
CA LYS A 97 7.02 6.74 3.38
C LYS A 97 6.40 6.35 4.72
N GLU A 98 5.72 7.30 5.35
CA GLU A 98 5.07 7.06 6.64
C GLU A 98 4.18 5.82 6.57
N ALA A 99 3.47 5.67 5.46
CA ALA A 99 2.59 4.53 5.27
C ALA A 99 3.36 3.21 5.29
N LEU A 100 4.56 3.24 4.74
CA LEU A 100 5.41 2.05 4.69
C LEU A 100 5.83 1.61 6.09
N ASP A 101 6.00 2.59 6.98
CA ASP A 101 6.39 2.32 8.36
C ASP A 101 5.21 1.81 9.16
N LYS A 102 4.03 2.30 8.84
CA LYS A 102 2.81 1.90 9.54
C LYS A 102 2.43 0.46 9.20
N ILE A 103 2.73 0.05 7.97
CA ILE A 103 2.43 -1.30 7.52
C ILE A 103 3.56 -2.26 7.87
N GLU A 104 4.79 -1.75 7.86
CA GLU A 104 5.95 -2.57 8.18
C GLU A 104 5.98 -2.92 9.66
N GLU A 105 5.58 -1.99 10.50
CA GLU A 105 5.55 -2.20 11.94
C GLU A 105 4.50 -3.24 12.31
N GLU A 106 3.45 -3.34 11.50
CA GLU A 106 2.38 -4.30 11.75
C GLU A 106 2.82 -5.71 11.40
N GLN A 107 3.69 -5.82 10.39
CA GLN A 107 4.19 -7.12 9.96
C GLN A 107 5.43 -7.53 10.75
N ASN A 108 6.16 -6.53 11.25
CA ASN A 108 7.36 -6.78 12.03
C ASN A 108 7.07 -7.71 13.19
N LYS A 109 5.85 -7.64 13.71
CA LYS A 109 5.44 -8.48 14.83
C LYS A 109 5.33 -9.94 14.41
N SER A 110 4.83 -10.16 13.19
CA SER A 110 4.68 -11.51 12.67
C SER A 110 6.00 -12.27 12.71
N LYS A 111 7.08 -11.57 12.40
CA LYS A 111 8.41 -12.17 12.41
C LYS A 111 8.73 -12.77 13.76
N LYS A 112 8.22 -12.14 14.81
CA LYS A 112 8.46 -12.61 16.18
C LYS A 112 7.96 -14.05 16.35
N LYS A 113 6.83 -14.36 15.71
CA LYS A 113 6.25 -15.69 15.79
C LYS A 113 6.94 -16.65 14.82
N ALA A 114 6.86 -16.34 13.53
CA ALA A 114 7.49 -17.17 12.50
C ALA A 114 7.03 -18.62 12.62
N GLN A 115 5.81 -18.82 13.09
CA GLN A 115 5.26 -20.15 13.26
C GLN A 115 5.31 -20.93 11.95
N GLN A 116 5.11 -20.22 10.84
CA GLN A 116 5.14 -20.85 9.52
C GLN A 116 6.41 -20.44 8.75
N ALA A 117 6.78 -19.18 8.87
CA ALA A 117 7.97 -18.68 8.19
C ALA A 117 9.18 -19.54 8.50
N ALA A 118 9.20 -20.14 9.68
CA ALA A 118 10.30 -21.00 10.10
C ALA A 118 10.45 -22.19 9.17
N ALA A 119 9.33 -22.66 8.62
CA ALA A 119 9.34 -23.80 7.72
C ALA A 119 9.81 -23.38 6.32
N ASP A 120 9.17 -22.35 5.78
CA ASP A 120 9.51 -21.85 4.45
C ASP A 120 10.54 -20.73 4.55
N THR A 121 11.72 -21.06 5.06
CA THR A 121 12.79 -20.08 5.21
C THR A 121 13.63 -19.98 3.95
N GLY A 122 13.95 -18.75 3.55
CA GLY A 122 14.76 -18.55 2.35
C GLY A 122 15.84 -17.50 2.55
N ASN A 123 16.91 -17.61 1.78
CA ASN A 123 18.02 -16.66 1.87
C ASN A 123 18.05 -15.74 0.66
N ASN A 124 18.89 -14.72 0.72
CA ASN A 124 19.02 -13.76 -0.38
C ASN A 124 20.43 -13.18 -0.43
N SER A 125 20.92 -12.97 -1.65
CA SER A 125 22.26 -12.42 -1.85
C SER A 125 22.27 -10.92 -1.55
N GLN A 126 22.97 -10.54 -0.48
CA GLN A 126 23.07 -9.14 -0.10
C GLN A 126 24.42 -8.55 -0.51
N VAL A 127 24.63 -8.43 -1.81
CA VAL A 127 25.88 -7.88 -2.33
C VAL A 127 25.61 -6.68 -3.25
N SER A 128 24.84 -6.92 -4.31
CA SER A 128 24.51 -5.86 -5.26
C SER A 128 23.57 -4.85 -4.63
N GLN A 129 24.14 -3.82 -4.01
CA GLN A 129 23.35 -2.78 -3.37
C GLN A 129 24.18 -1.52 -3.16
N ASN A 130 23.56 -0.36 -3.36
CA ASN A 130 24.24 0.91 -3.19
C ASN A 130 25.43 1.03 -4.14
N TYR A 131 26.18 2.12 -4.01
CA TYR A 131 27.35 2.35 -4.86
C TYR A 131 26.96 2.35 -6.33
C1 MYR B . -21.63 -0.46 6.42
O1 MYR B . -21.09 0.62 6.70
C2 MYR B . -22.80 -0.92 7.29
C3 MYR B . -23.93 0.11 7.44
C4 MYR B . -24.29 0.79 6.11
C5 MYR B . -23.67 2.20 5.98
C6 MYR B . -24.73 3.30 5.97
C7 MYR B . -24.55 4.33 7.10
C8 MYR B . -24.19 5.73 6.58
C9 MYR B . -22.96 6.32 7.30
C10 MYR B . -23.30 7.62 8.06
C11 MYR B . -24.24 7.41 9.27
C12 MYR B . -23.53 6.95 10.55
C13 MYR B . -23.62 7.99 11.69
C14 MYR B . -22.26 8.22 12.36
H21 MYR B . -22.39 -1.18 8.28
H22 MYR B . -23.20 -1.88 6.88
H31 MYR B . -23.64 0.88 8.18
H32 MYR B . -24.83 -0.37 7.87
H41 MYR B . -25.39 0.86 6.01
H42 MYR B . -23.95 0.16 5.27
H51 MYR B . -23.06 2.26 5.06
H52 MYR B . -22.97 2.37 6.83
H61 MYR B . -25.74 2.86 6.03
H62 MYR B . -24.71 3.83 4.98
H71 MYR B . -23.75 3.97 7.79
H72 MYR B . -25.47 4.37 7.72
H81 MYR B . -25.06 6.40 6.72
H82 MYR B . -24.00 5.68 5.50
H91 MYR B . -22.16 6.52 6.56
H92 MYR B . -22.54 5.57 7.99
H101 MYR B . -23.77 8.33 7.36
H102 MYR B . -22.37 8.12 8.39
H111 MYR B . -25.05 6.71 9.00
H112 MYR B . -24.75 8.37 9.48
H121 MYR B . -22.46 6.73 10.34
H122 MYR B . -23.96 6.00 10.90
H131 MYR B . -24.37 7.67 12.44
H132 MYR B . -24.00 8.95 11.29
H141 MYR B . -21.44 7.70 11.82
H142 MYR B . -22.01 9.29 12.40
H143 MYR B . -22.26 7.84 13.41
P1 PBU C . 4.71 9.62 -13.14
P4 PBU C . 10.31 10.64 -6.56
P5 PBU C . 8.63 6.02 -7.51
C3' PBU C . 3.93 7.24 -13.27
C2' PBU C . 2.67 7.28 -12.37
O2' PBU C . 2.43 5.96 -11.89
C1' PBU C . 1.42 7.77 -13.14
O1' PBU C . 1.52 7.39 -14.49
C1 PBU C . 6.41 9.34 -10.78
O1 PBU C . 5.94 9.02 -12.19
C2 PBU C . 7.10 10.73 -10.59
O2 PBU C . 8.21 10.92 -11.47
C3 PBU C . 7.57 10.93 -9.14
O3 PBU C . 8.19 12.21 -9.04
C4 PBU C . 8.54 9.77 -8.69
O4 PBU C . 8.94 9.97 -7.23
C5 PBU C . 7.81 8.38 -8.88
O5 PBU C . 8.74 7.31 -8.53
C6 PBU C . 7.31 8.17 -10.34
O6 PBU C . 6.54 6.96 -10.48
C7 PBU C . 3.11 5.56 -10.72
O7 PBU C . 3.97 4.70 -10.78
C8 PBU C . 2.77 6.21 -9.37
C9 PBU C . 2.78 5.15 -8.26
C10 PBU C . 2.87 5.86 -6.88
C11 PBU C . 1.19 8.27 -15.55
O11 PBU C . 0.42 9.20 -15.44
C12 PBU C . 1.83 7.93 -16.92
C13 PBU C . 1.99 9.17 -17.83
C14 PBU C . 1.60 8.83 -19.28
O41 PBU C . 10.74 9.44 -5.71
O42 PBU C . 11.21 10.95 -7.72
O43 PBU C . 9.94 11.89 -5.79
O51 PBU C . 10.10 5.76 -7.24
O52 PBU C . 7.79 6.54 -6.36
O53 PBU C . 7.96 4.95 -8.35
OP1 PBU C . 4.14 8.48 -13.92
OP2 PBU C . 3.73 10.20 -12.10
OP3 PBU C . 5.38 10.60 -14.06
H3'1 PBU C . 3.81 6.49 -14.00
H3'2 PBU C . 4.76 7.01 -12.67
H2' PBU C . 2.84 7.95 -11.58
H1'1 PBU C . 0.56 7.31 -12.75
H1'2 PBU C . 1.31 8.81 -13.02
H1 PBU C . 5.54 9.41 -10.12
H2 PBU C . 6.35 11.48 -10.83
H02 PBU C . 8.87 10.27 -11.46
H3 PBU C . 6.71 10.89 -8.46
H03 PBU C . 9.00 12.24 -9.56
H4 PBU C . 9.46 9.74 -9.27
H5 PBU C . 6.95 8.41 -8.21
H6 PBU C . 8.18 8.10 -10.98
H06 PBU C . 7.09 6.20 -10.52
H81 PBU C . 1.82 6.65 -9.43
H82 PBU C . 3.50 6.94 -9.16
H91 PBU C . 3.60 4.52 -8.38
H92 PBU C . 1.88 4.60 -8.29
H11 PBU C . 2.05 6.51 -6.77
H12 PBU C . 3.76 6.40 -6.83
H13 PBU C . 2.85 5.14 -6.12
H121 PBU C . 2.77 7.52 -16.75
H122 PBU C . 1.21 7.24 -17.41
H131 PBU C . 1.36 9.93 -17.48
H132 PBU C . 2.98 9.48 -17.80
H141 PBU C . 0.62 8.47 -19.31
H142 PBU C . 2.25 8.11 -19.69
H143 PBU C . 1.67 9.71 -19.87
N GLY A 1 -18.23 -0.01 0.82
CA GLY A 1 -17.04 0.42 0.11
C GLY A 1 -16.98 1.92 -0.06
N ALA A 2 -17.18 2.38 -1.30
CA ALA A 2 -17.14 3.81 -1.59
C ALA A 2 -18.22 4.20 -2.59
N ARG A 3 -18.56 5.48 -2.63
CA ARG A 3 -19.58 5.97 -3.54
C ARG A 3 -19.01 6.22 -4.92
N ALA A 4 -17.98 7.08 -4.99
CA ALA A 4 -17.34 7.40 -6.26
C ALA A 4 -16.90 6.14 -6.99
N SER A 5 -15.85 5.50 -6.46
CA SER A 5 -15.32 4.28 -7.06
C SER A 5 -14.40 3.55 -6.10
N VAL A 6 -13.37 4.25 -5.62
CA VAL A 6 -12.41 3.67 -4.69
C VAL A 6 -12.41 4.43 -3.37
N LEU A 7 -12.02 5.70 -3.43
CA LEU A 7 -11.97 6.55 -2.24
C LEU A 7 -13.23 7.40 -2.12
N SER A 8 -13.86 7.34 -0.96
CA SER A 8 -15.08 8.11 -0.71
C SER A 8 -14.78 9.60 -0.61
N GLY A 9 -15.79 10.38 -0.25
CA GLY A 9 -15.61 11.82 -0.12
C GLY A 9 -14.52 12.18 0.87
N GLY A 10 -14.60 11.59 2.07
CA GLY A 10 -13.61 11.88 3.08
C GLY A 10 -12.24 11.36 2.72
N GLU A 11 -12.19 10.16 2.14
CA GLU A 11 -10.92 9.55 1.75
C GLU A 11 -10.28 10.32 0.60
N LEU A 12 -11.12 10.92 -0.25
CA LEU A 12 -10.64 11.69 -1.38
C LEU A 12 -9.85 12.91 -0.92
N ASP A 13 -10.46 13.70 -0.05
CA ASP A 13 -9.81 14.90 0.47
C ASP A 13 -8.43 14.57 1.03
N LYS A 14 -8.36 13.51 1.82
CA LYS A 14 -7.10 13.09 2.41
C LYS A 14 -6.13 12.58 1.35
N TRP A 15 -6.65 11.81 0.40
CA TRP A 15 -5.82 11.26 -0.67
C TRP A 15 -5.06 12.37 -1.38
N GLU A 16 -5.78 13.39 -1.83
CA GLU A 16 -5.17 14.52 -2.53
C GLU A 16 -4.13 15.19 -1.66
N LYS A 17 -4.29 15.06 -0.34
CA LYS A 17 -3.35 15.66 0.60
C LYS A 17 -2.06 14.86 0.68
N ILE A 18 -2.19 13.55 0.86
CA ILE A 18 -1.04 12.66 0.95
C ILE A 18 -0.10 12.87 -0.24
N ARG A 19 1.20 12.85 0.05
CA ARG A 19 2.21 13.03 -0.99
C ARG A 19 2.94 11.73 -1.27
N LEU A 20 3.36 11.54 -2.53
CA LEU A 20 4.07 10.34 -2.92
C LEU A 20 5.36 10.18 -2.14
N ARG A 21 6.05 11.29 -1.91
CA ARG A 21 7.31 11.27 -1.16
C ARG A 21 7.23 12.18 0.07
N PRO A 22 8.11 11.95 1.04
CA PRO A 22 8.16 12.73 2.28
C PRO A 22 8.65 14.15 2.04
N GLY A 23 9.55 14.31 1.08
CA GLY A 23 10.08 15.63 0.77
C GLY A 23 10.00 15.96 -0.70
N GLY A 24 8.77 16.09 -1.21
CA GLY A 24 8.58 16.41 -2.61
C GLY A 24 7.59 17.53 -2.83
N LYS A 25 7.18 17.72 -4.08
CA LYS A 25 6.22 18.77 -4.41
C LYS A 25 5.15 18.25 -5.37
N LYS A 26 4.74 17.00 -5.16
CA LYS A 26 3.72 16.38 -6.00
C LYS A 26 2.80 15.49 -5.17
N GLN A 27 1.69 16.06 -4.71
CA GLN A 27 0.73 15.32 -3.91
C GLN A 27 0.13 14.16 -4.70
N TYR A 28 -0.78 13.43 -4.08
CA TYR A 28 -1.43 12.30 -4.73
C TYR A 28 -2.63 12.75 -5.55
N LYS A 29 -2.90 12.04 -6.63
CA LYS A 29 -4.03 12.36 -7.51
C LYS A 29 -4.65 11.10 -8.10
N LEU A 30 -5.83 11.24 -8.67
CA LEU A 30 -6.52 10.11 -9.28
C LEU A 30 -5.62 9.39 -10.27
N LYS A 31 -4.72 10.15 -10.89
CA LYS A 31 -3.79 9.58 -11.88
C LYS A 31 -3.07 8.37 -11.29
N HIS A 32 -2.74 8.44 -10.01
CA HIS A 32 -2.04 7.34 -9.33
C HIS A 32 -3.00 6.20 -9.01
N ILE A 33 -4.26 6.49 -8.66
CA ILE A 33 -5.21 5.43 -8.34
C ILE A 33 -5.53 4.59 -9.58
N VAL A 34 -5.60 5.25 -10.73
CA VAL A 34 -5.89 4.56 -11.98
C VAL A 34 -4.65 3.86 -12.53
N TRP A 35 -3.50 4.51 -12.38
CA TRP A 35 -2.24 3.94 -12.85
C TRP A 35 -2.00 2.56 -12.27
N ALA A 36 -2.39 2.37 -11.01
CA ALA A 36 -2.22 1.09 -10.34
C ALA A 36 -3.28 0.09 -10.79
N SER A 37 -4.53 0.55 -10.87
CA SER A 37 -5.63 -0.31 -11.28
C SER A 37 -5.31 -1.01 -12.60
N ARG A 38 -4.72 -0.26 -13.52
CA ARG A 38 -4.36 -0.80 -14.83
C ARG A 38 -3.36 -1.94 -14.69
N GLU A 39 -2.32 -1.72 -13.88
CA GLU A 39 -1.30 -2.74 -13.66
C GLU A 39 -1.89 -3.97 -12.99
N LEU A 40 -2.85 -3.74 -12.10
CA LEU A 40 -3.50 -4.83 -11.37
C LEU A 40 -4.12 -5.84 -12.34
N GLU A 41 -4.95 -5.34 -13.25
CA GLU A 41 -5.61 -6.19 -14.23
C GLU A 41 -4.58 -7.00 -15.03
N ARG A 42 -3.36 -6.48 -15.12
CA ARG A 42 -2.29 -7.15 -15.85
C ARG A 42 -1.81 -8.38 -15.09
N PHE A 43 -1.95 -8.35 -13.77
CA PHE A 43 -1.53 -9.46 -12.92
C PHE A 43 -2.71 -10.38 -12.61
N ALA A 44 -3.68 -10.41 -13.51
CA ALA A 44 -4.86 -11.25 -13.33
C ALA A 44 -5.66 -10.82 -12.10
N VAL A 45 -5.46 -9.58 -11.68
CA VAL A 45 -6.16 -9.05 -10.52
C VAL A 45 -7.04 -7.86 -10.90
N ASN A 46 -8.34 -7.99 -10.64
CA ASN A 46 -9.28 -6.93 -10.96
C ASN A 46 -8.96 -5.66 -10.18
N PRO A 47 -9.17 -4.49 -10.83
CA PRO A 47 -8.91 -3.19 -10.21
C PRO A 47 -9.90 -2.86 -9.10
N GLY A 48 -10.94 -3.70 -8.97
CA GLY A 48 -11.93 -3.48 -7.94
C GLY A 48 -11.49 -3.98 -6.59
N LEU A 49 -10.22 -4.35 -6.47
CA LEU A 49 -9.67 -4.87 -5.22
C LEU A 49 -8.91 -3.77 -4.48
N LEU A 50 -9.26 -2.53 -4.75
CA LEU A 50 -8.60 -1.38 -4.10
C LEU A 50 -9.59 -0.59 -3.25
N GLU A 51 -10.87 -0.65 -3.64
CA GLU A 51 -11.90 0.06 -2.91
C GLU A 51 -12.25 -0.67 -1.61
N THR A 52 -11.67 -1.85 -1.42
CA THR A 52 -11.91 -2.63 -0.22
C THR A 52 -10.62 -2.86 0.56
N SER A 53 -10.68 -2.60 1.87
CA SER A 53 -9.51 -2.77 2.73
C SER A 53 -8.95 -4.19 2.61
N GLU A 54 -9.81 -5.12 2.26
CA GLU A 54 -9.40 -6.52 2.12
C GLU A 54 -8.63 -6.73 0.83
N GLY A 55 -9.13 -6.16 -0.27
CA GLY A 55 -8.47 -6.29 -1.55
C GLY A 55 -7.03 -5.83 -1.50
N CYS A 56 -6.81 -4.62 -1.02
CA CYS A 56 -5.47 -4.06 -0.93
C CYS A 56 -4.54 -4.99 -0.15
N ARG A 57 -5.04 -5.54 0.95
CA ARG A 57 -4.27 -6.44 1.78
C ARG A 57 -3.71 -7.60 0.95
N GLN A 58 -4.58 -8.22 0.17
CA GLN A 58 -4.17 -9.35 -0.67
C GLN A 58 -3.16 -8.91 -1.72
N ILE A 59 -3.38 -7.72 -2.29
CA ILE A 59 -2.49 -7.18 -3.31
C ILE A 59 -1.10 -6.88 -2.72
N LEU A 60 -1.09 -6.40 -1.48
CA LEU A 60 0.15 -6.07 -0.81
C LEU A 60 0.90 -7.33 -0.37
N GLY A 61 0.13 -8.40 -0.16
CA GLY A 61 0.73 -9.66 0.26
C GLY A 61 1.60 -10.27 -0.83
N GLN A 62 1.36 -9.86 -2.07
CA GLN A 62 2.12 -10.40 -3.20
C GLN A 62 3.35 -9.54 -3.47
N LEU A 63 3.19 -8.22 -3.36
CA LEU A 63 4.29 -7.30 -3.58
C LEU A 63 5.23 -7.24 -2.38
N GLN A 64 4.68 -7.54 -1.21
CA GLN A 64 5.46 -7.53 0.03
C GLN A 64 6.74 -8.35 -0.12
N PRO A 65 6.56 -9.66 -0.38
CA PRO A 65 7.68 -10.59 -0.55
C PRO A 65 8.44 -10.34 -1.85
N SER A 66 7.82 -9.61 -2.77
CA SER A 66 8.45 -9.30 -4.04
C SER A 66 8.99 -7.87 -4.05
N LEU A 67 9.31 -7.36 -2.88
CA LEU A 67 9.84 -6.01 -2.75
C LEU A 67 11.32 -5.96 -3.11
N GLN A 68 12.03 -7.03 -2.80
CA GLN A 68 13.46 -7.11 -3.08
C GLN A 68 13.70 -7.34 -4.58
N THR A 69 12.95 -8.26 -5.17
CA THR A 69 13.09 -8.57 -6.57
C THR A 69 12.00 -7.88 -7.39
N GLY A 70 11.49 -6.77 -6.87
CA GLY A 70 10.44 -6.04 -7.57
C GLY A 70 11.00 -4.87 -8.37
N SER A 71 10.51 -4.73 -9.60
CA SER A 71 10.97 -3.66 -10.48
C SER A 71 10.26 -2.35 -10.15
N GLU A 72 10.53 -1.32 -10.94
CA GLU A 72 9.92 -0.01 -10.73
C GLU A 72 8.40 -0.13 -10.71
N GLU A 73 7.87 -1.11 -11.43
CA GLU A 73 6.43 -1.32 -11.48
C GLU A 73 5.90 -1.82 -10.15
N LEU A 74 6.58 -2.81 -9.57
CA LEU A 74 6.18 -3.36 -8.29
C LEU A 74 6.29 -2.33 -7.18
N ARG A 75 7.45 -1.70 -7.08
CA ARG A 75 7.68 -0.68 -6.06
C ARG A 75 6.57 0.38 -6.09
N SER A 76 6.31 0.91 -7.27
CA SER A 76 5.28 1.93 -7.44
C SER A 76 3.94 1.45 -6.88
N LEU A 77 3.59 0.21 -7.21
CA LEU A 77 2.33 -0.37 -6.75
C LEU A 77 2.25 -0.34 -5.22
N TYR A 78 3.23 -0.95 -4.56
CA TYR A 78 3.27 -1.00 -3.11
C TYR A 78 3.12 0.41 -2.52
N ASN A 79 3.59 1.41 -3.25
CA ASN A 79 3.51 2.79 -2.80
C ASN A 79 2.06 3.28 -2.80
N THR A 80 1.42 3.20 -3.96
CA THR A 80 0.03 3.63 -4.10
C THR A 80 -0.90 2.79 -3.22
N ILE A 81 -0.84 1.48 -3.40
CA ILE A 81 -1.67 0.56 -2.63
C ILE A 81 -1.53 0.82 -1.14
N ALA A 82 -0.36 1.31 -0.73
CA ALA A 82 -0.10 1.60 0.67
C ALA A 82 -0.93 2.80 1.14
N VAL A 83 -0.67 3.95 0.54
CA VAL A 83 -1.38 5.18 0.90
C VAL A 83 -2.90 4.96 0.86
N LEU A 84 -3.34 4.18 -0.11
CA LEU A 84 -4.77 3.89 -0.26
C LEU A 84 -5.25 2.95 0.85
N TYR A 85 -4.46 1.92 1.12
CA TYR A 85 -4.81 0.95 2.15
C TYR A 85 -4.89 1.62 3.53
N CYS A 86 -3.87 2.41 3.84
CA CYS A 86 -3.83 3.11 5.13
C CYS A 86 -5.12 3.89 5.37
N VAL A 87 -5.72 4.38 4.29
CA VAL A 87 -6.96 5.14 4.38
C VAL A 87 -8.13 4.25 4.78
N HIS A 88 -8.21 3.08 4.16
CA HIS A 88 -9.28 2.14 4.46
C HIS A 88 -9.12 1.55 5.86
N GLN A 89 -7.90 1.36 6.36
CA GLN A 89 -7.70 0.81 7.69
C GLN A 89 -7.94 1.87 8.76
N ARG A 90 -6.99 2.80 8.89
CA ARG A 90 -7.10 3.87 9.87
C ARG A 90 -5.89 4.80 9.80
N ILE A 91 -4.73 4.23 9.50
CA ILE A 91 -3.50 5.01 9.40
C ILE A 91 -3.67 6.19 8.46
N ASP A 92 -3.38 7.38 8.97
CA ASP A 92 -3.50 8.61 8.17
C ASP A 92 -2.14 9.20 7.89
N VAL A 93 -1.28 8.43 7.23
CA VAL A 93 0.07 8.89 6.89
C VAL A 93 0.02 10.13 6.00
N LYS A 94 1.01 11.00 6.14
CA LYS A 94 1.09 12.22 5.36
C LYS A 94 1.72 11.95 3.99
N ASP A 95 2.55 10.92 3.94
CA ASP A 95 3.22 10.55 2.68
C ASP A 95 3.28 9.04 2.53
N THR A 96 3.88 8.58 1.43
CA THR A 96 4.00 7.15 1.15
C THR A 96 5.09 6.52 2.00
N LYS A 97 6.14 7.29 2.29
CA LYS A 97 7.25 6.80 3.10
C LYS A 97 6.76 6.29 4.45
N GLU A 98 5.95 7.11 5.12
CA GLU A 98 5.42 6.74 6.43
C GLU A 98 4.44 5.58 6.31
N ALA A 99 3.66 5.58 5.23
CA ALA A 99 2.68 4.53 5.01
C ALA A 99 3.35 3.16 4.92
N LEU A 100 4.62 3.16 4.54
CA LEU A 100 5.38 1.92 4.42
C LEU A 100 5.96 1.50 5.76
N ASP A 101 6.22 2.48 6.62
CA ASP A 101 6.77 2.22 7.95
C ASP A 101 5.69 1.66 8.88
N LYS A 102 4.49 2.20 8.76
CA LYS A 102 3.38 1.76 9.60
C LYS A 102 3.00 0.31 9.30
N ILE A 103 2.80 0.01 8.03
CA ILE A 103 2.44 -1.34 7.62
C ILE A 103 3.55 -2.33 7.95
N GLU A 104 4.79 -1.93 7.67
CA GLU A 104 5.95 -2.78 7.95
C GLU A 104 5.99 -3.17 9.42
N GLU A 105 5.66 -2.22 10.29
CA GLU A 105 5.67 -2.46 11.73
C GLU A 105 4.66 -3.53 12.11
N GLU A 106 3.52 -3.53 11.43
CA GLU A 106 2.47 -4.50 11.70
C GLU A 106 2.93 -5.91 11.34
N GLN A 107 3.66 -6.03 10.24
CA GLN A 107 4.16 -7.32 9.79
C GLN A 107 5.34 -7.77 10.64
N ASN A 108 6.08 -6.81 11.19
CA ASN A 108 7.23 -7.11 12.03
C ASN A 108 6.85 -8.05 13.17
N LYS A 109 5.70 -7.79 13.78
CA LYS A 109 5.21 -8.61 14.88
C LYS A 109 4.88 -10.01 14.42
N SER A 110 4.51 -10.14 13.14
CA SER A 110 4.15 -11.43 12.57
C SER A 110 5.29 -11.96 11.70
N LYS A 111 6.52 -11.70 12.13
CA LYS A 111 7.70 -12.15 11.40
C LYS A 111 8.67 -12.90 12.32
N LYS A 112 9.14 -12.21 13.35
CA LYS A 112 10.07 -12.81 14.30
C LYS A 112 9.43 -14.01 15.00
N LYS A 113 8.11 -13.99 15.11
CA LYS A 113 7.38 -15.07 15.75
C LYS A 113 7.19 -16.24 14.79
N ALA A 114 7.04 -15.94 13.50
CA ALA A 114 6.86 -16.96 12.49
C ALA A 114 8.17 -17.69 12.21
N GLN A 115 9.29 -17.02 12.46
CA GLN A 115 10.60 -17.60 12.23
C GLN A 115 11.51 -17.38 13.43
N GLN A 116 11.03 -17.74 14.61
CA GLN A 116 11.80 -17.58 15.83
C GLN A 116 13.10 -18.38 15.77
N ALA A 117 13.10 -19.43 14.97
CA ALA A 117 14.29 -20.27 14.81
C ALA A 117 15.22 -19.71 13.74
N ALA A 118 14.66 -19.35 12.59
CA ALA A 118 15.43 -18.80 11.49
C ALA A 118 15.69 -17.31 11.70
N ALA A 119 16.60 -16.99 12.61
CA ALA A 119 16.95 -15.60 12.90
C ALA A 119 18.36 -15.50 13.46
N ASP A 120 18.70 -16.39 14.38
CA ASP A 120 20.02 -16.40 14.99
C ASP A 120 21.12 -16.45 13.92
N THR A 121 21.18 -17.57 13.22
CA THR A 121 22.18 -17.75 12.17
C THR A 121 21.75 -17.07 10.87
N GLY A 122 22.72 -16.68 10.06
CA GLY A 122 22.43 -16.02 8.81
C GLY A 122 23.21 -14.74 8.61
N ASN A 123 24.08 -14.72 7.60
CA ASN A 123 24.91 -13.56 7.31
C ASN A 123 24.22 -12.66 6.29
N ASN A 124 24.72 -11.43 6.17
CA ASN A 124 24.16 -10.47 5.22
C ASN A 124 22.71 -10.14 5.57
N SER A 125 22.06 -9.36 4.71
CA SER A 125 20.67 -8.97 4.94
C SER A 125 20.53 -8.17 6.23
N GLN A 126 19.30 -7.79 6.55
CA GLN A 126 19.02 -7.03 7.76
C GLN A 126 19.86 -5.74 7.79
N VAL A 127 19.34 -4.70 7.15
CA VAL A 127 20.03 -3.42 7.10
C VAL A 127 19.28 -2.36 7.90
N SER A 128 20.03 -1.43 8.51
CA SER A 128 19.44 -0.38 9.31
C SER A 128 20.17 0.94 9.09
N GLN A 129 19.67 2.01 9.70
CA GLN A 129 20.28 3.32 9.58
C GLN A 129 20.38 3.74 8.11
N ASN A 130 19.31 4.34 7.61
CA ASN A 130 19.26 4.80 6.23
C ASN A 130 19.25 6.32 6.14
N TYR A 131 19.43 6.84 4.94
CA TYR A 131 19.44 8.28 4.72
C TYR A 131 18.50 8.67 3.59
C1 MYR B . -18.75 -1.21 0.60
O1 MYR B . -18.27 -2.03 -0.19
C2 MYR B . -20.02 -1.62 1.37
C3 MYR B . -20.06 -3.10 1.81
C4 MYR B . -19.28 -3.33 3.12
C5 MYR B . -19.98 -2.69 4.33
C6 MYR B . -20.58 -3.73 5.29
C7 MYR B . -21.20 -3.10 6.53
C8 MYR B . -22.58 -2.45 6.23
C9 MYR B . -23.65 -2.88 7.24
C10 MYR B . -24.57 -3.99 6.68
C11 MYR B . -24.71 -5.23 7.59
C12 MYR B . -25.54 -6.37 6.97
C13 MYR B . -24.65 -7.57 6.55
C14 MYR B . -25.49 -8.76 6.08
H21 MYR B . -20.88 -1.40 0.71
H22 MYR B . -20.16 -0.95 2.24
H31 MYR B . -19.65 -3.74 1.01
H32 MYR B . -21.11 -3.42 1.94
H41 MYR B . -18.26 -2.93 3.02
H42 MYR B . -19.15 -4.42 3.29
H51 MYR B . -20.77 -2.00 3.99
H52 MYR B . -19.25 -2.05 4.89
H61 MYR B . -19.78 -4.46 5.59
H62 MYR B . -21.34 -4.33 4.74
H71 MYR B . -20.52 -2.33 6.95
H72 MYR B . -21.33 -3.86 7.33
H81 MYR B . -22.89 -2.72 5.20
H82 MYR B . -22.47 -1.35 6.24
H91 MYR B . -24.26 -2.01 7.53
H92 MYR B . -23.18 -3.23 8.18
H101 MYR B . -24.17 -4.32 5.69
H102 MYR B . -25.57 -3.58 6.44
H111 MYR B . -25.15 -4.92 8.56
H112 MYR B . -23.70 -5.60 7.83
H121 MYR B . -26.10 -6.00 6.09
H122 MYR B . -26.31 -6.72 7.69
H131 MYR B . -24.01 -7.87 7.40
H132 MYR B . -23.96 -7.25 5.76
H141 MYR B . -26.18 -9.11 6.87
H142 MYR B . -26.11 -8.50 5.21
H143 MYR B . -24.86 -9.61 5.78
P1 PBU C . 4.78 9.78 -13.17
P4 PBU C . 10.50 10.89 -6.65
P5 PBU C . 9.26 6.55 -7.82
C3' PBU C . 4.17 7.35 -13.36
C2' PBU C . 2.89 7.29 -12.48
O2' PBU C . 2.71 5.95 -12.05
C1' PBU C . 1.63 7.73 -13.27
O1' PBU C . 1.76 7.32 -14.62
C1 PBU C . 6.49 9.63 -10.79
O1 PBU C . 6.03 9.24 -12.20
C2 PBU C . 6.96 11.11 -10.64
O2 PBU C . 7.99 11.48 -11.54
C3 PBU C . 7.45 11.38 -9.18
O3 PBU C . 7.86 12.75 -9.11
C4 PBU C . 8.59 10.39 -8.78
O4 PBU C . 9.00 10.65 -7.34
C5 PBU C . 8.09 8.91 -8.95
O5 PBU C . 9.18 7.99 -8.63
C6 PBU C . 7.58 8.61 -10.39
O6 PBU C . 7.02 7.31 -10.52
C7 PBU C . 3.39 5.57 -10.86
O7 PBU C . 4.30 4.76 -10.91
C8 PBU C . 2.97 6.17 -9.51
C9 PBU C . 3.01 5.08 -8.41
C10 PBU C . 2.86 5.75 -7.03
C11 PBU C . 0.98 7.88 -15.65
O11 PBU C . 0.18 8.79 -15.49
C12 PBU C . 1.16 7.24 -17.05
C13 PBU C . 1.22 8.27 -18.19
C14 PBU C . 2.63 8.88 -18.29
O41 PBU C . 10.06 11.62 -5.39
O42 PBU C . 11.08 9.52 -6.42
O43 PBU C . 11.38 11.71 -7.60
O51 PBU C . 10.76 6.34 -7.80
O52 PBU C . 8.58 6.86 -6.50
O53 PBU C . 8.50 5.61 -8.73
OP1 PBU C . 4.31 8.61 -13.98
OP2 PBU C . 3.75 10.27 -12.15
OP3 PBU C . 5.42 10.82 -14.05
H3'1 PBU C . 4.11 6.60 -14.09
H3'2 PBU C . 4.99 7.17 -12.72
H2' PBU C . 2.99 7.96 -11.68
H1'1 PBU C . 0.77 7.26 -12.87
H1'2 PBU C . 1.49 8.77 -13.19
H1 PBU C . 5.64 9.58 -10.11
H2 PBU C . 6.09 11.74 -10.84
H02 PBU C . 8.75 10.94 -11.55
H3 PBU C . 6.62 11.22 -8.49
H03 PBU C . 8.63 12.90 -9.65
H4 PBU C . 9.49 10.51 -9.39
H5 PBU C . 7.27 8.80 -8.25
H6 PBU C . 8.44 8.68 -11.06
H06 PBU C . 7.67 6.64 -10.58
H81 PBU C . 2.01 6.55 -9.58
H82 PBU C . 3.64 6.93 -9.26
H91 PBU C . 3.92 4.57 -8.46
H92 PBU C . 2.22 4.41 -8.54
H11 PBU C . 1.96 6.28 -6.99
H12 PBU C . 3.67 6.41 -6.87
H13 PBU C . 2.88 5.01 -6.28
H121 PBU C . 2.04 6.67 -17.04
H122 PBU C . 0.33 6.61 -17.21
H131 PBU C . 0.99 7.78 -19.09
H132 PBU C . 0.52 9.03 -18.01
H141 PBU C . 3.34 8.12 -18.42
H142 PBU C . 2.86 9.43 -17.44
H143 PBU C . 2.66 9.53 -19.12
N GLY A 1 -20.93 1.52 2.73
CA GLY A 1 -19.82 0.60 2.82
C GLY A 1 -18.82 0.78 1.68
N ALA A 2 -18.95 -0.04 0.65
CA ALA A 2 -18.07 0.03 -0.50
C ALA A 2 -18.80 -0.35 -1.79
N ARG A 3 -19.23 0.66 -2.54
CA ARG A 3 -19.95 0.43 -3.78
C ARG A 3 -19.39 1.32 -4.91
N ALA A 4 -18.75 0.68 -5.87
CA ALA A 4 -18.17 1.41 -7.00
C ALA A 4 -17.09 2.39 -6.53
N SER A 5 -16.29 2.89 -7.46
CA SER A 5 -15.23 3.82 -7.14
C SER A 5 -14.25 3.22 -6.13
N VAL A 6 -13.24 3.99 -5.76
CA VAL A 6 -12.25 3.53 -4.80
C VAL A 6 -12.29 4.36 -3.52
N LEU A 7 -11.89 5.63 -3.62
CA LEU A 7 -11.90 6.53 -2.47
C LEU A 7 -13.15 7.40 -2.46
N SER A 8 -13.86 7.39 -1.33
CA SER A 8 -15.07 8.19 -1.19
C SER A 8 -14.74 9.67 -1.04
N GLY A 9 -15.76 10.47 -0.75
CA GLY A 9 -15.56 11.89 -0.59
C GLY A 9 -14.54 12.22 0.48
N GLY A 10 -14.71 11.62 1.66
CA GLY A 10 -13.78 11.86 2.75
C GLY A 10 -12.39 11.35 2.45
N GLU A 11 -12.31 10.15 1.89
CA GLU A 11 -11.03 9.53 1.56
C GLU A 11 -10.31 10.33 0.48
N LEU A 12 -11.08 10.91 -0.43
CA LEU A 12 -10.52 11.70 -1.53
C LEU A 12 -9.77 12.92 -0.99
N ASP A 13 -10.40 13.62 -0.04
CA ASP A 13 -9.79 14.79 0.56
C ASP A 13 -8.39 14.47 1.10
N LYS A 14 -8.31 13.45 1.93
CA LYS A 14 -7.05 13.03 2.52
C LYS A 14 -6.08 12.54 1.44
N TRP A 15 -6.61 11.77 0.50
CA TRP A 15 -5.80 11.23 -0.59
C TRP A 15 -5.04 12.35 -1.30
N GLU A 16 -5.76 13.37 -1.74
CA GLU A 16 -5.15 14.50 -2.43
C GLU A 16 -4.10 15.17 -1.56
N LYS A 17 -4.25 15.04 -0.25
CA LYS A 17 -3.31 15.63 0.69
C LYS A 17 -2.02 14.82 0.77
N ILE A 18 -2.16 13.51 0.94
CA ILE A 18 -1.00 12.62 1.01
C ILE A 18 -0.06 12.84 -0.17
N ARG A 19 1.23 12.81 0.10
CA ARG A 19 2.23 13.00 -0.94
C ARG A 19 2.92 11.68 -1.29
N LEU A 20 3.33 11.55 -2.54
CA LEU A 20 4.00 10.33 -3.00
C LEU A 20 5.27 10.07 -2.20
N ARG A 21 5.96 11.14 -1.82
CA ARG A 21 7.19 11.02 -1.05
C ARG A 21 7.22 12.05 0.07
N PRO A 22 8.06 11.79 1.09
CA PRO A 22 8.21 12.69 2.24
C PRO A 22 8.90 14.00 1.87
N GLY A 23 9.87 13.91 0.97
CA GLY A 23 10.59 15.10 0.54
C GLY A 23 10.31 15.47 -0.90
N GLY A 24 9.03 15.69 -1.21
CA GLY A 24 8.66 16.05 -2.56
C GLY A 24 7.59 17.12 -2.60
N LYS A 25 7.19 17.53 -3.80
CA LYS A 25 6.18 18.56 -3.97
C LYS A 25 5.08 18.09 -4.93
N LYS A 26 4.89 16.77 -5.00
CA LYS A 26 3.87 16.20 -5.88
C LYS A 26 2.87 15.37 -5.07
N GLN A 27 1.80 16.01 -4.63
CA GLN A 27 0.76 15.34 -3.85
C GLN A 27 0.14 14.20 -4.66
N TYR A 28 -0.75 13.44 -4.01
CA TYR A 28 -1.42 12.32 -4.66
C TYR A 28 -2.62 12.80 -5.47
N LYS A 29 -2.92 12.09 -6.55
CA LYS A 29 -4.05 12.43 -7.40
C LYS A 29 -4.67 11.18 -8.00
N LEU A 30 -5.87 11.34 -8.56
CA LEU A 30 -6.58 10.21 -9.16
C LEU A 30 -5.70 9.49 -10.17
N LYS A 31 -4.80 10.24 -10.80
CA LYS A 31 -3.89 9.68 -11.80
C LYS A 31 -3.17 8.45 -11.23
N HIS A 32 -2.82 8.51 -9.95
CA HIS A 32 -2.13 7.40 -9.30
C HIS A 32 -3.11 6.28 -8.97
N ILE A 33 -4.35 6.56 -8.61
CA ILE A 33 -5.32 5.52 -8.30
C ILE A 33 -5.67 4.69 -9.53
N VAL A 34 -5.75 5.36 -10.67
CA VAL A 34 -6.06 4.69 -11.93
C VAL A 34 -4.84 3.99 -12.51
N TRP A 35 -3.68 4.63 -12.37
CA TRP A 35 -2.43 4.07 -12.88
C TRP A 35 -2.19 2.68 -12.32
N ALA A 36 -2.59 2.47 -11.08
CA ALA A 36 -2.42 1.18 -10.42
C ALA A 36 -3.48 0.19 -10.87
N SER A 37 -4.73 0.65 -10.90
CA SER A 37 -5.84 -0.19 -11.30
C SER A 37 -5.56 -0.85 -12.65
N ARG A 38 -5.03 -0.07 -13.59
CA ARG A 38 -4.72 -0.58 -14.92
C ARG A 38 -3.61 -1.61 -14.85
N GLU A 39 -2.76 -1.51 -13.84
CA GLU A 39 -1.65 -2.43 -13.67
C GLU A 39 -2.11 -3.71 -12.96
N LEU A 40 -3.07 -3.56 -12.06
CA LEU A 40 -3.60 -4.71 -11.32
C LEU A 40 -4.18 -5.75 -12.26
N GLU A 41 -5.00 -5.30 -13.20
CA GLU A 41 -5.62 -6.20 -14.17
C GLU A 41 -4.56 -7.00 -14.92
N ARG A 42 -3.36 -6.45 -15.00
CA ARG A 42 -2.26 -7.12 -15.70
C ARG A 42 -1.72 -8.28 -14.86
N PHE A 43 -1.86 -8.17 -13.55
CA PHE A 43 -1.38 -9.20 -12.64
C PHE A 43 -2.51 -10.16 -12.27
N ALA A 44 -3.50 -10.28 -13.15
CA ALA A 44 -4.63 -11.16 -12.92
C ALA A 44 -5.44 -10.71 -11.71
N VAL A 45 -5.32 -9.44 -11.35
CA VAL A 45 -6.03 -8.88 -10.21
C VAL A 45 -6.98 -7.78 -10.64
N ASN A 46 -8.23 -7.87 -10.21
CA ASN A 46 -9.24 -6.87 -10.55
C ASN A 46 -8.99 -5.57 -9.80
N PRO A 47 -9.24 -4.44 -10.48
CA PRO A 47 -9.05 -3.11 -9.90
C PRO A 47 -10.08 -2.80 -8.81
N GLY A 48 -11.07 -3.67 -8.69
CA GLY A 48 -12.11 -3.48 -7.68
C GLY A 48 -11.69 -3.99 -6.32
N LEU A 49 -10.42 -4.31 -6.17
CA LEU A 49 -9.90 -4.82 -4.90
C LEU A 49 -9.28 -3.70 -4.06
N LEU A 50 -8.82 -2.66 -4.74
CA LEU A 50 -8.21 -1.52 -4.06
C LEU A 50 -9.25 -0.73 -3.27
N GLU A 51 -10.51 -0.81 -3.71
CA GLU A 51 -11.59 -0.11 -3.04
C GLU A 51 -11.99 -0.81 -1.75
N THR A 52 -11.39 -1.98 -1.51
CA THR A 52 -11.68 -2.76 -0.32
C THR A 52 -10.42 -2.98 0.51
N SER A 53 -10.50 -2.71 1.81
CA SER A 53 -9.37 -2.88 2.70
C SER A 53 -8.82 -4.30 2.63
N GLU A 54 -9.69 -5.24 2.27
CA GLU A 54 -9.30 -6.63 2.17
C GLU A 54 -8.53 -6.89 0.88
N GLY A 55 -9.02 -6.35 -0.23
CA GLY A 55 -8.36 -6.52 -1.51
C GLY A 55 -6.95 -6.00 -1.51
N CYS A 56 -6.76 -4.79 -1.00
CA CYS A 56 -5.44 -4.17 -0.94
C CYS A 56 -4.45 -5.09 -0.22
N ARG A 57 -4.88 -5.65 0.90
CA ARG A 57 -4.03 -6.54 1.69
C ARG A 57 -3.54 -7.71 0.83
N GLN A 58 -4.47 -8.37 0.14
CA GLN A 58 -4.14 -9.50 -0.71
C GLN A 58 -3.11 -9.10 -1.76
N ILE A 59 -3.14 -7.84 -2.18
CA ILE A 59 -2.22 -7.34 -3.18
C ILE A 59 -0.85 -7.06 -2.57
N LEU A 60 -0.85 -6.42 -1.41
CA LEU A 60 0.40 -6.09 -0.73
C LEU A 60 1.12 -7.35 -0.25
N GLY A 61 0.34 -8.41 -0.03
CA GLY A 61 0.92 -9.67 0.41
C GLY A 61 1.81 -10.30 -0.64
N GLN A 62 1.53 -10.01 -1.91
CA GLN A 62 2.31 -10.56 -3.01
C GLN A 62 3.52 -9.68 -3.31
N LEU A 63 3.31 -8.36 -3.30
CA LEU A 63 4.37 -7.41 -3.57
C LEU A 63 5.33 -7.32 -2.40
N GLN A 64 4.84 -7.62 -1.21
CA GLN A 64 5.67 -7.58 -0.01
C GLN A 64 6.94 -8.39 -0.19
N PRO A 65 6.79 -9.69 -0.42
CA PRO A 65 7.92 -10.60 -0.62
C PRO A 65 8.65 -10.36 -1.94
N SER A 66 7.98 -9.65 -2.85
CA SER A 66 8.55 -9.34 -4.15
C SER A 66 9.07 -7.91 -4.19
N LEU A 67 9.43 -7.38 -3.04
CA LEU A 67 9.95 -6.03 -2.93
C LEU A 67 11.42 -5.96 -3.33
N GLN A 68 12.13 -7.06 -3.10
CA GLN A 68 13.55 -7.14 -3.44
C GLN A 68 13.74 -7.35 -4.93
N THR A 69 13.02 -8.32 -5.49
CA THR A 69 13.12 -8.63 -6.91
C THR A 69 11.96 -8.02 -7.68
N GLY A 70 11.46 -6.89 -7.20
CA GLY A 70 10.36 -6.22 -7.85
C GLY A 70 10.81 -5.02 -8.67
N SER A 71 10.60 -5.07 -9.98
CA SER A 71 10.99 -3.99 -10.86
C SER A 71 10.34 -2.68 -10.45
N GLU A 72 10.68 -1.60 -11.14
CA GLU A 72 10.13 -0.29 -10.84
C GLU A 72 8.60 -0.33 -10.83
N GLU A 73 8.03 -1.20 -11.65
CA GLU A 73 6.58 -1.34 -11.74
C GLU A 73 6.01 -1.86 -10.42
N LEU A 74 6.76 -2.72 -9.75
CA LEU A 74 6.33 -3.29 -8.48
C LEU A 74 6.43 -2.24 -7.36
N ARG A 75 7.57 -1.58 -7.28
CA ARG A 75 7.79 -0.56 -6.26
C ARG A 75 6.68 0.47 -6.27
N SER A 76 6.38 1.01 -7.45
CA SER A 76 5.34 2.01 -7.61
C SER A 76 4.01 1.51 -7.04
N LEU A 77 3.69 0.26 -7.34
CA LEU A 77 2.45 -0.34 -6.87
C LEU A 77 2.38 -0.33 -5.35
N TYR A 78 3.38 -0.91 -4.70
CA TYR A 78 3.43 -0.96 -3.25
C TYR A 78 3.27 0.43 -2.64
N ASN A 79 3.72 1.44 -3.38
CA ASN A 79 3.61 2.82 -2.93
C ASN A 79 2.16 3.28 -2.90
N THR A 80 1.49 3.17 -4.04
CA THR A 80 0.10 3.57 -4.16
C THR A 80 -0.80 2.71 -3.28
N ILE A 81 -0.71 1.39 -3.46
CA ILE A 81 -1.51 0.46 -2.68
C ILE A 81 -1.35 0.71 -1.19
N ALA A 82 -0.19 1.23 -0.79
CA ALA A 82 0.08 1.52 0.60
C ALA A 82 -0.75 2.71 1.09
N VAL A 83 -0.53 3.87 0.49
CA VAL A 83 -1.25 5.08 0.86
C VAL A 83 -2.76 4.85 0.80
N LEU A 84 -3.20 4.08 -0.18
CA LEU A 84 -4.62 3.78 -0.34
C LEU A 84 -5.12 2.88 0.79
N TYR A 85 -4.42 1.76 0.99
CA TYR A 85 -4.78 0.81 2.03
C TYR A 85 -4.94 1.52 3.39
N CYS A 86 -3.95 2.33 3.73
CA CYS A 86 -3.96 3.06 5.00
C CYS A 86 -5.27 3.83 5.15
N VAL A 87 -5.76 4.38 4.05
CA VAL A 87 -6.99 5.15 4.06
C VAL A 87 -8.18 4.30 4.51
N HIS A 88 -8.21 3.06 4.04
CA HIS A 88 -9.28 2.12 4.38
C HIS A 88 -9.09 1.58 5.80
N GLN A 89 -7.90 1.68 6.38
CA GLN A 89 -7.67 1.17 7.73
C GLN A 89 -7.74 2.30 8.75
N ARG A 90 -8.50 3.34 8.42
CA ARG A 90 -8.65 4.49 9.31
C ARG A 90 -7.29 5.08 9.67
N ILE A 91 -6.32 4.91 8.79
CA ILE A 91 -4.98 5.43 9.02
C ILE A 91 -4.78 6.76 8.30
N ASP A 92 -4.06 7.68 8.95
CA ASP A 92 -3.80 8.98 8.37
C ASP A 92 -2.30 9.23 8.26
N VAL A 93 -1.80 9.30 7.03
CA VAL A 93 -0.38 9.52 6.78
C VAL A 93 -0.17 10.76 5.92
N LYS A 94 1.02 11.35 6.02
CA LYS A 94 1.36 12.54 5.23
C LYS A 94 1.99 12.15 3.90
N ASP A 95 2.80 11.10 3.91
CA ASP A 95 3.46 10.63 2.71
C ASP A 95 3.36 9.11 2.58
N THR A 96 3.99 8.56 1.55
CA THR A 96 3.96 7.12 1.32
C THR A 96 5.01 6.41 2.17
N LYS A 97 6.07 7.13 2.53
CA LYS A 97 7.14 6.58 3.34
C LYS A 97 6.62 6.17 4.72
N GLU A 98 5.81 7.04 5.32
CA GLU A 98 5.24 6.77 6.63
C GLU A 98 4.26 5.61 6.58
N ALA A 99 3.35 5.65 5.61
CA ALA A 99 2.36 4.60 5.45
C ALA A 99 3.02 3.25 5.25
N LEU A 100 4.20 3.25 4.63
CA LEU A 100 4.93 2.02 4.37
C LEU A 100 5.52 1.46 5.66
N ASP A 101 5.64 2.31 6.68
CA ASP A 101 6.19 1.89 7.97
C ASP A 101 5.06 1.43 8.90
N LYS A 102 3.95 2.15 8.88
CA LYS A 102 2.81 1.80 9.72
C LYS A 102 2.12 0.55 9.21
N ILE A 103 2.24 0.29 7.92
CA ILE A 103 1.62 -0.89 7.30
C ILE A 103 2.21 -2.17 7.87
N GLU A 104 3.47 -2.09 8.32
CA GLU A 104 4.15 -3.26 8.88
C GLU A 104 3.73 -3.47 10.33
N GLU A 105 3.45 -2.38 11.04
CA GLU A 105 3.05 -2.44 12.43
C GLU A 105 1.66 -3.07 12.57
N GLU A 106 0.76 -2.71 11.65
CA GLU A 106 -0.59 -3.24 11.68
C GLU A 106 -0.58 -4.76 11.52
N GLN A 107 0.44 -5.28 10.86
CA GLN A 107 0.56 -6.71 10.64
C GLN A 107 1.40 -7.36 11.74
N ASN A 108 2.34 -6.60 12.28
CA ASN A 108 3.22 -7.10 13.34
C ASN A 108 2.42 -7.41 14.60
N LYS A 109 1.35 -6.65 14.83
CA LYS A 109 0.50 -6.85 15.99
C LYS A 109 -0.09 -8.25 16.01
N SER A 110 -0.39 -8.77 14.82
CA SER A 110 -0.96 -10.11 14.69
C SER A 110 0.00 -11.17 15.24
N LYS A 111 1.28 -10.98 14.96
CA LYS A 111 2.31 -11.92 15.41
C LYS A 111 2.68 -11.65 16.87
N LYS A 112 2.70 -10.37 17.24
CA LYS A 112 3.04 -9.98 18.61
C LYS A 112 2.11 -10.66 19.62
N LYS A 113 0.82 -10.67 19.31
CA LYS A 113 -0.17 -11.29 20.19
C LYS A 113 0.20 -12.73 20.50
N ALA A 114 0.84 -13.38 19.53
CA ALA A 114 1.26 -14.78 19.70
C ALA A 114 2.78 -14.88 19.78
N GLN A 115 3.40 -13.92 20.47
CA GLN A 115 4.85 -13.91 20.62
C GLN A 115 5.30 -12.76 21.52
N GLN A 116 4.47 -12.43 22.50
CA GLN A 116 4.78 -11.34 23.42
C GLN A 116 6.11 -11.58 24.12
N ALA A 117 6.34 -12.81 24.55
CA ALA A 117 7.58 -13.18 25.23
C ALA A 117 8.78 -12.94 24.33
N ALA A 118 8.56 -12.94 23.02
CA ALA A 118 9.63 -12.71 22.05
C ALA A 118 9.69 -11.25 21.64
N ALA A 119 9.19 -10.37 22.51
CA ALA A 119 9.20 -8.94 22.22
C ALA A 119 9.10 -8.12 23.51
N ASP A 120 8.89 -6.82 23.37
CA ASP A 120 8.76 -5.94 24.52
C ASP A 120 10.04 -5.97 25.36
N THR A 121 11.15 -6.30 24.72
CA THR A 121 12.44 -6.36 25.41
C THR A 121 13.04 -4.97 25.59
N GLY A 122 14.01 -4.87 26.49
CA GLY A 122 14.66 -3.60 26.74
C GLY A 122 16.17 -3.69 26.73
N ASN A 123 16.81 -2.98 25.81
CA ASN A 123 18.26 -3.00 25.69
C ASN A 123 18.81 -1.57 25.61
N ASN A 124 18.49 -0.76 26.61
CA ASN A 124 18.96 0.62 26.64
C ASN A 124 18.48 1.39 25.41
N SER A 125 18.90 2.65 25.31
CA SER A 125 18.52 3.49 24.18
C SER A 125 19.41 3.22 22.97
N GLN A 126 18.82 3.24 21.79
CA GLN A 126 19.56 2.99 20.56
C GLN A 126 19.71 4.29 19.75
N VAL A 127 20.50 4.21 18.68
CA VAL A 127 20.74 5.37 17.83
C VAL A 127 19.88 5.32 16.58
N SER A 128 19.00 6.31 16.42
CA SER A 128 18.11 6.37 15.27
C SER A 128 18.19 7.74 14.60
N GLN A 129 17.38 7.93 13.56
CA GLN A 129 17.36 9.19 12.84
C GLN A 129 18.70 9.46 12.18
N ASN A 130 19.38 8.39 11.77
CA ASN A 130 20.68 8.52 11.12
C ASN A 130 21.66 9.30 12.00
N TYR A 131 22.85 9.56 11.47
CA TYR A 131 23.86 10.30 12.21
C TYR A 131 24.06 11.69 11.62
C1 MYR B . -20.77 2.81 3.01
O1 MYR B . -19.69 3.29 3.35
C2 MYR B . -21.98 3.74 2.92
C3 MYR B . -22.01 4.86 3.99
C4 MYR B . -21.10 6.03 3.62
C5 MYR B . -20.10 6.37 4.75
C6 MYR B . -19.85 7.88 4.89
C7 MYR B . -21.02 8.59 5.59
C8 MYR B . -20.70 8.90 7.08
C9 MYR B . -21.64 9.96 7.66
C10 MYR B . -22.04 9.64 9.12
C11 MYR B . -22.98 8.42 9.27
C12 MYR B . -24.49 8.76 9.16
C13 MYR B . -25.09 9.16 10.51
C14 MYR B . -25.46 7.93 11.36
H21 MYR B . -22.89 3.11 3.02
H22 MYR B . -22.05 4.16 1.90
H31 MYR B . -21.73 4.45 4.97
H32 MYR B . -23.06 5.22 4.11
H41 MYR B . -21.71 6.93 3.39
H42 MYR B . -20.54 5.80 2.68
H51 MYR B . -19.13 5.84 4.56
H52 MYR B . -20.48 5.97 5.71
H61 MYR B . -19.70 8.32 3.88
H62 MYR B . -18.90 8.06 5.43
H71 MYR B . -21.94 7.98 5.53
H72 MYR B . -21.26 9.54 5.06
H81 MYR B . -19.65 9.22 7.17
H82 MYR B . -20.77 7.96 7.67
H91 MYR B . -22.55 10.04 7.04
H92 MYR B . -21.16 10.95 7.62
H101 MYR B . -22.55 10.52 9.55
H102 MYR B . -21.14 9.49 9.75
H111 MYR B . -22.77 7.91 10.22
H112 MYR B . -22.72 7.69 8.48
H121 MYR B . -25.03 7.90 8.73
H122 MYR B . -24.64 9.59 8.43
H131 MYR B . -25.99 9.79 10.36
H132 MYR B . -24.39 9.79 11.08
H141 MYR B . -26.53 7.65 11.22
H142 MYR B . -24.85 7.05 11.07
H143 MYR B . -25.30 8.10 12.44
P1 PBU C . 4.75 9.76 -13.16
P4 PBU C . 7.94 9.33 -5.82
P5 PBU C . 8.43 5.68 -7.61
C3' PBU C . 3.98 7.38 -13.44
C2' PBU C . 2.74 7.35 -12.52
O2' PBU C . 2.56 6.02 -12.05
C1' PBU C . 1.46 7.80 -13.27
O1' PBU C . 1.56 7.43 -14.62
C1 PBU C . 6.45 9.28 -10.83
O1 PBU C . 6.00 9.10 -12.28
C2 PBU C . 7.21 10.60 -10.51
O2 PBU C . 8.36 10.79 -11.33
C3 PBU C . 7.64 10.66 -9.03
O3 PBU C . 8.34 11.89 -8.82
C4 PBU C . 8.52 9.40 -8.65
O4 PBU C . 8.89 9.47 -7.17
C5 PBU C . 7.71 8.09 -8.97
O5 PBU C . 8.55 6.93 -8.68
C6 PBU C . 7.26 8.02 -10.45
O6 PBU C . 6.42 6.88 -10.71
C7 PBU C . 3.27 5.63 -10.90
O7 PBU C . 4.17 4.82 -10.97
C8 PBU C . 2.93 6.26 -9.53
C9 PBU C . 2.98 5.19 -8.43
C10 PBU C . 2.81 5.87 -7.05
C11 PBU C . 1.02 8.23 -15.66
O11 PBU C . 0.96 9.44 -15.62
C12 PBU C . 0.44 7.45 -16.86
C13 PBU C . -0.93 6.82 -16.59
C14 PBU C . -2.05 7.60 -17.28
O41 PBU C . 8.32 10.63 -5.13
O42 PBU C . 6.52 9.27 -6.31
O43 PBU C . 8.30 8.06 -5.06
O51 PBU C . 9.67 5.92 -6.77
O52 PBU C . 7.08 5.92 -6.95
O53 PBU C . 8.49 4.46 -8.50
OP1 PBU C . 4.17 8.66 -14.01
OP2 PBU C . 3.79 10.26 -12.09
OP3 PBU C . 5.41 10.79 -14.02
H3'1 PBU C . 3.85 6.68 -14.20
H3'2 PBU C . 4.82 7.11 -12.85
H2' PBU C . 2.88 8.02 -11.72
H1'1 PBU C . 0.61 7.31 -12.86
H1'2 PBU C . 1.31 8.83 -13.14
H1 PBU C . 5.56 9.36 -10.19
H2 PBU C . 6.51 11.42 -10.70
H02 PBU C . 8.97 10.09 -11.36
H3 PBU C . 6.76 10.62 -8.38
H03 PBU C . 9.17 11.90 -9.30
H4 PBU C . 9.45 9.36 -9.21
H5 PBU C . 6.84 8.12 -8.32
H6 PBU C . 8.14 7.94 -11.07
H06 PBU C . 6.92 6.09 -10.80
H81 PBU C . 1.95 6.66 -9.57
H82 PBU C . 3.62 7.02 -9.32
H91 PBU C . 3.91 4.70 -8.46
H92 PBU C . 2.21 4.49 -8.56
H11 PBU C . 1.89 6.37 -7.02
H12 PBU C . 3.59 6.56 -6.91
H13 PBU C . 2.84 5.14 -6.30
H121 PBU C . 0.35 8.12 -17.67
H122 PBU C . 1.12 6.68 -17.11
H131 PBU C . -0.93 5.83 -16.96
H132 PBU C . -1.10 6.80 -15.55
H141 PBU C . -1.87 7.66 -18.31
H142 PBU C . -2.13 8.57 -16.88
H143 PBU C . -2.97 7.10 -17.11
N GLY A 1 -15.83 -7.69 -14.35
CA GLY A 1 -15.32 -6.74 -15.33
C GLY A 1 -15.86 -5.35 -15.12
N ALA A 2 -15.26 -4.61 -14.20
CA ALA A 2 -15.69 -3.24 -13.90
C ALA A 2 -14.63 -2.51 -13.10
N ARG A 3 -14.64 -1.18 -13.18
CA ARG A 3 -13.68 -0.35 -12.46
C ARG A 3 -14.29 0.19 -11.17
N ALA A 4 -15.48 0.77 -11.28
CA ALA A 4 -16.17 1.32 -10.11
C ALA A 4 -15.32 2.38 -9.42
N SER A 5 -15.77 2.81 -8.25
CA SER A 5 -15.06 3.83 -7.49
C SER A 5 -14.12 3.19 -6.48
N VAL A 6 -13.22 3.99 -5.91
CA VAL A 6 -12.27 3.49 -4.92
C VAL A 6 -12.39 4.26 -3.61
N LEU A 7 -11.99 5.53 -3.63
CA LEU A 7 -12.06 6.37 -2.44
C LEU A 7 -13.36 7.16 -2.41
N SER A 8 -13.81 7.50 -1.21
CA SER A 8 -15.04 8.27 -1.05
C SER A 8 -14.75 9.76 -0.93
N GLY A 9 -15.78 10.53 -0.63
CA GLY A 9 -15.62 11.97 -0.50
C GLY A 9 -14.64 12.35 0.60
N GLY A 10 -14.86 11.79 1.79
CA GLY A 10 -13.98 12.08 2.91
C GLY A 10 -12.57 11.59 2.69
N GLU A 11 -12.43 10.43 2.05
CA GLU A 11 -11.13 9.86 1.77
C GLU A 11 -10.40 10.66 0.69
N LEU A 12 -11.15 11.10 -0.31
CA LEU A 12 -10.57 11.87 -1.41
C LEU A 12 -9.85 13.11 -0.89
N ASP A 13 -10.41 13.72 0.15
CA ASP A 13 -9.82 14.92 0.75
C ASP A 13 -8.40 14.63 1.24
N LYS A 14 -8.29 13.68 2.16
CA LYS A 14 -6.99 13.31 2.71
C LYS A 14 -6.07 12.74 1.63
N TRP A 15 -6.64 11.91 0.75
CA TRP A 15 -5.87 11.30 -0.33
C TRP A 15 -5.13 12.35 -1.12
N GLU A 16 -5.83 13.42 -1.50
CA GLU A 16 -5.23 14.50 -2.27
C GLU A 16 -4.12 15.19 -1.47
N LYS A 17 -4.22 15.11 -0.14
CA LYS A 17 -3.23 15.72 0.73
C LYS A 17 -1.97 14.87 0.81
N ILE A 18 -2.15 13.57 0.95
CA ILE A 18 -1.02 12.64 1.03
C ILE A 18 -0.06 12.84 -0.14
N ARG A 19 1.22 12.89 0.15
CA ARG A 19 2.23 13.08 -0.87
C ARG A 19 2.89 11.75 -1.24
N LEU A 20 3.35 11.64 -2.48
CA LEU A 20 4.00 10.42 -2.95
C LEU A 20 5.22 10.08 -2.11
N ARG A 21 5.93 11.11 -1.66
CA ARG A 21 7.12 10.93 -0.85
C ARG A 21 7.10 11.87 0.36
N PRO A 22 7.89 11.53 1.39
CA PRO A 22 7.99 12.34 2.61
C PRO A 22 8.70 13.66 2.37
N GLY A 23 9.68 13.65 1.46
CA GLY A 23 10.42 14.85 1.16
C GLY A 23 10.08 15.42 -0.20
N GLY A 24 8.91 15.05 -0.72
CA GLY A 24 8.49 15.54 -2.02
C GLY A 24 7.31 16.47 -1.93
N LYS A 25 6.88 17.00 -3.08
CA LYS A 25 5.74 17.91 -3.13
C LYS A 25 4.61 17.32 -3.94
N LYS A 26 4.95 16.43 -4.87
CA LYS A 26 3.95 15.78 -5.71
C LYS A 26 2.88 15.09 -4.86
N GLN A 27 1.73 15.75 -4.74
CA GLN A 27 0.62 15.20 -3.96
C GLN A 27 -0.05 14.04 -4.70
N TYR A 28 -0.90 13.32 -3.99
CA TYR A 28 -1.60 12.18 -4.58
C TYR A 28 -2.83 12.64 -5.34
N LYS A 29 -3.17 11.91 -6.40
CA LYS A 29 -4.33 12.24 -7.22
C LYS A 29 -4.96 10.99 -7.81
N LEU A 30 -6.17 11.13 -8.34
CA LEU A 30 -6.89 10.00 -8.92
C LEU A 30 -6.02 9.29 -9.95
N LYS A 31 -5.13 10.04 -10.59
CA LYS A 31 -4.23 9.48 -11.61
C LYS A 31 -3.51 8.26 -11.06
N HIS A 32 -3.12 8.31 -9.79
CA HIS A 32 -2.42 7.21 -9.15
C HIS A 32 -3.37 6.08 -8.81
N ILE A 33 -4.61 6.36 -8.41
CA ILE A 33 -5.57 5.32 -8.08
C ILE A 33 -5.94 4.50 -9.31
N VAL A 34 -6.04 5.16 -10.45
CA VAL A 34 -6.39 4.50 -11.69
C VAL A 34 -5.16 3.86 -12.34
N TRP A 35 -4.02 4.54 -12.24
CA TRP A 35 -2.78 4.04 -12.81
C TRP A 35 -2.45 2.65 -12.25
N ALA A 36 -2.81 2.42 -10.99
CA ALA A 36 -2.56 1.14 -10.35
C ALA A 36 -3.61 0.10 -10.75
N SER A 37 -4.80 0.57 -11.10
CA SER A 37 -5.89 -0.31 -11.50
C SER A 37 -5.60 -0.94 -12.85
N ARG A 38 -5.06 -0.14 -13.77
CA ARG A 38 -4.74 -0.61 -15.11
C ARG A 38 -3.51 -1.52 -15.09
N GLU A 39 -2.60 -1.25 -14.16
CA GLU A 39 -1.38 -2.05 -14.04
C GLU A 39 -1.63 -3.30 -13.21
N LEU A 40 -2.62 -3.23 -12.33
CA LEU A 40 -2.97 -4.36 -11.48
C LEU A 40 -3.57 -5.50 -12.30
N GLU A 41 -4.56 -5.17 -13.12
CA GLU A 41 -5.23 -6.16 -13.96
C GLU A 41 -4.21 -6.91 -14.82
N ARG A 42 -3.10 -6.25 -15.10
CA ARG A 42 -2.05 -6.85 -15.92
C ARG A 42 -1.32 -7.96 -15.16
N PHE A 43 -1.30 -7.84 -13.83
CA PHE A 43 -0.64 -8.82 -12.99
C PHE A 43 -1.65 -9.84 -12.46
N ALA A 44 -2.73 -10.05 -13.22
CA ALA A 44 -3.76 -11.00 -12.83
C ALA A 44 -4.45 -10.56 -11.54
N VAL A 45 -4.36 -9.28 -11.23
CA VAL A 45 -4.98 -8.73 -10.03
C VAL A 45 -6.04 -7.69 -10.37
N ASN A 46 -7.29 -8.00 -10.05
CA ASN A 46 -8.39 -7.10 -10.32
C ASN A 46 -8.24 -5.79 -9.54
N PRO A 47 -8.64 -4.67 -10.18
CA PRO A 47 -8.56 -3.35 -9.56
C PRO A 47 -9.54 -3.18 -8.41
N GLY A 48 -10.46 -4.12 -8.28
CA GLY A 48 -11.45 -4.05 -7.22
C GLY A 48 -10.83 -4.24 -5.84
N LEU A 49 -9.58 -4.69 -5.81
CA LEU A 49 -8.87 -4.91 -4.55
C LEU A 49 -8.41 -3.59 -3.95
N LEU A 50 -8.26 -2.57 -4.79
CA LEU A 50 -7.83 -1.26 -4.34
C LEU A 50 -8.98 -0.50 -3.69
N GLU A 51 -10.21 -0.90 -4.01
CA GLU A 51 -11.39 -0.26 -3.47
C GLU A 51 -11.90 -1.00 -2.24
N THR A 52 -11.01 -1.76 -1.61
CA THR A 52 -11.36 -2.52 -0.41
C THR A 52 -10.19 -2.62 0.55
N SER A 53 -10.38 -2.08 1.75
CA SER A 53 -9.33 -2.10 2.76
C SER A 53 -8.93 -3.53 3.10
N GLU A 54 -9.81 -4.48 2.80
CA GLU A 54 -9.54 -5.89 3.07
C GLU A 54 -8.86 -6.55 1.87
N GLY A 55 -9.48 -6.42 0.71
CA GLY A 55 -8.92 -7.01 -0.49
C GLY A 55 -7.54 -6.47 -0.82
N CYS A 56 -7.22 -5.31 -0.26
CA CYS A 56 -5.91 -4.69 -0.49
C CYS A 56 -4.81 -5.49 0.17
N ARG A 57 -5.05 -5.92 1.40
CA ARG A 57 -4.06 -6.70 2.14
C ARG A 57 -3.56 -7.88 1.31
N GLN A 58 -4.43 -8.39 0.45
CA GLN A 58 -4.09 -9.53 -0.39
C GLN A 58 -3.02 -9.15 -1.42
N ILE A 59 -3.10 -7.92 -1.92
CA ILE A 59 -2.15 -7.43 -2.90
C ILE A 59 -0.76 -7.28 -2.29
N LEU A 60 -0.65 -6.42 -1.29
CA LEU A 60 0.63 -6.20 -0.61
C LEU A 60 1.22 -7.51 -0.11
N GLY A 61 0.36 -8.48 0.17
CA GLY A 61 0.82 -9.77 0.65
C GLY A 61 1.61 -10.52 -0.39
N GLN A 62 1.44 -10.14 -1.66
CA GLN A 62 2.16 -10.79 -2.75
C GLN A 62 3.30 -9.92 -3.26
N LEU A 63 3.13 -8.60 -3.13
CA LEU A 63 4.15 -7.66 -3.58
C LEU A 63 5.23 -7.49 -2.52
N GLN A 64 4.87 -7.73 -1.27
CA GLN A 64 5.82 -7.61 -0.16
C GLN A 64 7.09 -8.41 -0.44
N PRO A 65 6.93 -9.73 -0.59
CA PRO A 65 8.05 -10.64 -0.86
C PRO A 65 8.62 -10.45 -2.26
N SER A 66 7.85 -9.79 -3.13
CA SER A 66 8.28 -9.55 -4.50
C SER A 66 8.88 -8.16 -4.64
N LEU A 67 9.43 -7.64 -3.56
CA LEU A 67 10.03 -6.32 -3.56
C LEU A 67 11.52 -6.40 -3.90
N GLN A 68 12.20 -7.39 -3.32
CA GLN A 68 13.62 -7.58 -3.58
C GLN A 68 13.91 -7.65 -5.06
N THR A 69 13.21 -8.53 -5.76
CA THR A 69 13.39 -8.70 -7.20
C THR A 69 12.23 -8.08 -7.98
N GLY A 70 11.59 -7.07 -7.38
CA GLY A 70 10.47 -6.41 -8.03
C GLY A 70 10.89 -5.69 -9.29
N SER A 71 9.91 -5.21 -10.05
CA SER A 71 10.18 -4.49 -11.29
C SER A 71 10.07 -2.99 -11.09
N GLU A 72 10.12 -2.24 -12.19
CA GLU A 72 10.03 -0.78 -12.13
C GLU A 72 8.61 -0.35 -11.78
N GLU A 73 7.63 -0.99 -12.39
CA GLU A 73 6.23 -0.67 -12.15
C GLU A 73 5.77 -1.20 -10.79
N LEU A 74 6.34 -2.33 -10.39
CA LEU A 74 5.99 -2.94 -9.12
C LEU A 74 6.24 -1.98 -7.96
N ARG A 75 7.34 -1.24 -8.04
CA ARG A 75 7.69 -0.28 -7.00
C ARG A 75 6.56 0.70 -6.77
N SER A 76 6.12 1.36 -7.84
CA SER A 76 5.04 2.33 -7.75
C SER A 76 3.78 1.70 -7.15
N LEU A 77 3.55 0.43 -7.48
CA LEU A 77 2.38 -0.29 -6.98
C LEU A 77 2.41 -0.36 -5.45
N TYR A 78 3.48 -0.92 -4.90
CA TYR A 78 3.62 -1.04 -3.46
C TYR A 78 3.43 0.31 -2.77
N ASN A 79 3.76 1.38 -3.49
CA ASN A 79 3.61 2.73 -2.95
C ASN A 79 2.15 3.14 -2.89
N THR A 80 1.48 3.09 -4.04
CA THR A 80 0.08 3.47 -4.13
C THR A 80 -0.78 2.56 -3.26
N ILE A 81 -0.63 1.25 -3.44
CA ILE A 81 -1.39 0.28 -2.68
C ILE A 81 -1.24 0.51 -1.18
N ALA A 82 -0.12 1.10 -0.79
CA ALA A 82 0.15 1.38 0.61
C ALA A 82 -0.68 2.55 1.10
N VAL A 83 -0.51 3.71 0.46
CA VAL A 83 -1.26 4.91 0.84
C VAL A 83 -2.76 4.67 0.75
N LEU A 84 -3.19 3.90 -0.24
CA LEU A 84 -4.60 3.59 -0.43
C LEU A 84 -5.14 2.80 0.76
N TYR A 85 -4.50 1.68 1.06
CA TYR A 85 -4.92 0.83 2.17
C TYR A 85 -5.06 1.64 3.45
N CYS A 86 -4.06 2.46 3.74
CA CYS A 86 -4.07 3.29 4.94
C CYS A 86 -5.30 4.19 4.96
N VAL A 87 -5.51 4.93 3.88
CA VAL A 87 -6.65 5.84 3.78
C VAL A 87 -7.97 5.10 4.00
N HIS A 88 -8.03 3.87 3.49
CA HIS A 88 -9.23 3.05 3.64
C HIS A 88 -9.43 2.64 5.09
N GLN A 89 -8.37 2.53 5.90
CA GLN A 89 -8.52 2.14 7.30
C GLN A 89 -8.58 3.36 8.21
N ARG A 90 -9.02 4.49 7.65
CA ARG A 90 -9.12 5.72 8.41
C ARG A 90 -7.76 6.12 8.98
N ILE A 91 -6.70 5.77 8.27
CA ILE A 91 -5.34 6.09 8.70
C ILE A 91 -4.82 7.35 8.01
N ASP A 92 -4.41 8.32 8.80
CA ASP A 92 -3.88 9.58 8.27
C ASP A 92 -2.37 9.52 8.11
N VAL A 93 -1.90 9.60 6.87
CA VAL A 93 -0.48 9.55 6.59
C VAL A 93 -0.01 10.81 5.87
N LYS A 94 1.26 11.17 6.06
CA LYS A 94 1.82 12.36 5.44
C LYS A 94 2.45 12.02 4.10
N ASP A 95 2.87 10.76 3.95
CA ASP A 95 3.49 10.31 2.71
C ASP A 95 3.35 8.80 2.55
N THR A 96 3.94 8.27 1.48
CA THR A 96 3.87 6.83 1.21
C THR A 96 4.91 6.07 2.03
N LYS A 97 5.98 6.76 2.41
CA LYS A 97 7.04 6.14 3.19
C LYS A 97 6.57 5.86 4.61
N GLU A 98 5.70 6.72 5.13
CA GLU A 98 5.18 6.55 6.48
C GLU A 98 4.12 5.45 6.52
N ALA A 99 3.19 5.50 5.57
CA ALA A 99 2.13 4.50 5.50
C ALA A 99 2.69 3.09 5.51
N LEU A 100 3.82 2.90 4.83
CA LEU A 100 4.47 1.59 4.76
C LEU A 100 4.89 1.12 6.15
N ASP A 101 5.31 2.07 6.99
CA ASP A 101 5.74 1.75 8.35
C ASP A 101 4.54 1.39 9.22
N LYS A 102 3.39 1.99 8.92
CA LYS A 102 2.17 1.74 9.68
C LYS A 102 1.65 0.33 9.42
N ILE A 103 1.64 -0.07 8.15
CA ILE A 103 1.16 -1.39 7.77
C ILE A 103 2.11 -2.48 8.25
N GLU A 104 3.40 -2.16 8.25
CA GLU A 104 4.42 -3.11 8.69
C GLU A 104 4.34 -3.33 10.20
N GLU A 105 3.99 -2.27 10.93
CA GLU A 105 3.87 -2.35 12.38
C GLU A 105 2.70 -3.23 12.80
N GLU A 106 1.54 -3.00 12.17
CA GLU A 106 0.34 -3.77 12.48
C GLU A 106 0.55 -5.24 12.17
N GLN A 107 1.23 -5.52 11.06
CA GLN A 107 1.50 -6.89 10.66
C GLN A 107 2.44 -7.58 11.63
N ASN A 108 3.26 -6.78 12.32
CA ASN A 108 4.22 -7.32 13.29
C ASN A 108 3.49 -7.94 14.47
N LYS A 109 2.45 -7.26 14.96
CA LYS A 109 1.68 -7.75 16.09
C LYS A 109 0.65 -8.79 15.63
N SER A 110 0.19 -8.66 14.39
CA SER A 110 -0.78 -9.58 13.84
C SER A 110 -0.12 -10.59 12.91
N LYS A 111 1.16 -10.88 13.18
CA LYS A 111 1.91 -11.83 12.36
C LYS A 111 1.49 -13.26 12.68
N LYS A 112 1.11 -13.51 13.92
CA LYS A 112 0.68 -14.83 14.35
C LYS A 112 -0.78 -15.07 13.98
N LYS A 113 -1.57 -14.02 13.98
CA LYS A 113 -2.99 -14.11 13.65
C LYS A 113 -3.22 -13.73 12.19
N ALA A 114 -2.25 -14.04 11.34
CA ALA A 114 -2.35 -13.74 9.91
C ALA A 114 -2.82 -14.95 9.13
N GLN A 115 -3.53 -15.85 9.80
CA GLN A 115 -4.03 -17.06 9.17
C GLN A 115 -5.56 -17.12 9.23
N GLN A 116 -6.12 -16.58 10.30
CA GLN A 116 -7.57 -16.57 10.47
C GLN A 116 -8.20 -15.38 9.75
N ALA A 117 -7.49 -14.25 9.75
CA ALA A 117 -7.97 -13.04 9.09
C ALA A 117 -8.30 -13.31 7.63
N ALA A 118 -7.61 -14.28 7.04
CA ALA A 118 -7.84 -14.64 5.64
C ALA A 118 -8.86 -15.76 5.52
N ALA A 119 -9.99 -15.59 6.20
CA ALA A 119 -11.05 -16.60 6.17
C ALA A 119 -12.43 -15.94 6.22
N ASP A 120 -12.57 -14.82 5.51
CA ASP A 120 -13.83 -14.10 5.47
C ASP A 120 -14.32 -13.92 4.04
N THR A 121 -13.48 -13.31 3.21
CA THR A 121 -13.83 -13.08 1.80
C THR A 121 -15.19 -12.40 1.68
N GLY A 122 -15.68 -12.31 0.45
CA GLY A 122 -16.98 -11.69 0.22
C GLY A 122 -17.31 -11.57 -1.26
N ASN A 123 -18.33 -10.79 -1.57
CA ASN A 123 -18.75 -10.60 -2.96
C ASN A 123 -18.52 -9.16 -3.40
N ASN A 124 -18.45 -8.95 -4.71
CA ASN A 124 -18.24 -7.61 -5.27
C ASN A 124 -19.56 -6.88 -5.42
N SER A 125 -19.58 -5.62 -5.00
CA SER A 125 -20.79 -4.80 -5.10
C SER A 125 -20.45 -3.41 -5.67
N GLN A 126 -21.48 -2.56 -5.76
CA GLN A 126 -21.30 -1.22 -6.29
C GLN A 126 -21.33 -0.18 -5.16
N VAL A 127 -21.22 1.09 -5.53
CA VAL A 127 -21.24 2.17 -4.56
C VAL A 127 -21.88 3.41 -5.13
N SER A 128 -21.33 3.91 -6.23
CA SER A 128 -21.86 5.10 -6.88
C SER A 128 -21.66 5.02 -8.39
N GLN A 129 -20.46 4.67 -8.82
CA GLN A 129 -20.15 4.55 -10.24
C GLN A 129 -20.38 5.89 -10.95
N ASN A 130 -19.43 6.80 -10.81
CA ASN A 130 -19.53 8.12 -11.43
C ASN A 130 -18.31 8.39 -12.31
N TYR A 131 -17.72 7.33 -12.85
CA TYR A 131 -16.55 7.45 -13.70
C TYR A 131 -15.44 8.25 -13.00
C1 MYR B . -15.28 -8.89 -14.21
O1 MYR B . -14.33 -9.26 -14.88
C2 MYR B . -15.86 -9.85 -13.17
C3 MYR B . -14.85 -10.37 -12.13
C4 MYR B . -15.42 -10.39 -10.71
C5 MYR B . -15.75 -11.82 -10.23
C6 MYR B . -14.49 -12.65 -9.98
C7 MYR B . -14.79 -14.16 -9.87
C8 MYR B . -13.51 -15.02 -9.79
C9 MYR B . -13.25 -15.77 -11.11
C10 MYR B . -13.71 -17.24 -11.05
C11 MYR B . -13.66 -17.98 -12.40
C12 MYR B . -12.82 -19.27 -12.39
C13 MYR B . -13.57 -20.47 -13.01
C14 MYR B . -12.91 -20.93 -14.32
H21 MYR B . -16.29 -10.70 -13.73
H22 MYR B . -16.73 -9.37 -12.67
H31 MYR B . -13.93 -9.76 -12.17
H32 MYR B . -14.52 -11.40 -12.42
H41 MYR B . -16.34 -9.76 -10.67
H42 MYR B . -14.71 -9.92 -10.01
H51 MYR B . -16.39 -12.32 -10.98
H52 MYR B . -16.36 -11.77 -9.30
H61 MYR B . -13.99 -12.30 -9.06
H62 MYR B . -13.76 -12.49 -10.80
H71 MYR B . -15.41 -14.48 -10.73
H72 MYR B . -15.42 -14.34 -8.97
H81 MYR B . -13.60 -15.74 -8.95
H82 MYR B . -12.65 -14.37 -9.55
H91 MYR B . -12.16 -15.72 -11.35
H92 MYR B . -13.76 -15.26 -11.95
H101 MYR B . -14.74 -17.27 -10.67
H102 MYR B . -13.10 -17.79 -10.30
H111 MYR B . -13.30 -17.29 -13.19
H112 MYR B . -14.70 -18.23 -12.69
H121 MYR B . -12.52 -19.52 -11.35
H122 MYR B . -11.87 -19.11 -12.93
H131 MYR B . -14.62 -20.19 -13.20
H132 MYR B . -13.60 -21.30 -12.30
H141 MYR B . -12.85 -20.11 -15.07
H142 MYR B . -11.88 -21.28 -14.15
H143 MYR B . -13.47 -21.77 -14.79
P1 PBU C . 4.50 9.49 -13.26
P4 PBU C . 8.00 8.43 -6.13
P5 PBU C . 8.88 5.13 -7.98
C3' PBU C . 3.34 7.29 -13.51
C2' PBU C . 2.17 7.45 -12.49
O2' PBU C . 1.88 6.17 -11.95
C1' PBU C . 0.90 8.02 -13.15
O1' PBU C . 0.85 7.61 -14.50
C1 PBU C . 6.22 8.63 -11.04
O1 PBU C . 5.69 8.61 -12.49
C2 PBU C . 7.05 9.90 -10.65
O2 PBU C . 8.15 10.14 -11.52
C3 PBU C . 7.57 9.79 -9.20
O3 PBU C . 8.33 10.97 -8.91
C4 PBU C . 8.44 8.48 -9.00
O4 PBU C . 8.88 8.38 -7.55
C5 PBU C . 7.55 7.22 -9.40
O5 PBU C . 8.38 6.02 -9.27
C6 PBU C . 7.01 7.32 -10.85
O6 PBU C . 6.12 6.24 -11.17
C7 PBU C . 1.46 6.11 -10.61
O7 PBU C . 0.33 5.76 -10.33
C8 PBU C . 2.44 6.47 -9.48
C9 PBU C . 2.30 5.47 -8.31
C10 PBU C . 2.37 6.23 -6.98
C11 PBU C . 0.18 8.37 -15.49
O11 PBU C . 0.71 9.21 -16.18
C12 PBU C . -1.35 8.10 -15.60
C13 PBU C . -1.82 7.91 -17.06
C14 PBU C . -3.18 8.59 -17.30
O41 PBU C . 9.03 7.79 -5.20
O42 PBU C . 7.76 9.90 -5.87
O43 PBU C . 6.70 7.68 -6.30
O51 PBU C . 9.09 3.78 -8.65
O52 PBU C . 10.12 5.88 -7.50
O53 PBU C . 7.70 5.17 -7.04
OP1 PBU C . 3.70 8.54 -14.08
OP2 PBU C . 3.73 10.12 -12.09
OP3 PBU C . 5.28 10.43 -14.15
H3'1 PBU C . 3.03 6.65 -14.28
H3'2 PBU C . 4.16 6.87 -13.00
H2' PBU C . 2.46 8.13 -11.75
H1'1 PBU C . 0.05 7.63 -12.68
H1'2 PBU C . 0.87 9.06 -13.05
H1 PBU C . 5.38 8.68 -10.35
H2 PBU C . 6.38 10.75 -10.73
H02 PBU C . 8.74 9.43 -11.65
H3 PBU C . 6.73 9.71 -8.51
H03 PBU C . 9.12 11.01 -9.45
H4 PBU C . 9.33 8.46 -9.61
H5 PBU C . 6.72 7.22 -8.70
H6 PBU C . 7.86 7.27 -11.52
H06 PBU C . 6.59 5.45 -11.37
H81 PBU C . 2.23 7.45 -9.13
H82 PBU C . 3.42 6.43 -9.86
H91 PBU C . 3.08 4.77 -8.36
H92 PBU C . 1.38 4.98 -8.37
H11 PBU C . 1.60 6.95 -6.94
H12 PBU C . 3.30 6.72 -6.90
H13 PBU C . 2.27 5.55 -6.18
H121 PBU C . -1.58 7.24 -15.05
H122 PBU C . -1.85 8.94 -15.20
H131 PBU C . -1.11 8.33 -17.71
H132 PBU C . -1.91 6.88 -17.26
H141 PBU C . -3.10 9.60 -17.06
H142 PBU C . -3.93 8.14 -16.71
H143 PBU C . -3.44 8.48 -18.31
N GLY A 1 -22.25 7.93 -4.22
CA GLY A 1 -22.23 6.47 -4.21
C GLY A 1 -21.70 5.89 -5.51
N ALA A 2 -22.42 6.15 -6.60
CA ALA A 2 -22.02 5.64 -7.91
C ALA A 2 -21.88 4.12 -7.89
N ARG A 3 -21.49 3.56 -9.03
CA ARG A 3 -21.32 2.11 -9.15
C ARG A 3 -19.86 1.72 -8.92
N ALA A 4 -18.98 2.19 -9.79
CA ALA A 4 -17.56 1.90 -9.69
C ALA A 4 -16.80 3.08 -9.09
N SER A 5 -16.01 2.80 -8.05
CA SER A 5 -15.23 3.83 -7.39
C SER A 5 -14.27 3.22 -6.37
N VAL A 6 -13.20 3.95 -6.07
CA VAL A 6 -12.20 3.48 -5.11
C VAL A 6 -12.26 4.29 -3.82
N LEU A 7 -11.90 5.56 -3.91
CA LEU A 7 -11.92 6.44 -2.74
C LEU A 7 -13.18 7.28 -2.72
N SER A 8 -13.86 7.28 -1.57
CA SER A 8 -15.10 8.04 -1.41
C SER A 8 -14.81 9.54 -1.32
N GLY A 9 -15.84 10.33 -1.05
CA GLY A 9 -15.69 11.76 -0.94
C GLY A 9 -14.64 12.16 0.09
N GLY A 10 -14.78 11.61 1.30
CA GLY A 10 -13.85 11.92 2.36
C GLY A 10 -12.45 11.41 2.07
N GLU A 11 -12.36 10.19 1.56
CA GLU A 11 -11.07 9.59 1.23
C GLU A 11 -10.38 10.35 0.11
N LEU A 12 -11.18 10.90 -0.79
CA LEU A 12 -10.65 11.67 -1.93
C LEU A 12 -9.92 12.92 -1.44
N ASP A 13 -10.54 13.64 -0.51
CA ASP A 13 -9.96 14.85 0.03
C ASP A 13 -8.59 14.57 0.66
N LYS A 14 -8.57 13.63 1.60
CA LYS A 14 -7.33 13.27 2.28
C LYS A 14 -6.32 12.69 1.30
N TRP A 15 -6.82 11.92 0.34
CA TRP A 15 -5.95 11.31 -0.67
C TRP A 15 -5.11 12.37 -1.38
N GLU A 16 -5.71 13.52 -1.65
CA GLU A 16 -5.02 14.61 -2.32
C GLU A 16 -4.04 15.29 -1.38
N LYS A 17 -4.21 15.06 -0.08
CA LYS A 17 -3.34 15.65 0.93
C LYS A 17 -2.21 14.69 1.31
N ILE A 18 -1.78 13.89 0.35
CA ILE A 18 -0.71 12.93 0.58
C ILE A 18 0.42 13.11 -0.42
N ARG A 19 1.64 13.27 0.09
CA ARG A 19 2.81 13.45 -0.77
C ARG A 19 3.36 12.10 -1.22
N LEU A 20 3.63 11.98 -2.52
CA LEU A 20 4.16 10.75 -3.08
C LEU A 20 5.46 10.36 -2.40
N ARG A 21 6.18 11.35 -1.87
CA ARG A 21 7.45 11.11 -1.20
C ARG A 21 7.53 11.93 0.09
N PRO A 22 8.42 11.50 1.00
CA PRO A 22 8.62 12.17 2.29
C PRO A 22 9.29 13.53 2.13
N GLY A 23 10.17 13.64 1.14
CA GLY A 23 10.87 14.89 0.91
C GLY A 23 10.39 15.58 -0.36
N GLY A 24 9.12 15.42 -0.69
CA GLY A 24 8.57 16.04 -1.87
C GLY A 24 7.30 16.82 -1.60
N LYS A 25 6.78 17.49 -2.62
CA LYS A 25 5.56 18.27 -2.49
C LYS A 25 4.44 17.71 -3.34
N LYS A 26 4.82 17.03 -4.42
CA LYS A 26 3.85 16.42 -5.33
C LYS A 26 2.85 15.57 -4.56
N GLN A 27 1.60 16.04 -4.51
CA GLN A 27 0.54 15.32 -3.80
C GLN A 27 0.00 14.19 -4.66
N TYR A 28 -0.94 13.43 -4.11
CA TYR A 28 -1.54 12.31 -4.83
C TYR A 28 -2.79 12.75 -5.59
N LYS A 29 -3.05 12.10 -6.71
CA LYS A 29 -4.21 12.43 -7.53
C LYS A 29 -4.88 11.17 -8.06
N LEU A 30 -6.11 11.30 -8.54
CA LEU A 30 -6.86 10.18 -9.08
C LEU A 30 -6.04 9.44 -10.12
N LYS A 31 -5.20 10.18 -10.84
CA LYS A 31 -4.36 9.59 -11.88
C LYS A 31 -3.58 8.39 -11.34
N HIS A 32 -3.13 8.50 -10.09
CA HIS A 32 -2.37 7.44 -9.45
C HIS A 32 -3.29 6.29 -9.03
N ILE A 33 -4.49 6.57 -8.55
CA ILE A 33 -5.42 5.51 -8.13
C ILE A 33 -5.81 4.64 -9.31
N VAL A 34 -5.98 5.25 -10.47
CA VAL A 34 -6.36 4.53 -11.68
C VAL A 34 -5.15 3.83 -12.30
N TRP A 35 -4.00 4.50 -12.25
CA TRP A 35 -2.78 3.94 -12.81
C TRP A 35 -2.49 2.57 -12.24
N ALA A 36 -2.82 2.38 -10.97
CA ALA A 36 -2.60 1.10 -10.30
C ALA A 36 -3.61 0.06 -10.76
N SER A 37 -4.84 0.49 -11.00
CA SER A 37 -5.90 -0.40 -11.45
C SER A 37 -5.56 -1.02 -12.79
N ARG A 38 -5.04 -0.19 -13.71
CA ARG A 38 -4.68 -0.65 -15.04
C ARG A 38 -3.51 -1.62 -14.97
N GLU A 39 -2.69 -1.50 -13.92
CA GLU A 39 -1.53 -2.37 -13.75
C GLU A 39 -1.93 -3.65 -13.02
N LEU A 40 -2.93 -3.55 -12.16
CA LEU A 40 -3.40 -4.70 -11.39
C LEU A 40 -3.97 -5.77 -12.31
N GLU A 41 -4.82 -5.35 -13.24
CA GLU A 41 -5.44 -6.27 -14.19
C GLU A 41 -4.38 -7.07 -14.94
N ARG A 42 -3.18 -6.48 -15.06
CA ARG A 42 -2.08 -7.14 -15.76
C ARG A 42 -1.50 -8.27 -14.92
N PHE A 43 -1.63 -8.15 -13.60
CA PHE A 43 -1.11 -9.16 -12.69
C PHE A 43 -2.20 -10.15 -12.29
N ALA A 44 -3.19 -10.30 -13.15
CA ALA A 44 -4.30 -11.21 -12.89
C ALA A 44 -5.11 -10.76 -11.68
N VAL A 45 -5.01 -9.48 -11.35
CA VAL A 45 -5.73 -8.92 -10.21
C VAL A 45 -6.71 -7.84 -10.64
N ASN A 46 -7.97 -7.98 -10.22
CA ASN A 46 -9.00 -7.02 -10.56
C ASN A 46 -8.78 -5.70 -9.84
N PRO A 47 -9.06 -4.59 -10.53
CA PRO A 47 -8.91 -3.24 -9.96
C PRO A 47 -9.94 -2.94 -8.88
N GLY A 48 -10.91 -3.85 -8.72
CA GLY A 48 -11.93 -3.66 -7.73
C GLY A 48 -11.51 -4.14 -6.36
N LEU A 49 -10.21 -4.41 -6.21
CA LEU A 49 -9.68 -4.89 -4.94
C LEU A 49 -9.10 -3.73 -4.13
N LEU A 50 -8.67 -2.68 -4.82
CA LEU A 50 -8.09 -1.51 -4.17
C LEU A 50 -9.17 -0.71 -3.44
N GLU A 51 -10.41 -0.83 -3.90
CA GLU A 51 -11.53 -0.13 -3.29
C GLU A 51 -11.94 -0.79 -1.98
N THR A 52 -11.34 -1.94 -1.70
CA THR A 52 -11.65 -2.69 -0.48
C THR A 52 -10.40 -2.87 0.38
N SER A 53 -10.51 -2.56 1.67
CA SER A 53 -9.39 -2.69 2.59
C SER A 53 -8.84 -4.10 2.57
N GLU A 54 -9.69 -5.07 2.22
CA GLU A 54 -9.28 -6.47 2.17
C GLU A 54 -8.43 -6.74 0.93
N GLY A 55 -8.90 -6.27 -0.22
CA GLY A 55 -8.18 -6.47 -1.46
C GLY A 55 -6.78 -5.90 -1.41
N CYS A 56 -6.65 -4.67 -0.93
CA CYS A 56 -5.36 -4.01 -0.84
C CYS A 56 -4.36 -4.88 -0.08
N ARG A 57 -4.78 -5.37 1.08
CA ARG A 57 -3.93 -6.22 1.91
C ARG A 57 -3.46 -7.44 1.13
N GLN A 58 -4.39 -8.07 0.42
CA GLN A 58 -4.06 -9.26 -0.37
C GLN A 58 -3.02 -8.93 -1.43
N ILE A 59 -3.17 -7.79 -2.08
CA ILE A 59 -2.24 -7.36 -3.11
C ILE A 59 -0.86 -7.07 -2.53
N LEU A 60 -0.83 -6.49 -1.34
CA LEU A 60 0.41 -6.17 -0.67
C LEU A 60 1.11 -7.42 -0.15
N GLY A 61 0.31 -8.45 0.12
CA GLY A 61 0.86 -9.70 0.62
C GLY A 61 1.68 -10.43 -0.43
N GLN A 62 1.46 -10.09 -1.70
CA GLN A 62 2.19 -10.73 -2.78
C GLN A 62 3.35 -9.85 -3.24
N LEU A 63 3.20 -8.54 -3.08
CA LEU A 63 4.23 -7.59 -3.48
C LEU A 63 5.25 -7.41 -2.36
N GLN A 64 4.83 -7.65 -1.13
CA GLN A 64 5.71 -7.50 0.03
C GLN A 64 6.99 -8.30 -0.17
N PRO A 65 6.85 -9.63 -0.32
CA PRO A 65 7.99 -10.53 -0.51
C PRO A 65 8.63 -10.36 -1.88
N SER A 66 7.91 -9.72 -2.79
CA SER A 66 8.41 -9.49 -4.14
C SER A 66 8.89 -8.05 -4.30
N LEU A 67 9.30 -7.45 -3.20
CA LEU A 67 9.80 -6.07 -3.21
C LEU A 67 11.25 -6.00 -3.70
N GLN A 68 12.01 -7.05 -3.40
CA GLN A 68 13.40 -7.12 -3.80
C GLN A 68 13.52 -7.41 -5.29
N THR A 69 12.91 -8.51 -5.73
CA THR A 69 12.94 -8.91 -7.13
C THR A 69 12.08 -7.99 -7.98
N GLY A 70 11.02 -7.47 -7.38
CA GLY A 70 10.13 -6.58 -8.10
C GLY A 70 10.85 -5.41 -8.74
N SER A 71 10.38 -4.98 -9.90
CA SER A 71 11.00 -3.87 -10.62
C SER A 71 10.30 -2.56 -10.29
N GLU A 72 10.68 -1.49 -11.00
CA GLU A 72 10.09 -0.18 -10.77
C GLU A 72 8.56 -0.25 -10.82
N GLU A 73 8.05 -1.19 -11.61
CA GLU A 73 6.60 -1.36 -11.74
C GLU A 73 5.99 -1.87 -10.44
N LEU A 74 6.69 -2.80 -9.79
CA LEU A 74 6.22 -3.37 -8.53
C LEU A 74 6.25 -2.33 -7.41
N ARG A 75 7.38 -1.65 -7.28
CA ARG A 75 7.54 -0.63 -6.24
C ARG A 75 6.41 0.40 -6.32
N SER A 76 6.15 0.89 -7.53
CA SER A 76 5.10 1.88 -7.74
C SER A 76 3.77 1.40 -7.15
N LEU A 77 3.39 0.16 -7.46
CA LEU A 77 2.15 -0.41 -6.97
C LEU A 77 2.13 -0.41 -5.44
N TYR A 78 3.13 -1.04 -4.83
CA TYR A 78 3.22 -1.11 -3.38
C TYR A 78 3.11 0.28 -2.76
N ASN A 79 3.56 1.29 -3.50
CA ASN A 79 3.51 2.67 -3.02
C ASN A 79 2.06 3.16 -2.94
N THR A 80 1.36 3.09 -4.07
CA THR A 80 -0.03 3.53 -4.12
C THR A 80 -0.92 2.66 -3.24
N ILE A 81 -0.82 1.34 -3.42
CA ILE A 81 -1.61 0.40 -2.63
C ILE A 81 -1.44 0.65 -1.14
N ALA A 82 -0.29 1.19 -0.76
CA ALA A 82 0.00 1.48 0.64
C ALA A 82 -0.78 2.71 1.11
N VAL A 83 -0.47 3.86 0.54
CA VAL A 83 -1.14 5.10 0.89
C VAL A 83 -2.65 4.95 0.83
N LEU A 84 -3.13 4.19 -0.14
CA LEU A 84 -4.56 3.96 -0.30
C LEU A 84 -5.10 3.07 0.81
N TYR A 85 -4.34 2.05 1.17
CA TYR A 85 -4.74 1.12 2.22
C TYR A 85 -4.92 1.86 3.55
N CYS A 86 -3.94 2.69 3.90
CA CYS A 86 -4.00 3.45 5.14
C CYS A 86 -5.31 4.21 5.26
N VAL A 87 -5.85 4.64 4.12
CA VAL A 87 -7.10 5.38 4.08
C VAL A 87 -8.27 4.48 4.45
N HIS A 88 -8.29 3.28 3.89
CA HIS A 88 -9.36 2.33 4.16
C HIS A 88 -9.29 1.81 5.59
N GLN A 89 -8.10 1.67 6.18
CA GLN A 89 -7.98 1.19 7.56
C GLN A 89 -8.30 2.29 8.55
N ARG A 90 -7.38 3.23 8.70
CA ARG A 90 -7.56 4.35 9.63
C ARG A 90 -6.37 5.28 9.59
N ILE A 91 -5.17 4.71 9.40
CA ILE A 91 -3.95 5.51 9.35
C ILE A 91 -4.08 6.65 8.35
N ASP A 92 -3.78 7.86 8.81
CA ASP A 92 -3.86 9.04 7.96
C ASP A 92 -2.47 9.61 7.70
N VAL A 93 -1.57 8.78 7.19
CA VAL A 93 -0.21 9.21 6.89
C VAL A 93 -0.20 10.48 6.03
N LYS A 94 0.95 11.12 5.96
CA LYS A 94 1.10 12.33 5.17
C LYS A 94 1.77 12.04 3.83
N ASP A 95 2.57 10.98 3.79
CA ASP A 95 3.26 10.59 2.57
C ASP A 95 3.26 9.08 2.41
N THR A 96 3.92 8.60 1.35
CA THR A 96 3.99 7.17 1.07
C THR A 96 5.04 6.49 1.95
N LYS A 97 6.05 7.26 2.36
CA LYS A 97 7.11 6.73 3.20
C LYS A 97 6.55 6.23 4.54
N GLU A 98 5.83 7.10 5.23
CA GLU A 98 5.23 6.74 6.52
C GLU A 98 4.28 5.56 6.37
N ALA A 99 3.47 5.58 5.32
CA ALA A 99 2.52 4.51 5.06
C ALA A 99 3.22 3.15 5.03
N LEU A 100 4.38 3.10 4.40
CA LEU A 100 5.15 1.86 4.31
C LEU A 100 5.63 1.41 5.68
N ASP A 101 6.20 2.34 6.44
CA ASP A 101 6.69 2.04 7.78
C ASP A 101 5.57 1.53 8.68
N LYS A 102 4.36 2.00 8.41
CA LYS A 102 3.19 1.60 9.20
C LYS A 102 2.82 0.15 8.91
N ILE A 103 2.43 -0.12 7.65
CA ILE A 103 2.04 -1.46 7.25
C ILE A 103 3.14 -2.47 7.56
N GLU A 104 4.39 -2.06 7.35
CA GLU A 104 5.53 -2.93 7.61
C GLU A 104 5.66 -3.23 9.10
N GLU A 105 5.16 -2.30 9.92
CA GLU A 105 5.22 -2.47 11.37
C GLU A 105 4.11 -3.39 11.86
N GLU A 106 2.92 -3.23 11.29
CA GLU A 106 1.77 -4.05 11.68
C GLU A 106 1.91 -5.46 11.14
N GLN A 107 2.60 -5.60 10.01
CA GLN A 107 2.81 -6.89 9.39
C GLN A 107 3.92 -7.66 10.09
N ASN A 108 4.89 -6.93 10.62
CA ASN A 108 6.02 -7.54 11.33
C ASN A 108 5.63 -7.95 12.74
N LYS A 109 4.64 -7.25 13.31
CA LYS A 109 4.17 -7.53 14.65
C LYS A 109 3.36 -8.83 14.68
N SER A 110 2.62 -9.09 13.60
CA SER A 110 1.81 -10.28 13.50
C SER A 110 2.68 -11.54 13.42
N LYS A 111 3.60 -11.54 12.45
CA LYS A 111 4.50 -12.67 12.27
C LYS A 111 5.31 -12.94 13.54
N LYS A 112 5.72 -11.87 14.20
CA LYS A 112 6.51 -11.99 15.43
C LYS A 112 5.77 -12.82 16.46
N LYS A 113 4.44 -12.70 16.49
CA LYS A 113 3.63 -13.46 17.43
C LYS A 113 3.61 -14.94 17.07
N ALA A 114 3.81 -15.24 15.79
CA ALA A 114 3.81 -16.61 15.32
C ALA A 114 5.24 -17.11 15.10
N GLN A 115 6.19 -16.52 15.82
CA GLN A 115 7.59 -16.90 15.70
C GLN A 115 8.42 -16.24 16.80
N GLN A 116 7.84 -16.11 17.98
CA GLN A 116 8.53 -15.50 19.11
C GLN A 116 9.52 -16.48 19.74
N ALA A 117 9.23 -17.77 19.60
CA ALA A 117 10.10 -18.81 20.16
C ALA A 117 11.33 -19.01 19.29
N ALA A 118 11.18 -18.76 17.99
CA ALA A 118 12.28 -18.93 17.06
C ALA A 118 13.13 -17.65 16.98
N ALA A 119 12.46 -16.51 16.91
CA ALA A 119 13.15 -15.23 16.83
C ALA A 119 14.10 -15.05 18.00
N ASP A 120 13.81 -15.72 19.11
CA ASP A 120 14.65 -15.63 20.30
C ASP A 120 16.10 -15.92 19.96
N THR A 121 16.34 -17.01 19.23
CA THR A 121 17.68 -17.40 18.84
C THR A 121 18.11 -16.70 17.54
N GLY A 122 19.26 -16.05 17.58
CA GLY A 122 19.76 -15.36 16.41
C GLY A 122 19.04 -14.05 16.17
N ASN A 123 19.78 -13.05 15.71
CA ASN A 123 19.21 -11.73 15.44
C ASN A 123 19.03 -11.50 13.94
N ASN A 124 17.79 -11.34 13.51
CA ASN A 124 17.50 -11.12 12.09
C ASN A 124 16.11 -10.52 11.92
N SER A 125 16.04 -9.19 11.93
CA SER A 125 14.77 -8.48 11.77
C SER A 125 14.85 -7.45 10.65
N GLN A 126 15.96 -6.71 10.62
CA GLN A 126 16.16 -5.68 9.61
C GLN A 126 17.58 -5.14 9.66
N VAL A 127 18.38 -5.47 8.66
CA VAL A 127 19.77 -5.01 8.60
C VAL A 127 19.91 -3.82 7.66
N SER A 128 19.44 -3.99 6.43
CA SER A 128 19.52 -2.93 5.43
C SER A 128 18.50 -1.83 5.73
N GLN A 129 18.84 -0.60 5.34
CA GLN A 129 17.96 0.54 5.57
C GLN A 129 17.18 0.88 4.31
N ASN A 130 16.19 1.75 4.46
CA ASN A 130 15.36 2.18 3.32
C ASN A 130 15.41 3.69 3.15
N TYR A 131 15.67 4.13 1.93
CA TYR A 131 15.74 5.55 1.62
C TYR A 131 15.39 5.81 0.15
C1 MYR B . -21.73 8.62 -3.21
O1 MYR B . -21.22 8.09 -2.22
C2 MYR B . -21.79 10.14 -3.26
C3 MYR B . -20.59 10.85 -2.58
C4 MYR B . -21.03 12.08 -1.77
C5 MYR B . -20.88 11.86 -0.25
C6 MYR B . -22.03 12.49 0.56
C7 MYR B . -23.10 11.44 0.94
C8 MYR B . -23.38 11.41 2.45
C9 MYR B . -24.83 11.76 2.79
C10 MYR B . -25.25 11.28 4.20
C11 MYR B . -24.58 12.06 5.35
C12 MYR B . -25.48 13.15 5.98
C13 MYR B . -25.63 12.97 7.50
C14 MYR B . -26.50 11.76 7.85
H21 MYR B . -22.73 10.45 -2.77
H22 MYR B . -21.90 10.48 -4.31
H31 MYR B . -19.85 11.17 -3.35
H32 MYR B . -20.06 10.14 -1.93
H41 MYR B . -22.09 12.32 -1.99
H42 MYR B . -20.45 12.97 -2.08
H51 MYR B . -19.91 12.29 0.10
H52 MYR B . -20.82 10.77 -0.04
H61 MYR B . -22.50 13.30 -0.03
H62 MYR B . -21.64 12.97 1.47
H71 MYR B . -22.78 10.44 0.61
H72 MYR B . -24.04 11.64 0.39
H81 MYR B . -22.69 12.12 2.97
H82 MYR B . -23.13 10.41 2.86
H91 MYR B . -25.51 11.33 2.03
H92 MYR B . -24.99 12.86 2.71
H101 MYR B . -24.98 10.22 4.29
H102 MYR B . -26.35 11.32 4.30
H111 MYR B . -23.63 12.50 5.01
H112 MYR B . -24.30 11.34 6.14
H121 MYR B . -26.48 13.14 5.50
H122 MYR B . -25.06 14.16 5.76
H131 MYR B . -26.07 13.88 7.94
H132 MYR B . -24.64 12.87 7.97
H141 MYR B . -26.57 11.60 8.94
H142 MYR B . -27.54 11.88 7.46
H143 MYR B . -26.10 10.83 7.41
P1 PBU C . 4.10 10.11 -13.13
P4 PBU C . 8.41 11.67 -6.57
P5 PBU C . 8.92 7.04 -7.79
C3' PBU C . 3.68 7.70 -13.70
C2' PBU C . 2.43 7.39 -12.85
O2' PBU C . 2.44 6.02 -12.51
C1' PBU C . 1.12 7.72 -13.61
O1' PBU C . 1.23 7.26 -14.94
C1 PBU C . 6.07 9.98 -10.97
O1 PBU C . 5.40 9.52 -12.27
C2 PBU C . 6.73 11.40 -11.01
O2 PBU C . 7.68 11.54 -12.07
C3 PBU C . 7.40 11.73 -9.67
O3 PBU C . 7.98 13.04 -9.77
C4 PBU C . 8.48 10.64 -9.28
O4 PBU C . 9.08 10.98 -7.93
C5 PBU C . 7.78 9.22 -9.24
O5 PBU C . 8.79 8.21 -8.95
C6 PBU C . 7.09 8.88 -10.59
O6 PBU C . 6.34 7.65 -10.51
C7 PBU C . 3.17 5.63 -11.37
O7 PBU C . 4.18 4.97 -11.48
C8 PBU C . 2.70 6.06 -9.97
C9 PBU C . 2.91 4.92 -8.96
C10 PBU C . 2.68 5.45 -7.53
C11 PBU C . 0.70 7.98 -16.02
O11 PBU C . -0.44 7.91 -16.42
C12 PBU C . 1.72 8.90 -16.77
C13 PBU C . 1.87 8.56 -18.27
C14 PBU C . 2.59 7.22 -18.46
O41 PBU C . 9.66 11.77 -5.71
O42 PBU C . 7.84 12.98 -7.02
O43 PBU C . 7.32 10.75 -6.02
O51 PBU C . 10.43 6.90 -7.73
O52 PBU C . 8.22 7.66 -6.59
O53 PBU C . 8.21 5.87 -8.41
OP1 PBU C . 3.72 9.04 -14.12
OP2 PBU C . 3.05 10.35 -12.04
OP3 PBU C . 4.64 11.32 -13.84
H3'1 PBU C . 3.67 7.08 -14.55
H3'2 PBU C . 4.54 7.48 -13.11
H2' PBU C . 2.43 8.00 -11.99
H1'1 PBU C . 0.31 7.20 -13.16
H1'2 PBU C . 0.90 8.75 -13.56
H1 PBU C . 5.31 10.09 -10.20
H2 PBU C . 5.92 12.11 -11.19
H02 PBU C . 8.36 10.91 -12.10
H3 PBU C . 6.66 11.74 -8.87
H03 PBU C . 8.70 13.04 -10.41
H4 PBU C . 9.30 10.59 -9.99
H5 PBU C . 7.03 9.29 -8.45
H6 PBU C . 7.85 8.77 -11.34
H06 PBU C . 6.91 6.89 -10.58
H81 PBU C . 1.69 6.32 -10.00
H82 PBU C . 3.27 6.90 -9.67
H91 PBU C . 3.88 4.54 -9.05
H92 PBU C . 2.21 4.15 -9.15
H11 PBU C . 1.71 5.84 -7.45
H12 PBU C . 3.38 6.21 -7.33
H13 PBU C . 2.81 4.66 -6.84
H121 PBU C . 1.40 9.89 -16.68
H122 PBU C . 2.66 8.78 -16.31
H131 PBU C . 0.91 8.50 -18.70
H132 PBU C . 2.42 9.32 -18.74
H141 PBU C . 2.07 6.46 -17.95
H142 PBU C . 3.58 7.26 -18.10
H143 PBU C . 2.62 6.99 -19.48
N GLY A 1 -23.16 2.53 -0.75
CA GLY A 1 -23.96 2.33 -1.95
C GLY A 1 -23.24 2.73 -3.21
N ALA A 2 -21.94 2.45 -3.26
CA ALA A 2 -21.13 2.79 -4.42
C ALA A 2 -21.13 1.66 -5.44
N ARG A 3 -21.06 2.03 -6.71
CA ARG A 3 -21.06 1.04 -7.79
C ARG A 3 -19.73 0.29 -7.85
N ALA A 4 -18.66 1.03 -8.12
CA ALA A 4 -17.33 0.43 -8.20
C ALA A 4 -16.25 1.47 -7.96
N SER A 5 -16.56 2.46 -7.13
CA SER A 5 -15.62 3.52 -6.82
C SER A 5 -14.58 3.06 -5.81
N VAL A 6 -13.46 3.77 -5.74
CA VAL A 6 -12.39 3.42 -4.81
C VAL A 6 -12.42 4.33 -3.58
N LEU A 7 -12.07 5.59 -3.77
CA LEU A 7 -12.07 6.55 -2.67
C LEU A 7 -13.27 7.49 -2.76
N SER A 8 -14.08 7.50 -1.72
CA SER A 8 -15.26 8.35 -1.68
C SER A 8 -14.88 9.82 -1.51
N GLY A 9 -15.88 10.67 -1.34
CA GLY A 9 -15.62 12.10 -1.17
C GLY A 9 -14.64 12.38 -0.04
N GLY A 10 -14.91 11.80 1.12
CA GLY A 10 -14.04 12.02 2.27
C GLY A 10 -12.63 11.48 2.03
N GLU A 11 -12.54 10.23 1.58
CA GLU A 11 -11.25 9.61 1.31
C GLU A 11 -10.46 10.41 0.28
N LEU A 12 -11.16 10.88 -0.75
CA LEU A 12 -10.53 11.66 -1.82
C LEU A 12 -9.82 12.89 -1.25
N ASP A 13 -10.49 13.56 -0.31
CA ASP A 13 -9.93 14.75 0.32
C ASP A 13 -8.55 14.45 0.92
N LYS A 14 -8.50 13.45 1.79
CA LYS A 14 -7.25 13.06 2.44
C LYS A 14 -6.26 12.50 1.41
N TRP A 15 -6.77 11.77 0.44
CA TRP A 15 -5.93 11.18 -0.60
C TRP A 15 -5.09 12.26 -1.29
N GLU A 16 -5.71 13.42 -1.52
CA GLU A 16 -5.01 14.52 -2.18
C GLU A 16 -4.02 15.19 -1.23
N LYS A 17 -4.18 14.91 0.07
CA LYS A 17 -3.29 15.49 1.07
C LYS A 17 -2.16 14.51 1.42
N ILE A 18 -1.74 13.74 0.43
CA ILE A 18 -0.65 12.78 0.62
C ILE A 18 0.45 12.98 -0.40
N ARG A 19 1.68 13.13 0.10
CA ARG A 19 2.84 13.32 -0.78
C ARG A 19 3.39 11.99 -1.26
N LEU A 20 3.64 11.89 -2.56
CA LEU A 20 4.17 10.66 -3.14
C LEU A 20 5.49 10.27 -2.49
N ARG A 21 6.19 11.26 -1.95
CA ARG A 21 7.47 11.03 -1.27
C ARG A 21 7.55 11.80 0.04
N PRO A 22 8.45 11.36 0.92
CA PRO A 22 8.65 12.00 2.22
C PRO A 22 9.30 13.38 2.11
N GLY A 23 10.17 13.52 1.10
CA GLY A 23 10.84 14.80 0.90
C GLY A 23 10.36 15.51 -0.35
N GLY A 24 9.09 15.34 -0.68
CA GLY A 24 8.53 15.98 -1.85
C GLY A 24 7.26 16.74 -1.55
N LYS A 25 6.73 17.42 -2.57
CA LYS A 25 5.50 18.19 -2.41
C LYS A 25 4.38 17.63 -3.29
N LYS A 26 4.77 16.97 -4.37
CA LYS A 26 3.80 16.38 -5.28
C LYS A 26 2.80 15.50 -4.54
N GLN A 27 1.57 15.99 -4.41
CA GLN A 27 0.52 15.25 -3.71
C GLN A 27 -0.03 14.13 -4.60
N TYR A 28 -0.98 13.38 -4.05
CA TYR A 28 -1.58 12.28 -4.79
C TYR A 28 -2.85 12.75 -5.53
N LYS A 29 -3.13 12.12 -6.66
CA LYS A 29 -4.30 12.47 -7.46
C LYS A 29 -4.97 11.22 -8.01
N LEU A 30 -6.21 11.37 -8.48
CA LEU A 30 -6.96 10.25 -9.04
C LEU A 30 -6.14 9.54 -10.11
N LYS A 31 -5.30 10.29 -10.82
CA LYS A 31 -4.48 9.73 -11.87
C LYS A 31 -3.69 8.52 -11.36
N HIS A 32 -3.22 8.61 -10.12
CA HIS A 32 -2.46 7.52 -9.51
C HIS A 32 -3.39 6.37 -9.11
N ILE A 33 -4.59 6.64 -8.63
CA ILE A 33 -5.50 5.57 -8.23
C ILE A 33 -5.90 4.71 -9.43
N VAL A 34 -6.07 5.35 -10.58
CA VAL A 34 -6.44 4.64 -11.79
C VAL A 34 -5.24 3.94 -12.41
N TRP A 35 -4.08 4.58 -12.34
CA TRP A 35 -2.85 4.01 -12.89
C TRP A 35 -2.60 2.61 -12.32
N ALA A 36 -2.95 2.42 -11.05
CA ALA A 36 -2.76 1.13 -10.39
C ALA A 36 -3.85 0.14 -10.81
N SER A 37 -5.08 0.62 -10.89
CA SER A 37 -6.21 -0.23 -11.28
C SER A 37 -5.95 -0.89 -12.63
N ARG A 38 -5.43 -0.12 -13.58
CA ARG A 38 -5.15 -0.62 -14.91
C ARG A 38 -3.98 -1.62 -14.86
N GLU A 39 -3.12 -1.47 -13.86
CA GLU A 39 -1.96 -2.34 -13.71
C GLU A 39 -2.37 -3.67 -13.08
N LEU A 40 -3.28 -3.60 -12.11
CA LEU A 40 -3.75 -4.78 -11.41
C LEU A 40 -4.25 -5.84 -12.40
N GLU A 41 -5.08 -5.41 -13.35
CA GLU A 41 -5.63 -6.31 -14.35
C GLU A 41 -4.51 -7.02 -15.11
N ARG A 42 -3.34 -6.39 -15.15
CA ARG A 42 -2.18 -6.96 -15.84
C ARG A 42 -1.57 -8.09 -15.02
N PHE A 43 -1.73 -8.02 -13.71
CA PHE A 43 -1.19 -9.04 -12.82
C PHE A 43 -2.27 -10.06 -12.44
N ALA A 44 -3.26 -10.22 -13.32
CA ALA A 44 -4.34 -11.16 -13.08
C ALA A 44 -5.14 -10.78 -11.84
N VAL A 45 -5.06 -9.51 -11.46
CA VAL A 45 -5.79 -9.01 -10.29
C VAL A 45 -6.82 -7.96 -10.69
N ASN A 46 -7.97 -8.00 -10.03
CA ASN A 46 -9.05 -7.05 -10.31
C ASN A 46 -8.82 -5.74 -9.56
N PRO A 47 -9.16 -4.61 -10.22
CA PRO A 47 -9.00 -3.28 -9.63
C PRO A 47 -10.00 -3.03 -8.50
N GLY A 48 -10.94 -3.95 -8.33
CA GLY A 48 -11.93 -3.81 -7.28
C GLY A 48 -11.41 -4.27 -5.93
N LEU A 49 -10.11 -4.51 -5.84
CA LEU A 49 -9.50 -4.96 -4.61
C LEU A 49 -8.92 -3.78 -3.82
N LEU A 50 -8.57 -2.72 -4.54
CA LEU A 50 -8.01 -1.53 -3.91
C LEU A 50 -9.09 -0.73 -3.20
N GLU A 51 -10.34 -0.87 -3.65
CA GLU A 51 -11.46 -0.17 -3.05
C GLU A 51 -11.86 -0.81 -1.73
N THR A 52 -11.24 -1.95 -1.41
CA THR A 52 -11.53 -2.67 -0.17
C THR A 52 -10.26 -2.89 0.64
N SER A 53 -10.31 -2.54 1.92
CA SER A 53 -9.17 -2.69 2.81
C SER A 53 -8.67 -4.14 2.80
N GLU A 54 -9.58 -5.07 2.50
CA GLU A 54 -9.23 -6.48 2.46
C GLU A 54 -8.48 -6.83 1.18
N GLY A 55 -8.96 -6.30 0.06
CA GLY A 55 -8.31 -6.56 -1.21
C GLY A 55 -6.88 -6.06 -1.25
N CYS A 56 -6.67 -4.84 -0.77
CA CYS A 56 -5.33 -4.24 -0.75
C CYS A 56 -4.34 -5.16 -0.06
N ARG A 57 -4.71 -5.63 1.13
CA ARG A 57 -3.85 -6.52 1.89
C ARG A 57 -3.39 -7.71 1.06
N GLN A 58 -4.34 -8.33 0.36
CA GLN A 58 -4.04 -9.48 -0.49
C GLN A 58 -3.02 -9.11 -1.57
N ILE A 59 -3.12 -7.87 -2.05
CA ILE A 59 -2.21 -7.40 -3.09
C ILE A 59 -0.83 -7.10 -2.52
N LEU A 60 -0.80 -6.48 -1.35
CA LEU A 60 0.46 -6.14 -0.69
C LEU A 60 1.20 -7.40 -0.25
N GLY A 61 0.44 -8.47 0.00
CA GLY A 61 1.04 -9.72 0.43
C GLY A 61 1.90 -10.36 -0.66
N GLN A 62 1.47 -10.23 -1.90
CA GLN A 62 2.20 -10.80 -3.02
C GLN A 62 3.36 -9.90 -3.43
N LEU A 63 3.16 -8.60 -3.31
CA LEU A 63 4.19 -7.62 -3.66
C LEU A 63 5.25 -7.53 -2.56
N GLN A 64 4.84 -7.86 -1.34
CA GLN A 64 5.76 -7.81 -0.20
C GLN A 64 7.03 -8.60 -0.49
N PRO A 65 6.88 -9.91 -0.73
CA PRO A 65 8.01 -10.80 -1.02
C PRO A 65 8.61 -10.52 -2.39
N SER A 66 7.88 -9.81 -3.24
CA SER A 66 8.34 -9.48 -4.58
C SER A 66 9.28 -8.28 -4.54
N LEU A 67 9.09 -7.41 -3.56
CA LEU A 67 9.92 -6.22 -3.40
C LEU A 67 11.40 -6.59 -3.36
N GLN A 68 11.69 -7.81 -2.90
CA GLN A 68 13.06 -8.28 -2.81
C GLN A 68 13.77 -8.14 -4.14
N THR A 69 13.14 -8.64 -5.20
CA THR A 69 13.71 -8.58 -6.54
C THR A 69 12.74 -7.94 -7.53
N GLY A 70 12.03 -6.92 -7.06
CA GLY A 70 11.08 -6.23 -7.92
C GLY A 70 11.67 -5.00 -8.58
N SER A 71 11.11 -4.62 -9.73
CA SER A 71 11.59 -3.46 -10.46
C SER A 71 10.78 -2.22 -10.10
N GLU A 72 11.01 -1.13 -10.83
CA GLU A 72 10.30 0.12 -10.59
C GLU A 72 8.79 -0.11 -10.57
N GLU A 73 8.31 -0.92 -11.50
CA GLU A 73 6.88 -1.22 -11.59
C GLU A 73 6.35 -1.75 -10.25
N LEU A 74 7.15 -2.56 -9.59
CA LEU A 74 6.77 -3.13 -8.30
C LEU A 74 6.64 -2.05 -7.23
N ARG A 75 7.68 -1.20 -7.14
CA ARG A 75 7.69 -0.11 -6.17
C ARG A 75 6.49 0.81 -6.37
N SER A 76 6.20 1.12 -7.64
CA SER A 76 5.09 1.99 -7.97
C SER A 76 3.78 1.47 -7.37
N LEU A 77 3.46 0.22 -7.67
CA LEU A 77 2.24 -0.40 -7.17
C LEU A 77 2.20 -0.37 -5.65
N TYR A 78 3.23 -0.95 -5.03
CA TYR A 78 3.32 -1.00 -3.57
C TYR A 78 3.15 0.39 -2.98
N ASN A 79 3.57 1.41 -3.72
CA ASN A 79 3.46 2.79 -3.28
C ASN A 79 1.99 3.22 -3.18
N THR A 80 1.26 3.05 -4.27
CA THR A 80 -0.15 3.42 -4.31
C THR A 80 -0.98 2.51 -3.42
N ILE A 81 -0.83 1.20 -3.60
CA ILE A 81 -1.57 0.23 -2.81
C ILE A 81 -1.38 0.48 -1.32
N ALA A 82 -0.24 1.06 -0.96
CA ALA A 82 0.06 1.35 0.43
C ALA A 82 -0.73 2.56 0.92
N VAL A 83 -0.42 3.73 0.36
CA VAL A 83 -1.09 4.97 0.73
C VAL A 83 -2.62 4.80 0.66
N LEU A 84 -3.07 4.06 -0.35
CA LEU A 84 -4.50 3.83 -0.54
C LEU A 84 -5.06 2.97 0.60
N TYR A 85 -4.32 1.94 0.98
CA TYR A 85 -4.75 1.04 2.04
C TYR A 85 -4.95 1.80 3.36
N CYS A 86 -3.96 2.60 3.72
CA CYS A 86 -4.02 3.39 4.94
C CYS A 86 -5.30 4.21 4.99
N VAL A 87 -5.76 4.66 3.82
CA VAL A 87 -6.97 5.47 3.73
C VAL A 87 -8.19 4.69 4.21
N HIS A 88 -8.23 3.40 3.87
CA HIS A 88 -9.33 2.54 4.28
C HIS A 88 -9.20 2.11 5.73
N GLN A 89 -8.02 2.22 6.34
CA GLN A 89 -7.83 1.82 7.72
C GLN A 89 -7.91 3.02 8.65
N ARG A 90 -8.62 4.06 8.21
CA ARG A 90 -8.77 5.28 9.00
C ARG A 90 -7.41 5.86 9.36
N ILE A 91 -6.41 5.58 8.52
CA ILE A 91 -5.06 6.08 8.75
C ILE A 91 -4.80 7.36 7.94
N ASP A 92 -4.34 8.40 8.62
CA ASP A 92 -4.04 9.67 7.95
C ASP A 92 -2.54 9.92 7.91
N VAL A 93 -1.86 9.28 6.96
CA VAL A 93 -0.43 9.43 6.80
C VAL A 93 -0.09 10.77 6.15
N LYS A 94 1.20 10.99 5.93
CA LYS A 94 1.67 12.23 5.31
C LYS A 94 2.33 11.96 3.96
N ASP A 95 2.86 10.75 3.82
CA ASP A 95 3.51 10.35 2.57
C ASP A 95 3.43 8.85 2.36
N THR A 96 4.01 8.37 1.27
CA THR A 96 4.00 6.95 0.96
C THR A 96 5.04 6.20 1.78
N LYS A 97 6.11 6.90 2.17
CA LYS A 97 7.17 6.30 2.96
C LYS A 97 6.66 5.89 4.34
N GLU A 98 5.94 6.79 4.99
CA GLU A 98 5.39 6.53 6.32
C GLU A 98 4.31 5.45 6.25
N ALA A 99 3.36 5.62 5.34
CA ALA A 99 2.27 4.67 5.18
C ALA A 99 2.81 3.26 5.00
N LEU A 100 3.98 3.15 4.37
CA LEU A 100 4.60 1.85 4.13
C LEU A 100 5.14 1.26 5.42
N ASP A 101 5.64 2.13 6.30
CA ASP A 101 6.19 1.69 7.58
C ASP A 101 5.08 1.20 8.51
N LYS A 102 3.91 1.83 8.42
CA LYS A 102 2.77 1.46 9.24
C LYS A 102 2.30 0.04 8.93
N ILE A 103 2.39 -0.34 7.66
CA ILE A 103 1.98 -1.67 7.23
C ILE A 103 3.07 -2.69 7.51
N GLU A 104 4.32 -2.24 7.47
CA GLU A 104 5.45 -3.13 7.71
C GLU A 104 5.51 -3.54 9.18
N GLU A 105 5.31 -2.57 10.06
CA GLU A 105 5.35 -2.83 11.49
C GLU A 105 4.19 -3.75 11.92
N GLU A 106 3.08 -3.65 11.19
CA GLU A 106 1.91 -4.47 11.49
C GLU A 106 2.20 -5.94 11.23
N GLN A 107 2.97 -6.21 10.18
CA GLN A 107 3.31 -7.59 9.82
C GLN A 107 4.44 -8.11 10.70
N ASN A 108 5.28 -7.20 11.18
CA ASN A 108 6.41 -7.56 12.04
C ASN A 108 5.94 -8.42 13.21
N LYS A 109 4.71 -8.18 13.65
CA LYS A 109 4.15 -8.93 14.77
C LYS A 109 3.96 -10.40 14.40
N SER A 110 3.52 -10.64 13.18
CA SER A 110 3.31 -12.01 12.70
C SER A 110 4.61 -12.78 12.63
N LYS A 111 5.70 -12.06 12.37
CA LYS A 111 7.02 -12.67 12.28
C LYS A 111 7.58 -12.97 13.66
N LYS A 112 7.21 -12.16 14.64
CA LYS A 112 7.66 -12.36 16.01
C LYS A 112 6.99 -13.57 16.64
N LYS A 113 5.76 -13.85 16.21
CA LYS A 113 5.02 -15.00 16.73
C LYS A 113 5.63 -16.31 16.26
N ALA A 114 6.24 -16.29 15.09
CA ALA A 114 6.87 -17.48 14.54
C ALA A 114 8.36 -17.53 14.87
N GLN A 115 8.95 -16.36 15.11
CA GLN A 115 10.36 -16.26 15.43
C GLN A 115 10.56 -15.69 16.84
N GLN A 116 9.70 -16.11 17.76
CA GLN A 116 9.78 -15.63 19.15
C GLN A 116 11.02 -16.18 19.84
N ALA A 117 11.48 -17.34 19.39
CA ALA A 117 12.66 -17.97 19.97
C ALA A 117 13.94 -17.24 19.54
N ALA A 118 13.95 -16.76 18.30
CA ALA A 118 15.10 -16.04 17.77
C ALA A 118 15.23 -14.66 18.42
N ALA A 119 14.10 -14.10 18.82
CA ALA A 119 14.09 -12.78 19.45
C ALA A 119 14.87 -12.80 20.77
N ASP A 120 14.73 -13.89 21.51
CA ASP A 120 15.42 -14.03 22.80
C ASP A 120 16.93 -14.04 22.60
N THR A 121 17.41 -14.91 21.72
CA THR A 121 18.84 -15.02 21.46
C THR A 121 19.43 -13.67 21.07
N GLY A 122 20.73 -13.51 21.29
CA GLY A 122 21.39 -12.26 20.97
C GLY A 122 21.15 -11.83 19.53
N ASN A 123 21.13 -10.52 19.31
CA ASN A 123 20.90 -9.98 17.97
C ASN A 123 22.08 -9.14 17.51
N ASN A 124 22.16 -8.89 16.21
CA ASN A 124 23.24 -8.10 15.65
C ASN A 124 22.80 -7.39 14.38
N SER A 125 23.27 -6.16 14.18
CA SER A 125 22.91 -5.39 13.01
C SER A 125 23.52 -6.00 11.74
N GLN A 126 22.76 -5.93 10.65
CA GLN A 126 23.22 -6.49 9.38
C GLN A 126 23.28 -5.40 8.31
N VAL A 127 23.48 -4.17 8.74
CA VAL A 127 23.57 -3.04 7.82
C VAL A 127 22.38 -3.01 6.87
N SER A 128 21.21 -2.66 7.40
CA SER A 128 19.99 -2.60 6.61
C SER A 128 19.83 -1.21 5.97
N GLN A 129 18.84 -1.09 5.09
CA GLN A 129 18.58 0.18 4.42
C GLN A 129 19.81 0.66 3.66
N ASN A 130 19.97 0.16 2.44
CA ASN A 130 21.12 0.54 1.61
C ASN A 130 21.08 2.03 1.29
N TYR A 131 22.22 2.70 1.45
CA TYR A 131 22.31 4.13 1.18
C TYR A 131 21.92 4.44 -0.26
C1 MYR B . -23.53 2.01 0.41
O1 MYR B . -24.57 1.35 0.55
C2 MYR B . -22.66 2.26 1.64
C3 MYR B . -22.24 0.98 2.40
C4 MYR B . -21.44 1.30 3.68
C5 MYR B . -22.33 1.92 4.78
C6 MYR B . -22.17 1.20 6.13
C7 MYR B . -21.81 2.18 7.27
C8 MYR B . -21.69 1.46 8.62
C9 MYR B . -20.64 2.12 9.55
C10 MYR B . -19.56 1.12 10.00
C11 MYR B . -18.28 1.12 9.14
C12 MYR B . -16.97 1.22 9.94
C13 MYR B . -16.01 0.06 9.61
C14 MYR B . -16.29 -1.18 10.47
H21 MYR B . -23.23 2.92 2.32
H22 MYR B . -21.78 2.85 1.35
H31 MYR B . -21.64 0.33 1.74
H32 MYR B . -23.14 0.39 2.66
H41 MYR B . -20.61 1.99 3.43
H42 MYR B . -20.96 0.38 4.06
H51 MYR B . -23.38 1.90 4.45
H52 MYR B . -22.07 3.00 4.89
H61 MYR B . -21.39 0.41 6.04
H62 MYR B . -23.10 0.67 6.38
H71 MYR B . -22.57 2.98 7.32
H72 MYR B . -20.85 2.68 7.03
H81 MYR B . -21.43 0.40 8.47
H82 MYR B . -22.68 1.46 9.12
H91 MYR B . -21.15 2.55 10.42
H92 MYR B . -20.17 2.97 9.01
H101 MYR B . -19.99 0.10 9.99
H102 MYR B . -19.30 1.30 11.06
H111 MYR B . -18.33 1.95 8.39
H112 MYR B . -18.27 0.20 8.53
H121 MYR B . -17.20 1.21 11.02
H122 MYR B . -16.46 2.19 9.74
H131 MYR B . -14.96 0.38 9.76
H132 MYR B . -16.08 -0.21 8.54
H141 MYR B . -15.63 -2.03 10.22
H142 MYR B . -16.14 -0.97 11.55
H143 MYR B . -17.33 -1.53 10.35
P1 PBU C . 4.04 10.14 -13.16
P4 PBU C . 10.43 11.87 -7.58
P5 PBU C . 9.83 7.45 -9.84
C3' PBU C . 3.62 7.73 -13.73
C2' PBU C . 2.37 7.41 -12.89
O2' PBU C . 2.35 6.04 -12.60
C1' PBU C . 1.07 7.79 -13.63
O1' PBU C . 1.15 7.35 -14.97
C1 PBU C . 6.02 10.02 -10.99
O1 PBU C . 5.33 9.55 -12.29
C2 PBU C . 6.69 11.43 -11.06
O2 PBU C . 7.65 11.54 -12.12
C3 PBU C . 7.38 11.77 -9.72
O3 PBU C . 7.98 13.08 -9.85
C4 PBU C . 8.43 10.67 -9.32
O4 PBU C . 9.04 11.03 -7.97
C5 PBU C . 7.71 9.27 -9.26
O5 PBU C . 8.70 8.25 -8.93
C6 PBU C . 7.00 8.91 -10.58
O6 PBU C . 6.24 7.69 -10.49
C7 PBU C . 3.07 5.59 -11.46
O7 PBU C . 4.07 4.91 -11.60
C8 PBU C . 2.61 5.99 -10.05
C9 PBU C . 2.79 4.81 -9.08
C10 PBU C . 2.55 5.30 -7.64
C11 PBU C . 0.80 8.18 -16.05
O11 PBU C . 0.61 9.38 -15.98
C12 PBU C . 0.59 7.45 -17.41
C13 PBU C . 0.75 8.38 -18.63
C14 PBU C . 1.73 7.77 -19.67
O41 PBU C . 9.85 12.76 -6.48
O42 PBU C . 11.41 10.83 -7.10
O43 PBU C . 10.95 12.59 -8.81
O51 PBU C . 10.72 6.91 -8.73
O52 PBU C . 9.02 6.45 -10.62
O53 PBU C . 10.46 8.56 -10.65
OP1 PBU C . 3.66 9.08 -14.14
OP2 PBU C . 2.99 10.37 -12.07
OP3 PBU C . 4.58 11.34 -13.86
H3'1 PBU C . 3.62 7.10 -14.58
H3'2 PBU C . 4.47 7.51 -13.14
H2' PBU C . 2.38 8.00 -12.01
H1'1 PBU C . 0.24 7.30 -13.19
H1'2 PBU C . 0.88 8.83 -13.56
H1 PBU C . 5.26 10.16 -10.23
H2 PBU C . 5.89 12.14 -11.26
H02 PBU C . 8.31 10.89 -12.14
H3 PBU C . 6.63 11.81 -8.92
H03 PBU C . 8.69 13.05 -10.49
H4 PBU C . 9.24 10.59 -10.02
H5 PBU C . 6.96 9.36 -8.46
H6 PBU C . 7.76 8.77 -11.34
H06 PBU C . 6.80 6.93 -10.54
H81 PBU C . 1.59 6.27 -10.08
H82 PBU C . 3.19 6.80 -9.72
H91 PBU C . 3.76 4.42 -9.18
H92 PBU C . 2.08 4.06 -9.30
H11 PBU C . 1.59 5.69 -7.55
H12 PBU C . 3.26 6.03 -7.40
H13 PBU C . 2.66 4.49 -6.97
H121 PBU C . 1.30 6.68 -17.48
H122 PBU C . -0.38 7.06 -17.42
H131 PBU C . -0.18 8.52 -19.09
H132 PBU C . 1.14 9.30 -18.31
H141 PBU C . 1.37 6.82 -19.95
H142 PBU C . 2.69 7.68 -19.26
H143 PBU C . 1.76 8.40 -20.50
N GLY A 1 -20.12 -5.40 -7.61
CA GLY A 1 -19.25 -4.85 -8.63
C GLY A 1 -20.02 -4.04 -9.66
N ALA A 2 -20.15 -2.75 -9.42
CA ALA A 2 -20.86 -1.85 -10.33
C ALA A 2 -20.36 -0.43 -10.21
N ARG A 3 -20.19 0.04 -8.97
CA ARG A 3 -19.72 1.39 -8.71
C ARG A 3 -18.31 1.59 -9.26
N ALA A 4 -17.94 2.85 -9.49
CA ALA A 4 -16.63 3.18 -10.02
C ALA A 4 -15.97 4.28 -9.20
N SER A 5 -15.40 3.90 -8.06
CA SER A 5 -14.74 4.86 -7.19
C SER A 5 -14.02 4.14 -6.04
N VAL A 6 -12.70 4.08 -6.13
CA VAL A 6 -11.89 3.43 -5.10
C VAL A 6 -11.97 4.18 -3.78
N LEU A 7 -11.81 5.49 -3.83
CA LEU A 7 -11.86 6.32 -2.64
C LEU A 7 -13.16 7.12 -2.60
N SER A 8 -13.71 7.27 -1.39
CA SER A 8 -14.96 8.01 -1.22
C SER A 8 -14.69 9.52 -1.10
N GLY A 9 -15.73 10.27 -0.78
CA GLY A 9 -15.58 11.71 -0.64
C GLY A 9 -14.58 12.10 0.44
N GLY A 10 -14.77 11.54 1.64
CA GLY A 10 -13.87 11.83 2.73
C GLY A 10 -12.46 11.38 2.47
N GLU A 11 -12.33 10.20 1.85
CA GLU A 11 -11.02 9.65 1.55
C GLU A 11 -10.32 10.45 0.46
N LEU A 12 -11.10 10.93 -0.51
CA LEU A 12 -10.56 11.71 -1.62
C LEU A 12 -9.84 12.95 -1.10
N ASP A 13 -10.43 13.60 -0.10
CA ASP A 13 -9.84 14.79 0.49
C ASP A 13 -8.44 14.51 1.02
N LYS A 14 -8.34 13.52 1.91
CA LYS A 14 -7.07 13.14 2.51
C LYS A 14 -6.10 12.64 1.44
N TRP A 15 -6.63 11.86 0.50
CA TRP A 15 -5.81 11.32 -0.58
C TRP A 15 -5.05 12.43 -1.30
N GLU A 16 -5.78 13.44 -1.75
CA GLU A 16 -5.17 14.56 -2.46
C GLU A 16 -4.12 15.25 -1.59
N LYS A 17 -4.27 15.12 -0.28
CA LYS A 17 -3.33 15.72 0.65
C LYS A 17 -2.04 14.91 0.73
N ILE A 18 -2.18 13.61 0.92
CA ILE A 18 -1.03 12.71 1.01
C ILE A 18 -0.08 12.91 -0.18
N ARG A 19 1.21 12.89 0.10
CA ARG A 19 2.22 13.07 -0.95
C ARG A 19 2.92 11.75 -1.25
N LEU A 20 3.33 11.59 -2.51
CA LEU A 20 4.02 10.37 -2.94
C LEU A 20 5.31 10.17 -2.16
N ARG A 21 6.03 11.28 -1.92
CA ARG A 21 7.29 11.22 -1.19
C ARG A 21 7.23 12.13 0.05
N PRO A 22 8.13 11.86 1.01
CA PRO A 22 8.21 12.63 2.25
C PRO A 22 8.72 14.05 2.03
N GLY A 23 9.61 14.20 1.05
CA GLY A 23 10.17 15.51 0.75
C GLY A 23 10.08 15.85 -0.72
N GLY A 24 8.85 16.01 -1.21
CA GLY A 24 8.65 16.35 -2.62
C GLY A 24 7.65 17.47 -2.80
N LYS A 25 7.25 17.68 -4.05
CA LYS A 25 6.28 18.73 -4.37
C LYS A 25 5.21 18.22 -5.33
N LYS A 26 4.78 16.99 -5.10
CA LYS A 26 3.75 16.38 -5.94
C LYS A 26 2.81 15.51 -5.10
N GLN A 27 1.70 16.08 -4.67
CA GLN A 27 0.72 15.36 -3.87
C GLN A 27 0.11 14.21 -4.66
N TYR A 28 -0.79 13.47 -4.03
CA TYR A 28 -1.44 12.33 -4.66
C TYR A 28 -2.64 12.80 -5.48
N LYS A 29 -2.94 12.07 -6.55
CA LYS A 29 -4.06 12.41 -7.42
C LYS A 29 -4.69 11.14 -7.99
N LEU A 30 -5.89 11.29 -8.54
CA LEU A 30 -6.61 10.15 -9.13
C LEU A 30 -5.73 9.42 -10.13
N LYS A 31 -4.82 10.16 -10.78
CA LYS A 31 -3.91 9.57 -11.75
C LYS A 31 -3.20 8.35 -11.17
N HIS A 32 -2.84 8.43 -9.90
CA HIS A 32 -2.15 7.34 -9.22
C HIS A 32 -3.13 6.22 -8.87
N ILE A 33 -4.37 6.51 -8.53
CA ILE A 33 -5.34 5.47 -8.18
C ILE A 33 -5.69 4.63 -9.40
N VAL A 34 -5.78 5.28 -10.56
CA VAL A 34 -6.11 4.59 -11.80
C VAL A 34 -4.88 3.89 -12.39
N TRP A 35 -3.73 4.55 -12.27
CA TRP A 35 -2.48 4.00 -12.78
C TRP A 35 -2.22 2.61 -12.21
N ALA A 36 -2.60 2.41 -10.95
CA ALA A 36 -2.41 1.13 -10.29
C ALA A 36 -3.45 0.11 -10.75
N SER A 37 -4.69 0.56 -10.87
CA SER A 37 -5.78 -0.31 -11.29
C SER A 37 -5.45 -0.96 -12.64
N ARG A 38 -4.82 -0.20 -13.52
CA ARG A 38 -4.45 -0.70 -14.83
C ARG A 38 -3.36 -1.78 -14.73
N GLU A 39 -2.36 -1.50 -13.92
CA GLU A 39 -1.25 -2.44 -13.73
C GLU A 39 -1.72 -3.68 -12.97
N LEU A 40 -2.76 -3.51 -12.17
CA LEU A 40 -3.31 -4.61 -11.38
C LEU A 40 -3.94 -5.66 -12.29
N GLU A 41 -4.90 -5.23 -13.10
CA GLU A 41 -5.60 -6.13 -14.02
C GLU A 41 -4.60 -6.89 -14.90
N ARG A 42 -3.45 -6.27 -15.14
CA ARG A 42 -2.41 -6.88 -15.96
C ARG A 42 -1.85 -8.13 -15.28
N PHE A 43 -1.83 -8.12 -13.96
CA PHE A 43 -1.31 -9.25 -13.19
C PHE A 43 -2.44 -10.17 -12.76
N ALA A 44 -3.52 -10.19 -13.55
CA ALA A 44 -4.66 -11.04 -13.25
C ALA A 44 -5.32 -10.62 -11.93
N VAL A 45 -5.13 -9.37 -11.55
CA VAL A 45 -5.71 -8.86 -10.32
C VAL A 45 -6.67 -7.70 -10.60
N ASN A 46 -7.95 -7.93 -10.31
CA ASN A 46 -8.97 -6.91 -10.54
C ASN A 46 -8.67 -5.65 -9.72
N PRO A 47 -8.97 -4.49 -10.31
CA PRO A 47 -8.74 -3.19 -9.66
C PRO A 47 -9.69 -2.95 -8.50
N GLY A 48 -10.76 -3.73 -8.44
CA GLY A 48 -11.73 -3.59 -7.36
C GLY A 48 -11.12 -3.89 -6.00
N LEU A 49 -10.09 -4.73 -5.98
CA LEU A 49 -9.42 -5.10 -4.74
C LEU A 49 -8.94 -3.86 -3.99
N LEU A 50 -8.69 -2.79 -4.73
CA LEU A 50 -8.22 -1.54 -4.15
C LEU A 50 -9.37 -0.77 -3.50
N GLU A 51 -10.58 -0.99 -4.02
CA GLU A 51 -11.76 -0.33 -3.49
C GLU A 51 -12.20 -0.95 -2.16
N THR A 52 -11.54 -2.03 -1.78
CA THR A 52 -11.85 -2.72 -0.54
C THR A 52 -10.61 -2.88 0.33
N SER A 53 -10.72 -2.50 1.60
CA SER A 53 -9.61 -2.60 2.53
C SER A 53 -9.07 -4.03 2.59
N GLU A 54 -9.95 -4.99 2.29
CA GLU A 54 -9.57 -6.39 2.31
C GLU A 54 -8.73 -6.75 1.08
N GLY A 55 -9.19 -6.30 -0.09
CA GLY A 55 -8.48 -6.58 -1.32
C GLY A 55 -7.07 -6.02 -1.31
N CYS A 56 -6.92 -4.78 -0.86
CA CYS A 56 -5.62 -4.13 -0.80
C CYS A 56 -4.61 -5.00 -0.05
N ARG A 57 -5.02 -5.51 1.11
CA ARG A 57 -4.16 -6.36 1.92
C ARG A 57 -3.66 -7.56 1.13
N GLN A 58 -4.59 -8.23 0.43
CA GLN A 58 -4.24 -9.40 -0.36
C GLN A 58 -3.21 -9.04 -1.43
N ILE A 59 -3.24 -7.81 -1.90
CA ILE A 59 -2.31 -7.34 -2.91
C ILE A 59 -0.93 -7.08 -2.31
N LEU A 60 -0.90 -6.31 -1.22
CA LEU A 60 0.35 -5.99 -0.55
C LEU A 60 1.08 -7.25 -0.10
N GLY A 61 0.31 -8.30 0.15
CA GLY A 61 0.88 -9.56 0.59
C GLY A 61 1.75 -10.20 -0.48
N GLN A 62 1.30 -10.13 -1.72
CA GLN A 62 2.03 -10.70 -2.84
C GLN A 62 3.20 -9.80 -3.25
N LEU A 63 3.01 -8.49 -3.08
CA LEU A 63 4.04 -7.52 -3.44
C LEU A 63 5.12 -7.45 -2.36
N GLN A 64 4.74 -7.79 -1.13
CA GLN A 64 5.68 -7.77 -0.01
C GLN A 64 6.94 -8.55 -0.35
N PRO A 65 6.78 -9.85 -0.60
CA PRO A 65 7.90 -10.74 -0.93
C PRO A 65 8.48 -10.45 -2.31
N SER A 66 7.71 -9.76 -3.14
CA SER A 66 8.15 -9.41 -4.49
C SER A 66 9.06 -8.19 -4.47
N LEU A 67 8.89 -7.35 -3.46
CA LEU A 67 9.70 -6.15 -3.32
C LEU A 67 11.19 -6.48 -3.38
N GLN A 68 11.53 -7.69 -2.93
CA GLN A 68 12.93 -8.13 -2.94
C GLN A 68 13.51 -8.10 -4.35
N THR A 69 12.76 -8.65 -5.31
CA THR A 69 13.20 -8.68 -6.70
C THR A 69 12.19 -7.99 -7.60
N GLY A 70 11.66 -6.86 -7.15
CA GLY A 70 10.70 -6.12 -7.94
C GLY A 70 11.28 -4.86 -8.54
N SER A 71 10.77 -4.46 -9.70
CA SER A 71 11.26 -3.27 -10.39
C SER A 71 10.34 -2.08 -10.11
N GLU A 72 10.59 -0.97 -10.81
CA GLU A 72 9.79 0.23 -10.63
C GLU A 72 8.30 -0.07 -10.79
N GLU A 73 7.98 -1.05 -11.62
CA GLU A 73 6.61 -1.45 -11.86
C GLU A 73 5.95 -1.94 -10.58
N LEU A 74 6.67 -2.77 -9.84
CA LEU A 74 6.17 -3.33 -8.58
C LEU A 74 6.26 -2.30 -7.46
N ARG A 75 7.41 -1.64 -7.36
CA ARG A 75 7.62 -0.63 -6.33
C ARG A 75 6.50 0.41 -6.35
N SER A 76 6.25 0.97 -7.53
CA SER A 76 5.20 1.98 -7.67
C SER A 76 3.88 1.49 -7.09
N LEU A 77 3.54 0.24 -7.38
CA LEU A 77 2.31 -0.35 -6.90
C LEU A 77 2.26 -0.33 -5.37
N TYR A 78 3.25 -0.93 -4.74
CA TYR A 78 3.34 -0.98 -3.28
C TYR A 78 3.17 0.42 -2.69
N ASN A 79 3.62 1.43 -3.44
CA ASN A 79 3.53 2.81 -2.99
C ASN A 79 2.08 3.27 -2.93
N THR A 80 1.38 3.14 -4.06
CA THR A 80 -0.01 3.56 -4.15
C THR A 80 -0.89 2.70 -3.25
N ILE A 81 -0.79 1.38 -3.40
CA ILE A 81 -1.57 0.45 -2.60
C ILE A 81 -1.38 0.71 -1.11
N ALA A 82 -0.22 1.26 -0.76
CA ALA A 82 0.08 1.56 0.64
C ALA A 82 -0.73 2.76 1.12
N VAL A 83 -0.50 3.92 0.51
CA VAL A 83 -1.21 5.13 0.88
C VAL A 83 -2.72 4.92 0.85
N LEU A 84 -3.18 4.16 -0.13
CA LEU A 84 -4.61 3.87 -0.28
C LEU A 84 -5.10 2.97 0.84
N TYR A 85 -4.42 1.84 1.02
CA TYR A 85 -4.80 0.88 2.06
C TYR A 85 -4.92 1.57 3.41
N CYS A 86 -3.92 2.37 3.75
CA CYS A 86 -3.90 3.09 5.02
C CYS A 86 -5.19 3.90 5.20
N VAL A 87 -5.71 4.42 4.10
CA VAL A 87 -6.93 5.22 4.13
C VAL A 87 -8.13 4.35 4.49
N HIS A 88 -8.26 3.20 3.84
CA HIS A 88 -9.37 2.30 4.10
C HIS A 88 -9.31 1.75 5.52
N GLN A 89 -8.12 1.50 6.08
CA GLN A 89 -8.02 0.98 7.44
C GLN A 89 -8.28 2.08 8.46
N ARG A 90 -7.33 3.00 8.59
CA ARG A 90 -7.46 4.10 9.54
C ARG A 90 -6.23 5.02 9.48
N ILE A 91 -5.06 4.42 9.25
CA ILE A 91 -3.82 5.18 9.17
C ILE A 91 -3.95 6.34 8.18
N ASP A 92 -3.67 7.54 8.66
CA ASP A 92 -3.75 8.73 7.81
C ASP A 92 -2.37 9.39 7.66
N VAL A 93 -1.40 8.59 7.20
CA VAL A 93 -0.04 9.09 7.01
C VAL A 93 -0.05 10.36 6.16
N LYS A 94 1.08 11.07 6.17
CA LYS A 94 1.23 12.30 5.41
C LYS A 94 1.82 12.02 4.04
N ASP A 95 2.61 10.95 3.95
CA ASP A 95 3.25 10.57 2.69
C ASP A 95 3.28 9.06 2.53
N THR A 96 3.85 8.60 1.43
CA THR A 96 3.95 7.17 1.15
C THR A 96 4.96 6.50 2.07
N LYS A 97 5.96 7.26 2.49
CA LYS A 97 7.01 6.74 3.36
C LYS A 97 6.42 6.28 4.70
N GLU A 98 5.74 7.19 5.38
CA GLU A 98 5.13 6.88 6.66
C GLU A 98 4.23 5.64 6.56
N ALA A 99 3.53 5.53 5.43
CA ALA A 99 2.64 4.40 5.20
C ALA A 99 3.41 3.08 5.21
N LEU A 100 4.65 3.12 4.73
CA LEU A 100 5.50 1.94 4.68
C LEU A 100 5.98 1.55 6.07
N ASP A 101 6.53 2.53 6.80
CA ASP A 101 7.03 2.30 8.14
C ASP A 101 5.90 1.83 9.06
N LYS A 102 4.69 2.31 8.80
CA LYS A 102 3.53 1.95 9.61
C LYS A 102 3.14 0.49 9.37
N ILE A 103 2.84 0.17 8.13
CA ILE A 103 2.45 -1.19 7.77
C ILE A 103 3.57 -2.18 8.07
N GLU A 104 4.81 -1.75 7.89
CA GLU A 104 5.97 -2.60 8.15
C GLU A 104 6.02 -3.01 9.62
N GLU A 105 5.65 -2.08 10.50
CA GLU A 105 5.66 -2.34 11.93
C GLU A 105 4.61 -3.37 12.30
N GLU A 106 3.49 -3.35 11.58
CA GLU A 106 2.40 -4.29 11.84
C GLU A 106 2.73 -5.66 11.28
N GLN A 107 3.18 -5.71 10.03
CA GLN A 107 3.52 -6.97 9.38
C GLN A 107 4.72 -7.62 10.08
N ASN A 108 5.55 -6.80 10.71
CA ASN A 108 6.72 -7.30 11.41
C ASN A 108 6.34 -8.37 12.42
N LYS A 109 5.17 -8.23 13.02
CA LYS A 109 4.68 -9.18 14.01
C LYS A 109 4.48 -10.56 13.38
N SER A 110 4.20 -10.57 12.08
CA SER A 110 3.99 -11.83 11.36
C SER A 110 5.31 -12.38 10.83
N LYS A 111 6.26 -11.48 10.58
CA LYS A 111 7.57 -11.88 10.08
C LYS A 111 8.20 -12.94 10.97
N LYS A 112 7.88 -12.90 12.26
CA LYS A 112 8.41 -13.85 13.22
C LYS A 112 7.87 -15.25 12.94
N LYS A 113 6.63 -15.32 12.47
CA LYS A 113 6.00 -16.60 12.16
C LYS A 113 6.19 -16.96 10.70
N ALA A 114 5.48 -16.27 9.82
CA ALA A 114 5.57 -16.51 8.39
C ALA A 114 5.20 -17.96 8.06
N GLN A 115 4.39 -18.57 8.90
CA GLN A 115 3.97 -19.96 8.71
C GLN A 115 3.18 -20.10 7.42
N GLN A 116 2.29 -19.14 7.16
CA GLN A 116 1.47 -19.17 5.95
C GLN A 116 2.33 -19.31 4.71
N ALA A 117 3.56 -18.81 4.79
CA ALA A 117 4.49 -18.88 3.66
C ALA A 117 4.58 -20.31 3.12
N ALA A 118 4.39 -21.29 4.00
CA ALA A 118 4.46 -22.69 3.62
C ALA A 118 3.07 -23.28 3.44
N ALA A 119 3.00 -24.59 3.31
CA ALA A 119 1.72 -25.28 3.14
C ALA A 119 1.05 -24.87 1.83
N ASP A 120 1.84 -24.37 0.89
CA ASP A 120 1.32 -23.94 -0.40
C ASP A 120 2.22 -24.41 -1.53
N THR A 121 3.53 -24.18 -1.38
CA THR A 121 4.50 -24.59 -2.40
C THR A 121 4.51 -26.10 -2.56
N GLY A 122 3.96 -26.58 -3.68
CA GLY A 122 3.94 -28.01 -3.95
C GLY A 122 5.30 -28.57 -4.23
N ASN A 123 5.73 -28.50 -5.50
CA ASN A 123 7.03 -29.01 -5.90
C ASN A 123 8.04 -27.88 -6.07
N ASN A 124 9.32 -28.23 -6.14
CA ASN A 124 10.37 -27.24 -6.30
C ASN A 124 11.01 -27.35 -7.69
N SER A 125 10.58 -26.49 -8.59
CA SER A 125 11.10 -26.49 -9.95
C SER A 125 11.13 -25.07 -10.52
N GLN A 126 12.27 -24.40 -10.35
CA GLN A 126 12.43 -23.03 -10.84
C GLN A 126 13.86 -22.81 -11.35
N VAL A 127 13.98 -22.30 -12.57
CA VAL A 127 15.28 -22.03 -13.16
C VAL A 127 15.32 -20.65 -13.81
N SER A 128 16.49 -20.02 -13.78
CA SER A 128 16.65 -18.69 -14.35
C SER A 128 18.09 -18.20 -14.20
N GLN A 129 18.71 -17.83 -15.31
CA GLN A 129 20.09 -17.36 -15.30
C GLN A 129 20.14 -15.85 -15.54
N ASN A 130 19.36 -15.38 -16.51
CA ASN A 130 19.32 -13.96 -16.83
C ASN A 130 20.68 -13.48 -17.33
N TYR A 131 20.71 -12.29 -17.93
CA TYR A 131 21.93 -11.72 -18.44
C TYR A 131 22.24 -10.39 -17.76
C1 MYR B . -19.61 -5.93 -6.50
O1 MYR B . -18.40 -5.98 -6.28
C2 MYR B . -20.56 -6.51 -5.45
C3 MYR B . -20.77 -8.04 -5.54
C4 MYR B . -20.28 -8.77 -4.27
C5 MYR B . -19.05 -9.64 -4.54
C6 MYR B . -18.49 -10.28 -3.26
C7 MYR B . -18.63 -11.82 -3.25
C8 MYR B . -17.31 -12.51 -2.84
C9 MYR B . -17.54 -13.56 -1.73
C10 MYR B . -17.26 -12.99 -0.32
C11 MYR B . -16.31 -13.85 0.53
C12 MYR B . -14.80 -13.62 0.25
C13 MYR B . -14.38 -12.18 0.57
C14 MYR B . -13.20 -12.15 1.57
H21 MYR B . -21.52 -5.99 -5.58
H22 MYR B . -20.22 -6.22 -4.43
H31 MYR B . -20.23 -8.44 -6.43
H32 MYR B . -21.84 -8.26 -5.71
H41 MYR B . -21.10 -9.39 -3.87
H42 MYR B . -20.05 -8.03 -3.48
H51 MYR B . -18.26 -9.05 -5.04
H52 MYR B . -19.32 -10.44 -5.26
H61 MYR B . -19.02 -9.85 -2.38
H62 MYR B . -17.43 -9.99 -3.12
H71 MYR B . -18.93 -12.16 -4.25
H72 MYR B . -19.44 -12.11 -2.57
H81 MYR B . -16.58 -11.75 -2.49
H82 MYR B . -16.85 -12.99 -3.72
H91 MYR B . -16.88 -14.44 -1.92
H92 MYR B . -18.57 -13.94 -1.78
H101 MYR B . -18.22 -12.90 0.21
H102 MYR B . -16.87 -11.96 -0.40
H111 MYR B . -16.56 -14.93 0.40
H112 MYR B . -16.51 -13.64 1.60
H121 MYR B . -14.59 -13.85 -0.81
H122 MYR B . -14.20 -14.34 0.84
H131 MYR B . -15.23 -11.61 0.99
H132 MYR B . -14.08 -11.65 -0.36
H141 MYR B . -13.49 -11.67 2.52
H142 MYR B . -12.86 -13.17 1.82
H143 MYR B . -12.33 -11.60 1.16
P1 PBU C . 4.53 9.80 -13.17
P4 PBU C . 9.96 9.50 -6.23
P5 PBU C . 7.59 5.72 -7.57
C3' PBU C . 3.89 7.38 -13.39
C2' PBU C . 2.64 7.31 -12.49
O2' PBU C . 2.47 5.98 -12.05
C1' PBU C . 1.36 7.78 -13.23
O1' PBU C . 1.47 7.42 -14.59
C1 PBU C . 6.22 9.45 -10.79
O1 PBU C . 5.81 9.22 -12.25
C2 PBU C . 7.09 10.73 -10.53
O2 PBU C . 8.28 10.76 -11.31
C3 PBU C . 7.47 10.83 -9.04
O3 PBU C . 8.26 12.00 -8.86
C4 PBU C . 8.21 9.53 -8.54
O4 PBU C . 8.52 9.65 -7.07
C5 PBU C . 7.29 8.28 -8.83
O5 PBU C . 8.02 7.06 -8.43
C6 PBU C . 6.89 8.16 -10.32
O6 PBU C . 5.97 7.08 -10.54
C7 PBU C . 3.17 5.56 -10.91
O7 PBU C . 4.07 4.76 -10.99
C8 PBU C . 2.81 6.15 -9.52
C9 PBU C . 2.88 5.05 -8.44
C10 PBU C . 2.75 5.71 -7.05
C11 PBU C . 0.85 8.17 -15.60
O11 PBU C . 1.37 9.11 -16.18
C12 PBU C . -0.62 7.76 -15.95
C13 PBU C . -0.87 7.58 -17.46
C14 PBU C . -2.09 6.68 -17.71
O41 PBU C . 10.15 10.96 -5.84
O42 PBU C . 9.66 8.58 -5.08
O43 PBU C . 11.03 8.92 -7.14
O51 PBU C . 8.29 6.01 -6.25
O52 PBU C . 6.08 5.75 -7.59
O53 PBU C . 8.22 4.60 -8.37
OP1 PBU C . 4.04 8.65 -14.00
OP2 PBU C . 3.54 10.28 -12.11
OP3 PBU C . 5.17 10.84 -14.06
H3'1 PBU C . 3.80 6.65 -14.14
H3'2 PBU C . 4.73 7.18 -12.79
H2' PBU C . 2.76 7.97 -11.67
H1'1 PBU C . 0.51 7.29 -12.84
H1'2 PBU C . 1.21 8.81 -13.10
H1 PBU C . 5.31 9.66 -10.21
H2 PBU C . 6.47 11.59 -10.80
H02 PBU C . 8.82 10.01 -11.27
H3 PBU C . 6.56 10.91 -8.42
H03 PBU C . 9.10 11.92 -9.32
H4 PBU C . 9.16 9.36 -9.05
H5 PBU C . 6.41 8.42 -8.21
H6 PBU C . 7.79 7.96 -10.89
H06 PBU C . 6.39 6.25 -10.57
H81 PBU C . 1.84 6.55 -9.56
H82 PBU C . 3.50 6.92 -9.29
H91 PBU C . 3.79 4.55 -8.51
H92 PBU C . 2.09 4.38 -8.57
H11 PBU C . 1.83 6.22 -7.00
H12 PBU C . 3.54 6.38 -6.90
H13 PBU C . 2.77 4.95 -6.32
H121 PBU C . -0.82 6.85 -15.46
H122 PBU C . -1.25 8.52 -15.58
H131 PBU C . -1.06 8.53 -17.88
H132 PBU C . -0.02 7.16 -17.90
H141 PBU C . -2.93 7.08 -17.23
H142 PBU C . -1.90 5.71 -17.36
H143 PBU C . -2.27 6.64 -18.75
N GLY A 1 -17.24 2.90 2.64
CA GLY A 1 -17.40 3.05 1.20
C GLY A 1 -16.72 1.95 0.43
N ALA A 2 -17.52 1.08 -0.19
CA ALA A 2 -16.98 -0.03 -0.97
C ALA A 2 -18.07 -0.69 -1.80
N ARG A 3 -18.21 -0.26 -3.04
CA ARG A 3 -19.23 -0.81 -3.93
C ARG A 3 -18.80 -0.67 -5.39
N ALA A 4 -18.47 0.55 -5.79
CA ALA A 4 -18.05 0.83 -7.16
C ALA A 4 -16.89 1.81 -7.19
N SER A 5 -16.97 2.84 -6.36
CA SER A 5 -15.93 3.87 -6.29
C SER A 5 -14.77 3.40 -5.42
N VAL A 6 -13.58 3.91 -5.70
CA VAL A 6 -12.39 3.55 -4.94
C VAL A 6 -12.30 4.35 -3.64
N LEU A 7 -12.18 5.67 -3.78
CA LEU A 7 -12.08 6.55 -2.62
C LEU A 7 -13.28 7.49 -2.55
N SER A 8 -13.94 7.51 -1.40
CA SER A 8 -15.11 8.36 -1.21
C SER A 8 -14.70 9.83 -1.03
N GLY A 9 -15.67 10.69 -0.84
CA GLY A 9 -15.39 12.11 -0.66
C GLY A 9 -14.35 12.36 0.42
N GLY A 10 -14.53 11.71 1.56
CA GLY A 10 -13.59 11.88 2.67
C GLY A 10 -12.20 11.37 2.33
N GLU A 11 -12.14 10.13 1.83
CA GLU A 11 -10.86 9.52 1.46
C GLU A 11 -10.16 10.34 0.38
N LEU A 12 -10.94 10.89 -0.54
CA LEU A 12 -10.40 11.69 -1.63
C LEU A 12 -9.72 12.95 -1.10
N ASP A 13 -10.38 13.59 -0.13
CA ASP A 13 -9.84 14.81 0.48
C ASP A 13 -8.44 14.57 1.03
N LYS A 14 -8.29 13.53 1.84
CA LYS A 14 -7.00 13.20 2.43
C LYS A 14 -6.04 12.67 1.38
N TRP A 15 -6.54 11.82 0.49
CA TRP A 15 -5.72 11.24 -0.57
C TRP A 15 -5.00 12.34 -1.35
N GLU A 16 -5.75 13.35 -1.78
CA GLU A 16 -5.16 14.46 -2.54
C GLU A 16 -4.11 15.18 -1.71
N LYS A 17 -4.24 15.11 -0.39
CA LYS A 17 -3.31 15.76 0.52
C LYS A 17 -2.01 14.95 0.64
N ILE A 18 -2.16 13.64 0.82
CA ILE A 18 -1.00 12.75 0.94
C ILE A 18 -0.03 12.95 -0.21
N ARG A 19 1.26 12.97 0.11
CA ARG A 19 2.29 13.15 -0.90
C ARG A 19 3.02 11.84 -1.17
N LEU A 20 3.57 11.71 -2.39
CA LEU A 20 4.30 10.51 -2.77
C LEU A 20 5.56 10.34 -1.95
N ARG A 21 6.36 11.42 -1.88
CA ARG A 21 7.60 11.40 -1.12
C ARG A 21 7.48 12.23 0.16
N PRO A 22 8.37 11.96 1.13
CA PRO A 22 8.38 12.67 2.40
C PRO A 22 8.82 14.12 2.26
N GLY A 23 9.73 14.36 1.32
CA GLY A 23 10.23 15.71 1.09
C GLY A 23 10.14 16.12 -0.37
N GLY A 24 9.01 15.84 -1.00
CA GLY A 24 8.83 16.19 -2.40
C GLY A 24 7.82 17.30 -2.60
N LYS A 25 7.43 17.54 -3.85
CA LYS A 25 6.46 18.58 -4.17
C LYS A 25 5.38 18.04 -5.09
N LYS A 26 5.11 16.74 -5.00
CA LYS A 26 4.09 16.10 -5.83
C LYS A 26 3.08 15.35 -4.97
N GLN A 27 1.90 15.93 -4.81
CA GLN A 27 0.85 15.30 -4.01
C GLN A 27 0.20 14.15 -4.77
N TYR A 28 -0.67 13.42 -4.08
CA TYR A 28 -1.36 12.29 -4.69
C TYR A 28 -2.57 12.75 -5.49
N LYS A 29 -2.90 12.02 -6.55
CA LYS A 29 -4.04 12.35 -7.39
C LYS A 29 -4.67 11.09 -7.97
N LEU A 30 -5.88 11.24 -8.50
CA LEU A 30 -6.60 10.11 -9.09
C LEU A 30 -5.73 9.39 -10.11
N LYS A 31 -4.84 10.14 -10.76
CA LYS A 31 -3.94 9.57 -11.76
C LYS A 31 -3.22 8.34 -11.21
N HIS A 32 -2.86 8.40 -9.93
CA HIS A 32 -2.16 7.30 -9.28
C HIS A 32 -3.13 6.17 -8.93
N ILE A 33 -4.38 6.46 -8.59
CA ILE A 33 -5.34 5.42 -8.26
C ILE A 33 -5.70 4.59 -9.49
N VAL A 34 -5.80 5.25 -10.64
CA VAL A 34 -6.14 4.58 -11.88
C VAL A 34 -4.93 3.87 -12.47
N TRP A 35 -3.76 4.51 -12.34
CA TRP A 35 -2.52 3.95 -12.87
C TRP A 35 -2.28 2.55 -12.30
N ALA A 36 -2.69 2.34 -11.05
CA ALA A 36 -2.51 1.06 -10.40
C ALA A 36 -3.63 0.09 -10.78
N SER A 37 -4.81 0.63 -11.07
CA SER A 37 -5.95 -0.18 -11.45
C SER A 37 -5.70 -0.88 -12.79
N ARG A 38 -5.13 -0.13 -13.73
CA ARG A 38 -4.84 -0.67 -15.06
C ARG A 38 -3.67 -1.64 -15.01
N GLU A 39 -2.78 -1.43 -14.04
CA GLU A 39 -1.60 -2.29 -13.89
C GLU A 39 -1.95 -3.54 -13.09
N LEU A 40 -2.96 -3.44 -12.24
CA LEU A 40 -3.39 -4.56 -11.43
C LEU A 40 -4.04 -5.64 -12.28
N GLU A 41 -4.98 -5.23 -13.14
CA GLU A 41 -5.67 -6.17 -14.01
C GLU A 41 -4.68 -6.97 -14.86
N ARG A 42 -3.50 -6.39 -15.09
CA ARG A 42 -2.47 -7.04 -15.87
C ARG A 42 -1.83 -8.19 -15.10
N PHE A 43 -1.87 -8.08 -13.77
CA PHE A 43 -1.30 -9.11 -12.92
C PHE A 43 -2.36 -10.09 -12.45
N ALA A 44 -3.40 -10.26 -13.27
CA ALA A 44 -4.49 -11.18 -12.94
C ALA A 44 -5.23 -10.72 -11.69
N VAL A 45 -5.11 -9.44 -11.37
CA VAL A 45 -5.76 -8.88 -10.20
C VAL A 45 -6.74 -7.78 -10.60
N ASN A 46 -8.03 -8.02 -10.36
CA ASN A 46 -9.06 -7.05 -10.70
C ASN A 46 -8.90 -5.77 -9.88
N PRO A 47 -9.21 -4.62 -10.50
CA PRO A 47 -9.09 -3.31 -9.85
C PRO A 47 -10.14 -3.12 -8.76
N GLY A 48 -11.08 -4.05 -8.69
CA GLY A 48 -12.13 -3.96 -7.69
C GLY A 48 -11.60 -4.15 -6.28
N LEU A 49 -10.39 -4.70 -6.16
CA LEU A 49 -9.77 -4.94 -4.86
C LEU A 49 -9.22 -3.64 -4.27
N LEU A 50 -8.93 -2.68 -5.15
CA LEU A 50 -8.39 -1.39 -4.71
C LEU A 50 -9.42 -0.64 -3.88
N GLU A 51 -10.70 -0.94 -4.11
CA GLU A 51 -11.78 -0.29 -3.38
C GLU A 51 -12.23 -1.13 -2.20
N THR A 52 -11.35 -2.00 -1.73
CA THR A 52 -11.65 -2.87 -0.60
C THR A 52 -10.51 -2.91 0.40
N SER A 53 -10.80 -2.59 1.65
CA SER A 53 -9.79 -2.59 2.70
C SER A 53 -9.11 -3.95 2.80
N GLU A 54 -9.81 -4.99 2.36
CA GLU A 54 -9.27 -6.35 2.41
C GLU A 54 -8.37 -6.61 1.21
N GLY A 55 -8.88 -6.31 0.03
CA GLY A 55 -8.11 -6.52 -1.19
C GLY A 55 -6.73 -5.89 -1.13
N CYS A 56 -6.68 -4.63 -0.70
CA CYS A 56 -5.42 -3.91 -0.60
C CYS A 56 -4.41 -4.71 0.22
N ARG A 57 -4.85 -5.25 1.34
CA ARG A 57 -3.98 -6.04 2.21
C ARG A 57 -3.45 -7.26 1.47
N GLN A 58 -4.31 -7.90 0.68
CA GLN A 58 -3.91 -9.08 -0.07
C GLN A 58 -2.91 -8.73 -1.17
N ILE A 59 -3.22 -7.68 -1.94
CA ILE A 59 -2.34 -7.25 -3.00
C ILE A 59 -0.94 -6.95 -2.49
N LEU A 60 -0.86 -6.38 -1.29
CA LEU A 60 0.42 -6.04 -0.67
C LEU A 60 1.15 -7.30 -0.23
N GLY A 61 0.40 -8.37 0.03
CA GLY A 61 1.00 -9.62 0.46
C GLY A 61 1.83 -10.26 -0.64
N GLN A 62 1.53 -9.92 -1.88
CA GLN A 62 2.25 -10.47 -3.03
C GLN A 62 3.46 -9.60 -3.37
N LEU A 63 3.26 -8.29 -3.36
CA LEU A 63 4.34 -7.36 -3.67
C LEU A 63 5.34 -7.27 -2.52
N GLN A 64 4.86 -7.56 -1.31
CA GLN A 64 5.71 -7.51 -0.12
C GLN A 64 6.99 -8.32 -0.33
N PRO A 65 6.82 -9.63 -0.55
CA PRO A 65 7.93 -10.55 -0.76
C PRO A 65 8.63 -10.32 -2.11
N SER A 66 7.95 -9.60 -2.99
CA SER A 66 8.50 -9.31 -4.31
C SER A 66 8.99 -7.86 -4.39
N LEU A 67 9.36 -7.31 -3.24
CA LEU A 67 9.85 -5.93 -3.18
C LEU A 67 11.30 -5.85 -3.61
N GLN A 68 12.09 -6.85 -3.21
CA GLN A 68 13.51 -6.89 -3.55
C GLN A 68 13.70 -7.31 -5.01
N THR A 69 12.91 -8.28 -5.46
CA THR A 69 12.99 -8.76 -6.83
C THR A 69 11.89 -8.16 -7.69
N GLY A 70 11.40 -6.99 -7.30
CA GLY A 70 10.35 -6.33 -8.04
C GLY A 70 10.83 -5.04 -8.70
N SER A 71 10.66 -4.96 -10.01
CA SER A 71 11.09 -3.78 -10.77
C SER A 71 10.31 -2.54 -10.32
N GLU A 72 10.56 -1.42 -10.99
CA GLU A 72 9.89 -0.17 -10.66
C GLU A 72 8.38 -0.33 -10.74
N GLU A 73 7.92 -1.24 -11.58
CA GLU A 73 6.50 -1.50 -11.76
C GLU A 73 5.88 -2.05 -10.48
N LEU A 74 6.70 -2.76 -9.70
CA LEU A 74 6.23 -3.35 -8.45
C LEU A 74 6.28 -2.33 -7.32
N ARG A 75 7.42 -1.66 -7.18
CA ARG A 75 7.59 -0.65 -6.14
C ARG A 75 6.46 0.37 -6.18
N SER A 76 6.20 0.91 -7.36
CA SER A 76 5.14 1.91 -7.53
C SER A 76 3.82 1.40 -6.95
N LEU A 77 3.49 0.16 -7.29
CA LEU A 77 2.24 -0.45 -6.81
C LEU A 77 2.20 -0.44 -5.29
N TYR A 78 3.20 -1.04 -4.66
CA TYR A 78 3.26 -1.12 -3.20
C TYR A 78 3.10 0.27 -2.59
N ASN A 79 3.54 1.30 -3.32
CA ASN A 79 3.45 2.67 -2.84
C ASN A 79 1.99 3.14 -2.82
N THR A 80 1.35 3.09 -3.99
CA THR A 80 -0.05 3.51 -4.10
C THR A 80 -0.95 2.66 -3.22
N ILE A 81 -0.84 1.34 -3.37
CA ILE A 81 -1.65 0.41 -2.59
C ILE A 81 -1.47 0.65 -1.10
N ALA A 82 -0.33 1.22 -0.72
CA ALA A 82 -0.04 1.50 0.68
C ALA A 82 -0.83 2.71 1.16
N VAL A 83 -0.54 3.88 0.57
CA VAL A 83 -1.23 5.11 0.95
C VAL A 83 -2.74 4.94 0.91
N LEU A 84 -3.22 4.18 -0.07
CA LEU A 84 -4.65 3.93 -0.22
C LEU A 84 -5.15 3.00 0.88
N TYR A 85 -4.44 1.89 1.08
CA TYR A 85 -4.83 0.91 2.10
C TYR A 85 -5.03 1.59 3.45
N CYS A 86 -4.04 2.37 3.86
CA CYS A 86 -4.10 3.08 5.14
C CYS A 86 -5.39 3.87 5.26
N VAL A 87 -5.91 4.34 4.13
CA VAL A 87 -7.14 5.11 4.10
C VAL A 87 -8.35 4.23 4.38
N HIS A 88 -8.39 3.07 3.73
CA HIS A 88 -9.49 2.13 3.91
C HIS A 88 -9.50 1.56 5.33
N GLN A 89 -8.38 1.60 6.06
CA GLN A 89 -8.35 1.08 7.42
C GLN A 89 -8.62 2.17 8.43
N ARG A 90 -7.67 3.08 8.58
CA ARG A 90 -7.80 4.19 9.53
C ARG A 90 -6.58 5.09 9.49
N ILE A 91 -5.41 4.50 9.31
CA ILE A 91 -4.17 5.25 9.26
C ILE A 91 -4.26 6.39 8.24
N ASP A 92 -3.92 7.59 8.70
CA ASP A 92 -3.96 8.77 7.83
C ASP A 92 -2.57 9.37 7.65
N VAL A 93 -1.63 8.54 7.21
CA VAL A 93 -0.26 8.98 7.00
C VAL A 93 -0.21 10.23 6.14
N LYS A 94 0.93 10.91 6.14
CA LYS A 94 1.11 12.13 5.36
C LYS A 94 1.76 11.82 4.02
N ASP A 95 2.70 10.88 4.03
CA ASP A 95 3.41 10.49 2.81
C ASP A 95 3.38 8.97 2.63
N THR A 96 4.00 8.50 1.56
CA THR A 96 4.04 7.07 1.26
C THR A 96 5.12 6.37 2.10
N LYS A 97 6.13 7.12 2.49
CA LYS A 97 7.23 6.59 3.29
C LYS A 97 6.73 6.16 4.67
N GLU A 98 5.88 6.98 5.27
CA GLU A 98 5.32 6.69 6.58
C GLU A 98 4.38 5.48 6.53
N ALA A 99 3.50 5.48 5.52
CA ALA A 99 2.54 4.39 5.36
C ALA A 99 3.27 3.07 5.11
N LEU A 100 4.48 3.15 4.58
CA LEU A 100 5.27 1.96 4.30
C LEU A 100 5.86 1.38 5.58
N ASP A 101 5.94 2.19 6.62
CA ASP A 101 6.47 1.76 7.90
C ASP A 101 5.36 1.21 8.79
N LYS A 102 4.21 1.89 8.78
CA LYS A 102 3.08 1.47 9.59
C LYS A 102 2.44 0.20 9.03
N ILE A 103 2.60 0.00 7.72
CA ILE A 103 2.05 -1.18 7.06
C ILE A 103 2.69 -2.46 7.60
N GLU A 104 3.92 -2.36 8.07
CA GLU A 104 4.64 -3.50 8.60
C GLU A 104 4.21 -3.79 10.04
N GLU A 105 3.88 -2.72 10.77
CA GLU A 105 3.45 -2.86 12.16
C GLU A 105 2.06 -3.47 12.25
N GLU A 106 1.19 -3.07 11.33
CA GLU A 106 -0.17 -3.58 11.30
C GLU A 106 -0.19 -5.09 11.09
N GLN A 107 0.78 -5.59 10.34
CA GLN A 107 0.88 -7.02 10.06
C GLN A 107 1.31 -7.79 11.31
N ASN A 108 2.16 -7.16 12.12
CA ASN A 108 2.65 -7.79 13.34
C ASN A 108 1.54 -7.86 14.39
N LYS A 109 0.83 -6.76 14.57
CA LYS A 109 -0.26 -6.70 15.54
C LYS A 109 -1.37 -7.69 15.18
N SER A 110 -1.53 -7.94 13.89
CA SER A 110 -2.56 -8.85 13.40
C SER A 110 -2.33 -10.26 13.97
N LYS A 111 -1.08 -10.69 13.96
CA LYS A 111 -0.72 -12.02 14.47
C LYS A 111 -0.88 -12.07 15.99
N LYS A 112 -0.77 -10.92 16.64
CA LYS A 112 -0.90 -10.84 18.09
C LYS A 112 -2.24 -10.24 18.48
N LYS A 113 -3.24 -10.39 17.60
CA LYS A 113 -4.58 -9.88 17.86
C LYS A 113 -5.61 -10.60 17.01
N ALA A 114 -5.32 -11.86 16.69
CA ALA A 114 -6.24 -12.67 15.90
C ALA A 114 -7.24 -13.40 16.78
N GLN A 115 -6.79 -13.78 17.98
CA GLN A 115 -7.65 -14.48 18.92
C GLN A 115 -7.96 -13.62 20.14
N GLN A 116 -7.05 -12.70 20.44
CA GLN A 116 -7.22 -11.81 21.59
C GLN A 116 -8.36 -10.83 21.34
N ALA A 117 -8.61 -10.53 20.08
CA ALA A 117 -9.68 -9.59 19.71
C ALA A 117 -11.04 -10.14 20.10
N ALA A 118 -11.16 -11.47 20.12
CA ALA A 118 -12.41 -12.12 20.49
C ALA A 118 -12.35 -12.69 21.90
N ALA A 119 -11.70 -11.96 22.80
CA ALA A 119 -11.55 -12.40 24.18
C ALA A 119 -10.99 -11.29 25.05
N ASP A 120 -11.30 -10.04 24.70
CA ASP A 120 -10.82 -8.89 25.45
C ASP A 120 -11.40 -7.59 24.88
N THR A 121 -12.67 -7.64 24.52
CA THR A 121 -13.36 -6.47 23.97
C THR A 121 -14.76 -6.33 24.52
N GLY A 122 -15.30 -5.12 24.48
CA GLY A 122 -16.64 -4.88 24.98
C GLY A 122 -17.21 -3.57 24.50
N ASN A 123 -17.19 -2.55 25.35
CA ASN A 123 -17.72 -1.24 25.01
C ASN A 123 -16.58 -0.27 24.68
N ASN A 124 -16.62 0.29 23.48
CA ASN A 124 -15.59 1.23 23.05
C ASN A 124 -16.21 2.59 22.72
N SER A 125 -15.35 3.61 22.66
CA SER A 125 -15.82 4.96 22.36
C SER A 125 -15.44 5.37 20.94
N GLN A 126 -16.03 6.46 20.47
CA GLN A 126 -15.76 6.95 19.12
C GLN A 126 -14.85 8.18 19.17
N VAL A 127 -13.60 7.97 19.57
CA VAL A 127 -12.64 9.07 19.65
C VAL A 127 -11.73 9.08 18.44
N SER A 128 -11.69 10.22 17.74
CA SER A 128 -10.86 10.37 16.55
C SER A 128 -10.21 11.75 16.51
N GLN A 129 -9.12 11.86 15.77
CA GLN A 129 -8.40 13.13 15.65
C GLN A 129 -8.37 13.60 14.20
N ASN A 130 -8.02 14.87 14.00
CA ASN A 130 -7.95 15.44 12.66
C ASN A 130 -6.77 16.40 12.54
N TYR A 131 -6.30 16.60 11.32
CA TYR A 131 -5.17 17.49 11.07
C TYR A 131 -5.37 18.27 9.77
C1 MYR B . -17.82 3.76 3.49
O1 MYR B . -18.51 4.71 3.10
C2 MYR B . -17.61 3.56 4.99
C3 MYR B . -18.77 2.84 5.70
C4 MYR B . -18.56 2.79 7.23
C5 MYR B . -19.46 1.74 7.90
C6 MYR B . -18.65 0.52 8.39
C7 MYR B . -18.70 0.35 9.92
C8 MYR B . -19.91 -0.48 10.38
C9 MYR B . -19.51 -1.63 11.33
C10 MYR B . -20.47 -1.77 12.52
C11 MYR B . -20.52 -3.19 13.12
C12 MYR B . -20.73 -3.22 14.66
C13 MYR B . -21.86 -4.17 15.08
C14 MYR B . -21.43 -5.64 15.00
H21 MYR B . -17.47 4.57 5.43
H22 MYR B . -16.65 3.04 5.16
H31 MYR B . -18.88 1.81 5.32
H32 MYR B . -19.73 3.35 5.48
H41 MYR B . -18.78 3.79 7.66
H42 MYR B . -17.50 2.59 7.46
H51 MYR B . -20.24 1.41 7.20
H52 MYR B . -20.00 2.20 8.76
H61 MYR B . -17.59 0.61 8.06
H62 MYR B . -19.03 -0.40 7.91
H71 MYR B . -18.73 1.36 10.41
H72 MYR B . -17.77 -0.12 10.29
H81 MYR B . -20.44 -0.89 9.50
H82 MYR B . -20.65 0.18 10.89
H91 MYR B . -18.48 -1.45 11.70
H92 MYR B . -19.46 -2.58 10.77
H101 MYR B . -21.49 -1.50 12.19
H102 MYR B . -20.23 -1.03 13.31
H111 MYR B . -19.61 -3.75 12.85
H112 MYR B . -21.35 -3.74 12.64
H121 MYR B . -20.94 -2.19 15.02
H122 MYR B . -19.80 -3.52 15.16
H131 MYR B . -22.75 -4.02 14.42
H132 MYR B . -22.20 -3.94 16.10
H141 MYR B . -22.14 -6.30 15.52
H142 MYR B . -21.35 -5.99 13.96
H143 MYR B . -20.43 -5.80 15.47
P1 PBU C . 4.75 9.49 -13.13
P4 PBU C . 9.96 8.64 -6.22
P5 PBU C . 8.54 5.31 -8.29
C3' PBU C . 3.93 7.14 -13.38
C2' PBU C . 2.66 7.15 -12.50
O2' PBU C . 2.41 5.83 -12.03
C1' PBU C . 1.41 7.66 -13.27
O1' PBU C . 1.52 7.25 -14.63
C1 PBU C . 6.41 9.05 -10.75
O1 PBU C . 5.96 8.82 -12.20
C2 PBU C . 7.06 10.44 -10.47
O2 PBU C . 8.18 10.72 -11.31
C3 PBU C . 7.51 10.55 -9.00
O3 PBU C . 8.10 11.84 -8.81
C4 PBU C . 8.49 9.38 -8.62
O4 PBU C . 8.86 9.49 -7.14
C5 PBU C . 7.79 7.99 -8.91
O5 PBU C . 8.72 6.92 -8.60
C6 PBU C . 7.32 7.87 -10.38
O6 PBU C . 6.57 6.67 -10.61
C7 PBU C . 3.08 5.43 -10.85
O7 PBU C . 3.94 4.57 -10.91
C8 PBU C . 2.72 6.07 -9.50
C9 PBU C . 2.71 5.00 -8.40
C10 PBU C . 2.75 5.69 -7.02
C11 PBU C . 1.28 8.14 -15.69
O11 PBU C . 0.93 9.31 -15.55
C12 PBU C . 1.41 7.53 -17.11
C13 PBU C . 0.06 7.16 -17.75
C14 PBU C . 0.26 6.33 -19.03
O41 PBU C . 10.65 9.82 -5.54
O42 PBU C . 9.14 7.80 -5.29
O43 PBU C . 10.83 7.79 -7.12
O51 PBU C . 9.97 4.93 -7.98
O52 PBU C . 7.53 5.29 -7.15
O53 PBU C . 8.02 4.76 -9.60
OP1 PBU C . 4.17 8.39 -13.97
OP2 PBU C . 3.78 10.04 -12.08
OP3 PBU C . 5.47 10.49 -14.00
H3'1 PBU C . 3.80 6.42 -14.14
H3'2 PBU C . 4.74 6.86 -12.77
H2' PBU C . 2.80 7.82 -11.69
H1'1 PBU C . 0.54 7.22 -12.88
H1'2 PBU C . 1.31 8.69 -13.18
H1 PBU C . 5.52 9.08 -10.11
H2 PBU C . 6.30 11.19 -10.67
H02 PBU C . 8.85 10.07 -11.33
H3 PBU C . 6.64 10.45 -8.34
H03 PBU C . 8.92 11.91 -9.31
H4 PBU C . 9.41 9.40 -9.18
H5 PBU C . 6.92 7.96 -8.24
H6 PBU C . 8.20 7.86 -11.01
H06 PBU C . 7.13 5.91 -10.71
H81 PBU C . 1.77 6.51 -9.57
H82 PBU C . 3.44 6.80 -9.28
H91 PBU C . 3.55 4.38 -8.50
H92 PBU C . 1.83 4.42 -8.46
H11 PBU C . 1.90 6.32 -6.92
H12 PBU C . 3.62 6.26 -6.93
H13 PBU C . 2.73 4.96 -6.27
H121 PBU C . 1.89 8.23 -17.72
H122 PBU C . 1.99 6.66 -17.03
H131 PBU C . -0.50 6.59 -17.07
H132 PBU C . -0.46 8.04 -17.99
H141 PBU C . 0.82 5.46 -18.80
H142 PBU C . 0.76 6.88 -19.76
H143 PBU C . -0.68 6.04 -19.40
N GLY A 1 -18.13 -4.79 -1.20
CA GLY A 1 -18.65 -5.82 -2.07
C GLY A 1 -18.88 -5.33 -3.48
N ALA A 2 -17.79 -5.01 -4.18
CA ALA A 2 -17.88 -4.53 -5.56
C ALA A 2 -18.67 -3.23 -5.63
N ARG A 3 -18.96 -2.80 -6.85
CA ARG A 3 -19.71 -1.56 -7.06
C ARG A 3 -19.03 -0.38 -6.38
N ALA A 4 -19.66 0.78 -6.45
CA ALA A 4 -19.11 1.99 -5.85
C ALA A 4 -17.76 2.34 -6.47
N SER A 5 -17.12 3.38 -5.92
CA SER A 5 -15.83 3.82 -6.42
C SER A 5 -14.70 3.36 -5.50
N VAL A 6 -13.49 3.84 -5.76
CA VAL A 6 -12.33 3.48 -4.96
C VAL A 6 -12.28 4.30 -3.68
N LEU A 7 -12.17 5.61 -3.82
CA LEU A 7 -12.11 6.51 -2.66
C LEU A 7 -13.33 7.42 -2.63
N SER A 8 -14.01 7.44 -1.49
CA SER A 8 -15.20 8.28 -1.31
C SER A 8 -14.81 9.74 -1.15
N GLY A 9 -15.82 10.60 -0.98
CA GLY A 9 -15.55 12.01 -0.80
C GLY A 9 -14.54 12.29 0.29
N GLY A 10 -14.72 11.65 1.44
CA GLY A 10 -13.80 11.84 2.55
C GLY A 10 -12.40 11.36 2.23
N GLU A 11 -12.31 10.12 1.75
CA GLU A 11 -11.02 9.53 1.41
C GLU A 11 -10.31 10.35 0.33
N LEU A 12 -11.09 10.88 -0.60
CA LEU A 12 -10.53 11.68 -1.69
C LEU A 12 -9.89 12.95 -1.15
N ASP A 13 -10.57 13.59 -0.20
CA ASP A 13 -10.07 14.82 0.40
C ASP A 13 -8.66 14.62 0.97
N LYS A 14 -8.51 13.58 1.79
CA LYS A 14 -7.22 13.28 2.39
C LYS A 14 -6.23 12.76 1.35
N TRP A 15 -6.72 11.89 0.47
CA TRP A 15 -5.89 11.32 -0.58
C TRP A 15 -5.16 12.42 -1.35
N GLU A 16 -5.90 13.43 -1.78
CA GLU A 16 -5.33 14.55 -2.53
C GLU A 16 -4.29 15.28 -1.70
N LYS A 17 -4.43 15.20 -0.37
CA LYS A 17 -3.50 15.86 0.53
C LYS A 17 -2.20 15.05 0.67
N ILE A 18 -2.34 13.75 0.84
CA ILE A 18 -1.19 12.87 0.97
C ILE A 18 -0.20 13.09 -0.16
N ARG A 19 1.08 13.13 0.18
CA ARG A 19 2.13 13.33 -0.82
C ARG A 19 2.82 12.02 -1.15
N LEU A 20 3.40 11.94 -2.34
CA LEU A 20 4.09 10.73 -2.78
C LEU A 20 5.36 10.51 -1.96
N ARG A 21 6.18 11.55 -1.85
CA ARG A 21 7.42 11.45 -1.08
C ARG A 21 7.34 12.29 0.19
N PRO A 22 8.21 11.97 1.16
CA PRO A 22 8.25 12.68 2.44
C PRO A 22 8.77 14.11 2.29
N GLY A 23 9.70 14.31 1.36
CA GLY A 23 10.25 15.63 1.14
C GLY A 23 10.18 16.05 -0.32
N GLY A 24 9.04 15.80 -0.95
CA GLY A 24 8.88 16.16 -2.35
C GLY A 24 7.86 17.27 -2.54
N LYS A 25 7.47 17.50 -3.79
CA LYS A 25 6.50 18.54 -4.11
C LYS A 25 5.45 18.02 -5.09
N LYS A 26 4.95 16.82 -4.84
CA LYS A 26 3.94 16.20 -5.70
C LYS A 26 2.91 15.47 -4.88
N GLN A 27 1.73 16.07 -4.73
CA GLN A 27 0.65 15.47 -3.96
C GLN A 27 0.01 14.32 -4.73
N TYR A 28 -0.82 13.55 -4.04
CA TYR A 28 -1.50 12.41 -4.66
C TYR A 28 -2.70 12.87 -5.47
N LYS A 29 -3.01 12.13 -6.53
CA LYS A 29 -4.15 12.45 -7.38
C LYS A 29 -4.77 11.19 -7.96
N LEU A 30 -5.99 11.32 -8.49
CA LEU A 30 -6.69 10.18 -9.07
C LEU A 30 -5.82 9.47 -10.10
N LYS A 31 -4.95 10.23 -10.76
CA LYS A 31 -4.06 9.67 -11.77
C LYS A 31 -3.30 8.47 -11.22
N HIS A 32 -2.93 8.53 -9.94
CA HIS A 32 -2.20 7.46 -9.28
C HIS A 32 -3.14 6.31 -8.95
N ILE A 33 -4.39 6.56 -8.59
CA ILE A 33 -5.32 5.49 -8.26
C ILE A 33 -5.65 4.65 -9.48
N VAL A 34 -5.76 5.30 -10.63
CA VAL A 34 -6.07 4.60 -11.88
C VAL A 34 -4.82 3.95 -12.47
N TRP A 35 -3.69 4.62 -12.34
CA TRP A 35 -2.43 4.11 -12.86
C TRP A 35 -2.12 2.73 -12.27
N ALA A 36 -2.53 2.52 -11.02
CA ALA A 36 -2.30 1.25 -10.36
C ALA A 36 -3.37 0.23 -10.73
N SER A 37 -4.59 0.71 -10.94
CA SER A 37 -5.71 -0.16 -11.29
C SER A 37 -5.44 -0.86 -12.63
N ARG A 38 -4.84 -0.13 -13.56
CA ARG A 38 -4.53 -0.68 -14.88
C ARG A 38 -3.34 -1.63 -14.80
N GLU A 39 -2.48 -1.43 -13.81
CA GLU A 39 -1.31 -2.27 -13.63
C GLU A 39 -1.66 -3.52 -12.83
N LEU A 40 -2.69 -3.43 -12.00
CA LEU A 40 -3.13 -4.54 -11.19
C LEU A 40 -3.73 -5.65 -12.05
N GLU A 41 -4.65 -5.27 -12.94
CA GLU A 41 -5.31 -6.22 -13.82
C GLU A 41 -4.27 -7.01 -14.63
N ARG A 42 -3.11 -6.41 -14.84
CA ARG A 42 -2.04 -7.04 -15.59
C ARG A 42 -1.41 -8.18 -14.79
N PHE A 43 -1.47 -8.07 -13.47
CA PHE A 43 -0.91 -9.08 -12.59
C PHE A 43 -1.98 -10.07 -12.14
N ALA A 44 -2.99 -10.26 -12.99
CA ALA A 44 -4.07 -11.19 -12.69
C ALA A 44 -4.86 -10.74 -11.45
N VAL A 45 -4.76 -9.45 -11.13
CA VAL A 45 -5.45 -8.89 -9.98
C VAL A 45 -6.43 -7.81 -10.41
N ASN A 46 -7.72 -8.07 -10.21
CA ASN A 46 -8.77 -7.12 -10.58
C ASN A 46 -8.63 -5.83 -9.77
N PRO A 47 -8.94 -4.69 -10.41
CA PRO A 47 -8.87 -3.38 -9.78
C PRO A 47 -9.94 -3.18 -8.71
N GLY A 48 -10.87 -4.13 -8.65
CA GLY A 48 -11.94 -4.04 -7.66
C GLY A 48 -11.44 -4.22 -6.24
N LEU A 49 -10.23 -4.75 -6.10
CA LEU A 49 -9.64 -4.97 -4.79
C LEU A 49 -9.12 -3.67 -4.20
N LEU A 50 -8.81 -2.71 -5.06
CA LEU A 50 -8.31 -1.41 -4.63
C LEU A 50 -9.37 -0.66 -3.82
N GLU A 51 -10.63 -0.98 -4.07
CA GLU A 51 -11.73 -0.34 -3.38
C GLU A 51 -12.20 -1.19 -2.20
N THR A 52 -11.31 -2.05 -1.70
CA THR A 52 -11.63 -2.92 -0.58
C THR A 52 -10.50 -2.94 0.44
N SER A 53 -10.83 -2.61 1.69
CA SER A 53 -9.83 -2.59 2.75
C SER A 53 -9.15 -3.95 2.89
N GLU A 54 -9.82 -4.99 2.44
CA GLU A 54 -9.28 -6.35 2.51
C GLU A 54 -8.36 -6.62 1.33
N GLY A 55 -8.85 -6.34 0.12
CA GLY A 55 -8.06 -6.57 -1.07
C GLY A 55 -6.70 -5.90 -1.00
N CYS A 56 -6.69 -4.63 -0.61
CA CYS A 56 -5.45 -3.88 -0.51
C CYS A 56 -4.42 -4.63 0.34
N ARG A 57 -4.89 -5.19 1.45
CA ARG A 57 -4.01 -5.94 2.36
C ARG A 57 -3.46 -7.18 1.67
N GLN A 58 -4.29 -7.81 0.85
CA GLN A 58 -3.88 -9.01 0.12
C GLN A 58 -2.88 -8.68 -0.97
N ILE A 59 -3.17 -7.65 -1.75
CA ILE A 59 -2.29 -7.22 -2.83
C ILE A 59 -0.90 -6.92 -2.32
N LEU A 60 -0.83 -6.31 -1.13
CA LEU A 60 0.44 -5.96 -0.52
C LEU A 60 1.19 -7.21 -0.05
N GLY A 61 0.44 -8.20 0.41
CA GLY A 61 1.04 -9.44 0.88
C GLY A 61 1.83 -10.14 -0.20
N GLN A 62 1.30 -10.14 -1.42
CA GLN A 62 1.96 -10.78 -2.54
C GLN A 62 3.04 -9.88 -3.13
N LEU A 63 2.89 -8.57 -2.95
CA LEU A 63 3.85 -7.62 -3.46
C LEU A 63 5.07 -7.51 -2.53
N GLN A 64 4.86 -7.84 -1.26
CA GLN A 64 5.93 -7.79 -0.28
C GLN A 64 7.16 -8.55 -0.77
N PRO A 65 6.97 -9.87 -0.98
CA PRO A 65 8.06 -10.75 -1.44
C PRO A 65 8.44 -10.46 -2.89
N SER A 66 7.58 -9.75 -3.61
CA SER A 66 7.84 -9.43 -5.00
C SER A 66 8.72 -8.18 -5.11
N LEU A 67 8.66 -7.33 -4.09
CA LEU A 67 9.45 -6.11 -4.06
C LEU A 67 10.92 -6.40 -4.35
N GLN A 68 11.37 -7.58 -3.96
CA GLN A 68 12.75 -7.99 -4.17
C GLN A 68 12.93 -8.62 -5.54
N THR A 69 11.93 -9.37 -5.99
CA THR A 69 11.97 -10.04 -7.28
C THR A 69 11.91 -9.01 -8.41
N GLY A 70 10.85 -8.23 -8.45
CA GLY A 70 10.70 -7.22 -9.48
C GLY A 70 11.15 -5.85 -9.03
N SER A 71 11.16 -4.89 -9.96
CA SER A 71 11.59 -3.54 -9.65
C SER A 71 11.23 -2.58 -10.79
N GLU A 72 11.13 -1.30 -10.47
CA GLU A 72 10.79 -0.29 -11.47
C GLU A 72 9.48 -0.64 -12.16
N GLU A 73 8.63 -1.38 -11.48
CA GLU A 73 7.34 -1.78 -12.03
C GLU A 73 6.32 -2.01 -10.93
N LEU A 74 6.75 -2.65 -9.85
CA LEU A 74 5.87 -2.94 -8.72
C LEU A 74 6.13 -1.97 -7.57
N ARG A 75 7.30 -1.36 -7.59
CA ARG A 75 7.68 -0.41 -6.54
C ARG A 75 6.60 0.65 -6.34
N SER A 76 6.17 1.26 -7.45
CA SER A 76 5.14 2.29 -7.39
C SER A 76 3.83 1.72 -6.84
N LEU A 77 3.55 0.46 -7.17
CA LEU A 77 2.34 -0.20 -6.70
C LEU A 77 2.31 -0.28 -5.17
N TYR A 78 3.34 -0.89 -4.60
CA TYR A 78 3.43 -1.04 -3.16
C TYR A 78 3.24 0.31 -2.47
N ASN A 79 3.65 1.37 -3.14
CA ASN A 79 3.52 2.72 -2.58
C ASN A 79 2.07 3.20 -2.62
N THR A 80 1.50 3.24 -3.83
CA THR A 80 0.13 3.66 -4.00
C THR A 80 -0.83 2.81 -3.17
N ILE A 81 -0.71 1.50 -3.31
CA ILE A 81 -1.57 0.57 -2.58
C ILE A 81 -1.46 0.80 -1.07
N ALA A 82 -0.33 1.36 -0.64
CA ALA A 82 -0.11 1.65 0.77
C ALA A 82 -0.92 2.86 1.22
N VAL A 83 -0.65 4.00 0.61
CA VAL A 83 -1.35 5.24 0.96
C VAL A 83 -2.86 5.04 0.91
N LEU A 84 -3.32 4.25 -0.06
CA LEU A 84 -4.74 3.98 -0.21
C LEU A 84 -5.24 3.04 0.89
N TYR A 85 -4.54 1.94 1.10
CA TYR A 85 -4.90 0.98 2.12
C TYR A 85 -5.10 1.66 3.47
N CYS A 86 -4.12 2.45 3.87
CA CYS A 86 -4.18 3.17 5.14
C CYS A 86 -5.49 3.95 5.26
N VAL A 87 -6.02 4.40 4.13
CA VAL A 87 -7.27 5.15 4.11
C VAL A 87 -8.46 4.24 4.38
N HIS A 88 -8.47 3.07 3.75
CA HIS A 88 -9.55 2.12 3.93
C HIS A 88 -9.55 1.54 5.35
N GLN A 89 -8.44 1.62 6.08
CA GLN A 89 -8.39 1.09 7.44
C GLN A 89 -8.67 2.19 8.46
N ARG A 90 -7.72 3.11 8.62
CA ARG A 90 -7.88 4.20 9.57
C ARG A 90 -6.65 5.11 9.54
N ILE A 91 -5.48 4.52 9.34
CA ILE A 91 -4.24 5.28 9.29
C ILE A 91 -4.34 6.44 8.29
N ASP A 92 -4.03 7.64 8.77
CA ASP A 92 -4.09 8.82 7.92
C ASP A 92 -2.69 9.43 7.73
N VAL A 93 -1.76 8.60 7.26
CA VAL A 93 -0.39 9.05 7.05
C VAL A 93 -0.35 10.31 6.18
N LYS A 94 0.80 10.97 6.14
CA LYS A 94 0.96 12.18 5.35
C LYS A 94 1.64 11.87 4.02
N ASP A 95 2.58 10.92 4.04
CA ASP A 95 3.29 10.54 2.83
C ASP A 95 3.26 9.02 2.63
N THR A 96 3.90 8.55 1.56
CA THR A 96 3.93 7.13 1.27
C THR A 96 5.02 6.42 2.06
N LYS A 97 6.08 7.15 2.39
CA LYS A 97 7.19 6.60 3.16
C LYS A 97 6.71 6.11 4.52
N GLU A 98 5.95 6.95 5.22
CA GLU A 98 5.43 6.61 6.53
C GLU A 98 4.36 5.51 6.42
N ALA A 99 3.54 5.61 5.39
CA ALA A 99 2.48 4.63 5.17
C ALA A 99 3.05 3.22 5.01
N LEU A 100 4.28 3.15 4.49
CA LEU A 100 4.94 1.87 4.28
C LEU A 100 5.46 1.30 5.59
N ASP A 101 6.03 2.17 6.42
CA ASP A 101 6.56 1.75 7.71
C ASP A 101 5.44 1.26 8.63
N LYS A 102 4.32 1.96 8.61
CA LYS A 102 3.17 1.60 9.44
C LYS A 102 2.74 0.16 9.17
N ILE A 103 2.72 -0.21 7.89
CA ILE A 103 2.31 -1.56 7.50
C ILE A 103 3.40 -2.57 7.84
N GLU A 104 4.65 -2.19 7.61
CA GLU A 104 5.79 -3.06 7.90
C GLU A 104 5.84 -3.42 9.38
N GLU A 105 5.46 -2.46 10.22
CA GLU A 105 5.47 -2.68 11.67
C GLU A 105 4.34 -3.63 12.08
N GLU A 106 3.11 -3.27 11.73
CA GLU A 106 1.95 -4.09 12.07
C GLU A 106 2.13 -5.51 11.55
N GLN A 107 2.81 -5.64 10.42
CA GLN A 107 3.06 -6.95 9.81
C GLN A 107 4.52 -7.36 9.94
N ASN A 108 5.19 -6.83 10.97
CA ASN A 108 6.59 -7.13 11.20
C ASN A 108 6.77 -8.55 11.72
N LYS A 109 5.72 -9.06 12.37
CA LYS A 109 5.76 -10.42 12.92
C LYS A 109 5.28 -11.44 11.88
N SER A 110 4.39 -11.00 11.00
CA SER A 110 3.85 -11.88 9.96
C SER A 110 4.85 -12.01 8.80
N LYS A 111 5.61 -10.95 8.56
CA LYS A 111 6.59 -10.94 7.49
C LYS A 111 7.59 -12.09 7.66
N LYS A 112 7.80 -12.51 8.90
CA LYS A 112 8.71 -13.61 9.19
C LYS A 112 8.16 -14.94 8.70
N LYS A 113 7.02 -15.33 9.25
CA LYS A 113 6.37 -16.58 8.87
C LYS A 113 6.20 -16.66 7.35
N ALA A 114 5.96 -15.52 6.73
CA ALA A 114 5.79 -15.46 5.29
C ALA A 114 7.04 -15.97 4.56
N GLN A 115 8.20 -15.60 5.08
CA GLN A 115 9.46 -16.01 4.48
C GLN A 115 10.27 -16.89 5.44
N GLN A 116 9.56 -17.72 6.20
CA GLN A 116 10.19 -18.61 7.16
C GLN A 116 11.08 -19.63 6.45
N ALA A 117 10.67 -20.03 5.25
CA ALA A 117 11.43 -20.99 4.46
C ALA A 117 12.70 -20.36 3.90
N ALA A 118 12.67 -19.04 3.68
CA ALA A 118 13.81 -18.32 3.15
C ALA A 118 14.63 -17.69 4.27
N ALA A 119 14.88 -18.46 5.33
CA ALA A 119 15.65 -17.97 6.46
C ALA A 119 16.00 -19.11 7.42
N ASP A 120 16.44 -20.23 6.85
CA ASP A 120 16.81 -21.39 7.65
C ASP A 120 18.30 -21.69 7.52
N THR A 121 18.83 -21.47 6.32
CA THR A 121 20.25 -21.72 6.05
C THR A 121 21.14 -20.87 6.96
N GLY A 122 22.45 -21.07 6.86
CA GLY A 122 23.38 -20.32 7.67
C GLY A 122 23.48 -18.87 7.24
N ASN A 123 24.63 -18.26 7.49
CA ASN A 123 24.85 -16.86 7.14
C ASN A 123 24.57 -16.63 5.66
N ASN A 124 23.90 -15.52 5.35
CA ASN A 124 23.57 -15.18 3.96
C ASN A 124 24.59 -14.20 3.39
N SER A 125 25.05 -14.49 2.17
CA SER A 125 26.02 -13.64 1.50
C SER A 125 25.45 -12.23 1.27
N GLN A 126 26.33 -11.25 1.24
CA GLN A 126 25.93 -9.86 1.03
C GLN A 126 26.35 -9.37 -0.35
N VAL A 127 25.86 -8.20 -0.73
CA VAL A 127 26.19 -7.61 -2.03
C VAL A 127 27.66 -7.25 -2.12
N SER A 128 28.21 -7.29 -3.32
CA SER A 128 29.62 -6.95 -3.54
C SER A 128 29.82 -5.44 -3.52
N GLN A 129 29.07 -4.74 -4.37
CA GLN A 129 29.18 -3.29 -4.45
C GLN A 129 27.80 -2.65 -4.57
N ASN A 130 27.75 -1.33 -4.45
CA ASN A 130 26.49 -0.59 -4.53
C ASN A 130 26.09 -0.38 -5.99
N TYR A 131 25.56 -1.42 -6.61
CA TYR A 131 25.13 -1.36 -8.00
C TYR A 131 23.65 -0.99 -8.10
C1 MYR B . -17.11 -5.04 -0.37
O1 MYR B . -16.57 -6.14 -0.30
C2 MYR B . -16.62 -3.92 0.53
C3 MYR B . -17.73 -3.08 1.19
C4 MYR B . -17.45 -1.56 1.09
C5 MYR B . -16.69 -1.03 2.33
C6 MYR B . -16.75 0.50 2.43
C7 MYR B . -16.43 1.01 3.85
C8 MYR B . -17.63 0.86 4.80
C9 MYR B . -17.37 1.50 6.17
C10 MYR B . -17.69 0.55 7.35
C11 MYR B . -17.66 1.21 8.73
C12 MYR B . -18.97 1.95 9.11
C13 MYR B . -19.63 1.35 10.37
C14 MYR B . -20.15 -0.07 10.13
H21 MYR B . -15.98 -3.27 -0.09
H22 MYR B . -15.92 -4.33 1.30
H31 MYR B . -17.84 -3.37 2.26
H32 MYR B . -18.70 -3.31 0.72
H41 MYR B . -18.40 -1.01 0.98
H42 MYR B . -16.87 -1.35 0.19
H51 MYR B . -15.64 -1.37 2.30
H52 MYR B . -17.13 -1.48 3.25
H61 MYR B . -17.75 0.86 2.12
H62 MYR B . -16.04 0.95 1.70
H71 MYR B . -16.11 2.07 3.80
H72 MYR B . -15.56 0.46 4.26
H81 MYR B . -17.88 -0.21 4.93
H82 MYR B . -18.53 1.32 4.35
H91 MYR B . -17.97 2.43 6.27
H92 MYR B . -16.31 1.83 6.25
H101 MYR B . -16.96 -0.28 7.34
H102 MYR B . -18.68 0.06 7.18
H111 MYR B . -16.81 1.90 8.81
H112 MYR B . -17.47 0.43 9.49
H121 MYR B . -19.68 1.91 8.27
H122 MYR B . -18.77 3.03 9.28
H131 MYR B . -20.47 1.99 10.70
H132 MYR B . -18.91 1.34 11.21
H141 MYR B . -21.14 -0.23 10.57
H142 MYR B . -20.25 -0.29 9.04
H143 MYR B . -19.47 -0.84 10.54
P1 PBU C . 4.76 9.76 -13.09
P4 PBU C . 10.29 9.40 -6.29
P5 PBU C . 8.38 5.66 -7.52
C3' PBU C . 3.86 7.43 -13.40
C2' PBU C . 2.59 7.49 -12.52
O2' PBU C . 2.35 6.20 -11.99
C1' PBU C . 1.35 7.93 -13.33
O1' PBU C . 1.50 7.51 -14.67
C1 PBU C . 6.38 9.23 -10.70
O1 PBU C . 5.93 9.02 -12.15
C2 PBU C . 7.12 10.58 -10.41
O2 PBU C . 8.27 10.78 -11.24
C3 PBU C . 7.56 10.66 -8.93
O3 PBU C . 8.23 11.91 -8.74
C4 PBU C . 8.47 9.43 -8.54
O4 PBU C . 8.82 9.52 -7.06
C5 PBU C . 7.66 8.10 -8.83
O5 PBU C . 8.53 6.96 -8.52
C6 PBU C . 7.21 8.00 -10.31
O6 PBU C . 6.40 6.84 -10.56
C7 PBU C . 2.97 5.87 -10.76
O7 PBU C . 3.86 5.04 -10.72
C8 PBU C . 2.54 6.58 -9.47
C9 PBU C . 2.48 5.58 -8.31
C10 PBU C . 2.56 6.34 -6.96
C11 PBU C . 0.56 7.84 -15.67
O11 PBU C . -0.60 7.45 -15.69
C12 PBU C . 1.10 8.73 -16.82
C13 PBU C . 0.01 9.16 -17.82
C14 PBU C . 0.57 9.26 -19.25
O41 PBU C . 9.85 8.52 -5.11
O42 PBU C . 11.21 8.72 -7.26
O43 PBU C . 10.80 10.78 -5.91
O51 PBU C . 9.59 5.85 -6.64
O52 PBU C . 7.01 5.86 -6.89
O53 PBU C . 8.48 4.48 -8.47
OP1 PBU C . 4.17 8.69 -13.96
OP2 PBU C . 3.80 10.33 -12.05
OP3 PBU C . 5.53 10.75 -13.93
H3'1 PBU C . 3.72 6.74 -14.17
H3'2 PBU C . 4.66 7.12 -12.77
H2' PBU C . 2.72 8.20 -11.76
H1'1 PBU C . 0.48 7.47 -12.95
H1'2 PBU C . 1.21 8.98 -13.26
H1 PBU C . 5.49 9.32 -10.07
H2 PBU C . 6.41 11.38 -10.62
H02 PBU C . 8.89 10.09 -11.26
H3 PBU C . 6.68 10.63 -8.29
H03 PBU C . 9.06 11.93 -9.23
H4 PBU C . 9.39 9.39 -9.09
H5 PBU C . 6.79 8.12 -8.18
H6 PBU C . 8.09 7.93 -10.93
H06 PBU C . 6.90 6.06 -10.63
H81 PBU C . 1.58 7.01 -9.61
H82 PBU C . 3.23 7.33 -9.25
H91 PBU C . 3.29 4.91 -8.37
H92 PBU C . 1.58 5.04 -8.33
H11 PBU C . 1.76 7.02 -6.90
H12 PBU C . 3.47 6.87 -6.92
H13 PBU C . 2.51 5.66 -6.17
H121 PBU C . 1.54 9.59 -16.41
H122 PBU C . 1.82 8.17 -17.35
H131 PBU C . -0.77 8.46 -17.81
H132 PBU C . -0.36 10.10 -17.53
H141 PBU C . 0.98 8.32 -19.53
H142 PBU C . 1.31 10.00 -19.31
H143 PBU C . -0.21 9.50 -19.91
N GLY A 1 -16.51 3.43 5.23
CA GLY A 1 -17.30 2.50 4.44
C GLY A 1 -16.90 2.50 2.98
N ALA A 2 -17.53 1.65 2.19
CA ALA A 2 -17.24 1.54 0.77
C ALA A 2 -18.50 1.70 -0.07
N ARG A 3 -18.97 2.93 -0.22
CA ARG A 3 -20.17 3.21 -0.99
C ARG A 3 -19.82 3.50 -2.44
N ALA A 4 -19.63 2.45 -3.23
CA ALA A 4 -19.30 2.58 -4.64
C ALA A 4 -17.96 3.29 -4.82
N SER A 5 -17.45 3.29 -6.04
CA SER A 5 -16.18 3.92 -6.35
C SER A 5 -15.07 3.36 -5.46
N VAL A 6 -13.89 3.99 -5.51
CA VAL A 6 -12.75 3.56 -4.72
C VAL A 6 -12.67 4.34 -3.41
N LEU A 7 -12.37 5.63 -3.51
CA LEU A 7 -12.27 6.48 -2.33
C LEU A 7 -13.44 7.44 -2.25
N SER A 8 -14.08 7.47 -1.08
CA SER A 8 -15.24 8.34 -0.86
C SER A 8 -14.79 9.79 -0.67
N GLY A 9 -15.76 10.68 -0.47
CA GLY A 9 -15.46 12.09 -0.28
C GLY A 9 -14.41 12.31 0.79
N GLY A 10 -14.59 11.66 1.94
CA GLY A 10 -13.64 11.80 3.03
C GLY A 10 -12.28 11.27 2.68
N GLU A 11 -12.24 10.04 2.17
CA GLU A 11 -10.96 9.41 1.80
C GLU A 11 -10.25 10.22 0.73
N LEU A 12 -11.03 10.79 -0.19
CA LEU A 12 -10.47 11.59 -1.27
C LEU A 12 -9.78 12.84 -0.73
N ASP A 13 -10.41 13.49 0.23
CA ASP A 13 -9.87 14.70 0.84
C ASP A 13 -8.48 14.43 1.41
N LYS A 14 -8.34 13.30 2.11
CA LYS A 14 -7.07 12.93 2.71
C LYS A 14 -6.09 12.42 1.65
N TRP A 15 -6.61 11.64 0.70
CA TRP A 15 -5.78 11.09 -0.37
C TRP A 15 -5.07 12.20 -1.13
N GLU A 16 -5.83 13.20 -1.57
CA GLU A 16 -5.26 14.32 -2.32
C GLU A 16 -4.22 15.05 -1.48
N LYS A 17 -4.34 14.94 -0.16
CA LYS A 17 -3.42 15.59 0.75
C LYS A 17 -2.11 14.81 0.86
N ILE A 18 -2.23 13.50 1.07
CA ILE A 18 -1.06 12.63 1.20
C ILE A 18 -0.12 12.82 0.02
N ARG A 19 1.19 12.75 0.30
CA ARG A 19 2.19 12.91 -0.75
C ARG A 19 2.85 11.57 -1.09
N LEU A 20 3.37 11.47 -2.30
CA LEU A 20 4.02 10.24 -2.75
C LEU A 20 5.39 10.07 -2.08
N ARG A 21 6.23 11.10 -2.21
CA ARG A 21 7.56 11.06 -1.61
C ARG A 21 7.65 11.99 -0.41
N PRO A 22 8.64 11.75 0.46
CA PRO A 22 8.85 12.56 1.66
C PRO A 22 9.35 13.97 1.33
N GLY A 23 10.14 14.08 0.26
CA GLY A 23 10.65 15.37 -0.14
C GLY A 23 10.38 15.69 -1.60
N GLY A 24 9.10 15.60 -1.99
CA GLY A 24 8.73 15.88 -3.36
C GLY A 24 7.88 17.13 -3.49
N LYS A 25 7.30 17.34 -4.66
CA LYS A 25 6.47 18.51 -4.91
C LYS A 25 5.22 18.12 -5.70
N LYS A 26 4.74 16.91 -5.48
CA LYS A 26 3.54 16.41 -6.16
C LYS A 26 2.75 15.46 -5.26
N GLN A 27 1.72 15.99 -4.62
CA GLN A 27 0.88 15.19 -3.74
C GLN A 27 0.21 14.06 -4.50
N TYR A 28 -0.69 13.34 -3.84
CA TYR A 28 -1.40 12.24 -4.46
C TYR A 28 -2.62 12.74 -5.24
N LYS A 29 -2.97 12.02 -6.30
CA LYS A 29 -4.10 12.39 -7.13
C LYS A 29 -4.78 11.15 -7.73
N LEU A 30 -5.99 11.32 -8.24
CA LEU A 30 -6.72 10.21 -8.84
C LEU A 30 -5.88 9.50 -9.89
N LYS A 31 -4.99 10.24 -10.53
CA LYS A 31 -4.11 9.68 -11.56
C LYS A 31 -3.40 8.45 -11.03
N HIS A 32 -3.01 8.48 -9.76
CA HIS A 32 -2.31 7.36 -9.14
C HIS A 32 -3.29 6.24 -8.81
N ILE A 33 -4.51 6.53 -8.40
CA ILE A 33 -5.48 5.49 -8.07
C ILE A 33 -5.86 4.69 -9.31
N VAL A 34 -5.96 5.36 -10.45
CA VAL A 34 -6.31 4.72 -11.70
C VAL A 34 -5.10 4.04 -12.33
N TRP A 35 -3.94 4.69 -12.22
CA TRP A 35 -2.70 4.16 -12.78
C TRP A 35 -2.42 2.76 -12.25
N ALA A 36 -2.81 2.52 -11.00
CA ALA A 36 -2.60 1.21 -10.37
C ALA A 36 -3.64 0.20 -10.86
N SER A 37 -4.88 0.64 -10.97
CA SER A 37 -5.96 -0.23 -11.42
C SER A 37 -5.66 -0.81 -12.79
N ARG A 38 -4.96 -0.02 -13.62
CA ARG A 38 -4.61 -0.47 -14.97
C ARG A 38 -3.46 -1.46 -14.93
N GLU A 39 -2.63 -1.37 -13.88
CA GLU A 39 -1.50 -2.26 -13.73
C GLU A 39 -1.90 -3.55 -13.01
N LEU A 40 -2.94 -3.46 -12.19
CA LEU A 40 -3.43 -4.62 -11.46
C LEU A 40 -4.05 -5.65 -12.40
N GLU A 41 -4.91 -5.19 -13.29
CA GLU A 41 -5.56 -6.07 -14.25
C GLU A 41 -4.53 -6.86 -15.06
N ARG A 42 -3.34 -6.29 -15.19
CA ARG A 42 -2.27 -6.94 -15.93
C ARG A 42 -1.70 -8.12 -15.15
N PHE A 43 -1.79 -8.06 -13.83
CA PHE A 43 -1.30 -9.13 -12.98
C PHE A 43 -2.41 -10.08 -12.60
N ALA A 44 -3.42 -10.18 -13.45
CA ALA A 44 -4.55 -11.06 -13.21
C ALA A 44 -5.33 -10.65 -11.97
N VAL A 45 -5.19 -9.37 -11.59
CA VAL A 45 -5.87 -8.84 -10.42
C VAL A 45 -6.83 -7.72 -10.80
N ASN A 46 -8.10 -7.89 -10.44
CA ASN A 46 -9.11 -6.89 -10.75
C ASN A 46 -8.87 -5.60 -9.96
N PRO A 47 -9.14 -4.45 -10.60
CA PRO A 47 -8.96 -3.14 -9.99
C PRO A 47 -9.98 -2.87 -8.88
N GLY A 48 -10.97 -3.77 -8.77
CA GLY A 48 -11.99 -3.59 -7.76
C GLY A 48 -11.55 -4.11 -6.40
N LEU A 49 -10.25 -4.41 -6.27
CA LEU A 49 -9.71 -4.92 -5.02
C LEU A 49 -9.13 -3.78 -4.19
N LEU A 50 -8.71 -2.72 -4.86
CA LEU A 50 -8.13 -1.56 -4.19
C LEU A 50 -9.21 -0.75 -3.47
N GLU A 51 -10.44 -0.85 -3.96
CA GLU A 51 -11.55 -0.13 -3.36
C GLU A 51 -12.00 -0.78 -2.05
N THR A 52 -11.41 -1.93 -1.76
CA THR A 52 -11.73 -2.67 -0.53
C THR A 52 -10.48 -2.90 0.31
N SER A 53 -10.58 -2.56 1.60
CA SER A 53 -9.46 -2.74 2.52
C SER A 53 -8.97 -4.19 2.51
N GLU A 54 -9.87 -5.10 2.18
CA GLU A 54 -9.53 -6.52 2.14
C GLU A 54 -8.72 -6.85 0.89
N GLY A 55 -9.18 -6.38 -0.26
CA GLY A 55 -8.49 -6.64 -1.51
C GLY A 55 -7.03 -6.20 -1.45
N CYS A 56 -6.79 -5.00 -0.97
CA CYS A 56 -5.44 -4.45 -0.87
C CYS A 56 -4.55 -5.39 -0.06
N ARG A 57 -5.07 -5.88 1.06
CA ARG A 57 -4.32 -6.78 1.92
C ARG A 57 -3.76 -7.96 1.13
N GLN A 58 -4.61 -8.57 0.31
CA GLN A 58 -4.20 -9.70 -0.51
C GLN A 58 -3.12 -9.30 -1.51
N ILE A 59 -3.12 -8.03 -1.88
CA ILE A 59 -2.14 -7.51 -2.82
C ILE A 59 -0.78 -7.30 -2.16
N LEU A 60 -0.75 -6.45 -1.13
CA LEU A 60 0.48 -6.17 -0.41
C LEU A 60 1.13 -7.46 0.10
N GLY A 61 0.30 -8.48 0.32
CA GLY A 61 0.81 -9.75 0.78
C GLY A 61 1.63 -10.48 -0.26
N GLN A 62 1.38 -10.15 -1.53
CA GLN A 62 2.10 -10.78 -2.63
C GLN A 62 3.26 -9.90 -3.11
N LEU A 63 3.11 -8.60 -2.92
CA LEU A 63 4.14 -7.65 -3.33
C LEU A 63 5.18 -7.47 -2.23
N GLN A 64 4.78 -7.71 -0.98
CA GLN A 64 5.67 -7.58 0.16
C GLN A 64 6.95 -8.38 -0.06
N PRO A 65 6.80 -9.70 -0.20
CA PRO A 65 7.94 -10.60 -0.41
C PRO A 65 8.57 -10.42 -1.80
N SER A 66 7.83 -9.78 -2.69
CA SER A 66 8.32 -9.55 -4.06
C SER A 66 8.87 -8.13 -4.20
N LEU A 67 9.32 -7.56 -3.10
CA LEU A 67 9.88 -6.22 -3.09
C LEU A 67 11.36 -6.23 -3.47
N GLN A 68 12.04 -7.32 -3.13
CA GLN A 68 13.45 -7.46 -3.43
C GLN A 68 13.66 -7.86 -4.90
N THR A 69 12.78 -8.72 -5.39
CA THR A 69 12.87 -9.19 -6.77
C THR A 69 11.92 -8.41 -7.67
N GLY A 70 11.68 -7.16 -7.34
CA GLY A 70 10.79 -6.32 -8.12
C GLY A 70 11.53 -5.23 -8.88
N SER A 71 10.79 -4.40 -9.59
CA SER A 71 11.38 -3.32 -10.38
C SER A 71 10.67 -2.00 -10.10
N GLU A 72 11.02 -0.97 -10.88
CA GLU A 72 10.41 0.34 -10.71
C GLU A 72 8.89 0.26 -10.82
N GLU A 73 8.40 -0.75 -11.53
CA GLU A 73 6.97 -0.94 -11.71
C GLU A 73 6.33 -1.47 -10.43
N LEU A 74 7.07 -2.34 -9.73
CA LEU A 74 6.57 -2.92 -8.49
C LEU A 74 6.55 -1.89 -7.36
N ARG A 75 7.66 -1.17 -7.22
CA ARG A 75 7.77 -0.15 -6.18
C ARG A 75 6.59 0.82 -6.24
N SER A 76 6.31 1.32 -7.44
CA SER A 76 5.21 2.26 -7.63
C SER A 76 3.91 1.70 -7.06
N LEU A 77 3.62 0.45 -7.38
CA LEU A 77 2.41 -0.20 -6.91
C LEU A 77 2.36 -0.20 -5.38
N TYR A 78 3.38 -0.76 -4.75
CA TYR A 78 3.46 -0.82 -3.30
C TYR A 78 3.24 0.56 -2.69
N ASN A 79 3.65 1.60 -3.42
CA ASN A 79 3.49 2.97 -2.95
C ASN A 79 2.02 3.37 -2.89
N THR A 80 1.30 3.13 -3.98
CA THR A 80 -0.11 3.47 -4.05
C THR A 80 -0.94 2.55 -3.16
N ILE A 81 -0.79 1.24 -3.37
CA ILE A 81 -1.53 0.26 -2.58
C ILE A 81 -1.35 0.52 -1.08
N ALA A 82 -0.21 1.08 -0.71
CA ALA A 82 0.06 1.38 0.69
C ALA A 82 -0.78 2.55 1.18
N VAL A 83 -0.53 3.73 0.63
CA VAL A 83 -1.27 4.92 1.01
C VAL A 83 -2.77 4.69 0.92
N LEU A 84 -3.19 3.93 -0.07
CA LEU A 84 -4.61 3.63 -0.27
C LEU A 84 -5.12 2.73 0.85
N TYR A 85 -4.46 1.60 1.05
CA TYR A 85 -4.86 0.66 2.09
C TYR A 85 -5.00 1.36 3.44
N CYS A 86 -4.00 2.16 3.79
CA CYS A 86 -4.02 2.89 5.05
C CYS A 86 -5.32 3.68 5.21
N VAL A 87 -5.70 4.41 4.17
CA VAL A 87 -6.93 5.19 4.20
C VAL A 87 -8.14 4.32 4.55
N HIS A 88 -8.24 3.18 3.88
CA HIS A 88 -9.35 2.26 4.11
C HIS A 88 -9.35 1.77 5.55
N GLN A 89 -8.21 1.73 6.24
CA GLN A 89 -8.16 1.28 7.62
C GLN A 89 -8.21 2.45 8.59
N ARG A 90 -8.80 3.55 8.14
CA ARG A 90 -8.91 4.76 8.97
C ARG A 90 -7.53 5.24 9.40
N ILE A 91 -6.55 5.09 8.51
CA ILE A 91 -5.18 5.52 8.80
C ILE A 91 -4.80 6.72 7.94
N ASP A 92 -4.14 7.69 8.57
CA ASP A 92 -3.70 8.89 7.86
C ASP A 92 -2.18 9.05 7.95
N VAL A 93 -1.60 9.57 6.87
CA VAL A 93 -0.15 9.77 6.81
C VAL A 93 0.20 10.96 5.93
N LYS A 94 1.41 11.48 6.12
CA LYS A 94 1.87 12.63 5.34
C LYS A 94 2.39 12.18 3.98
N ASP A 95 3.31 11.22 3.98
CA ASP A 95 3.87 10.71 2.73
C ASP A 95 3.66 9.21 2.62
N THR A 96 4.16 8.62 1.53
CA THR A 96 4.02 7.20 1.30
C THR A 96 4.94 6.40 2.21
N LYS A 97 6.03 7.03 2.63
CA LYS A 97 6.99 6.38 3.51
C LYS A 97 6.39 6.11 4.88
N GLU A 98 5.70 7.10 5.43
CA GLU A 98 5.08 6.96 6.74
C GLU A 98 4.10 5.78 6.76
N ALA A 99 3.27 5.70 5.73
CA ALA A 99 2.29 4.63 5.63
C ALA A 99 2.98 3.27 5.51
N LEU A 100 4.15 3.27 4.90
CA LEU A 100 4.92 2.04 4.70
C LEU A 100 5.39 1.48 6.05
N ASP A 101 5.69 2.37 6.98
CA ASP A 101 6.14 1.98 8.31
C ASP A 101 4.99 1.39 9.12
N LYS A 102 3.80 1.98 8.96
CA LYS A 102 2.62 1.52 9.68
C LYS A 102 2.27 0.09 9.31
N ILE A 103 2.34 -0.20 8.00
CA ILE A 103 2.03 -1.54 7.52
C ILE A 103 3.10 -2.54 7.92
N GLU A 104 4.35 -2.11 7.87
CA GLU A 104 5.48 -2.97 8.25
C GLU A 104 5.40 -3.34 9.72
N GLU A 105 4.87 -2.43 10.53
CA GLU A 105 4.75 -2.66 11.97
C GLU A 105 3.73 -3.76 12.26
N GLU A 106 2.63 -3.76 11.52
CA GLU A 106 1.58 -4.75 11.70
C GLU A 106 2.09 -6.15 11.34
N GLN A 107 3.08 -6.20 10.44
CA GLN A 107 3.64 -7.47 10.01
C GLN A 107 4.63 -8.00 11.04
N ASN A 108 5.22 -7.09 11.82
CA ASN A 108 6.18 -7.48 12.85
C ASN A 108 5.54 -8.43 13.86
N LYS A 109 4.26 -8.21 14.15
CA LYS A 109 3.53 -9.03 15.10
C LYS A 109 3.57 -10.49 14.68
N SER A 110 3.56 -10.73 13.37
CA SER A 110 3.58 -12.10 12.84
C SER A 110 5.02 -12.56 12.60
N LYS A 111 5.90 -11.59 12.30
CA LYS A 111 7.31 -11.90 12.06
C LYS A 111 7.95 -12.55 13.28
N LYS A 112 7.67 -11.99 14.45
CA LYS A 112 8.21 -12.52 15.70
C LYS A 112 7.83 -13.99 15.89
N LYS A 113 6.70 -14.38 15.30
CA LYS A 113 6.22 -15.75 15.40
C LYS A 113 6.31 -16.46 14.06
N ALA A 114 7.23 -16.00 13.21
CA ALA A 114 7.42 -16.60 11.89
C ALA A 114 8.75 -16.18 11.29
N GLN A 115 9.82 -16.31 12.07
CA GLN A 115 11.15 -15.94 11.61
C GLN A 115 12.11 -17.12 11.69
N GLN A 116 12.01 -17.87 12.78
CA GLN A 116 12.86 -19.04 13.00
C GLN A 116 12.78 -19.99 11.81
N ALA A 117 11.65 -19.98 11.13
CA ALA A 117 11.44 -20.84 9.97
C ALA A 117 12.58 -20.70 8.97
N ALA A 118 13.18 -19.51 8.93
CA ALA A 118 14.29 -19.25 8.02
C ALA A 118 15.62 -19.31 8.74
N ALA A 119 16.68 -18.88 8.07
CA ALA A 119 18.02 -18.88 8.65
C ALA A 119 18.48 -20.30 8.92
N ASP A 120 17.88 -21.27 8.24
CA ASP A 120 18.23 -22.67 8.41
C ASP A 120 18.92 -23.22 7.16
N THR A 121 18.60 -22.63 6.02
CA THR A 121 19.18 -23.05 4.75
C THR A 121 20.01 -21.94 4.11
N GLY A 122 20.52 -21.03 4.95
CA GLY A 122 21.31 -19.94 4.46
C GLY A 122 22.63 -19.79 5.20
N ASN A 123 22.61 -19.05 6.30
CA ASN A 123 23.80 -18.83 7.11
C ASN A 123 24.94 -18.28 6.25
N ASN A 124 24.78 -17.03 5.80
CA ASN A 124 25.80 -16.38 4.97
C ASN A 124 26.58 -15.35 5.79
N SER A 125 27.61 -14.79 5.16
CA SER A 125 28.45 -13.79 5.83
C SER A 125 27.80 -12.42 5.76
N GLN A 126 28.37 -11.47 6.50
CA GLN A 126 27.84 -10.10 6.53
C GLN A 126 28.73 -9.16 5.74
N VAL A 127 28.60 -9.20 4.41
CA VAL A 127 29.40 -8.35 3.54
C VAL A 127 28.55 -7.24 2.93
N SER A 128 27.68 -6.66 3.75
CA SER A 128 26.81 -5.58 3.30
C SER A 128 27.62 -4.47 2.62
N GLN A 129 26.93 -3.61 1.88
CA GLN A 129 27.58 -2.51 1.18
C GLN A 129 26.73 -1.25 1.23
N ASN A 130 27.38 -0.10 1.34
CA ASN A 130 26.67 1.18 1.39
C ASN A 130 25.85 1.41 0.12
N TYR A 131 24.95 2.38 0.18
CA TYR A 131 24.10 2.70 -0.97
C TYR A 131 24.94 3.28 -2.11
C1 MYR B . -16.58 4.73 5.02
O1 MYR B . -17.31 5.24 4.17
C2 MYR B . -15.72 5.66 5.88
C3 MYR B . -15.86 7.17 5.54
C4 MYR B . -16.90 7.87 6.45
C5 MYR B . -16.57 9.35 6.67
C6 MYR B . -17.30 9.94 7.89
C7 MYR B . -18.59 10.69 7.49
C8 MYR B . -18.32 12.17 7.17
C9 MYR B . -19.63 12.98 7.05
C10 MYR B . -19.54 14.34 7.76
C11 MYR B . -19.56 15.56 6.81
C12 MYR B . -20.54 16.68 7.24
C13 MYR B . -21.68 16.87 6.23
C14 MYR B . -22.73 15.75 6.34
H21 MYR B . -14.67 5.35 5.74
H22 MYR B . -15.93 5.48 6.95
H31 MYR B . -16.14 7.29 4.48
H32 MYR B . -14.87 7.66 5.65
H41 MYR B . -16.95 7.34 7.43
H42 MYR B . -17.91 7.77 6.00
H51 MYR B . -16.82 9.93 5.76
H52 MYR B . -15.47 9.47 6.80
H61 MYR B . -16.63 10.62 8.44
H62 MYR B . -17.55 9.12 8.61
H71 MYR B . -19.34 10.61 8.30
H72 MYR B . -19.05 10.18 6.60
H81 MYR B . -17.74 12.25 6.23
H82 MYR B . -17.68 12.61 7.95
H91 MYR B . -20.46 12.39 7.46
H92 MYR B . -19.87 13.13 5.97
H101 MYR B . -18.60 14.38 8.34
H102 MYR B . -20.34 14.43 8.51
H111 MYR B . -19.79 15.22 5.77
H112 MYR B . -18.55 15.98 6.75
H121 MYR B . -19.99 17.63 7.36
H122 MYR B . -20.96 16.44 8.24
H131 MYR B . -21.28 16.90 5.19
H132 MYR B . -22.17 17.85 6.39
H141 MYR B . -22.33 14.77 6.03
H142 MYR B . -23.10 15.64 7.38
H143 MYR B . -23.62 15.96 5.70
P1 PBU C . 4.36 9.86 -13.05
P4 PBU C . 9.04 12.55 -6.48
P5 PBU C . 10.11 8.30 -8.52
C3' PBU C . 3.81 7.41 -13.13
C2' PBU C . 2.48 7.38 -12.34
O2' PBU C . 2.23 6.04 -11.95
C1' PBU C . 1.28 7.89 -13.18
O1' PBU C . 1.46 7.50 -14.52
C1 PBU C . 5.96 9.90 -10.59
O1 PBU C . 5.56 9.40 -11.98
C2 PBU C . 6.43 11.39 -10.53
O2 PBU C . 7.52 11.67 -11.41
C3 PBU C . 6.84 11.77 -9.09
O3 PBU C . 7.27 13.14 -9.10
C4 PBU C . 7.96 10.81 -8.54
O4 PBU C . 8.30 11.19 -7.10
C5 PBU C . 7.44 9.32 -8.62
O5 PBU C . 8.51 8.43 -8.17
C6 PBU C . 7.01 8.92 -10.05
O6 PBU C . 6.43 7.60 -10.10
C7 PBU C . 2.82 5.58 -10.75
O7 PBU C . 3.70 4.75 -10.78
C8 PBU C . 2.36 6.15 -9.40
C9 PBU C . 2.29 5.04 -8.34
C10 PBU C . 2.62 5.63 -6.96
C11 PBU C . 1.15 8.37 -15.60
O11 PBU C . 1.54 9.52 -15.69
C12 PBU C . 0.19 7.79 -16.67
C13 PBU C . -0.67 8.85 -17.37
C14 PBU C . -1.30 8.30 -18.66
O41 PBU C . 10.19 11.86 -5.74
O42 PBU C . 9.46 13.37 -7.67
O43 PBU C . 8.06 13.30 -5.60
O51 PBU C . 10.28 6.80 -8.52
O52 PBU C . 10.23 9.02 -9.85
O53 PBU C . 10.78 9.00 -7.35
OP1 PBU C . 3.96 8.64 -13.82
OP2 PBU C . 3.26 10.39 -12.13
OP3 PBU C . 5.03 10.86 -13.95
H3'1 PBU C . 3.80 6.63 -13.83
H3'2 PBU C . 4.60 7.28 -12.45
H2' PBU C . 2.55 8.01 -11.51
H1'1 PBU C . 0.38 7.43 -12.84
H1'2 PBU C . 1.16 8.92 -13.07
H1 PBU C . 5.07 9.91 -9.95
H2 PBU C . 5.58 12.00 -10.83
H02 PBU C . 8.26 11.12 -11.35
H3 PBU C . 5.99 11.67 -8.42
H03 PBU C . 8.08 13.24 -9.62
H4 PBU C . 8.88 10.85 -9.11
H5 PBU C . 6.58 9.29 -7.95
H6 PBU C . 7.89 8.92 -10.68
H06 PBU C . 7.08 6.92 -10.08
H81 PBU C . 1.40 6.58 -9.52
H82 PBU C . 3.04 6.89 -9.09
H91 PBU C . 2.99 4.28 -8.58
H92 PBU C . 1.33 4.62 -8.32
H11 PBU C . 1.93 6.38 -6.72
H12 PBU C . 3.59 6.03 -6.97
H13 PBU C . 2.56 4.87 -6.24
H121 PBU C . 0.77 7.29 -17.40
H122 PBU C . -0.45 7.10 -16.19
H131 PBU C . -1.44 9.15 -16.71
H132 PBU C . -0.07 9.68 -17.60
H141 PBU C . -1.87 7.45 -18.42
H142 PBU C . -0.57 8.06 -19.36
H143 PBU C . -1.94 9.04 -19.07
N GLY A 1 -18.02 -6.73 -2.05
CA GLY A 1 -17.58 -5.35 -2.22
C GLY A 1 -18.74 -4.40 -2.45
N ALA A 2 -18.47 -3.11 -2.34
CA ALA A 2 -19.50 -2.09 -2.53
C ALA A 2 -19.72 -1.80 -4.02
N ARG A 3 -18.62 -1.80 -4.78
CA ARG A 3 -18.68 -1.53 -6.20
C ARG A 3 -19.32 -0.18 -6.48
N ALA A 4 -18.52 0.88 -6.39
CA ALA A 4 -19.00 2.22 -6.62
C ALA A 4 -17.85 3.19 -6.91
N SER A 5 -16.82 3.14 -6.08
CA SER A 5 -15.66 4.01 -6.24
C SER A 5 -14.52 3.56 -5.33
N VAL A 6 -13.32 4.09 -5.58
CA VAL A 6 -12.16 3.75 -4.79
C VAL A 6 -12.09 4.59 -3.52
N LEU A 7 -11.96 5.91 -3.69
CA LEU A 7 -11.89 6.81 -2.56
C LEU A 7 -13.09 7.74 -2.53
N SER A 8 -13.86 7.68 -1.44
CA SER A 8 -15.04 8.51 -1.29
C SER A 8 -14.66 9.98 -1.07
N GLY A 9 -15.65 10.80 -0.76
CA GLY A 9 -15.40 12.22 -0.54
C GLY A 9 -14.33 12.45 0.52
N GLY A 10 -14.49 11.80 1.67
CA GLY A 10 -13.54 11.96 2.74
C GLY A 10 -12.17 11.40 2.39
N GLU A 11 -12.15 10.19 1.85
CA GLU A 11 -10.90 9.54 1.46
C GLU A 11 -10.16 10.36 0.40
N LEU A 12 -10.93 11.03 -0.45
CA LEU A 12 -10.36 11.86 -1.51
C LEU A 12 -9.56 13.02 -0.93
N ASP A 13 -10.07 13.59 0.15
CA ASP A 13 -9.41 14.71 0.81
C ASP A 13 -8.01 14.33 1.26
N LYS A 14 -7.93 13.31 2.12
CA LYS A 14 -6.64 12.83 2.63
C LYS A 14 -5.74 12.38 1.48
N TRP A 15 -6.33 11.71 0.50
CA TRP A 15 -5.58 11.22 -0.65
C TRP A 15 -4.85 12.37 -1.35
N GLU A 16 -5.62 13.36 -1.78
CA GLU A 16 -5.06 14.52 -2.46
C GLU A 16 -3.97 15.18 -1.62
N LYS A 17 -4.07 15.00 -0.31
CA LYS A 17 -3.10 15.59 0.61
C LYS A 17 -1.82 14.76 0.66
N ILE A 18 -1.97 13.45 0.80
CA ILE A 18 -0.83 12.55 0.85
C ILE A 18 0.11 12.77 -0.34
N ARG A 19 1.41 12.72 -0.06
CA ARG A 19 2.40 12.92 -1.11
C ARG A 19 3.11 11.61 -1.45
N LEU A 20 3.54 11.47 -2.70
CA LEU A 20 4.21 10.27 -3.16
C LEU A 20 5.48 10.03 -2.34
N ARG A 21 6.17 11.11 -1.99
CA ARG A 21 7.40 11.01 -1.21
C ARG A 21 7.29 11.82 0.08
N PRO A 22 8.14 11.49 1.06
CA PRO A 22 8.17 12.17 2.36
C PRO A 22 8.68 13.61 2.25
N GLY A 23 9.62 13.82 1.32
CA GLY A 23 10.18 15.14 1.15
C GLY A 23 10.14 15.59 -0.31
N GLY A 24 8.94 15.79 -0.84
CA GLY A 24 8.80 16.22 -2.22
C GLY A 24 7.76 17.32 -2.38
N LYS A 25 7.66 17.85 -3.59
CA LYS A 25 6.71 18.91 -3.88
C LYS A 25 5.57 18.41 -4.77
N LYS A 26 5.23 17.13 -4.62
CA LYS A 26 4.16 16.52 -5.41
C LYS A 26 3.18 15.78 -4.50
N GLN A 27 1.90 15.87 -4.83
CA GLN A 27 0.86 15.21 -4.05
C GLN A 27 0.21 14.09 -4.86
N TYR A 28 -0.74 13.40 -4.24
CA TYR A 28 -1.43 12.30 -4.89
C TYR A 28 -2.67 12.81 -5.63
N LYS A 29 -3.02 12.12 -6.72
CA LYS A 29 -4.18 12.50 -7.52
C LYS A 29 -4.91 11.26 -8.04
N LEU A 30 -6.13 11.46 -8.52
CA LEU A 30 -6.93 10.35 -9.05
C LEU A 30 -6.15 9.57 -10.10
N LYS A 31 -5.28 10.27 -10.83
CA LYS A 31 -4.46 9.64 -11.85
C LYS A 31 -3.77 8.39 -11.31
N HIS A 32 -3.10 8.54 -10.17
CA HIS A 32 -2.39 7.44 -9.55
C HIS A 32 -3.36 6.35 -9.11
N ILE A 33 -4.57 6.68 -8.68
CA ILE A 33 -5.54 5.66 -8.26
C ILE A 33 -5.94 4.78 -9.43
N VAL A 34 -6.06 5.38 -10.61
CA VAL A 34 -6.43 4.62 -11.81
C VAL A 34 -5.22 3.94 -12.43
N TRP A 35 -4.07 4.61 -12.38
CA TRP A 35 -2.85 4.06 -12.94
C TRP A 35 -2.53 2.70 -12.33
N ALA A 36 -2.89 2.53 -11.06
CA ALA A 36 -2.65 1.27 -10.36
C ALA A 36 -3.65 0.20 -10.80
N SER A 37 -4.90 0.61 -11.00
CA SER A 37 -5.95 -0.31 -11.41
C SER A 37 -5.62 -0.95 -12.76
N ARG A 38 -5.02 -0.16 -13.65
CA ARG A 38 -4.65 -0.65 -14.97
C ARG A 38 -3.47 -1.61 -14.88
N GLU A 39 -2.66 -1.45 -13.84
CA GLU A 39 -1.49 -2.31 -13.64
C GLU A 39 -1.87 -3.57 -12.87
N LEU A 40 -2.92 -3.47 -12.07
CA LEU A 40 -3.39 -4.61 -11.28
C LEU A 40 -4.03 -5.66 -12.17
N GLU A 41 -4.92 -5.24 -13.05
CA GLU A 41 -5.60 -6.15 -13.96
C GLU A 41 -4.60 -6.96 -14.77
N ARG A 42 -3.41 -6.40 -14.95
CA ARG A 42 -2.36 -7.07 -15.72
C ARG A 42 -1.77 -8.23 -14.92
N PHE A 43 -1.84 -8.14 -13.60
CA PHE A 43 -1.32 -9.18 -12.73
C PHE A 43 -2.42 -10.14 -12.30
N ALA A 44 -3.44 -10.28 -13.15
CA ALA A 44 -4.55 -11.17 -12.86
C ALA A 44 -5.32 -10.71 -11.63
N VAL A 45 -5.18 -9.43 -11.29
CA VAL A 45 -5.86 -8.86 -10.14
C VAL A 45 -6.80 -7.75 -10.55
N ASN A 46 -8.10 -7.97 -10.35
CA ASN A 46 -9.11 -6.97 -10.70
C ASN A 46 -8.90 -5.68 -9.91
N PRO A 47 -9.18 -4.54 -10.56
CA PRO A 47 -9.03 -3.22 -9.94
C PRO A 47 -10.08 -2.97 -8.86
N GLY A 48 -11.07 -3.86 -8.79
CA GLY A 48 -12.12 -3.71 -7.79
C GLY A 48 -11.61 -3.93 -6.38
N LEU A 49 -10.44 -4.54 -6.26
CA LEU A 49 -9.84 -4.81 -4.96
C LEU A 49 -9.26 -3.53 -4.35
N LEU A 50 -8.92 -2.58 -5.21
CA LEU A 50 -8.36 -1.31 -4.75
C LEU A 50 -9.37 -0.55 -3.88
N GLU A 51 -10.64 -0.83 -4.10
CA GLU A 51 -11.70 -0.17 -3.33
C GLU A 51 -12.19 -1.06 -2.19
N THR A 52 -11.32 -1.96 -1.75
CA THR A 52 -11.66 -2.87 -0.66
C THR A 52 -10.53 -2.96 0.36
N SER A 53 -10.85 -2.67 1.61
CA SER A 53 -9.86 -2.71 2.68
C SER A 53 -9.21 -4.09 2.77
N GLU A 54 -9.93 -5.10 2.28
CA GLU A 54 -9.43 -6.47 2.32
C GLU A 54 -8.53 -6.74 1.12
N GLY A 55 -9.00 -6.38 -0.07
CA GLY A 55 -8.21 -6.60 -1.28
C GLY A 55 -6.83 -5.98 -1.19
N CYS A 56 -6.77 -4.72 -0.76
CA CYS A 56 -5.50 -4.02 -0.64
C CYS A 56 -4.51 -4.83 0.19
N ARG A 57 -4.98 -5.37 1.30
CA ARG A 57 -4.13 -6.17 2.18
C ARG A 57 -3.53 -7.36 1.43
N GLN A 58 -4.36 -8.01 0.62
CA GLN A 58 -3.91 -9.16 -0.15
C GLN A 58 -2.88 -8.76 -1.19
N ILE A 59 -3.12 -7.64 -1.86
CA ILE A 59 -2.20 -7.14 -2.87
C ILE A 59 -0.83 -6.84 -2.28
N LEU A 60 -0.81 -6.34 -1.06
CA LEU A 60 0.43 -6.01 -0.38
C LEU A 60 1.15 -7.28 0.08
N GLY A 61 0.37 -8.35 0.30
CA GLY A 61 0.95 -9.60 0.72
C GLY A 61 1.79 -10.26 -0.35
N GLN A 62 1.57 -9.86 -1.59
CA GLN A 62 2.30 -10.41 -2.72
C GLN A 62 3.46 -9.50 -3.12
N LEU A 63 3.25 -8.19 -3.00
CA LEU A 63 4.27 -7.21 -3.35
C LEU A 63 5.27 -7.05 -2.21
N GLN A 64 4.83 -7.33 -0.99
CA GLN A 64 5.69 -7.22 0.17
C GLN A 64 7.00 -7.98 -0.03
N PRO A 65 6.89 -9.30 -0.22
CA PRO A 65 8.06 -10.16 -0.43
C PRO A 65 8.71 -9.93 -1.79
N SER A 66 7.99 -9.27 -2.68
CA SER A 66 8.50 -8.98 -4.01
C SER A 66 8.96 -7.52 -4.12
N LEU A 67 9.33 -6.94 -2.99
CA LEU A 67 9.78 -5.56 -2.95
C LEU A 67 11.25 -5.45 -3.35
N GLN A 68 12.05 -6.41 -2.92
CA GLN A 68 13.47 -6.43 -3.23
C GLN A 68 13.71 -6.99 -4.62
N THR A 69 13.02 -8.08 -4.95
CA THR A 69 13.16 -8.71 -6.25
C THR A 69 12.09 -8.23 -7.22
N GLY A 70 11.58 -7.03 -6.97
CA GLY A 70 10.55 -6.47 -7.83
C GLY A 70 11.06 -5.29 -8.65
N SER A 71 10.59 -5.20 -9.89
CA SER A 71 11.01 -4.12 -10.78
C SER A 71 10.34 -2.80 -10.38
N GLU A 72 10.72 -1.72 -11.06
CA GLU A 72 10.15 -0.41 -10.78
C GLU A 72 8.63 -0.44 -10.81
N GLU A 73 8.08 -1.29 -11.68
CA GLU A 73 6.64 -1.42 -11.82
C GLU A 73 6.01 -1.93 -10.52
N LEU A 74 6.77 -2.74 -9.80
CA LEU A 74 6.30 -3.30 -8.53
C LEU A 74 6.33 -2.25 -7.42
N ARG A 75 7.45 -1.56 -7.30
CA ARG A 75 7.62 -0.53 -6.29
C ARG A 75 6.51 0.52 -6.40
N SER A 76 6.29 1.01 -7.61
CA SER A 76 5.27 2.02 -7.85
C SER A 76 3.92 1.58 -7.29
N LEU A 77 3.54 0.35 -7.61
CA LEU A 77 2.27 -0.20 -7.13
C LEU A 77 2.20 -0.16 -5.61
N TYR A 78 3.17 -0.79 -4.95
CA TYR A 78 3.21 -0.83 -3.49
C TYR A 78 3.10 0.59 -2.91
N ASN A 79 3.58 1.56 -3.67
CA ASN A 79 3.53 2.95 -3.22
C ASN A 79 2.09 3.46 -3.17
N THR A 80 1.29 3.02 -4.13
CA THR A 80 -0.11 3.43 -4.19
C THR A 80 -0.98 2.59 -3.25
N ILE A 81 -0.86 1.27 -3.38
CA ILE A 81 -1.63 0.37 -2.53
C ILE A 81 -1.46 0.71 -1.06
N ALA A 82 -0.30 1.27 -0.70
CA ALA A 82 -0.02 1.65 0.67
C ALA A 82 -0.88 2.83 1.10
N VAL A 83 -0.64 3.98 0.46
CA VAL A 83 -1.38 5.19 0.77
C VAL A 83 -2.89 4.95 0.71
N LEU A 84 -3.31 4.13 -0.25
CA LEU A 84 -4.72 3.81 -0.42
C LEU A 84 -5.22 2.94 0.73
N TYR A 85 -4.54 1.82 0.95
CA TYR A 85 -4.91 0.88 2.01
C TYR A 85 -5.05 1.61 3.34
N CYS A 86 -4.05 2.43 3.67
CA CYS A 86 -4.05 3.18 4.92
C CYS A 86 -5.36 3.95 5.08
N VAL A 87 -5.95 4.35 3.95
CA VAL A 87 -7.20 5.10 3.98
C VAL A 87 -8.39 4.18 4.24
N HIS A 88 -8.34 2.98 3.70
CA HIS A 88 -9.40 2.00 3.88
C HIS A 88 -9.33 1.36 5.26
N GLN A 89 -8.24 1.53 6.01
CA GLN A 89 -8.11 0.94 7.33
C GLN A 89 -8.37 2.00 8.42
N ARG A 90 -7.40 2.89 8.60
CA ARG A 90 -7.52 3.94 9.61
C ARG A 90 -6.29 4.84 9.60
N ILE A 91 -5.13 4.25 9.34
CA ILE A 91 -3.88 4.99 9.30
C ILE A 91 -3.99 6.21 8.39
N ASP A 92 -3.68 7.38 8.93
CA ASP A 92 -3.74 8.62 8.15
C ASP A 92 -2.34 9.16 7.89
N VAL A 93 -1.53 8.37 7.18
CA VAL A 93 -0.16 8.78 6.86
C VAL A 93 -0.15 10.07 6.05
N LYS A 94 1.00 10.73 6.02
CA LYS A 94 1.14 11.98 5.28
C LYS A 94 1.83 11.74 3.95
N ASP A 95 2.63 10.69 3.88
CA ASP A 95 3.34 10.34 2.65
C ASP A 95 3.36 8.84 2.43
N THR A 96 3.76 8.42 1.23
CA THR A 96 3.83 7.00 0.90
C THR A 96 4.79 6.26 1.83
N LYS A 97 5.97 6.84 2.04
CA LYS A 97 6.97 6.23 2.90
C LYS A 97 6.38 5.88 4.26
N GLU A 98 5.72 6.85 4.89
CA GLU A 98 5.10 6.64 6.19
C GLU A 98 4.13 5.46 6.16
N ALA A 99 3.42 5.32 5.03
CA ALA A 99 2.46 4.24 4.87
C ALA A 99 3.15 2.88 4.93
N LEU A 100 4.40 2.83 4.48
CA LEU A 100 5.17 1.59 4.48
C LEU A 100 5.64 1.24 5.89
N ASP A 101 6.20 2.22 6.59
CA ASP A 101 6.68 2.02 7.94
C ASP A 101 5.57 1.51 8.84
N LYS A 102 4.38 2.09 8.70
CA LYS A 102 3.23 1.71 9.50
C LYS A 102 2.87 0.24 9.26
N ILE A 103 2.59 -0.09 8.01
CA ILE A 103 2.23 -1.46 7.64
C ILE A 103 3.35 -2.43 8.01
N GLU A 104 4.59 -1.96 7.94
CA GLU A 104 5.74 -2.79 8.27
C GLU A 104 5.74 -3.16 9.75
N GLU A 105 5.22 -2.26 10.58
CA GLU A 105 5.16 -2.49 12.01
C GLU A 105 3.97 -3.36 12.38
N GLU A 106 2.86 -3.16 11.67
CA GLU A 106 1.64 -3.92 11.92
C GLU A 106 1.82 -5.39 11.52
N GLN A 107 2.41 -5.60 10.35
CA GLN A 107 2.64 -6.96 9.86
C GLN A 107 3.42 -7.78 10.87
N ASN A 108 4.40 -7.15 11.50
CA ASN A 108 5.22 -7.83 12.50
C ASN A 108 4.37 -8.29 13.69
N LYS A 109 3.34 -7.51 14.00
CA LYS A 109 2.45 -7.83 15.11
C LYS A 109 1.21 -8.57 14.61
N SER A 110 1.35 -9.27 13.49
CA SER A 110 0.24 -10.02 12.91
C SER A 110 0.74 -11.13 12.02
N LYS A 111 1.87 -11.73 12.39
CA LYS A 111 2.46 -12.80 11.62
C LYS A 111 2.06 -14.16 12.18
N LYS A 112 1.88 -14.22 13.50
CA LYS A 112 1.48 -15.47 14.16
C LYS A 112 0.03 -15.41 14.60
N LYS A 113 -0.79 -14.69 13.84
CA LYS A 113 -2.21 -14.56 14.14
C LYS A 113 -2.96 -13.99 12.94
N ALA A 114 -2.49 -14.29 11.74
CA ALA A 114 -3.12 -13.81 10.52
C ALA A 114 -4.23 -14.76 10.07
N GLN A 115 -4.08 -16.04 10.42
CA GLN A 115 -5.07 -17.05 10.05
C GLN A 115 -5.69 -17.69 11.29
N GLN A 116 -5.92 -16.86 12.31
CA GLN A 116 -6.51 -17.35 13.55
C GLN A 116 -7.70 -16.49 13.96
N ALA A 117 -7.55 -15.17 13.84
CA ALA A 117 -8.62 -14.25 14.19
C ALA A 117 -9.57 -14.03 13.01
N ALA A 118 -9.00 -13.90 11.82
CA ALA A 118 -9.81 -13.69 10.62
C ALA A 118 -10.83 -14.82 10.44
N ALA A 119 -10.47 -16.01 10.90
CA ALA A 119 -11.36 -17.16 10.79
C ALA A 119 -12.15 -17.38 12.07
N ASP A 120 -13.18 -18.22 12.00
CA ASP A 120 -14.02 -18.51 13.16
C ASP A 120 -14.62 -17.22 13.73
N THR A 121 -14.77 -16.21 12.88
CA THR A 121 -15.32 -14.93 13.30
C THR A 121 -16.73 -14.73 12.74
N GLY A 122 -17.67 -14.40 13.62
CA GLY A 122 -19.03 -14.18 13.19
C GLY A 122 -19.44 -12.72 13.27
N ASN A 123 -19.60 -12.08 12.12
CA ASN A 123 -20.00 -10.67 12.07
C ASN A 123 -21.06 -10.44 11.01
N ASN A 124 -21.58 -9.22 10.94
CA ASN A 124 -22.60 -8.87 9.97
C ASN A 124 -22.34 -7.48 9.38
N SER A 125 -22.00 -6.54 10.25
CA SER A 125 -21.73 -5.17 9.82
C SER A 125 -20.39 -5.08 9.09
N GLN A 126 -20.41 -4.50 7.89
CA GLN A 126 -19.21 -4.35 7.10
C GLN A 126 -19.48 -3.52 5.85
N VAL A 127 -18.89 -2.34 5.78
CA VAL A 127 -19.07 -1.45 4.64
C VAL A 127 -20.55 -1.07 4.45
N SER A 128 -21.00 -0.09 5.22
CA SER A 128 -22.37 0.37 5.14
C SER A 128 -22.45 1.85 4.79
N GLN A 129 -22.02 2.69 5.73
CA GLN A 129 -22.03 4.14 5.52
C GLN A 129 -20.67 4.63 5.05
N ASN A 130 -20.67 5.52 4.06
CA ASN A 130 -19.44 6.07 3.53
C ASN A 130 -19.49 7.59 3.48
N TYR A 131 -18.33 8.23 3.58
CA TYR A 131 -18.25 9.68 3.54
C TYR A 131 -18.07 10.19 2.12
C1 MYR B . -18.75 -7.08 -1.00
O1 MYR B . -19.12 -6.28 -0.14
C2 MYR B . -19.17 -8.55 -0.87
C3 MYR B . -18.05 -9.50 -0.40
C4 MYR B . -17.91 -9.52 1.13
C5 MYR B . -16.63 -10.25 1.59
C6 MYR B . -16.87 -11.14 2.82
C7 MYR B . -15.57 -11.46 3.57
C8 MYR B . -14.76 -12.59 2.90
C9 MYR B . -13.54 -13.01 3.74
C10 MYR B . -13.02 -14.41 3.36
C11 MYR B . -13.30 -15.51 4.41
C12 MYR B . -12.08 -16.38 4.77
C13 MYR B . -12.24 -17.09 6.12
C14 MYR B . -11.21 -16.61 7.15
H21 MYR B . -19.55 -8.88 -1.85
H22 MYR B . -20.05 -8.63 -0.19
H31 MYR B . -17.08 -9.19 -0.86
H32 MYR B . -18.24 -10.52 -0.78
H41 MYR B . -18.80 -10.02 1.57
H42 MYR B . -17.92 -8.49 1.53
H51 MYR B . -15.84 -9.50 1.81
H52 MYR B . -16.23 -10.86 0.75
H61 MYR B . -17.35 -12.09 2.50
H62 MYR B . -17.59 -10.65 3.50
H71 MYR B . -15.80 -11.74 4.62
H72 MYR B . -14.94 -10.54 3.65
H81 MYR B . -14.42 -12.26 1.90
H82 MYR B . -15.41 -13.46 2.72
H91 MYR B . -13.81 -13.00 4.81
H92 MYR B . -12.73 -12.27 3.63
H101 MYR B . -11.93 -14.36 3.19
H102 MYR B . -13.45 -14.73 2.38
H111 MYR B . -14.14 -16.14 4.08
H112 MYR B . -13.68 -15.01 5.33
H121 MYR B . -11.17 -15.74 4.78
H122 MYR B . -11.91 -17.13 3.97
H131 MYR B . -12.15 -18.19 5.99
H132 MYR B . -13.28 -16.93 6.52
H141 MYR B . -11.70 -16.09 8.01
H142 MYR B . -10.65 -17.45 7.57
H143 MYR B . -10.49 -15.91 6.71
P1 PBU C . 4.24 9.96 -13.13
P4 PBU C . 10.37 11.10 -7.30
P5 PBU C . 9.84 6.17 -9.44
C3' PBU C . 3.53 7.65 -13.80
C2' PBU C . 2.33 7.41 -12.85
O2' PBU C . 2.27 6.03 -12.53
C1' PBU C . 0.98 7.83 -13.50
O1' PBU C . 0.98 7.45 -14.86
C1 PBU C . 6.24 9.35 -11.07
O1 PBU C . 5.54 9.18 -12.43
C2 PBU C . 6.57 10.84 -10.66
O2 PBU C . 7.35 11.52 -11.63
C3 PBU C . 7.30 10.87 -9.30
O3 PBU C . 7.58 12.24 -9.00
C4 PBU C . 8.62 10.00 -9.33
O4 PBU C . 9.28 10.03 -7.97
C5 PBU C . 8.24 8.52 -9.74
O5 PBU C . 9.46 7.73 -9.83
C6 PBU C . 7.49 8.45 -11.10
O6 PBU C . 7.04 7.13 -11.41
C7 PBU C . 3.01 5.59 -11.40
O7 PBU C . 3.98 4.88 -11.55
C8 PBU C . 2.60 6.04 -9.99
C9 PBU C . 2.73 4.87 -9.01
C10 PBU C . 2.52 5.38 -7.57
C11 PBU C . 0.66 8.36 -15.89
O11 PBU C . -0.07 9.32 -15.75
C12 PBU C . 1.25 8.01 -17.29
C13 PBU C . 0.63 6.76 -17.92
C14 PBU C . 1.41 6.32 -19.18
O41 PBU C . 11.42 10.09 -6.83
O42 PBU C . 10.81 11.98 -8.44
O43 PBU C . 9.70 11.90 -6.20
O51 PBU C . 11.01 6.40 -8.50
O52 PBU C . 8.55 5.64 -8.84
O53 PBU C . 10.22 5.56 -10.77
OP1 PBU C . 3.66 9.01 -14.14
OP2 PBU C . 3.32 10.22 -11.93
OP3 PBU C . 4.85 11.15 -13.82
H3'1 PBU C . 3.38 7.09 -14.69
H3'2 PBU C . 4.40 7.31 -13.31
H2' PBU C . 2.44 8.00 -11.99
H1'1 PBU C . 0.18 7.32 -13.04
H1'2 PBU C . 0.81 8.86 -13.39
H1 PBU C . 5.55 9.04 -10.28
H2 PBU C . 5.61 11.35 -10.57
H02 PBU C . 8.14 11.11 -11.91
H3 PBU C . 6.66 10.45 -8.52
H03 PBU C . 8.21 12.62 -9.62
H4 PBU C . 9.34 10.36 -10.05
H5 PBU C . 7.59 8.16 -8.95
H6 PBU C . 8.17 8.77 -11.88
H06 PBU C . 7.74 6.58 -11.74
H81 PBU C . 1.60 6.36 -10.01
H82 PBU C . 3.22 6.82 -9.69
H91 PBU C . 3.69 4.45 -9.09
H92 PBU C . 2.02 4.14 -9.22
H11 PBU C . 1.56 5.81 -7.49
H12 PBU C . 3.25 6.11 -7.34
H13 PBU C . 2.60 4.59 -6.89
H121 PBU C . 1.08 8.83 -17.92
H122 PBU C . 2.28 7.85 -17.17
H131 PBU C . 0.64 5.98 -17.22
H132 PBU C . -0.38 6.97 -18.19
H141 PBU C . 2.41 6.16 -18.91
H142 PBU C . 1.35 7.05 -19.92
H143 PBU C . 1.00 5.43 -19.55
#